data_4JBW
#
_entry.id   4JBW
#
_cell.length_a   94.529
_cell.length_b   208.448
_cell.length_c   347.477
_cell.angle_alpha   90.00
_cell.angle_beta   90.00
_cell.angle_gamma   90.00
#
_symmetry.space_group_name_H-M   'P 21 21 21'
#
loop_
_entity.id
_entity.type
_entity.pdbx_description
1 polymer 'Maltose transport system permease protein MalF'
2 polymer 'Maltose transport system permease protein MalG'
3 polymer 'Maltose/maltodextrin import ATP-binding protein MalK'
4 polymer 'Glucose-specific phosphotransferase enzyme IIA component'
5 non-polymer '(1R)-2-{[{[(2S)-2,3-DIHYDROXYPROPYL]OXY}(HYDROXY)PHOSPHORYL]OXY}-1-[(PALMITOYLOXY)METHYL]ETHYL (11E)-OCTADEC-11-ENOATE'
#
loop_
_entity_poly.entity_id
_entity_poly.type
_entity_poly.pdbx_seq_one_letter_code
_entity_poly.pdbx_strand_id
1 'polypeptide(L)'
;MDVIKKKHWWQSDALKWSVLGLLGLLVGYLVVLMYAQGEYLFAITTLILSSAGLYIFANRKAYAWRYVYPGMAGMGLFVL
FPLVCTIAIAFTNYSSTNQLTFERAQEVLLDRSWQAGKTYNFGLYPAGDEWQLALSDGETGKNYLSDAFKFGGEQKLQLK
ETTAQPEGERANLRVITQNRQALSDITAILPDGNKVMMSSLRQFSGTQPLYTLDGDGTLTNNQSGVKYRPNNQIGFYQSI
TADGNWGDEKLSPGYTVTTGWKNFTRVFTDEGIQKPFLAIFVWTVVFSLITVFLTVAVGMVLACLVQWEALRGKAVYRVL
LILPYAVPSFISILIFKGLFNQSFGEINMMLSALFGVKPAWFSDPTTARTMLIIVNTWLGYPYMMILCMGLLKAIPDDLY
EASAMDGAGPFQNFFKITLPLLIKPLTPLMIASFAFNFNNFVLIQLLTNGGPDRLGTTTPAGYTDLLVNYTYRIAFEGGG
GQDFGLAAAIATLIFLLVGALAIVNLKATRMKFD
;
F,H
2 'polypeptide(L)'
;MAMVQPKSQKARLFITHLLLLLFIAAIMFPLLMVVAISLRQGNFATGSLIPEQISWDHWKLALGFSVEQADGRITPPPFP
VLLWLWNSVKVAGISAIGIVALSTTCAYAFARMRFPGKATLLKGMLIFQMFPAVLSLVALYALFDRLGEYIPFIGLNTHG
GVIFAYLGGIALHVWTIKGYFETIDSSLEEAAALDGATPWQAFRLVLLPLSVPILAVVFILSFIAAITEVPVASLLLRDV
NSYTLAVGMQQYLNPQNYLWGDFAAAAVMSALPITIVFLLAQRWLVNGLTAGGVKG
;
G,I
3 'polypeptide(L)'
;MASVQLQNVTKAWGEVVVSKDINLDIHEGEFVVFVGPSGCGKSTLLRMIAGLETITSGDLFIGEKRMNDTPPAERGVGMV
FQSYALYPHLSVAENMSFGLKLAGAKKEVINQRVNQVAEVLQLAHLLDRKPKALSGGQRQRVAIGRTLVAEPSVFLLDEP
LSNLDAALRVQMRIEISRLHKRLGRTMIYVTHDQVEAMTLADKIVVLDAGRVAQVGKPLELYHYPADRFVAGFIGSPKMN
FLPVKVTATAIDQVQVELPMPNRQQVWLPVESRDVQVGANMSLGIRPEHLLPSDIADVILEGEVQVVEQLGNETQIHIQI
PSIRQNLVYRQNDVVLVEEGATFAIGLPPERCHLFREDGTACRRLHKEPGVASASHHHHHH
;
A,B,C,D
4 'polypeptide(L)'
;SNAMGLFDKLKSLVSDDKKDTGTIEIIAPLSGEIVNIEDVPDVVFAEKIVGDGIAIKPTGNKMVAPVDGTIGKIFETNHA
FSIESDSGVELFVHFGIDTVELKGEGFKRIAEEGQRVKVGDTVIEFDLPLLEEKAKSTLTPVVISNMDEIKELIKLSGSV
TVGETPVIRIKK
;
M,N,O,P
#
loop_
_chem_comp.id
_chem_comp.type
_chem_comp.name
_chem_comp.formula
PGV non-polymer '(1R)-2-{[{[(2S)-2,3-DIHYDROXYPROPYL]OXY}(HYDROXY)PHOSPHORYL]OXY}-1-[(PALMITOYLOXY)METHYL]ETHYL (11E)-OCTADEC-11-ENOATE' 'C40 H77 O10 P'
#
# COMPACT_ATOMS: atom_id res chain seq x y z
N SER A 18 -8.08 79.27 -7.29
CA SER A 18 -7.44 80.57 -7.12
C SER A 18 -5.99 80.54 -7.60
N VAL A 19 -5.37 79.36 -7.51
CA VAL A 19 -3.97 79.20 -7.90
C VAL A 19 -3.87 78.77 -9.36
N LEU A 20 -5.02 78.57 -9.99
CA LEU A 20 -5.09 78.14 -11.38
C LEU A 20 -4.47 79.14 -12.34
N GLY A 21 -4.54 80.42 -12.00
CA GLY A 21 -3.95 81.45 -12.83
C GLY A 21 -2.44 81.35 -12.84
N LEU A 22 -1.88 80.88 -11.74
CA LEU A 22 -0.44 80.72 -11.62
C LEU A 22 0.06 79.51 -12.41
N LEU A 23 -0.65 78.39 -12.27
CA LEU A 23 -0.30 77.17 -12.99
C LEU A 23 -0.73 77.26 -14.46
N GLY A 24 -1.73 78.09 -14.72
CA GLY A 24 -2.22 78.29 -16.08
C GLY A 24 -1.20 78.95 -16.97
N LEU A 25 -0.17 79.53 -16.36
CA LEU A 25 0.90 80.20 -17.09
C LEU A 25 1.74 79.23 -17.91
N LEU A 26 2.32 78.23 -17.24
CA LEU A 26 3.25 77.31 -17.91
C LEU A 26 2.54 76.42 -18.90
N VAL A 27 1.39 75.87 -18.50
CA VAL A 27 0.60 75.05 -19.40
C VAL A 27 -0.06 75.94 -20.45
N GLY A 28 0.68 76.21 -21.53
CA GLY A 28 0.24 77.14 -22.55
C GLY A 28 1.42 77.95 -23.06
N TYR A 29 2.28 78.37 -22.13
CA TYR A 29 3.50 79.09 -22.46
C TYR A 29 4.51 78.10 -23.02
N LEU A 30 4.67 76.98 -22.32
CA LEU A 30 5.62 75.96 -22.71
C LEU A 30 5.03 75.08 -23.81
N VAL A 31 3.70 74.97 -23.82
CA VAL A 31 3.01 74.14 -24.80
C VAL A 31 3.21 74.72 -26.20
N VAL A 32 3.09 76.03 -26.34
CA VAL A 32 3.30 76.69 -27.63
C VAL A 32 4.79 76.63 -28.00
N LEU A 33 5.66 76.76 -27.00
CA LEU A 33 7.10 76.61 -27.22
C LEU A 33 7.40 75.19 -27.67
N MET A 34 6.59 74.25 -27.19
CA MET A 34 6.66 72.85 -27.62
C MET A 34 6.15 72.74 -29.04
N TYR A 35 5.06 73.46 -29.32
CA TYR A 35 4.47 73.48 -30.66
C TYR A 35 5.46 74.05 -31.67
N ALA A 36 6.18 75.09 -31.26
CA ALA A 36 7.24 75.66 -32.08
C ALA A 36 8.49 74.80 -32.00
N GLN A 37 9.47 75.09 -32.86
CA GLN A 37 10.73 74.35 -32.91
C GLN A 37 10.53 72.85 -33.11
N GLY A 38 9.51 72.49 -33.89
CA GLY A 38 9.20 71.10 -34.14
C GLY A 38 8.63 70.43 -32.90
N GLU A 39 9.03 69.17 -32.67
CA GLU A 39 8.61 68.40 -31.51
C GLU A 39 7.08 68.31 -31.37
N TYR A 40 6.43 67.88 -32.44
CA TYR A 40 4.97 67.76 -32.46
C TYR A 40 4.49 66.51 -31.74
N LEU A 41 5.36 65.50 -31.70
CA LEU A 41 5.04 64.22 -31.08
C LEU A 41 4.93 64.33 -29.56
N PHE A 42 5.75 65.20 -28.97
CA PHE A 42 5.83 65.32 -27.51
C PHE A 42 5.00 66.49 -27.00
N ALA A 43 4.68 67.42 -27.88
CA ALA A 43 3.93 68.61 -27.50
C ALA A 43 2.50 68.28 -27.09
N ILE A 44 2.01 67.13 -27.55
CA ILE A 44 0.65 66.70 -27.25
C ILE A 44 0.51 66.26 -25.79
N THR A 45 1.43 65.39 -25.35
CA THR A 45 1.37 64.83 -24.01
C THR A 45 1.68 65.89 -22.95
N THR A 46 2.45 66.90 -23.33
CA THR A 46 2.78 67.99 -22.42
C THR A 46 1.53 68.82 -22.10
N LEU A 47 0.53 68.71 -22.96
CA LEU A 47 -0.74 69.40 -22.75
C LEU A 47 -1.79 68.47 -22.17
N ILE A 48 -1.99 67.32 -22.82
CA ILE A 48 -3.05 66.38 -22.44
C ILE A 48 -2.90 65.89 -21.00
N LEU A 49 -1.70 65.43 -20.66
CA LEU A 49 -1.44 64.90 -19.32
C LEU A 49 -1.46 66.01 -18.28
N SER A 50 -0.97 67.20 -18.67
CA SER A 50 -0.88 68.32 -17.74
C SER A 50 -2.20 69.04 -17.51
N SER A 51 -2.96 69.24 -18.58
CA SER A 51 -4.25 69.92 -18.49
C SER A 51 -5.23 69.18 -17.59
N ALA A 52 -5.22 67.86 -17.69
CA ALA A 52 -6.04 67.01 -16.84
C ALA A 52 -5.61 67.17 -15.38
N GLY A 53 -4.31 67.35 -15.18
CA GLY A 53 -3.75 67.55 -13.86
C GLY A 53 -4.23 68.86 -13.25
N LEU A 54 -4.29 69.90 -14.06
CA LEU A 54 -4.75 71.21 -13.61
C LEU A 54 -6.22 71.14 -13.21
N TYR A 55 -6.99 70.38 -13.99
CA TYR A 55 -8.42 70.21 -13.72
C TYR A 55 -8.66 69.48 -12.41
N ILE A 56 -7.83 68.48 -12.14
CA ILE A 56 -7.95 67.67 -10.92
C ILE A 56 -7.61 68.48 -9.67
N PHE A 57 -6.47 69.17 -9.71
CA PHE A 57 -6.03 69.98 -8.58
C PHE A 57 -6.84 71.27 -8.44
N ALA A 58 -7.68 71.55 -9.43
CA ALA A 58 -8.52 72.75 -9.41
C ALA A 58 -9.67 72.63 -8.41
N ASN A 59 -10.71 71.91 -8.81
CA ASN A 59 -11.91 71.79 -8.00
C ASN A 59 -11.81 70.71 -6.93
N ARG A 60 -12.60 70.87 -5.87
CA ARG A 60 -12.63 69.91 -4.77
C ARG A 60 -13.70 68.85 -5.03
N LYS A 61 -14.29 68.89 -6.23
CA LYS A 61 -15.33 67.95 -6.60
C LYS A 61 -14.75 66.57 -6.88
N ALA A 62 -13.49 66.54 -7.30
CA ALA A 62 -12.77 65.29 -7.52
C ALA A 62 -11.59 65.19 -6.57
N TYR A 63 -11.86 64.89 -5.31
CA TYR A 63 -10.83 64.87 -4.27
C TYR A 63 -9.93 63.65 -4.41
N ALA A 64 -10.52 62.53 -4.82
CA ALA A 64 -9.79 61.27 -4.89
C ALA A 64 -8.70 61.27 -5.96
N TRP A 65 -8.90 62.05 -7.01
CA TRP A 65 -7.99 62.06 -8.15
C TRP A 65 -6.66 62.77 -7.87
N ARG A 66 -6.62 63.57 -6.81
CA ARG A 66 -5.39 64.26 -6.43
C ARG A 66 -4.30 63.26 -6.03
N TYR A 67 -4.72 62.09 -5.57
CA TYR A 67 -3.78 61.07 -5.11
C TYR A 67 -3.25 60.21 -6.26
N VAL A 68 -4.13 59.87 -7.21
CA VAL A 68 -3.76 58.99 -8.31
C VAL A 68 -3.05 59.71 -9.45
N TYR A 69 -3.17 61.03 -9.51
CA TYR A 69 -2.54 61.81 -10.58
C TYR A 69 -1.01 61.72 -10.67
N PRO A 70 -0.29 61.92 -9.54
CA PRO A 70 1.17 61.82 -9.64
C PRO A 70 1.62 60.42 -10.04
N GLY A 71 0.82 59.41 -9.74
CA GLY A 71 1.09 58.05 -10.17
C GLY A 71 0.92 57.90 -11.67
N MET A 72 -0.15 58.50 -12.20
CA MET A 72 -0.46 58.44 -13.62
C MET A 72 0.51 59.28 -14.45
N ALA A 73 1.13 60.26 -13.81
CA ALA A 73 2.09 61.13 -14.48
C ALA A 73 3.30 60.34 -14.97
N GLY A 74 3.83 59.47 -14.11
CA GLY A 74 4.95 58.63 -14.48
C GLY A 74 4.56 57.59 -15.50
N MET A 75 3.39 56.98 -15.29
CA MET A 75 2.87 55.97 -16.20
C MET A 75 2.61 56.54 -17.58
N GLY A 76 2.01 57.73 -17.62
CA GLY A 76 1.62 58.36 -18.88
C GLY A 76 2.78 58.97 -19.64
N LEU A 77 3.91 59.14 -18.95
CA LEU A 77 5.06 59.82 -19.54
C LEU A 77 6.20 58.86 -19.84
N PHE A 78 6.43 57.89 -18.94
CA PHE A 78 7.59 57.01 -19.07
C PHE A 78 7.22 55.57 -19.44
N VAL A 79 5.93 55.30 -19.57
CA VAL A 79 5.47 53.97 -19.97
C VAL A 79 4.50 54.07 -21.14
N LEU A 80 3.49 54.92 -20.99
CA LEU A 80 2.48 55.11 -22.03
C LEU A 80 3.07 55.84 -23.23
N PHE A 81 3.80 56.92 -22.97
CA PHE A 81 4.38 57.73 -24.05
C PHE A 81 5.34 56.99 -24.98
N PRO A 82 6.36 56.29 -24.42
CA PRO A 82 7.25 55.57 -25.34
C PRO A 82 6.52 54.44 -26.06
N LEU A 83 5.48 53.90 -25.43
CA LEU A 83 4.66 52.88 -26.05
C LEU A 83 3.94 53.44 -27.27
N VAL A 84 3.33 54.61 -27.11
CA VAL A 84 2.65 55.28 -28.21
C VAL A 84 3.68 55.73 -29.25
N CYS A 85 4.82 56.20 -28.76
CA CYS A 85 5.90 56.67 -29.62
C CYS A 85 6.43 55.54 -30.50
N THR A 86 6.56 54.35 -29.94
CA THR A 86 7.02 53.18 -30.67
C THR A 86 6.08 52.84 -31.81
N ILE A 87 4.78 53.04 -31.58
CA ILE A 87 3.76 52.82 -32.60
C ILE A 87 3.89 53.87 -33.70
N ALA A 88 4.29 55.08 -33.32
CA ALA A 88 4.44 56.17 -34.28
C ALA A 88 5.63 55.96 -35.20
N ILE A 89 6.72 55.42 -34.65
CA ILE A 89 7.93 55.17 -35.42
C ILE A 89 7.71 54.04 -36.43
N ALA A 90 6.72 53.19 -36.15
CA ALA A 90 6.36 52.09 -37.04
C ALA A 90 6.04 52.56 -38.45
N PHE A 91 5.50 53.78 -38.56
CA PHE A 91 5.18 54.37 -39.86
C PHE A 91 6.39 55.13 -40.41
N THR A 92 7.19 55.69 -39.51
CA THR A 92 8.36 56.48 -39.91
C THR A 92 9.49 55.60 -40.44
N ASN A 93 10.50 56.23 -41.03
CA ASN A 93 11.64 55.51 -41.58
C ASN A 93 12.94 55.87 -40.86
N TYR A 94 12.95 55.68 -39.55
CA TYR A 94 14.13 55.93 -38.74
C TYR A 94 15.13 54.79 -38.97
N SER A 95 16.30 55.12 -39.50
CA SER A 95 17.30 54.11 -39.80
C SER A 95 18.72 54.61 -39.54
N SER A 96 19.70 53.76 -39.86
CA SER A 96 21.10 54.12 -39.69
C SER A 96 21.50 55.21 -40.68
N THR A 97 20.95 55.13 -41.88
CA THR A 97 21.20 56.13 -42.91
C THR A 97 20.43 57.41 -42.59
N ASN A 98 19.22 57.25 -42.06
CA ASN A 98 18.37 58.37 -41.72
C ASN A 98 18.20 58.53 -40.20
N GLN A 99 19.13 59.24 -39.57
CA GLN A 99 19.12 59.40 -38.12
C GLN A 99 18.50 60.74 -37.71
N LEU A 100 18.79 61.77 -38.48
CA LEU A 100 18.31 63.12 -38.17
C LEU A 100 17.22 63.56 -39.14
N THR A 101 16.70 64.77 -38.94
CA THR A 101 15.67 65.32 -39.82
C THR A 101 16.30 66.06 -41.00
N PHE A 102 15.46 66.52 -41.92
CA PHE A 102 15.91 67.25 -43.09
C PHE A 102 16.63 68.55 -42.72
N GLU A 103 16.09 69.24 -41.72
CA GLU A 103 16.65 70.52 -41.29
C GLU A 103 18.00 70.35 -40.60
N ARG A 104 18.36 69.11 -40.28
CA ARG A 104 19.62 68.83 -39.63
C ARG A 104 20.59 68.16 -40.60
N ALA A 105 20.08 67.83 -41.79
CA ALA A 105 20.88 67.16 -42.80
C ALA A 105 21.43 68.13 -43.84
N GLN A 106 21.11 69.41 -43.69
CA GLN A 106 21.55 70.40 -44.68
C GLN A 106 22.75 71.23 -44.21
N GLU A 107 22.80 71.56 -42.92
CA GLU A 107 23.93 72.35 -42.41
C GLU A 107 25.19 71.50 -42.31
N VAL A 108 25.03 70.19 -42.26
CA VAL A 108 26.17 69.28 -42.32
C VAL A 108 26.74 69.28 -43.74
N LEU A 109 25.85 69.36 -44.73
CA LEU A 109 26.27 69.48 -46.12
C LEU A 109 26.88 70.85 -46.38
N LEU A 110 26.32 71.87 -45.74
CA LEU A 110 26.80 73.24 -45.89
C LEU A 110 28.21 73.45 -45.33
N ASP A 111 28.71 72.45 -44.59
CA ASP A 111 30.05 72.52 -44.02
C ASP A 111 31.08 71.76 -44.84
N ARG A 112 30.61 70.83 -45.67
CA ARG A 112 31.48 70.16 -46.63
C ARG A 112 31.94 71.21 -47.65
N SER A 113 33.23 71.25 -47.92
CA SER A 113 33.79 72.33 -48.73
C SER A 113 35.09 71.98 -49.43
N TRP A 114 35.36 72.66 -50.54
CA TRP A 114 36.67 72.58 -51.19
C TRP A 114 37.58 73.68 -50.64
N GLN A 115 38.84 73.65 -51.06
CA GLN A 115 39.85 74.53 -50.47
C GLN A 115 40.03 75.85 -51.21
N ALA A 116 39.87 76.95 -50.47
CA ALA A 116 40.17 78.28 -50.98
C ALA A 116 41.30 78.87 -50.16
N GLY A 117 42.53 78.46 -50.47
CA GLY A 117 43.70 78.75 -49.66
C GLY A 117 43.91 80.18 -49.17
N LYS A 118 43.17 80.55 -48.13
CA LYS A 118 43.48 81.78 -47.38
C LYS A 118 44.52 81.40 -46.34
N THR A 119 45.48 82.28 -46.08
CA THR A 119 46.55 81.95 -45.15
C THR A 119 46.13 82.26 -43.71
N TYR A 120 46.25 81.26 -42.85
CA TYR A 120 45.99 81.43 -41.42
C TYR A 120 47.01 80.64 -40.63
N ASN A 121 48.03 81.33 -40.12
CA ASN A 121 49.07 80.68 -39.33
C ASN A 121 48.59 80.41 -37.91
N PHE A 122 49.00 79.27 -37.35
CA PHE A 122 48.51 78.84 -36.06
C PHE A 122 49.60 78.49 -35.05
N GLY A 123 49.22 78.47 -33.79
CA GLY A 123 50.11 78.08 -32.71
C GLY A 123 49.33 77.28 -31.68
N LEU A 124 49.80 76.07 -31.39
CA LEU A 124 49.09 75.19 -30.46
C LEU A 124 49.58 75.42 -29.03
N TYR A 125 48.75 76.08 -28.22
CA TYR A 125 49.08 76.34 -26.83
C TYR A 125 48.18 75.53 -25.90
N PRO A 126 48.79 74.68 -25.06
CA PRO A 126 48.04 73.84 -24.12
C PRO A 126 47.62 74.59 -22.86
N ALA A 127 46.35 74.52 -22.51
CA ALA A 127 45.84 75.17 -21.31
C ALA A 127 45.39 74.15 -20.27
N GLY A 128 46.01 74.19 -19.10
CA GLY A 128 45.70 73.25 -18.03
C GLY A 128 46.05 71.83 -18.39
N ASP A 129 45.04 70.99 -18.52
CA ASP A 129 45.24 69.58 -18.88
C ASP A 129 44.70 69.31 -20.27
N GLU A 130 44.39 70.37 -21.00
CA GLU A 130 43.81 70.24 -22.35
C GLU A 130 44.52 71.17 -23.33
N TRP A 131 44.15 71.07 -24.61
CA TRP A 131 44.75 71.89 -25.65
C TRP A 131 43.86 73.07 -26.01
N GLN A 132 44.42 74.03 -26.76
CA GLN A 132 43.70 75.22 -27.15
C GLN A 132 44.31 75.85 -28.40
N LEU A 133 43.52 75.91 -29.47
CA LEU A 133 43.97 76.42 -30.76
C LEU A 133 43.93 77.95 -30.83
N ALA A 134 45.01 78.54 -31.34
CA ALA A 134 45.09 80.00 -31.46
C ALA A 134 45.58 80.43 -32.84
N LEU A 135 44.64 80.80 -33.71
CA LEU A 135 44.94 81.24 -35.06
C LEU A 135 45.50 82.66 -35.11
N SER A 136 46.06 83.05 -36.25
CA SER A 136 46.59 84.39 -36.44
C SER A 136 46.38 84.88 -37.87
N ASP A 137 45.53 85.91 -38.01
CA ASP A 137 45.20 86.45 -39.33
C ASP A 137 46.23 87.50 -39.77
N GLY A 138 46.70 87.37 -41.00
CA GLY A 138 47.67 88.30 -41.55
C GLY A 138 47.05 89.43 -42.35
N GLU A 139 45.86 89.19 -42.88
CA GLU A 139 45.17 90.19 -43.71
C GLU A 139 44.44 91.22 -42.87
N THR A 140 43.54 90.75 -42.00
CA THR A 140 42.76 91.63 -41.15
C THR A 140 43.63 92.14 -40.00
N GLY A 141 44.47 91.25 -39.46
CA GLY A 141 45.39 91.59 -38.39
C GLY A 141 44.87 91.16 -37.04
N LYS A 142 43.56 90.90 -36.97
CA LYS A 142 42.92 90.49 -35.73
C LYS A 142 43.19 89.01 -35.47
N ASN A 143 43.83 88.73 -34.34
CA ASN A 143 44.12 87.35 -33.96
C ASN A 143 42.87 86.63 -33.44
N TYR A 144 42.80 85.33 -33.71
CA TYR A 144 41.66 84.53 -33.29
C TYR A 144 42.08 83.41 -32.35
N LEU A 145 41.35 83.27 -31.25
CA LEU A 145 41.63 82.24 -30.25
C LEU A 145 40.40 81.39 -29.96
N SER A 146 40.58 80.07 -29.93
CA SER A 146 39.49 79.15 -29.61
C SER A 146 39.50 78.84 -28.12
N ASP A 147 38.74 77.82 -27.72
CA ASP A 147 38.70 77.41 -26.32
C ASP A 147 39.26 76.00 -26.11
N ALA A 148 39.29 75.57 -24.86
CA ALA A 148 39.95 74.33 -24.48
C ALA A 148 39.23 73.09 -25.01
N PHE A 149 39.99 72.22 -25.66
CA PHE A 149 39.45 70.98 -26.22
C PHE A 149 40.49 69.87 -26.13
N LYS A 150 40.02 68.62 -26.10
CA LYS A 150 40.92 67.47 -26.07
C LYS A 150 41.01 66.81 -27.44
N PHE A 151 42.19 66.33 -27.79
CA PHE A 151 42.40 65.66 -29.07
C PHE A 151 41.69 64.32 -29.14
N GLY A 152 40.79 64.18 -30.10
CA GLY A 152 40.04 62.95 -30.28
C GLY A 152 38.83 63.14 -31.17
N GLY A 153 38.86 62.51 -32.34
CA GLY A 153 37.74 62.62 -33.27
C GLY A 153 37.71 63.97 -33.98
N GLU A 154 36.51 64.37 -34.41
CA GLU A 154 36.32 65.63 -35.10
C GLU A 154 35.39 66.53 -34.30
N GLN A 155 35.66 67.83 -34.32
CA GLN A 155 34.87 68.80 -33.55
C GLN A 155 35.04 70.23 -34.04
N LYS A 156 33.99 71.02 -33.89
CA LYS A 156 34.00 72.42 -34.33
C LYS A 156 34.19 73.35 -33.13
N LEU A 157 35.32 74.06 -33.12
CA LEU A 157 35.63 74.96 -32.02
C LEU A 157 35.32 76.41 -32.38
N GLN A 158 34.55 77.08 -31.54
CA GLN A 158 34.19 78.48 -31.78
C GLN A 158 35.29 79.41 -31.31
N LEU A 159 35.87 80.17 -32.24
CA LEU A 159 36.93 81.11 -31.91
C LEU A 159 36.37 82.47 -31.52
N LYS A 160 37.06 83.14 -30.60
CA LYS A 160 36.67 84.48 -30.16
C LYS A 160 37.72 85.50 -30.58
N GLU A 161 37.39 86.78 -30.41
CA GLU A 161 38.25 87.86 -30.86
C GLU A 161 39.17 88.41 -29.77
N THR A 162 40.47 88.42 -30.06
CA THR A 162 41.46 88.95 -29.13
C THR A 162 42.66 89.53 -29.88
N THR A 163 43.07 90.74 -29.49
CA THR A 163 44.18 91.43 -30.13
C THR A 163 45.52 91.06 -29.51
N ALA A 164 45.50 90.68 -28.24
CA ALA A 164 46.72 90.33 -27.52
C ALA A 164 47.29 88.99 -27.95
N GLN A 165 48.62 88.88 -27.93
CA GLN A 165 49.30 87.64 -28.28
C GLN A 165 49.12 86.61 -27.17
N PRO A 166 48.82 85.36 -27.55
CA PRO A 166 48.55 84.27 -26.60
C PRO A 166 49.75 83.94 -25.72
N GLU A 167 49.46 83.47 -24.50
CA GLU A 167 50.49 83.13 -23.53
C GLU A 167 51.17 81.80 -23.86
N GLY A 168 52.34 81.57 -23.28
CA GLY A 168 53.06 80.33 -23.45
C GLY A 168 53.76 80.20 -24.80
N GLU A 169 54.57 79.16 -24.94
CA GLU A 169 55.27 78.90 -26.18
C GLU A 169 54.58 77.82 -27.01
N ARG A 170 54.62 77.96 -28.33
CA ARG A 170 53.99 77.01 -29.24
C ARG A 170 54.70 75.65 -29.25
N ALA A 171 53.92 74.60 -29.47
CA ALA A 171 54.44 73.24 -29.56
C ALA A 171 55.27 73.03 -30.82
N ASN A 172 56.42 72.38 -30.68
CA ASN A 172 57.32 72.15 -31.80
C ASN A 172 56.76 71.19 -32.85
N LEU A 173 57.53 70.95 -33.91
CA LEU A 173 57.09 70.13 -35.02
C LEU A 173 56.79 68.68 -34.64
N ARG A 174 57.43 68.19 -33.58
CA ARG A 174 57.27 66.81 -33.17
C ARG A 174 55.95 66.56 -32.43
N VAL A 175 55.56 67.51 -31.59
CA VAL A 175 54.32 67.37 -30.82
C VAL A 175 53.10 67.34 -31.72
N ILE A 176 53.04 68.28 -32.67
CA ILE A 176 51.93 68.36 -33.60
C ILE A 176 51.91 67.20 -34.59
N THR A 177 53.07 66.62 -34.86
CA THR A 177 53.16 65.48 -35.77
C THR A 177 52.63 64.21 -35.12
N GLN A 178 52.85 64.08 -33.81
CA GLN A 178 52.39 62.93 -33.07
C GLN A 178 50.88 62.93 -32.96
N ASN A 179 50.28 64.12 -33.04
CA ASN A 179 48.84 64.27 -32.96
C ASN A 179 48.27 64.84 -34.25
N ARG A 180 48.90 64.50 -35.37
CA ARG A 180 48.49 65.05 -36.66
C ARG A 180 47.14 64.51 -37.11
N GLN A 181 46.73 63.38 -36.52
CA GLN A 181 45.43 62.80 -36.85
C GLN A 181 44.30 63.62 -36.25
N ALA A 182 44.33 63.81 -34.93
CA ALA A 182 43.27 64.52 -34.24
C ALA A 182 43.30 66.02 -34.54
N LEU A 183 44.49 66.55 -34.80
CA LEU A 183 44.64 67.97 -35.10
C LEU A 183 44.07 68.32 -36.47
N SER A 184 44.18 67.39 -37.41
CA SER A 184 43.71 67.59 -38.78
C SER A 184 42.19 67.58 -38.87
N ASP A 185 41.55 66.81 -37.99
CA ASP A 185 40.10 66.63 -38.04
C ASP A 185 39.37 67.84 -37.48
N ILE A 186 40.12 68.81 -36.95
CA ILE A 186 39.53 70.01 -36.40
C ILE A 186 38.98 70.91 -37.51
N THR A 187 37.69 71.23 -37.43
CA THR A 187 37.05 72.13 -38.37
C THR A 187 36.59 73.37 -37.62
N ALA A 188 37.54 74.25 -37.30
CA ALA A 188 37.27 75.43 -36.49
C ALA A 188 36.42 76.45 -37.24
N ILE A 189 35.74 77.31 -36.47
CA ILE A 189 34.88 78.34 -37.05
C ILE A 189 35.20 79.73 -36.46
N LEU A 190 35.37 80.70 -37.35
CA LEU A 190 35.66 82.07 -36.95
C LEU A 190 34.39 82.86 -36.60
N PRO A 191 34.55 83.96 -35.85
CA PRO A 191 33.46 84.88 -35.49
C PRO A 191 32.74 85.44 -36.73
N ASP A 192 33.45 85.53 -37.85
CA ASP A 192 32.88 86.10 -39.07
C ASP A 192 32.15 85.06 -39.92
N GLY A 193 32.48 83.79 -39.75
CA GLY A 193 31.78 82.73 -40.45
C GLY A 193 32.61 81.75 -41.27
N ASN A 194 33.87 82.09 -41.51
CA ASN A 194 34.73 81.25 -42.31
C ASN A 194 35.17 79.99 -41.58
N LYS A 195 35.02 78.84 -42.25
CA LYS A 195 35.49 77.57 -41.70
C LYS A 195 37.00 77.53 -41.89
N VAL A 196 37.70 76.91 -40.95
CA VAL A 196 39.15 76.80 -41.05
C VAL A 196 39.69 75.45 -40.58
N MET A 197 40.33 74.73 -41.50
CA MET A 197 40.90 73.43 -41.18
C MET A 197 42.42 73.46 -41.37
N MET A 198 43.10 72.48 -40.80
CA MET A 198 44.57 72.42 -40.90
C MET A 198 45.00 72.11 -42.32
N SER A 199 45.91 72.91 -42.86
CA SER A 199 46.42 72.68 -44.21
C SER A 199 47.83 72.10 -44.19
N SER A 200 48.66 72.60 -43.27
CA SER A 200 50.02 72.12 -43.12
C SER A 200 50.43 72.12 -41.66
N LEU A 201 51.67 71.72 -41.40
CA LEU A 201 52.19 71.67 -40.03
C LEU A 201 52.37 73.05 -39.42
N ARG A 202 52.34 74.08 -40.27
CA ARG A 202 52.49 75.45 -39.79
C ARG A 202 51.37 76.36 -40.27
N GLN A 203 50.40 75.81 -40.99
CA GLN A 203 49.30 76.61 -41.52
C GLN A 203 47.91 75.99 -41.39
N PHE A 204 46.92 76.87 -41.24
CA PHE A 204 45.52 76.53 -41.35
C PHE A 204 44.99 77.34 -42.53
N SER A 205 43.86 76.96 -43.09
CA SER A 205 43.37 77.66 -44.28
C SER A 205 41.85 77.71 -44.37
N GLY A 206 41.33 78.93 -44.50
CA GLY A 206 39.90 79.15 -44.65
C GLY A 206 39.38 78.59 -45.95
N THR A 207 38.12 78.16 -45.95
CA THR A 207 37.51 77.62 -47.15
C THR A 207 36.12 78.20 -47.36
N GLN A 208 35.64 78.13 -48.59
CA GLN A 208 34.25 78.46 -48.91
C GLN A 208 33.47 77.17 -49.08
N PRO A 209 32.21 77.14 -48.61
CA PRO A 209 31.37 75.94 -48.66
C PRO A 209 31.22 75.37 -50.07
N LEU A 210 31.02 74.07 -50.16
CA LEU A 210 30.87 73.39 -51.44
C LEU A 210 29.40 73.43 -51.87
N TYR A 211 28.56 73.95 -50.99
CA TYR A 211 27.12 74.04 -51.26
C TYR A 211 26.56 75.39 -50.81
N THR A 212 25.54 75.86 -51.53
CA THR A 212 24.85 77.08 -51.17
C THR A 212 23.34 76.90 -51.24
N LEU A 213 22.62 77.49 -50.28
CA LEU A 213 21.17 77.37 -50.22
C LEU A 213 20.50 78.72 -50.44
N ASP A 214 19.48 78.74 -51.30
CA ASP A 214 18.78 79.97 -51.63
C ASP A 214 17.36 79.99 -51.03
N GLY A 215 16.43 80.59 -51.75
CA GLY A 215 15.05 80.67 -51.31
C GLY A 215 14.42 79.31 -51.07
N ASP A 216 14.24 78.56 -52.13
CA ASP A 216 13.76 77.18 -52.02
C ASP A 216 14.83 76.29 -51.40
N GLY A 217 14.46 75.06 -51.07
CA GLY A 217 15.38 74.13 -50.44
C GLY A 217 16.33 73.45 -51.41
N THR A 218 16.69 74.16 -52.47
CA THR A 218 17.56 73.60 -53.50
C THR A 218 19.03 73.90 -53.20
N LEU A 219 19.84 72.84 -53.09
CA LEU A 219 21.27 72.97 -52.87
C LEU A 219 22.03 72.87 -54.19
N THR A 220 22.93 73.82 -54.42
CA THR A 220 23.74 73.81 -55.63
C THR A 220 25.24 73.70 -55.32
N ASN A 221 25.90 72.78 -56.02
CA ASN A 221 27.34 72.57 -55.85
C ASN A 221 28.13 73.77 -56.37
N ASN A 222 29.27 74.04 -55.75
CA ASN A 222 30.12 75.15 -56.15
C ASN A 222 31.44 74.71 -56.78
N GLN A 223 31.54 73.42 -57.07
CA GLN A 223 32.72 72.87 -57.74
C GLN A 223 32.32 72.17 -59.04
N SER A 224 31.42 71.21 -58.93
CA SER A 224 30.92 70.49 -60.09
C SER A 224 29.73 71.22 -60.70
N GLY A 225 29.20 72.19 -59.97
CA GLY A 225 28.10 73.02 -60.45
C GLY A 225 26.80 72.26 -60.63
N VAL A 226 26.62 71.20 -59.85
CA VAL A 226 25.40 70.39 -59.93
C VAL A 226 24.42 70.80 -58.85
N LYS A 227 23.13 70.80 -59.18
CA LYS A 227 22.09 71.18 -58.23
C LYS A 227 21.40 69.96 -57.61
N TYR A 228 21.17 70.02 -56.30
CA TYR A 228 20.51 68.95 -55.59
C TYR A 228 19.20 69.43 -54.96
N ARG A 229 18.25 68.52 -54.82
CA ARG A 229 16.97 68.83 -54.18
C ARG A 229 16.57 67.72 -53.21
N PRO A 230 15.89 68.07 -52.12
CA PRO A 230 15.49 67.09 -51.12
C PRO A 230 14.45 66.11 -51.65
N ASN A 231 14.81 64.83 -51.72
CA ASN A 231 13.90 63.79 -52.17
C ASN A 231 13.27 63.07 -50.97
N ASN A 232 12.01 63.35 -50.71
CA ASN A 232 11.32 62.83 -49.53
C ASN A 232 10.70 61.44 -49.74
N GLN A 233 11.20 60.72 -50.74
CA GLN A 233 10.74 59.36 -50.99
C GLN A 233 11.67 58.33 -50.35
N ILE A 234 12.95 58.68 -50.26
CA ILE A 234 13.94 57.80 -49.67
C ILE A 234 14.67 58.46 -48.50
N GLY A 235 14.47 59.77 -48.37
CA GLY A 235 15.08 60.52 -47.29
C GLY A 235 16.50 60.96 -47.60
N PHE A 236 16.76 61.27 -48.86
CA PHE A 236 18.09 61.71 -49.28
C PHE A 236 18.03 62.92 -50.20
N TYR A 237 19.18 63.56 -50.40
CA TYR A 237 19.30 64.62 -51.38
C TYR A 237 19.65 64.02 -52.73
N GLN A 238 18.90 64.39 -53.76
CA GLN A 238 19.10 63.83 -55.09
C GLN A 238 19.22 64.93 -56.14
N SER A 239 19.93 64.64 -57.22
CA SER A 239 20.19 65.64 -58.26
C SER A 239 19.48 65.31 -59.58
N ILE A 240 19.14 66.35 -60.33
CA ILE A 240 18.53 66.20 -61.64
C ILE A 240 19.09 67.23 -62.62
N THR A 241 18.94 66.96 -63.92
CA THR A 241 19.48 67.85 -64.94
C THR A 241 18.38 68.64 -65.65
N ALA A 242 17.85 69.63 -64.95
CA ALA A 242 16.82 70.54 -65.49
C ALA A 242 15.58 69.81 -66.03
N ASP A 243 15.38 68.58 -65.57
CA ASP A 243 14.24 67.77 -66.02
C ASP A 243 14.02 66.57 -65.09
N GLY A 244 12.76 66.17 -64.94
CA GLY A 244 12.42 65.04 -64.10
C GLY A 244 12.55 65.33 -62.62
N ASN A 245 12.54 64.27 -61.82
CA ASN A 245 12.63 64.40 -60.36
C ASN A 245 13.62 63.39 -59.78
N TRP A 246 14.03 62.45 -60.61
CA TRP A 246 14.90 61.36 -60.17
C TRP A 246 16.11 61.21 -61.09
N GLY A 247 17.11 60.47 -60.62
CA GLY A 247 18.30 60.20 -61.41
C GLY A 247 19.59 60.67 -60.77
N ASP A 248 20.71 60.33 -61.42
CA ASP A 248 22.04 60.76 -60.98
C ASP A 248 22.43 60.30 -59.58
N GLU A 249 23.53 60.87 -59.07
CA GLU A 249 24.10 60.46 -57.80
C GLU A 249 23.48 61.21 -56.62
N LYS A 250 23.31 60.50 -55.51
CA LYS A 250 22.74 61.07 -54.29
C LYS A 250 23.77 61.01 -53.17
N LEU A 251 23.68 61.97 -52.24
CA LEU A 251 24.55 61.98 -51.07
C LEU A 251 23.85 61.26 -49.93
N SER A 252 24.62 60.50 -49.15
CA SER A 252 24.04 59.68 -48.08
C SER A 252 24.09 60.19 -46.63
N PRO A 253 24.31 61.51 -46.42
CA PRO A 253 23.90 61.93 -45.06
C PRO A 253 22.39 62.11 -45.03
N GLY A 254 21.66 61.01 -45.11
CA GLY A 254 20.22 61.04 -45.24
C GLY A 254 19.48 61.62 -44.05
N TYR A 255 18.16 61.78 -44.21
CA TYR A 255 17.34 62.34 -43.14
C TYR A 255 16.09 61.51 -42.91
N THR A 256 15.59 61.54 -41.67
CA THR A 256 14.41 60.79 -41.28
C THR A 256 13.16 61.31 -41.98
N VAL A 257 12.55 60.47 -42.81
CA VAL A 257 11.39 60.87 -43.58
C VAL A 257 10.18 59.98 -43.28
N THR A 258 8.98 60.51 -43.50
CA THR A 258 7.76 59.77 -43.25
C THR A 258 7.49 58.76 -44.36
N THR A 259 7.08 57.56 -43.99
CA THR A 259 6.74 56.52 -44.95
C THR A 259 5.37 55.91 -44.67
N GLY A 260 4.95 54.99 -45.53
CA GLY A 260 3.66 54.34 -45.36
C GLY A 260 3.75 53.06 -44.54
N TRP A 261 3.02 52.05 -44.97
CA TRP A 261 3.00 50.77 -44.27
C TRP A 261 3.99 49.78 -44.90
N LYS A 262 5.08 50.32 -45.44
CA LYS A 262 6.08 49.49 -46.12
C LYS A 262 6.87 48.64 -45.13
N ASN A 263 6.92 49.09 -43.87
CA ASN A 263 7.62 48.34 -42.83
C ASN A 263 6.85 47.09 -42.42
N PHE A 264 5.53 47.18 -42.44
CA PHE A 264 4.67 46.06 -42.07
C PHE A 264 4.61 45.01 -43.18
N THR A 265 4.39 45.47 -44.41
CA THR A 265 4.26 44.57 -45.55
C THR A 265 5.55 43.84 -45.89
N ARG A 266 6.69 44.44 -45.54
CA ARG A 266 7.98 43.82 -45.77
C ARG A 266 8.14 42.57 -44.91
N VAL A 267 7.47 42.57 -43.77
CA VAL A 267 7.49 41.43 -42.86
C VAL A 267 6.42 40.41 -43.24
N PHE A 268 5.28 40.91 -43.71
CA PHE A 268 4.16 40.03 -44.09
C PHE A 268 4.35 39.40 -45.46
N THR A 269 4.50 40.25 -46.48
CA THR A 269 4.60 39.79 -47.86
C THR A 269 5.99 39.27 -48.21
N ASP A 270 6.20 37.96 -48.04
CA ASP A 270 7.44 37.29 -48.41
C ASP A 270 8.69 37.89 -47.76
N GLU A 271 9.71 38.14 -48.60
CA GLU A 271 10.99 38.69 -48.18
C GLU A 271 11.78 37.76 -47.25
N GLY A 272 13.06 38.05 -47.08
CA GLY A 272 13.92 37.26 -46.21
C GLY A 272 13.91 37.75 -44.78
N ILE A 273 12.72 38.11 -44.31
CA ILE A 273 12.52 38.64 -42.96
C ILE A 273 11.39 37.88 -42.26
N GLN A 274 10.41 37.44 -43.05
CA GLN A 274 9.31 36.64 -42.52
C GLN A 274 9.78 35.24 -42.16
N LYS A 275 10.82 34.78 -42.86
CA LYS A 275 11.38 33.44 -42.63
C LYS A 275 11.88 33.24 -41.19
N PRO A 276 12.74 34.14 -40.68
CA PRO A 276 13.13 33.95 -39.28
C PRO A 276 12.04 34.36 -38.29
N PHE A 277 11.25 35.37 -38.66
CA PHE A 277 10.19 35.91 -37.81
C PHE A 277 9.21 34.83 -37.35
N LEU A 278 8.72 34.04 -38.30
CA LEU A 278 7.77 32.98 -37.99
C LEU A 278 8.44 31.86 -37.20
N ALA A 279 9.75 31.70 -37.43
CA ALA A 279 10.52 30.66 -36.76
C ALA A 279 10.79 30.98 -35.29
N ILE A 280 11.25 32.21 -35.03
CA ILE A 280 11.57 32.63 -33.68
C ILE A 280 10.31 32.81 -32.83
N PHE A 281 9.18 33.07 -33.49
CA PHE A 281 7.92 33.27 -32.81
C PHE A 281 7.45 31.97 -32.14
N VAL A 282 7.62 30.87 -32.86
CA VAL A 282 7.26 29.55 -32.33
C VAL A 282 8.20 29.20 -31.17
N TRP A 283 9.47 29.57 -31.32
CA TRP A 283 10.45 29.37 -30.26
C TRP A 283 10.12 30.22 -29.04
N THR A 284 9.74 31.48 -29.28
CA THR A 284 9.42 32.40 -28.21
C THR A 284 8.24 31.90 -27.39
N VAL A 285 7.21 31.39 -28.09
CA VAL A 285 6.04 30.85 -27.44
C VAL A 285 6.38 29.62 -26.58
N VAL A 286 7.18 28.72 -27.15
CA VAL A 286 7.57 27.49 -26.46
C VAL A 286 8.47 27.77 -25.27
N PHE A 287 9.45 28.64 -25.44
CA PHE A 287 10.40 28.98 -24.38
C PHE A 287 9.72 29.43 -23.10
N SER A 288 8.72 30.30 -23.23
CA SER A 288 7.98 30.79 -22.08
C SER A 288 7.11 29.70 -21.46
N LEU A 289 6.48 28.90 -22.31
CA LEU A 289 5.61 27.82 -21.86
C LEU A 289 6.39 26.79 -21.05
N ILE A 290 7.57 26.43 -21.55
CA ILE A 290 8.42 25.45 -20.86
C ILE A 290 8.94 26.03 -19.55
N THR A 291 9.27 27.32 -19.55
CA THR A 291 9.75 27.98 -18.35
C THR A 291 8.67 28.02 -17.27
N VAL A 292 7.47 28.46 -17.65
CA VAL A 292 6.35 28.51 -16.72
C VAL A 292 5.99 27.14 -16.17
N PHE A 293 5.95 26.14 -17.06
CA PHE A 293 5.58 24.79 -16.69
C PHE A 293 6.52 24.20 -15.64
N LEU A 294 7.82 24.37 -15.86
CA LEU A 294 8.82 23.83 -14.95
C LEU A 294 8.86 24.60 -13.62
N THR A 295 8.93 25.92 -13.72
CA THR A 295 9.07 26.78 -12.56
C THR A 295 7.90 26.66 -11.58
N VAL A 296 6.69 26.54 -12.11
CA VAL A 296 5.51 26.36 -11.27
C VAL A 296 5.55 24.99 -10.61
N ALA A 297 5.85 23.96 -11.39
CA ALA A 297 5.92 22.60 -10.87
C ALA A 297 7.00 22.47 -9.81
N VAL A 298 8.18 23.02 -10.10
CA VAL A 298 9.29 22.99 -9.15
C VAL A 298 8.98 23.89 -7.96
N GLY A 299 8.39 25.04 -8.24
CA GLY A 299 8.08 26.01 -7.20
C GLY A 299 7.02 25.53 -6.23
N MET A 300 5.95 24.95 -6.76
CA MET A 300 4.84 24.50 -5.93
C MET A 300 5.24 23.31 -5.06
N VAL A 301 5.96 22.36 -5.65
CA VAL A 301 6.40 21.17 -4.92
C VAL A 301 7.31 21.58 -3.76
N LEU A 302 8.23 22.50 -4.03
CA LEU A 302 9.15 22.98 -3.01
C LEU A 302 8.39 23.76 -1.92
N ALA A 303 7.46 24.61 -2.33
CA ALA A 303 6.71 25.45 -1.42
C ALA A 303 5.99 24.64 -0.33
N CYS A 304 5.37 23.55 -0.72
CA CYS A 304 4.67 22.69 0.22
C CYS A 304 5.64 22.01 1.17
N LEU A 305 6.80 21.62 0.65
CA LEU A 305 7.82 20.94 1.44
C LEU A 305 8.48 21.86 2.46
N VAL A 306 8.62 23.14 2.10
CA VAL A 306 9.29 24.11 2.96
C VAL A 306 8.49 24.38 4.24
N GLN A 307 7.20 24.61 4.10
CA GLN A 307 6.36 24.90 5.25
C GLN A 307 5.61 23.67 5.76
N TRP A 308 6.10 22.50 5.37
CA TRP A 308 5.54 21.24 5.87
C TRP A 308 5.87 21.11 7.36
N GLU A 309 4.83 20.91 8.16
CA GLU A 309 4.97 20.77 9.61
C GLU A 309 6.06 19.80 10.03
N ALA A 310 6.08 18.62 9.41
CA ALA A 310 7.07 17.60 9.71
C ALA A 310 8.41 17.90 9.03
N LEU A 311 9.20 18.76 9.65
CA LEU A 311 10.53 19.09 9.16
C LEU A 311 11.43 19.52 10.31
N ARG A 312 12.66 19.91 10.01
CA ARG A 312 13.60 20.31 11.05
C ARG A 312 14.17 21.71 10.81
N GLY A 313 14.84 21.88 9.68
CA GLY A 313 15.45 23.16 9.35
C GLY A 313 14.68 23.94 8.31
N LYS A 314 13.42 24.27 8.62
CA LYS A 314 12.57 25.01 7.69
C LYS A 314 13.16 26.38 7.38
N ALA A 315 13.71 27.03 8.41
CA ALA A 315 14.29 28.36 8.26
C ALA A 315 15.55 28.33 7.41
N VAL A 316 16.36 27.29 7.59
CA VAL A 316 17.62 27.18 6.86
C VAL A 316 17.37 26.74 5.42
N TYR A 317 16.45 25.80 5.24
CA TYR A 317 16.09 25.32 3.91
C TYR A 317 15.49 26.42 3.04
N ARG A 318 14.78 27.35 3.67
CA ARG A 318 14.11 28.42 2.95
C ARG A 318 15.11 29.34 2.27
N VAL A 319 15.96 29.98 3.07
CA VAL A 319 16.88 31.01 2.59
C VAL A 319 17.84 30.53 1.49
N LEU A 320 18.20 29.26 1.53
CA LEU A 320 19.10 28.70 0.51
C LEU A 320 18.40 28.58 -0.83
N LEU A 321 17.13 28.19 -0.80
CA LEU A 321 16.36 28.00 -2.02
C LEU A 321 15.97 29.31 -2.71
N ILE A 322 15.98 30.40 -1.94
CA ILE A 322 15.59 31.71 -2.47
C ILE A 322 16.76 32.39 -3.20
N LEU A 323 17.97 31.91 -2.91
CA LEU A 323 19.20 32.49 -3.47
C LEU A 323 19.22 32.81 -4.97
N PRO A 324 18.70 31.91 -5.83
CA PRO A 324 18.70 32.24 -7.26
C PRO A 324 17.90 33.49 -7.63
N TYR A 325 16.73 33.68 -7.03
CA TYR A 325 15.95 34.90 -7.25
C TYR A 325 16.60 36.07 -6.52
N ALA A 326 17.22 35.75 -5.39
CA ALA A 326 17.89 36.74 -4.57
C ALA A 326 19.06 37.40 -5.31
N VAL A 327 20.07 36.61 -5.65
CA VAL A 327 21.22 37.10 -6.39
C VAL A 327 20.75 37.66 -7.74
N PRO A 328 21.11 38.93 -8.03
CA PRO A 328 20.59 39.66 -9.18
C PRO A 328 20.75 38.93 -10.52
N SER A 329 19.94 39.30 -11.50
CA SER A 329 19.92 38.64 -12.80
C SER A 329 21.22 38.73 -13.56
N PHE A 330 21.74 39.95 -13.73
CA PHE A 330 22.91 40.18 -14.56
C PHE A 330 24.14 39.38 -14.12
N ILE A 331 24.28 39.20 -12.81
CA ILE A 331 25.39 38.43 -12.27
C ILE A 331 25.11 36.92 -12.33
N SER A 332 23.88 36.53 -12.00
CA SER A 332 23.49 35.13 -12.02
C SER A 332 23.54 34.55 -13.42
N ILE A 333 23.23 35.38 -14.42
CA ILE A 333 23.24 34.95 -15.80
C ILE A 333 24.66 34.89 -16.37
N LEU A 334 25.44 35.93 -16.10
CA LEU A 334 26.79 36.03 -16.66
C LEU A 334 27.75 34.95 -16.16
N ILE A 335 27.52 34.44 -14.97
CA ILE A 335 28.36 33.37 -14.45
C ILE A 335 28.12 32.08 -15.24
N PHE A 336 26.88 31.86 -15.65
CA PHE A 336 26.53 30.68 -16.46
C PHE A 336 27.16 30.80 -17.85
N LYS A 337 27.35 32.03 -18.31
CA LYS A 337 27.98 32.28 -19.59
C LYS A 337 29.40 31.77 -19.59
N GLY A 338 30.14 32.09 -18.54
CA GLY A 338 31.52 31.65 -18.40
C GLY A 338 31.66 30.19 -18.03
N LEU A 339 30.60 29.63 -17.44
CA LEU A 339 30.60 28.22 -17.05
C LEU A 339 30.25 27.31 -18.22
N PHE A 340 29.37 27.78 -19.09
CA PHE A 340 28.89 26.98 -20.20
C PHE A 340 29.70 27.13 -21.48
N ASN A 341 30.90 27.72 -21.38
CA ASN A 341 31.75 27.86 -22.55
C ASN A 341 32.13 26.48 -23.09
N GLN A 342 32.29 26.39 -24.41
CA GLN A 342 32.54 25.12 -25.08
C GLN A 342 33.93 24.55 -24.80
N SER A 343 34.96 25.33 -25.09
CA SER A 343 36.33 24.86 -24.92
C SER A 343 36.85 25.17 -23.52
N PHE A 344 36.47 26.33 -22.99
CA PHE A 344 36.86 26.72 -21.64
C PHE A 344 35.64 26.53 -20.73
N GLY A 345 35.70 27.08 -19.52
CA GLY A 345 34.57 26.93 -18.61
C GLY A 345 34.70 25.70 -17.73
N GLU A 346 34.20 25.79 -16.51
CA GLU A 346 34.35 24.72 -15.53
C GLU A 346 33.28 23.62 -15.63
N ILE A 347 32.15 23.91 -16.25
CA ILE A 347 31.09 22.90 -16.38
C ILE A 347 31.43 21.84 -17.42
N ASN A 348 31.87 22.28 -18.61
CA ASN A 348 32.31 21.35 -19.64
C ASN A 348 33.55 20.57 -19.24
N MET A 349 34.28 21.09 -18.25
CA MET A 349 35.43 20.40 -17.69
C MET A 349 34.99 19.18 -16.89
N MET A 350 33.97 19.36 -16.06
CA MET A 350 33.42 18.26 -15.27
C MET A 350 32.63 17.28 -16.13
N LEU A 351 31.94 17.79 -17.14
CA LEU A 351 31.15 16.95 -18.04
C LEU A 351 32.08 16.09 -18.91
N SER A 352 33.34 16.50 -18.99
CA SER A 352 34.34 15.74 -19.73
C SER A 352 35.11 14.80 -18.80
N ALA A 353 34.90 14.97 -17.50
CA ALA A 353 35.59 14.16 -16.50
C ALA A 353 34.97 12.77 -16.35
N LEU A 354 33.72 12.73 -15.87
CA LEU A 354 33.02 11.47 -15.70
C LEU A 354 32.41 10.97 -17.00
N PHE A 355 31.77 11.88 -17.73
CA PHE A 355 31.23 11.56 -19.05
C PHE A 355 32.25 11.93 -20.12
N GLY A 356 32.12 11.33 -21.29
CA GLY A 356 32.99 11.64 -22.41
C GLY A 356 32.28 12.50 -23.44
N VAL A 357 31.62 13.55 -22.97
CA VAL A 357 30.83 14.42 -23.85
C VAL A 357 31.13 15.90 -23.58
N LYS A 358 31.26 16.67 -24.66
CA LYS A 358 31.41 18.11 -24.55
C LYS A 358 30.33 18.82 -25.38
N PRO A 359 29.15 19.04 -24.75
CA PRO A 359 28.01 19.65 -25.44
C PRO A 359 28.31 21.07 -25.90
N ALA A 360 27.86 21.41 -27.11
CA ALA A 360 28.06 22.75 -27.64
C ALA A 360 26.92 23.67 -27.23
N TRP A 361 27.09 24.35 -26.09
CA TRP A 361 26.03 25.18 -25.53
C TRP A 361 25.84 26.49 -26.29
N PHE A 362 26.79 26.83 -27.15
CA PHE A 362 26.73 28.08 -27.90
C PHE A 362 26.58 27.85 -29.41
N SER A 363 27.21 26.80 -29.92
CA SER A 363 27.20 26.52 -31.34
C SER A 363 25.96 25.74 -31.78
N ASP A 364 25.71 24.62 -31.12
CA ASP A 364 24.60 23.76 -31.50
C ASP A 364 23.26 24.41 -31.15
N PRO A 365 22.34 24.46 -32.13
CA PRO A 365 21.02 25.07 -31.97
C PRO A 365 20.21 24.43 -30.84
N THR A 366 20.09 23.11 -30.87
CA THR A 366 19.29 22.39 -29.88
C THR A 366 19.92 22.45 -28.49
N THR A 367 21.23 22.26 -28.44
CA THR A 367 21.95 22.26 -27.17
C THR A 367 21.90 23.63 -26.50
N ALA A 368 21.90 24.68 -27.31
CA ALA A 368 21.84 26.05 -26.79
C ALA A 368 20.52 26.33 -26.10
N ARG A 369 19.43 25.92 -26.73
CA ARG A 369 18.09 26.13 -26.18
C ARG A 369 17.93 25.43 -24.83
N THR A 370 18.60 24.28 -24.69
CA THR A 370 18.56 23.52 -23.44
C THR A 370 19.15 24.33 -22.30
N MET A 371 20.22 25.05 -22.60
CA MET A 371 20.89 25.88 -21.61
C MET A 371 19.99 27.02 -21.12
N LEU A 372 19.37 27.70 -22.07
CA LEU A 372 18.49 28.82 -21.75
C LEU A 372 17.36 28.42 -20.81
N ILE A 373 16.78 27.26 -21.05
CA ILE A 373 15.70 26.76 -20.23
C ILE A 373 16.19 26.42 -18.82
N ILE A 374 17.35 25.78 -18.73
CA ILE A 374 17.94 25.40 -17.44
C ILE A 374 18.26 26.63 -16.58
N VAL A 375 18.90 27.62 -17.20
CA VAL A 375 19.30 28.83 -16.48
C VAL A 375 18.08 29.64 -16.03
N ASN A 376 17.07 29.72 -16.90
CA ASN A 376 15.88 30.50 -16.59
C ASN A 376 15.01 29.81 -15.53
N THR A 377 14.94 28.49 -15.60
CA THR A 377 14.21 27.71 -14.61
C THR A 377 14.93 27.83 -13.27
N TRP A 378 16.25 27.90 -13.32
CA TRP A 378 17.06 28.11 -12.12
C TRP A 378 16.72 29.45 -11.49
N LEU A 379 16.48 30.45 -12.33
CA LEU A 379 16.11 31.78 -11.86
C LEU A 379 14.62 31.87 -11.53
N GLY A 380 13.81 31.08 -12.21
CA GLY A 380 12.36 31.20 -12.13
C GLY A 380 11.69 30.41 -11.02
N TYR A 381 12.30 29.30 -10.60
CA TYR A 381 11.70 28.46 -9.58
C TYR A 381 11.49 29.11 -8.21
N PRO A 382 12.46 29.92 -7.72
CA PRO A 382 12.23 30.45 -6.37
C PRO A 382 11.14 31.53 -6.33
N TYR A 383 10.95 32.27 -7.42
CA TYR A 383 9.89 33.26 -7.46
C TYR A 383 8.53 32.60 -7.40
N MET A 384 8.38 31.47 -8.09
CA MET A 384 7.15 30.71 -8.03
C MET A 384 6.97 30.08 -6.66
N MET A 385 8.09 29.76 -6.00
CA MET A 385 8.07 29.24 -4.65
C MET A 385 7.48 30.27 -3.70
N ILE A 386 8.08 31.47 -3.71
CA ILE A 386 7.65 32.56 -2.85
C ILE A 386 6.19 32.92 -3.12
N LEU A 387 5.80 32.86 -4.39
CA LEU A 387 4.43 33.16 -4.78
C LEU A 387 3.47 32.09 -4.28
N CYS A 388 3.81 30.83 -4.49
CA CYS A 388 2.95 29.72 -4.08
C CYS A 388 2.95 29.52 -2.57
N MET A 389 4.08 29.79 -1.93
CA MET A 389 4.21 29.62 -0.48
C MET A 389 3.24 30.54 0.27
N GLY A 390 3.16 31.79 -0.17
CA GLY A 390 2.24 32.76 0.42
C GLY A 390 0.81 32.47 0.03
N LEU A 391 0.63 31.97 -1.20
CA LEU A 391 -0.70 31.65 -1.71
C LEU A 391 -1.25 30.41 -1.04
N LEU A 392 -0.36 29.52 -0.62
CA LEU A 392 -0.75 28.27 0.03
C LEU A 392 -1.30 28.53 1.43
N LYS A 393 -0.89 29.64 2.03
CA LYS A 393 -1.32 30.00 3.37
C LYS A 393 -2.80 30.39 3.41
N ALA A 394 -3.36 30.68 2.25
CA ALA A 394 -4.78 31.03 2.15
C ALA A 394 -5.66 29.84 2.52
N ILE A 395 -5.16 28.64 2.23
CA ILE A 395 -5.88 27.41 2.57
C ILE A 395 -5.81 27.14 4.07
N PRO A 396 -6.97 26.99 4.71
CA PRO A 396 -7.03 26.76 6.15
C PRO A 396 -6.50 25.37 6.51
N ASP A 397 -5.95 25.23 7.70
CA ASP A 397 -5.36 23.96 8.13
C ASP A 397 -6.43 22.90 8.37
N ASP A 398 -7.67 23.35 8.55
CA ASP A 398 -8.80 22.46 8.83
C ASP A 398 -9.02 21.43 7.73
N LEU A 399 -8.73 21.83 6.50
CA LEU A 399 -8.91 20.93 5.35
C LEU A 399 -7.95 19.75 5.45
N TYR A 400 -6.70 20.04 5.79
CA TYR A 400 -5.68 19.01 5.93
C TYR A 400 -5.91 18.19 7.20
N GLU A 401 -6.52 18.81 8.21
CA GLU A 401 -6.86 18.13 9.44
C GLU A 401 -8.02 17.16 9.22
N ALA A 402 -9.06 17.62 8.53
CA ALA A 402 -10.22 16.80 8.25
C ALA A 402 -9.89 15.65 7.30
N SER A 403 -8.95 15.89 6.40
CA SER A 403 -8.51 14.86 5.46
C SER A 403 -7.78 13.76 6.21
N ALA A 404 -6.95 14.16 7.17
CA ALA A 404 -6.18 13.22 7.97
C ALA A 404 -7.11 12.35 8.83
N MET A 405 -8.25 12.92 9.21
CA MET A 405 -9.24 12.21 10.01
C MET A 405 -9.86 11.07 9.21
N ASP A 406 -9.87 11.21 7.89
CA ASP A 406 -10.47 10.21 7.01
C ASP A 406 -9.44 9.26 6.43
N GLY A 407 -8.19 9.42 6.83
CA GLY A 407 -7.12 8.55 6.38
C GLY A 407 -6.57 8.92 5.02
N ALA A 408 -6.14 10.17 4.88
CA ALA A 408 -5.58 10.64 3.63
C ALA A 408 -4.07 10.78 3.72
N GLY A 409 -3.35 10.13 2.80
CA GLY A 409 -1.91 10.20 2.77
C GLY A 409 -1.42 11.54 2.24
N PRO A 410 -0.14 11.85 2.49
CA PRO A 410 0.51 13.09 2.08
C PRO A 410 0.39 13.35 0.58
N PHE A 411 0.50 12.30 -0.22
CA PHE A 411 0.39 12.43 -1.66
C PHE A 411 -1.05 12.67 -2.09
N GLN A 412 -1.99 12.03 -1.39
CA GLN A 412 -3.40 12.18 -1.71
C GLN A 412 -3.91 13.58 -1.40
N ASN A 413 -3.28 14.23 -0.42
CA ASN A 413 -3.63 15.60 -0.07
C ASN A 413 -3.21 16.61 -1.12
N PHE A 414 -1.98 16.48 -1.62
CA PHE A 414 -1.44 17.43 -2.59
C PHE A 414 -2.15 17.36 -3.94
N PHE A 415 -2.74 16.22 -4.26
CA PHE A 415 -3.37 16.01 -5.56
C PHE A 415 -4.87 16.26 -5.53
N LYS A 416 -5.50 16.05 -4.37
CA LYS A 416 -6.95 16.14 -4.27
C LYS A 416 -7.41 17.39 -3.52
N ILE A 417 -6.52 17.96 -2.71
CA ILE A 417 -6.85 19.13 -1.91
C ILE A 417 -6.03 20.37 -2.29
N THR A 418 -4.72 20.22 -2.34
CA THR A 418 -3.83 21.35 -2.58
C THR A 418 -3.87 21.86 -4.03
N LEU A 419 -3.58 20.96 -4.97
CA LEU A 419 -3.52 21.33 -6.39
C LEU A 419 -4.81 21.91 -6.99
N PRO A 420 -5.93 21.19 -6.90
CA PRO A 420 -7.12 21.71 -7.60
C PRO A 420 -7.68 22.97 -6.94
N LEU A 421 -7.22 23.25 -5.73
CA LEU A 421 -7.64 24.46 -5.03
C LEU A 421 -6.68 25.61 -5.33
N LEU A 422 -5.45 25.26 -5.70
CA LEU A 422 -4.43 26.26 -6.01
C LEU A 422 -4.45 26.75 -7.46
N ILE A 423 -4.99 25.93 -8.35
CA ILE A 423 -4.99 26.25 -9.77
C ILE A 423 -5.85 27.46 -10.11
N LYS A 424 -6.87 27.71 -9.30
CA LYS A 424 -7.79 28.83 -9.54
C LYS A 424 -7.13 30.20 -9.33
N PRO A 425 -6.52 30.45 -8.15
CA PRO A 425 -5.90 31.76 -8.01
C PRO A 425 -4.55 31.87 -8.73
N LEU A 426 -3.99 30.74 -9.13
CA LEU A 426 -2.69 30.73 -9.80
C LEU A 426 -2.81 30.96 -11.29
N THR A 427 -4.02 30.79 -11.83
CA THR A 427 -4.28 30.97 -13.25
C THR A 427 -3.86 32.33 -13.83
N PRO A 428 -4.27 33.44 -13.18
CA PRO A 428 -3.79 34.72 -13.74
C PRO A 428 -2.31 34.94 -13.48
N LEU A 429 -1.78 34.34 -12.42
CA LEU A 429 -0.37 34.44 -12.09
C LEU A 429 0.45 33.51 -12.97
N MET A 430 -0.23 32.52 -13.56
CA MET A 430 0.41 31.57 -14.45
C MET A 430 0.80 32.25 -15.75
N ILE A 431 -0.18 32.85 -16.40
CA ILE A 431 0.04 33.51 -17.69
C ILE A 431 0.77 34.84 -17.53
N ALA A 432 0.85 35.32 -16.29
CA ALA A 432 1.59 36.54 -15.99
C ALA A 432 3.08 36.30 -16.20
N SER A 433 3.55 35.14 -15.74
CA SER A 433 4.94 34.75 -15.93
C SER A 433 5.19 34.43 -17.41
N PHE A 434 4.16 33.93 -18.08
CA PHE A 434 4.23 33.64 -19.51
C PHE A 434 4.52 34.89 -20.33
N ALA A 435 3.85 35.98 -19.97
CA ALA A 435 4.03 37.25 -20.67
C ALA A 435 5.41 37.85 -20.40
N PHE A 436 5.91 37.66 -19.19
CA PHE A 436 7.22 38.20 -18.81
C PHE A 436 8.35 37.42 -19.47
N ASN A 437 8.22 36.10 -19.49
CA ASN A 437 9.21 35.24 -20.14
C ASN A 437 9.16 35.36 -21.65
N PHE A 438 8.02 35.84 -22.17
CA PHE A 438 7.87 36.08 -23.59
C PHE A 438 8.80 37.21 -24.02
N ASN A 439 9.03 38.14 -23.09
CA ASN A 439 9.91 39.27 -23.37
C ASN A 439 11.12 39.29 -22.44
N ASN A 440 11.70 38.13 -22.19
CA ASN A 440 12.85 38.01 -21.30
C ASN A 440 14.13 38.41 -22.03
N PHE A 441 14.30 39.71 -22.22
CA PHE A 441 15.43 40.25 -22.96
C PHE A 441 16.70 40.27 -22.13
N VAL A 442 16.54 40.26 -20.80
CA VAL A 442 17.67 40.32 -19.89
C VAL A 442 18.52 39.06 -19.97
N LEU A 443 17.88 37.93 -20.25
CA LEU A 443 18.57 36.64 -20.29
C LEU A 443 19.25 36.38 -21.63
N ILE A 444 18.50 36.55 -22.71
CA ILE A 444 18.96 36.18 -24.05
C ILE A 444 20.13 37.03 -24.53
N GLN A 445 19.98 38.34 -24.45
CA GLN A 445 20.97 39.27 -24.98
C GLN A 445 22.19 39.40 -24.08
N LEU A 446 22.17 38.68 -22.95
CA LEU A 446 23.27 38.73 -22.01
C LEU A 446 24.04 37.41 -21.97
N LEU A 447 23.31 36.30 -21.99
CA LEU A 447 23.93 34.98 -21.92
C LEU A 447 24.59 34.60 -23.25
N THR A 448 23.78 34.40 -24.28
CA THR A 448 24.28 33.94 -25.57
C THR A 448 24.46 35.09 -26.55
N ASN A 449 23.78 36.21 -26.27
CA ASN A 449 23.77 37.37 -27.16
C ASN A 449 23.25 36.98 -28.55
N GLY A 450 22.22 36.14 -28.57
CA GLY A 450 21.66 35.66 -29.82
C GLY A 450 21.84 34.18 -30.04
N GLY A 451 22.98 33.64 -29.61
CA GLY A 451 23.28 32.24 -29.77
C GLY A 451 23.69 31.88 -31.18
N PRO A 452 23.26 30.69 -31.67
CA PRO A 452 23.53 30.26 -33.04
C PRO A 452 22.95 31.24 -34.05
N ASP A 453 23.81 31.80 -34.89
CA ASP A 453 23.40 32.82 -35.84
C ASP A 453 22.67 32.21 -37.05
N ARG A 454 21.49 32.76 -37.36
CA ARG A 454 20.68 32.28 -38.47
C ARG A 454 21.23 32.73 -39.82
N LEU A 455 21.57 31.76 -40.67
CA LEU A 455 22.18 32.04 -41.96
C LEU A 455 21.13 32.38 -43.02
N GLY A 456 21.50 33.25 -43.95
CA GLY A 456 20.61 33.64 -45.04
C GLY A 456 19.51 34.60 -44.63
N THR A 457 19.89 35.70 -44.01
CA THR A 457 18.92 36.73 -43.59
C THR A 457 19.49 38.13 -43.83
N THR A 458 18.62 39.05 -44.21
CA THR A 458 19.01 40.43 -44.41
C THR A 458 19.14 41.13 -43.06
N THR A 459 18.37 40.65 -42.09
CA THR A 459 18.39 41.20 -40.74
C THR A 459 19.16 40.28 -39.79
N PRO A 460 19.79 40.85 -38.76
CA PRO A 460 20.50 40.06 -37.76
C PRO A 460 19.54 39.23 -36.92
N ALA A 461 19.68 37.90 -36.98
CA ALA A 461 18.78 37.01 -36.26
C ALA A 461 19.55 35.90 -35.56
N GLY A 462 18.82 34.96 -34.95
CA GLY A 462 19.45 33.86 -34.25
C GLY A 462 18.47 32.74 -33.94
N TYR A 463 19.01 31.55 -33.68
CA TYR A 463 18.19 30.39 -33.33
C TYR A 463 17.61 30.51 -31.93
N THR A 464 18.29 31.26 -31.06
CA THR A 464 17.86 31.39 -29.67
C THR A 464 17.39 32.80 -29.34
N ASP A 465 17.01 33.56 -30.36
CA ASP A 465 16.53 34.92 -30.15
C ASP A 465 15.02 34.98 -30.03
N LEU A 466 14.55 35.65 -28.98
CA LEU A 466 13.13 35.89 -28.80
C LEU A 466 12.72 37.09 -29.64
N LEU A 467 11.43 37.38 -29.68
CA LEU A 467 10.94 38.53 -30.44
C LEU A 467 11.50 39.84 -29.91
N VAL A 468 11.54 39.99 -28.59
CA VAL A 468 12.06 41.20 -27.95
C VAL A 468 13.53 41.45 -28.34
N ASN A 469 14.29 40.38 -28.52
CA ASN A 469 15.68 40.49 -28.92
C ASN A 469 15.81 40.84 -30.39
N TYR A 470 15.04 40.15 -31.23
CA TYR A 470 15.05 40.37 -32.67
C TYR A 470 14.72 41.81 -33.02
N THR A 471 13.84 42.43 -32.24
CA THR A 471 13.52 43.83 -32.42
C THR A 471 14.71 44.70 -32.05
N TYR A 472 15.38 44.34 -30.95
CA TYR A 472 16.52 45.09 -30.46
C TYR A 472 17.72 44.97 -31.39
N ARG A 473 17.97 43.76 -31.87
CA ARG A 473 19.10 43.49 -32.75
C ARG A 473 19.04 44.34 -34.01
N ILE A 474 17.87 44.38 -34.64
CA ILE A 474 17.68 45.15 -35.87
C ILE A 474 17.97 46.64 -35.68
N ALA A 475 17.70 47.15 -34.48
CA ALA A 475 17.85 48.58 -34.22
C ALA A 475 19.21 48.95 -33.63
N PHE A 476 19.86 48.00 -32.99
CA PHE A 476 21.11 48.30 -32.29
C PHE A 476 22.21 47.28 -32.52
N GLU A 477 22.28 46.73 -33.73
CA GLU A 477 23.34 45.78 -34.06
C GLU A 477 24.63 46.53 -34.38
N GLY A 478 25.76 45.94 -33.98
CA GLY A 478 27.05 46.54 -34.24
C GLY A 478 27.39 46.50 -35.71
N GLY A 479 26.82 47.42 -36.48
CA GLY A 479 27.06 47.50 -37.91
C GLY A 479 26.34 46.40 -38.68
N GLY A 480 25.03 46.29 -38.45
CA GLY A 480 24.23 45.30 -39.13
C GLY A 480 22.97 45.90 -39.71
N GLY A 481 23.08 47.13 -40.19
CA GLY A 481 21.94 47.83 -40.76
C GLY A 481 20.89 48.16 -39.71
N GLN A 482 21.12 49.25 -38.98
CA GLN A 482 20.19 49.64 -37.92
C GLN A 482 18.91 50.21 -38.51
N ASP A 483 17.80 49.51 -38.30
CA ASP A 483 16.50 49.97 -38.77
C ASP A 483 15.58 50.21 -37.58
N PHE A 484 15.59 51.44 -37.07
CA PHE A 484 14.78 51.81 -35.92
C PHE A 484 13.30 51.80 -36.30
N GLY A 485 13.02 52.06 -37.57
CA GLY A 485 11.66 52.09 -38.06
C GLY A 485 11.03 50.72 -38.09
N LEU A 486 11.76 49.75 -38.63
CA LEU A 486 11.27 48.37 -38.73
C LEU A 486 11.20 47.76 -37.33
N ALA A 487 12.22 48.02 -36.52
CA ALA A 487 12.29 47.50 -35.17
C ALA A 487 11.09 47.93 -34.34
N ALA A 488 10.72 49.20 -34.46
CA ALA A 488 9.56 49.73 -33.76
C ALA A 488 8.27 49.20 -34.40
N ALA A 489 8.34 48.90 -35.69
CA ALA A 489 7.19 48.37 -36.42
C ALA A 489 6.88 46.95 -35.99
N ILE A 490 7.91 46.11 -35.92
CA ILE A 490 7.75 44.74 -35.46
C ILE A 490 7.47 44.72 -33.95
N ALA A 491 7.89 45.77 -33.26
CA ALA A 491 7.58 45.94 -31.84
C ALA A 491 6.13 46.33 -31.64
N THR A 492 5.48 46.80 -32.71
CA THR A 492 4.06 47.08 -32.66
C THR A 492 3.27 45.79 -32.80
N LEU A 493 3.79 44.87 -33.61
CA LEU A 493 3.18 43.56 -33.77
C LEU A 493 3.19 42.78 -32.46
N ILE A 494 4.33 42.80 -31.77
CA ILE A 494 4.46 42.11 -30.49
C ILE A 494 3.61 42.80 -29.43
N PHE A 495 3.34 44.09 -29.62
CA PHE A 495 2.49 44.84 -28.71
C PHE A 495 1.05 44.30 -28.74
N LEU A 496 0.58 43.93 -29.91
CA LEU A 496 -0.74 43.33 -30.05
C LEU A 496 -0.73 41.86 -29.62
N LEU A 497 0.42 41.21 -29.79
CA LEU A 497 0.56 39.81 -29.43
C LEU A 497 0.66 39.61 -27.91
N VAL A 498 1.70 40.17 -27.30
CA VAL A 498 1.95 39.96 -25.88
C VAL A 498 1.16 40.94 -25.01
N GLY A 499 0.66 42.00 -25.61
CA GLY A 499 -0.06 43.02 -24.86
C GLY A 499 -1.53 42.73 -24.74
N ALA A 500 -2.14 42.26 -25.82
CA ALA A 500 -3.58 42.02 -25.83
C ALA A 500 -3.97 40.70 -25.19
N LEU A 501 -2.99 39.99 -24.63
CA LEU A 501 -3.29 38.78 -23.87
C LEU A 501 -3.77 39.16 -22.47
N ALA A 502 -3.67 40.44 -22.15
CA ALA A 502 -4.14 40.95 -20.86
C ALA A 502 -5.65 40.87 -20.76
N ILE A 503 -6.32 40.72 -21.91
CA ILE A 503 -7.77 40.63 -21.96
C ILE A 503 -8.28 39.35 -21.28
N VAL A 504 -7.48 38.29 -21.34
CA VAL A 504 -7.86 37.03 -20.70
C VAL A 504 -7.32 36.99 -19.26
N ASN A 505 -6.31 37.80 -19.00
CA ASN A 505 -5.72 37.88 -17.68
C ASN A 505 -6.66 38.54 -16.68
N LEU A 506 -7.45 39.49 -17.17
CA LEU A 506 -8.33 40.27 -16.29
C LEU A 506 -9.81 39.89 -16.41
N LYS A 507 -10.30 39.82 -17.63
CA LYS A 507 -11.73 39.56 -17.86
C LYS A 507 -12.12 38.14 -17.47
N ALA A 508 -11.25 37.19 -17.78
CA ALA A 508 -11.51 35.79 -17.46
C ALA A 508 -11.21 35.51 -15.99
N THR A 509 -10.21 36.19 -15.44
CA THR A 509 -9.83 36.02 -14.05
C THR A 509 -9.78 37.36 -13.31
N ALA B 2 0.79 20.00 16.35
CA ALA B 2 1.52 18.74 16.48
C ALA B 2 0.58 17.56 16.28
N MET B 3 0.28 17.24 15.03
CA MET B 3 -0.61 16.13 14.72
C MET B 3 0.16 14.81 14.73
N VAL B 4 -0.47 13.76 15.26
CA VAL B 4 0.14 12.44 15.30
C VAL B 4 0.39 11.94 13.88
N GLN B 5 1.60 11.49 13.61
CA GLN B 5 1.97 11.12 12.24
C GLN B 5 2.11 9.61 12.01
N PRO B 6 1.43 9.11 10.97
CA PRO B 6 1.39 7.72 10.51
C PRO B 6 2.68 7.30 9.81
N LYS B 7 2.77 6.01 9.48
CA LYS B 7 3.90 5.45 8.74
C LYS B 7 5.28 5.81 9.28
N SER B 8 5.38 6.01 10.59
CA SER B 8 6.64 6.35 11.26
C SER B 8 7.22 7.71 10.85
N GLN B 9 6.76 8.22 9.71
CA GLN B 9 7.08 9.55 9.20
C GLN B 9 8.54 9.71 8.76
N LYS B 10 9.45 9.00 9.42
CA LYS B 10 10.87 9.13 9.14
C LYS B 10 11.24 8.79 7.70
N ALA B 11 10.59 7.77 7.15
CA ALA B 11 10.88 7.31 5.78
C ALA B 11 10.57 8.39 4.75
N ARG B 12 9.38 8.99 4.86
CA ARG B 12 8.96 10.04 3.94
C ARG B 12 9.77 11.32 4.17
N LEU B 13 10.11 11.57 5.43
CA LEU B 13 10.91 12.73 5.80
C LEU B 13 12.35 12.62 5.33
N PHE B 14 12.92 11.43 5.43
CA PHE B 14 14.33 11.21 5.11
C PHE B 14 14.65 11.48 3.65
N ILE B 15 13.81 10.98 2.75
CA ILE B 15 14.00 11.20 1.32
C ILE B 15 13.83 12.68 0.98
N THR B 16 12.96 13.36 1.73
CA THR B 16 12.75 14.78 1.55
C THR B 16 14.00 15.57 1.94
N HIS B 17 14.63 15.18 3.04
CA HIS B 17 15.85 15.83 3.50
C HIS B 17 16.98 15.63 2.48
N LEU B 18 17.08 14.42 1.94
CA LEU B 18 18.09 14.10 0.95
C LEU B 18 17.85 14.85 -0.36
N LEU B 19 16.60 14.88 -0.81
CA LEU B 19 16.25 15.52 -2.06
C LEU B 19 16.45 17.03 -1.99
N LEU B 20 16.12 17.63 -0.86
CA LEU B 20 16.33 19.06 -0.65
C LEU B 20 17.82 19.37 -0.55
N LEU B 21 18.56 18.48 0.12
CA LEU B 21 19.99 18.68 0.31
C LEU B 21 20.73 18.59 -1.02
N LEU B 22 20.27 17.71 -1.89
CA LEU B 22 20.86 17.57 -3.22
C LEU B 22 20.44 18.71 -4.13
N PHE B 23 19.23 19.23 -3.91
CA PHE B 23 18.72 20.33 -4.71
C PHE B 23 19.42 21.65 -4.37
N ILE B 24 19.57 21.93 -3.08
CA ILE B 24 20.25 23.15 -2.65
C ILE B 24 21.72 23.13 -3.04
N ALA B 25 22.30 21.93 -3.08
CA ALA B 25 23.69 21.77 -3.51
C ALA B 25 23.81 21.98 -5.00
N ALA B 26 22.77 21.58 -5.74
CA ALA B 26 22.75 21.72 -7.19
C ALA B 26 22.62 23.18 -7.59
N ILE B 27 21.81 23.94 -6.85
CA ILE B 27 21.56 25.34 -7.18
C ILE B 27 22.65 26.26 -6.62
N MET B 28 23.32 25.84 -5.57
CA MET B 28 24.40 26.63 -4.99
C MET B 28 25.71 26.34 -5.71
N PHE B 29 25.73 25.26 -6.48
CA PHE B 29 26.91 24.88 -7.25
C PHE B 29 27.49 25.99 -8.13
N PRO B 30 26.64 26.69 -8.92
CA PRO B 30 27.20 27.81 -9.68
C PRO B 30 27.73 28.92 -8.77
N LEU B 31 27.06 29.14 -7.65
CA LEU B 31 27.48 30.16 -6.70
C LEU B 31 28.80 29.80 -6.03
N LEU B 32 29.02 28.50 -5.82
CA LEU B 32 30.26 28.03 -5.21
C LEU B 32 31.44 28.23 -6.15
N MET B 33 31.19 28.05 -7.44
CA MET B 33 32.23 28.18 -8.46
C MET B 33 32.80 29.59 -8.47
N VAL B 34 31.92 30.58 -8.28
CA VAL B 34 32.31 31.97 -8.25
C VAL B 34 33.27 32.23 -7.10
N VAL B 35 32.99 31.60 -5.96
CA VAL B 35 33.88 31.68 -4.81
C VAL B 35 35.19 30.98 -5.12
N ALA B 36 35.10 29.84 -5.81
CA ALA B 36 36.26 29.04 -6.16
C ALA B 36 37.22 29.75 -7.11
N ILE B 37 36.67 30.46 -8.09
CA ILE B 37 37.48 31.16 -9.08
C ILE B 37 38.35 32.23 -8.42
N SER B 38 37.78 32.93 -7.44
CA SER B 38 38.50 33.93 -6.67
C SER B 38 39.76 33.35 -6.05
N LEU B 39 39.63 32.16 -5.47
CA LEU B 39 40.75 31.46 -4.86
C LEU B 39 41.73 31.02 -5.94
N ARG B 40 41.21 30.50 -7.06
CA ARG B 40 42.04 29.96 -8.13
C ARG B 40 43.00 31.00 -8.71
N GLN B 41 44.12 30.51 -9.23
CA GLN B 41 45.12 31.39 -9.85
C GLN B 41 45.00 31.37 -11.37
N GLY B 42 44.88 32.56 -11.96
CA GLY B 42 44.80 32.68 -13.40
C GLY B 42 43.37 32.63 -13.90
N ASN B 43 43.16 33.07 -15.13
CA ASN B 43 41.83 33.06 -15.73
C ASN B 43 41.63 31.85 -16.63
N PHE B 44 42.67 31.02 -16.73
CA PHE B 44 42.61 29.80 -17.54
C PHE B 44 41.58 28.81 -17.01
N ALA B 45 40.99 28.04 -17.93
CA ALA B 45 40.09 26.95 -17.55
C ALA B 45 40.81 25.60 -17.54
N THR B 46 41.85 25.49 -18.36
CA THR B 46 42.56 24.21 -18.52
C THR B 46 43.46 23.88 -17.34
N GLY B 47 43.15 22.77 -16.67
CA GLY B 47 43.91 22.32 -15.53
C GLY B 47 43.02 21.45 -14.66
N SER B 48 43.48 21.15 -13.44
CA SER B 48 42.61 20.51 -12.46
C SER B 48 41.55 21.52 -12.06
N LEU B 49 40.32 21.05 -11.82
CA LEU B 49 39.21 21.97 -11.59
C LEU B 49 39.27 22.68 -10.25
N ILE B 50 39.56 21.93 -9.19
CA ILE B 50 39.77 22.53 -7.88
C ILE B 50 41.00 23.43 -7.95
N PRO B 51 41.00 24.55 -7.21
CA PRO B 51 42.07 25.54 -7.34
C PRO B 51 43.45 24.97 -7.01
N GLU B 52 44.36 25.06 -7.98
CA GLU B 52 45.73 24.56 -7.81
C GLU B 52 46.52 25.43 -6.83
N GLN B 53 46.34 26.74 -6.95
CA GLN B 53 47.06 27.68 -6.11
C GLN B 53 46.18 28.87 -5.74
N ILE B 54 46.14 29.19 -4.45
CA ILE B 54 45.35 30.33 -3.97
C ILE B 54 45.98 31.65 -4.43
N SER B 55 45.19 32.48 -5.09
CA SER B 55 45.67 33.77 -5.58
C SER B 55 44.72 34.89 -5.20
N TRP B 56 45.29 36.05 -4.89
CA TRP B 56 44.49 37.20 -4.48
C TRP B 56 44.36 38.20 -5.63
N ASP B 57 44.82 37.81 -6.81
CA ASP B 57 44.82 38.69 -7.98
C ASP B 57 43.47 39.33 -8.23
N HIS B 58 42.42 38.50 -8.26
CA HIS B 58 41.07 38.99 -8.50
C HIS B 58 40.62 39.90 -7.36
N TRP B 59 40.94 39.50 -6.14
CA TRP B 59 40.56 40.22 -4.94
C TRP B 59 41.21 41.61 -4.88
N LYS B 60 42.29 41.79 -5.62
CA LYS B 60 42.99 43.08 -5.65
C LYS B 60 42.69 43.86 -6.93
N LEU B 61 42.71 43.18 -8.07
CA LEU B 61 42.52 43.82 -9.36
C LEU B 61 41.11 44.38 -9.55
N ALA B 62 40.10 43.62 -9.16
CA ALA B 62 38.72 44.03 -9.35
C ALA B 62 38.25 44.93 -8.19
N LEU B 63 39.14 45.15 -7.23
CA LEU B 63 38.82 46.05 -6.12
C LEU B 63 39.30 47.46 -6.47
N GLY B 64 40.52 47.57 -6.98
CA GLY B 64 41.09 48.85 -7.33
C GLY B 64 42.58 48.94 -7.04
N PHE B 65 43.30 47.86 -7.34
CA PHE B 65 44.73 47.81 -7.08
C PHE B 65 45.51 47.52 -8.34
N SER B 66 46.74 48.03 -8.39
CA SER B 66 47.62 47.83 -9.54
C SER B 66 48.73 46.83 -9.23
N VAL B 67 48.43 45.88 -8.36
CA VAL B 67 49.42 44.86 -7.98
C VAL B 67 49.67 43.90 -9.14
N GLU B 68 50.73 43.11 -9.04
CA GLU B 68 51.15 42.26 -10.14
C GLU B 68 52.02 41.08 -9.72
N GLN B 69 52.41 40.27 -10.71
CA GLN B 69 53.28 39.14 -10.49
C GLN B 69 54.75 39.51 -10.73
N ALA B 70 55.53 38.54 -11.19
CA ALA B 70 56.95 38.78 -11.50
C ALA B 70 57.17 38.88 -13.00
N ASP B 71 56.49 38.03 -13.76
CA ASP B 71 56.63 38.00 -15.21
C ASP B 71 55.88 39.16 -15.85
N GLY B 72 54.55 39.11 -15.78
CA GLY B 72 53.72 40.18 -16.31
C GLY B 72 53.90 41.40 -15.45
N ARG B 73 54.24 42.53 -16.08
CA ARG B 73 54.54 43.75 -15.35
C ARG B 73 53.34 44.37 -14.64
N ILE B 74 53.58 45.52 -14.02
CA ILE B 74 52.59 46.21 -13.20
C ILE B 74 51.33 46.55 -14.00
N THR B 75 50.30 45.71 -13.83
CA THR B 75 49.02 45.91 -14.50
C THR B 75 48.01 46.60 -13.59
N PRO B 76 47.33 47.63 -14.12
CA PRO B 76 46.30 48.36 -13.38
C PRO B 76 45.02 47.54 -13.35
N PRO B 77 44.01 47.97 -12.56
CA PRO B 77 42.72 47.28 -12.62
C PRO B 77 42.14 47.35 -14.03
N PRO B 78 41.80 46.19 -14.61
CA PRO B 78 41.29 46.09 -15.98
C PRO B 78 40.04 46.94 -16.18
N PHE B 79 39.24 47.06 -15.12
CA PHE B 79 38.05 47.90 -15.16
C PHE B 79 37.80 48.50 -13.78
N PRO B 80 37.39 49.79 -13.76
CA PRO B 80 37.06 50.43 -12.49
C PRO B 80 35.72 49.92 -11.96
N VAL B 81 35.77 49.06 -10.95
CA VAL B 81 34.57 48.45 -10.40
C VAL B 81 33.92 49.31 -9.33
N LEU B 82 34.74 49.88 -8.45
CA LEU B 82 34.25 50.76 -7.41
C LEU B 82 33.56 51.99 -7.99
N LEU B 83 34.01 52.38 -9.19
CA LEU B 83 33.37 53.47 -9.92
C LEU B 83 31.97 53.06 -10.34
N TRP B 84 31.83 51.81 -10.77
CA TRP B 84 30.53 51.28 -11.22
C TRP B 84 29.59 51.05 -10.05
N LEU B 85 30.09 50.43 -8.99
CA LEU B 85 29.30 50.12 -7.81
C LEU B 85 28.68 51.38 -7.22
N TRP B 86 29.47 52.45 -7.18
CA TRP B 86 29.00 53.74 -6.67
C TRP B 86 27.95 54.37 -7.59
N ASN B 87 28.16 54.26 -8.89
CA ASN B 87 27.23 54.81 -9.87
C ASN B 87 25.84 54.18 -9.77
N SER B 88 25.81 52.88 -9.52
CA SER B 88 24.54 52.17 -9.37
C SER B 88 23.78 52.68 -8.15
N VAL B 89 24.52 53.03 -7.10
CA VAL B 89 23.93 53.58 -5.89
C VAL B 89 23.34 54.96 -6.16
N LYS B 90 24.03 55.73 -6.99
CA LYS B 90 23.56 57.06 -7.40
C LYS B 90 22.26 56.93 -8.17
N VAL B 91 22.21 55.96 -9.08
CA VAL B 91 21.03 55.72 -9.90
C VAL B 91 19.89 55.16 -9.06
N ALA B 92 20.18 54.08 -8.33
CA ALA B 92 19.16 53.40 -7.53
C ALA B 92 18.67 54.24 -6.35
N GLY B 93 19.60 54.92 -5.70
CA GLY B 93 19.29 55.73 -4.53
C GLY B 93 18.28 56.83 -4.82
N ILE B 94 18.38 57.41 -6.01
CA ILE B 94 17.47 58.48 -6.42
C ILE B 94 16.18 57.93 -7.02
N SER B 95 16.32 56.89 -7.85
CA SER B 95 15.18 56.27 -8.51
C SER B 95 14.19 55.66 -7.51
N ALA B 96 14.73 55.11 -6.42
CA ALA B 96 13.91 54.48 -5.39
C ALA B 96 13.02 55.51 -4.72
N ILE B 97 13.58 56.68 -4.45
CA ILE B 97 12.84 57.76 -3.81
C ILE B 97 11.69 58.21 -4.69
N GLY B 98 11.95 58.35 -5.98
CA GLY B 98 10.94 58.75 -6.94
C GLY B 98 9.80 57.76 -7.03
N ILE B 99 10.14 56.48 -7.12
CA ILE B 99 9.12 55.43 -7.18
C ILE B 99 8.27 55.42 -5.92
N VAL B 100 8.92 55.58 -4.76
CA VAL B 100 8.20 55.68 -3.50
C VAL B 100 7.28 56.89 -3.46
N ALA B 101 7.80 58.03 -3.89
CA ALA B 101 7.05 59.29 -3.89
C ALA B 101 5.76 59.21 -4.69
N LEU B 102 5.80 58.52 -5.83
CA LEU B 102 4.63 58.37 -6.69
C LEU B 102 3.70 57.29 -6.16
N SER B 103 4.27 56.17 -5.74
CA SER B 103 3.49 55.01 -5.30
C SER B 103 2.79 55.24 -3.97
N THR B 104 3.37 56.11 -3.14
CA THR B 104 2.83 56.35 -1.80
C THR B 104 1.42 56.95 -1.82
N THR B 105 1.29 58.11 -2.45
CA THR B 105 0.01 58.80 -2.49
C THR B 105 -1.00 58.06 -3.37
N CYS B 106 -0.52 57.52 -4.48
CA CYS B 106 -1.38 56.85 -5.46
C CYS B 106 -2.03 55.57 -4.93
N ALA B 107 -1.30 54.84 -4.08
CA ALA B 107 -1.81 53.58 -3.56
C ALA B 107 -2.90 53.81 -2.51
N TYR B 108 -2.86 54.97 -1.87
CA TYR B 108 -3.80 55.31 -0.82
C TYR B 108 -5.23 55.40 -1.33
N ALA B 109 -5.39 55.91 -2.55
CA ALA B 109 -6.70 56.05 -3.16
C ALA B 109 -7.29 54.70 -3.56
N PHE B 110 -6.43 53.81 -4.03
CA PHE B 110 -6.87 52.50 -4.52
C PHE B 110 -7.40 51.59 -3.42
N ALA B 111 -7.02 51.87 -2.17
CA ALA B 111 -7.38 51.00 -1.05
C ALA B 111 -8.40 51.62 -0.10
N ARG B 112 -8.16 52.86 0.31
CA ARG B 112 -8.96 53.47 1.37
C ARG B 112 -9.79 54.66 0.88
N MET B 113 -10.40 54.53 -0.29
CA MET B 113 -11.20 55.64 -0.83
C MET B 113 -12.21 55.17 -1.88
N ARG B 114 -13.25 55.97 -2.08
CA ARG B 114 -14.31 55.66 -3.04
C ARG B 114 -14.38 56.68 -4.17
N PHE B 115 -14.27 56.19 -5.40
CA PHE B 115 -14.43 57.02 -6.59
C PHE B 115 -14.67 56.13 -7.81
N PRO B 116 -15.52 56.61 -8.75
CA PRO B 116 -15.95 55.79 -9.90
C PRO B 116 -14.81 55.35 -10.80
N GLY B 117 -13.74 56.13 -10.85
CA GLY B 117 -12.59 55.81 -11.69
C GLY B 117 -11.84 54.58 -11.25
N LYS B 118 -11.88 54.30 -9.94
CA LYS B 118 -11.12 53.21 -9.33
C LYS B 118 -11.29 51.88 -10.05
N ALA B 119 -12.49 51.62 -10.55
CA ALA B 119 -12.78 50.38 -11.25
C ALA B 119 -11.97 50.28 -12.54
N THR B 120 -12.10 51.28 -13.40
CA THR B 120 -11.45 51.26 -14.70
C THR B 120 -9.98 51.66 -14.63
N LEU B 121 -9.58 52.29 -13.52
CA LEU B 121 -8.20 52.75 -13.36
C LEU B 121 -7.26 51.58 -13.09
N LEU B 122 -7.60 50.78 -12.07
CA LEU B 122 -6.79 49.62 -11.70
C LEU B 122 -6.65 48.64 -12.87
N LYS B 123 -7.72 48.49 -13.64
CA LYS B 123 -7.71 47.63 -14.81
C LYS B 123 -6.65 48.09 -15.80
N GLY B 124 -6.46 49.40 -15.90
CA GLY B 124 -5.45 49.97 -16.78
C GLY B 124 -4.04 49.82 -16.24
N MET B 125 -3.88 50.02 -14.94
CA MET B 125 -2.55 49.95 -14.31
C MET B 125 -1.91 48.58 -14.48
N LEU B 126 -2.70 47.53 -14.34
CA LEU B 126 -2.19 46.17 -14.48
C LEU B 126 -1.79 45.87 -15.92
N ILE B 127 -2.62 46.33 -16.86
CA ILE B 127 -2.39 46.08 -18.28
C ILE B 127 -1.12 46.76 -18.78
N PHE B 128 -0.99 48.06 -18.52
CA PHE B 128 0.15 48.84 -18.99
C PHE B 128 1.47 48.35 -18.40
N GLN B 129 1.40 47.68 -17.26
CA GLN B 129 2.61 47.14 -16.63
C GLN B 129 3.05 45.85 -17.30
N MET B 130 2.09 45.10 -17.85
CA MET B 130 2.39 43.86 -18.55
C MET B 130 3.31 44.12 -19.74
N PHE B 131 3.08 45.23 -20.42
CA PHE B 131 3.98 45.68 -21.48
C PHE B 131 5.21 46.28 -20.82
N PRO B 132 6.36 45.61 -20.93
CA PRO B 132 7.58 46.06 -20.25
C PRO B 132 8.20 47.28 -20.91
N ALA B 133 9.18 47.88 -20.24
CA ALA B 133 9.87 49.05 -20.77
C ALA B 133 11.06 48.62 -21.62
N VAL B 134 11.10 47.34 -21.96
CA VAL B 134 12.19 46.79 -22.76
C VAL B 134 11.78 46.70 -24.23
N LEU B 135 10.47 46.72 -24.47
CA LEU B 135 9.95 46.64 -25.83
C LEU B 135 9.96 47.99 -26.54
N SER B 136 10.27 49.05 -25.79
CA SER B 136 10.30 50.39 -26.35
C SER B 136 11.68 51.02 -26.22
N LEU B 137 12.72 50.21 -26.29
CA LEU B 137 14.10 50.70 -26.19
C LEU B 137 14.45 51.59 -27.38
N VAL B 138 13.80 51.34 -28.51
CA VAL B 138 14.02 52.13 -29.71
C VAL B 138 13.54 53.56 -29.51
N ALA B 139 12.34 53.69 -28.95
CA ALA B 139 11.74 55.00 -28.73
C ALA B 139 12.43 55.76 -27.61
N LEU B 140 12.89 55.03 -26.60
CA LEU B 140 13.56 55.64 -25.46
C LEU B 140 14.84 56.37 -25.87
N TYR B 141 15.56 55.79 -26.83
CA TYR B 141 16.78 56.41 -27.33
C TYR B 141 16.45 57.72 -28.02
N ALA B 142 15.41 57.71 -28.85
CA ALA B 142 14.98 58.91 -29.56
C ALA B 142 14.30 59.90 -28.61
N LEU B 143 13.66 59.37 -27.56
CA LEU B 143 12.98 60.21 -26.58
C LEU B 143 13.97 61.08 -25.83
N PHE B 144 14.99 60.46 -25.25
CA PHE B 144 15.99 61.20 -24.48
C PHE B 144 16.96 61.95 -25.39
N ASP B 145 16.91 61.65 -26.69
CA ASP B 145 17.71 62.37 -27.68
C ASP B 145 17.18 63.77 -27.90
N ARG B 146 15.89 63.85 -28.24
CA ARG B 146 15.23 65.13 -28.47
C ARG B 146 15.10 65.91 -27.16
N LEU B 147 14.88 65.18 -26.07
CA LEU B 147 14.73 65.78 -24.75
C LEU B 147 16.09 66.19 -24.19
N GLY B 148 17.15 65.59 -24.72
CA GLY B 148 18.49 65.87 -24.27
C GLY B 148 19.00 67.25 -24.62
N GLU B 149 18.77 67.68 -25.85
CA GLU B 149 19.23 68.98 -26.32
C GLU B 149 18.50 70.13 -25.62
N TYR B 150 17.27 69.89 -25.21
CA TYR B 150 16.50 70.89 -24.47
C TYR B 150 16.93 70.95 -23.01
N ILE B 151 16.93 69.78 -22.36
CA ILE B 151 17.33 69.68 -20.96
C ILE B 151 18.50 68.71 -20.81
N PRO B 152 19.73 69.26 -20.73
CA PRO B 152 20.99 68.50 -20.73
C PRO B 152 21.11 67.44 -19.63
N PHE B 153 20.77 67.79 -18.39
CA PHE B 153 21.04 66.91 -17.26
C PHE B 153 20.12 65.68 -17.17
N ILE B 154 19.20 65.54 -18.11
CA ILE B 154 18.34 64.37 -18.17
C ILE B 154 18.23 63.81 -19.59
N GLY B 155 19.32 63.92 -20.34
CA GLY B 155 19.35 63.43 -21.71
C GLY B 155 20.14 62.14 -21.85
N LEU B 156 20.71 61.93 -23.04
CA LEU B 156 21.52 60.74 -23.32
C LEU B 156 22.82 60.76 -22.53
N ASN B 157 23.22 59.58 -22.05
CA ASN B 157 24.46 59.41 -21.29
C ASN B 157 24.53 60.31 -20.06
N THR B 158 23.51 60.23 -19.21
CA THR B 158 23.48 61.00 -17.97
C THR B 158 22.78 60.19 -16.88
N HIS B 159 23.06 60.53 -15.63
CA HIS B 159 22.46 59.84 -14.50
C HIS B 159 20.96 60.10 -14.47
N GLY B 160 20.58 61.36 -14.61
CA GLY B 160 19.18 61.76 -14.61
C GLY B 160 18.39 61.11 -15.73
N GLY B 161 19.07 60.86 -16.85
CA GLY B 161 18.45 60.19 -17.99
C GLY B 161 18.03 58.78 -17.63
N VAL B 162 18.80 58.15 -16.75
CA VAL B 162 18.50 56.81 -16.28
C VAL B 162 17.47 56.87 -15.15
N ILE B 163 17.59 57.91 -14.33
CA ILE B 163 16.69 58.12 -13.19
C ILE B 163 15.24 58.27 -13.63
N PHE B 164 15.00 59.19 -14.56
CA PHE B 164 13.65 59.45 -15.05
C PHE B 164 13.05 58.22 -15.75
N ALA B 165 13.91 57.33 -16.22
CA ALA B 165 13.47 56.14 -16.93
C ALA B 165 12.76 55.14 -16.01
N TYR B 166 13.19 55.08 -14.75
CA TYR B 166 12.67 54.09 -13.81
C TYR B 166 11.40 54.53 -13.10
N LEU B 167 11.08 55.82 -13.18
CA LEU B 167 9.89 56.35 -12.52
C LEU B 167 8.59 55.88 -13.18
N GLY B 168 8.73 55.23 -14.34
CA GLY B 168 7.57 54.72 -15.06
C GLY B 168 6.98 53.46 -14.44
N GLY B 169 7.83 52.45 -14.26
CA GLY B 169 7.38 51.18 -13.72
C GLY B 169 7.15 51.21 -12.23
N ILE B 170 5.94 51.56 -11.83
CA ILE B 170 5.58 51.64 -10.42
C ILE B 170 4.30 50.86 -10.11
N ALA B 171 3.62 50.43 -11.17
CA ALA B 171 2.32 49.77 -11.06
C ALA B 171 2.34 48.58 -10.10
N LEU B 172 3.39 47.77 -10.18
CA LEU B 172 3.53 46.62 -9.30
C LEU B 172 3.89 47.07 -7.89
N HIS B 173 4.70 48.12 -7.79
CA HIS B 173 5.09 48.66 -6.49
C HIS B 173 3.91 49.33 -5.78
N VAL B 174 2.97 49.86 -6.56
CA VAL B 174 1.75 50.43 -6.02
C VAL B 174 0.87 49.35 -5.42
N TRP B 175 0.74 48.23 -6.12
CA TRP B 175 -0.10 47.13 -5.69
C TRP B 175 0.36 46.58 -4.34
N THR B 176 1.67 46.57 -4.11
CA THR B 176 2.25 46.10 -2.87
C THR B 176 1.83 46.98 -1.70
N ILE B 177 1.93 48.29 -1.88
CA ILE B 177 1.54 49.25 -0.85
C ILE B 177 0.02 49.25 -0.67
N LYS B 178 -0.70 49.09 -1.79
CA LYS B 178 -2.16 49.01 -1.78
C LYS B 178 -2.61 47.80 -0.95
N GLY B 179 -1.87 46.71 -1.05
CA GLY B 179 -2.19 45.51 -0.30
C GLY B 179 -2.05 45.72 1.20
N TYR B 180 -1.05 46.49 1.59
CA TYR B 180 -0.80 46.76 3.01
C TYR B 180 -1.84 47.69 3.62
N PHE B 181 -2.30 48.67 2.84
CA PHE B 181 -3.32 49.61 3.30
C PHE B 181 -4.60 48.89 3.72
N GLU B 182 -4.94 47.82 3.02
CA GLU B 182 -6.15 47.06 3.32
C GLU B 182 -6.01 46.21 4.58
N THR B 183 -4.77 45.95 4.99
CA THR B 183 -4.51 45.21 6.22
C THR B 183 -4.94 46.02 7.43
N ILE B 184 -4.79 47.33 7.33
CA ILE B 184 -5.18 48.24 8.40
C ILE B 184 -6.71 48.31 8.46
N ASP B 185 -7.25 48.49 9.67
CA ASP B 185 -8.70 48.56 9.89
C ASP B 185 -9.36 49.63 9.04
N SER B 186 -10.49 49.28 8.44
CA SER B 186 -11.20 50.17 7.51
C SER B 186 -11.85 51.37 8.20
N SER B 187 -12.05 51.27 9.50
CA SER B 187 -12.73 52.32 10.26
C SER B 187 -11.79 53.47 10.62
N LEU B 188 -10.50 53.30 10.31
CA LEU B 188 -9.49 54.29 10.65
C LEU B 188 -9.73 55.65 9.99
N GLU B 189 -10.11 55.62 8.72
CA GLU B 189 -10.34 56.85 7.96
C GLU B 189 -11.62 57.55 8.42
N GLU B 190 -12.66 56.76 8.70
CA GLU B 190 -13.96 57.31 9.07
C GLU B 190 -13.95 57.86 10.49
N ALA B 191 -13.07 57.33 11.33
CA ALA B 191 -12.95 57.77 12.71
C ALA B 191 -12.36 59.17 12.78
N ALA B 192 -11.29 59.40 12.02
CA ALA B 192 -10.62 60.69 12.01
C ALA B 192 -11.50 61.77 11.40
N ALA B 193 -12.40 61.36 10.52
CA ALA B 193 -13.31 62.28 9.86
C ALA B 193 -14.30 62.90 10.85
N LEU B 194 -14.74 62.10 11.81
CA LEU B 194 -15.68 62.56 12.83
C LEU B 194 -15.04 63.56 13.78
N ASP B 195 -13.74 63.41 14.00
CA ASP B 195 -13.01 64.29 14.91
C ASP B 195 -12.75 65.65 14.28
N GLY B 196 -12.94 65.74 12.97
CA GLY B 196 -12.77 66.99 12.25
C GLY B 196 -11.49 67.05 11.44
N ALA B 197 -11.21 65.98 10.70
CA ALA B 197 -10.01 65.91 9.88
C ALA B 197 -10.36 65.59 8.43
N THR B 198 -9.80 66.36 7.51
CA THR B 198 -9.99 66.13 6.08
C THR B 198 -9.24 64.85 5.69
N PRO B 199 -9.64 64.22 4.56
CA PRO B 199 -8.97 63.02 4.07
C PRO B 199 -7.45 63.17 3.98
N TRP B 200 -6.97 64.35 3.55
CA TRP B 200 -5.54 64.61 3.50
C TRP B 200 -4.95 64.75 4.90
N GLN B 201 -5.64 65.49 5.76
CA GLN B 201 -5.19 65.70 7.14
C GLN B 201 -5.14 64.37 7.87
N ALA B 202 -6.08 63.49 7.55
CA ALA B 202 -6.08 62.14 8.10
C ALA B 202 -4.94 61.33 7.51
N PHE B 203 -4.83 61.35 6.18
CA PHE B 203 -3.79 60.62 5.46
C PHE B 203 -2.39 60.96 5.94
N ARG B 204 -2.14 62.24 6.19
CA ARG B 204 -0.82 62.70 6.59
C ARG B 204 -0.47 62.32 8.03
N LEU B 205 -1.46 62.40 8.91
CA LEU B 205 -1.21 62.23 10.34
C LEU B 205 -1.56 60.84 10.88
N VAL B 206 -2.24 60.03 10.08
CA VAL B 206 -2.69 58.72 10.57
C VAL B 206 -2.11 57.53 9.81
N LEU B 207 -2.49 57.37 8.55
CA LEU B 207 -2.13 56.16 7.81
C LEU B 207 -0.68 56.18 7.30
N LEU B 208 -0.16 57.37 7.03
CA LEU B 208 1.22 57.50 6.56
C LEU B 208 2.30 57.02 7.53
N PRO B 209 2.27 57.46 8.80
CA PRO B 209 3.29 56.95 9.72
C PRO B 209 3.11 55.46 10.02
N LEU B 210 1.89 54.97 9.85
CA LEU B 210 1.60 53.56 10.04
C LEU B 210 2.15 52.74 8.87
N SER B 211 2.25 53.38 7.71
CA SER B 211 2.66 52.68 6.51
C SER B 211 4.14 52.88 6.18
N VAL B 212 4.90 53.32 7.18
CA VAL B 212 6.35 53.48 7.03
C VAL B 212 7.10 52.16 6.77
N PRO B 213 6.78 51.08 7.53
CA PRO B 213 7.48 49.82 7.27
C PRO B 213 7.35 49.31 5.83
N ILE B 214 6.16 49.39 5.25
CA ILE B 214 5.96 48.90 3.88
C ILE B 214 6.65 49.80 2.86
N LEU B 215 6.81 51.08 3.20
CA LEU B 215 7.52 52.01 2.33
C LEU B 215 9.00 51.64 2.25
N ALA B 216 9.59 51.35 3.40
CA ALA B 216 10.99 50.98 3.49
C ALA B 216 11.26 49.67 2.74
N VAL B 217 10.28 48.78 2.77
CA VAL B 217 10.39 47.51 2.04
C VAL B 217 10.38 47.78 0.54
N VAL B 218 9.39 48.53 0.08
CA VAL B 218 9.28 48.89 -1.33
C VAL B 218 10.50 49.71 -1.77
N PHE B 219 10.95 50.59 -0.88
CA PHE B 219 12.14 51.40 -1.15
C PHE B 219 13.37 50.54 -1.42
N ILE B 220 13.62 49.58 -0.52
CA ILE B 220 14.76 48.67 -0.66
C ILE B 220 14.57 47.71 -1.84
N LEU B 221 13.34 47.24 -2.02
CA LEU B 221 13.04 46.31 -3.11
C LEU B 221 13.26 47.03 -4.43
N SER B 222 12.81 48.28 -4.51
CA SER B 222 13.05 49.12 -5.68
C SER B 222 14.53 49.43 -5.82
N PHE B 223 15.22 49.58 -4.69
CA PHE B 223 16.64 49.89 -4.68
C PHE B 223 17.42 48.74 -5.32
N ILE B 224 17.12 47.53 -4.91
CA ILE B 224 17.75 46.33 -5.47
C ILE B 224 17.36 46.16 -6.93
N ALA B 225 16.08 46.34 -7.23
CA ALA B 225 15.57 46.21 -8.59
C ALA B 225 16.22 47.21 -9.53
N ALA B 226 16.51 48.41 -9.02
CA ALA B 226 17.14 49.44 -9.82
C ALA B 226 18.58 49.08 -10.17
N ILE B 227 19.27 48.41 -9.24
CA ILE B 227 20.64 47.98 -9.46
C ILE B 227 20.76 46.97 -10.60
N THR B 228 19.79 46.07 -10.71
CA THR B 228 19.83 45.00 -11.71
C THR B 228 19.38 45.44 -13.11
N GLU B 229 18.68 46.57 -13.20
CA GLU B 229 18.21 47.09 -14.47
C GLU B 229 19.31 47.18 -15.53
N VAL B 230 19.18 46.36 -16.56
CA VAL B 230 20.22 46.20 -17.58
C VAL B 230 19.89 46.77 -18.98
N PRO B 231 18.70 46.45 -19.53
CA PRO B 231 18.52 46.86 -20.94
C PRO B 231 18.41 48.38 -21.12
N VAL B 232 17.63 49.05 -20.29
CA VAL B 232 17.49 50.50 -20.36
C VAL B 232 18.80 51.19 -19.98
N ALA B 233 19.50 50.65 -18.98
CA ALA B 233 20.75 51.23 -18.51
C ALA B 233 21.85 51.17 -19.55
N SER B 234 22.02 49.99 -20.16
CA SER B 234 23.05 49.80 -21.19
C SER B 234 22.74 50.63 -22.41
N LEU B 235 21.46 50.70 -22.77
CA LEU B 235 20.99 51.48 -23.90
C LEU B 235 21.28 52.96 -23.67
N LEU B 236 20.92 53.45 -22.49
CA LEU B 236 21.05 54.86 -22.15
C LEU B 236 22.51 55.28 -22.02
N LEU B 237 23.33 54.44 -21.39
CA LEU B 237 24.73 54.78 -21.12
C LEU B 237 25.62 54.58 -22.34
N ARG B 238 26.80 55.18 -22.30
CA ARG B 238 27.77 55.09 -23.40
C ARG B 238 29.21 55.22 -22.90
N ASP B 239 29.45 56.21 -22.03
CA ASP B 239 30.78 56.46 -21.49
C ASP B 239 31.29 55.30 -20.66
N VAL B 240 32.60 55.10 -20.65
CA VAL B 240 33.21 54.01 -19.91
C VAL B 240 33.26 54.33 -18.41
N ASN B 241 33.50 55.60 -18.09
CA ASN B 241 33.58 56.04 -16.71
C ASN B 241 32.23 56.48 -16.13
N SER B 242 31.15 56.10 -16.80
CA SER B 242 29.80 56.46 -16.35
C SER B 242 28.90 55.25 -16.26
N TYR B 243 29.47 54.06 -16.48
CA TYR B 243 28.71 52.82 -16.42
C TYR B 243 28.25 52.49 -15.00
N THR B 244 27.15 51.75 -14.90
CA THR B 244 26.69 51.26 -13.61
C THR B 244 27.24 49.85 -13.40
N LEU B 245 27.01 49.29 -12.23
CA LEU B 245 27.49 47.95 -11.91
C LEU B 245 26.88 46.90 -12.85
N ALA B 246 25.64 47.14 -13.25
CA ALA B 246 24.93 46.20 -14.11
C ALA B 246 25.45 46.18 -15.54
N VAL B 247 25.85 47.34 -16.03
CA VAL B 247 26.30 47.48 -17.41
C VAL B 247 27.76 47.05 -17.55
N GLY B 248 28.58 47.45 -16.58
CA GLY B 248 30.01 47.21 -16.65
C GLY B 248 30.44 45.76 -16.66
N MET B 249 29.66 44.91 -15.99
CA MET B 249 29.99 43.49 -15.88
C MET B 249 29.97 42.77 -17.22
N GLN B 250 29.36 43.38 -18.21
CA GLN B 250 29.29 42.82 -19.55
C GLN B 250 30.65 42.90 -20.26
N GLN B 251 31.48 43.84 -19.82
CA GLN B 251 32.79 44.06 -20.41
C GLN B 251 33.79 42.96 -20.03
N TYR B 252 33.54 42.33 -18.89
CA TYR B 252 34.41 41.27 -18.40
C TYR B 252 34.40 40.04 -19.31
N LEU B 253 33.21 39.64 -19.75
CA LEU B 253 33.07 38.48 -20.61
C LEU B 253 33.17 38.86 -22.08
N ASN B 254 34.37 39.28 -22.49
CA ASN B 254 34.62 39.67 -23.88
C ASN B 254 35.23 38.51 -24.66
N PRO B 255 34.81 38.33 -25.93
CA PRO B 255 35.35 37.29 -26.79
C PRO B 255 36.87 37.38 -26.92
N GLN B 256 37.38 38.56 -27.27
CA GLN B 256 38.82 38.75 -27.40
C GLN B 256 39.50 38.80 -26.04
N ASN B 257 39.23 39.85 -25.27
CA ASN B 257 39.80 39.99 -23.94
C ASN B 257 39.02 39.18 -22.91
N TYR B 258 39.17 37.86 -22.97
CA TYR B 258 38.43 36.95 -22.11
C TYR B 258 38.96 36.96 -20.68
N LEU B 259 38.44 37.89 -19.87
CA LEU B 259 38.83 37.99 -18.47
C LEU B 259 37.79 37.32 -17.57
N TRP B 260 37.91 36.01 -17.42
CA TRP B 260 36.97 35.23 -16.62
C TRP B 260 37.41 35.16 -15.16
N GLY B 261 38.72 35.25 -14.96
CA GLY B 261 39.28 35.19 -13.61
C GLY B 261 38.85 36.36 -12.74
N ASP B 262 38.97 37.58 -13.26
CA ASP B 262 38.66 38.77 -12.47
C ASP B 262 37.15 38.97 -12.31
N PHE B 263 36.36 38.16 -13.02
CA PHE B 263 34.91 38.24 -12.95
C PHE B 263 34.39 37.90 -11.55
N ALA B 264 35.15 37.07 -10.84
CA ALA B 264 34.72 36.53 -9.55
C ALA B 264 34.67 37.56 -8.43
N ALA B 265 35.69 38.40 -8.33
CA ALA B 265 35.72 39.44 -7.32
C ALA B 265 34.61 40.47 -7.53
N ALA B 266 34.38 40.85 -8.79
CA ALA B 266 33.32 41.79 -9.11
C ALA B 266 31.96 41.14 -8.85
N ALA B 267 31.95 39.81 -8.97
CA ALA B 267 30.76 39.00 -8.73
C ALA B 267 30.43 38.95 -7.23
N VAL B 268 31.43 39.24 -6.41
CA VAL B 268 31.29 39.24 -4.96
C VAL B 268 30.99 40.67 -4.52
N MET B 269 31.42 41.63 -5.32
CA MET B 269 31.19 43.04 -5.05
C MET B 269 29.78 43.37 -5.46
N SER B 270 29.22 42.55 -6.33
CA SER B 270 27.83 42.67 -6.73
C SER B 270 26.95 41.93 -5.73
N ALA B 271 27.32 40.69 -5.41
CA ALA B 271 26.51 39.84 -4.54
C ALA B 271 26.55 40.28 -3.07
N LEU B 272 27.73 40.26 -2.46
CA LEU B 272 27.87 40.47 -1.00
C LEU B 272 27.22 41.72 -0.39
N PRO B 273 27.37 42.89 -1.03
CA PRO B 273 26.68 44.06 -0.45
C PRO B 273 25.18 43.88 -0.57
N ILE B 274 24.77 43.28 -1.69
CA ILE B 274 23.36 43.09 -2.01
C ILE B 274 22.81 41.84 -1.34
N THR B 275 23.67 40.86 -1.06
CA THR B 275 23.22 39.58 -0.49
C THR B 275 22.72 39.69 0.95
N ILE B 276 23.30 40.59 1.73
CA ILE B 276 22.85 40.79 3.10
C ILE B 276 21.53 41.56 3.06
N VAL B 277 21.42 42.46 2.09
CA VAL B 277 20.25 43.32 1.96
C VAL B 277 19.01 42.64 1.35
N PHE B 278 19.18 41.85 0.30
CA PHE B 278 18.00 41.28 -0.37
C PHE B 278 17.23 40.24 0.47
N LEU B 279 17.93 39.51 1.32
CA LEU B 279 17.33 38.47 2.13
C LEU B 279 16.64 39.05 3.36
N LEU B 280 17.21 40.10 3.91
CA LEU B 280 16.63 40.79 5.06
C LEU B 280 15.41 41.60 4.64
N ALA B 281 15.44 42.13 3.43
CA ALA B 281 14.32 42.90 2.89
C ALA B 281 13.13 41.99 2.62
N GLN B 282 13.41 40.74 2.29
CA GLN B 282 12.37 39.75 2.03
C GLN B 282 11.83 39.13 3.31
N ARG B 283 12.57 39.25 4.40
CA ARG B 283 12.10 38.83 5.72
C ARG B 283 11.66 40.03 6.57
N TRP B 284 11.68 41.21 5.98
CA TRP B 284 11.30 42.44 6.69
C TRP B 284 9.79 42.54 6.89
N LEU B 285 9.03 42.12 5.88
CA LEU B 285 7.57 42.18 5.94
C LEU B 285 6.99 41.13 6.89
N VAL B 286 6.14 41.57 7.80
CA VAL B 286 5.50 40.65 8.74
C VAL B 286 4.03 41.08 8.92
N ASN B 287 3.65 42.14 8.23
CA ASN B 287 2.30 42.68 8.30
C ASN B 287 1.27 41.78 7.64
N ALA C 2 -30.50 67.62 21.65
CA ALA C 2 -29.95 66.43 21.00
C ALA C 2 -31.06 65.45 20.63
N SER C 3 -32.26 65.98 20.42
CA SER C 3 -33.41 65.14 20.08
C SER C 3 -33.41 64.82 18.58
N VAL C 4 -32.89 63.64 18.24
CA VAL C 4 -32.83 63.22 16.85
C VAL C 4 -34.17 62.60 16.40
N GLN C 5 -34.55 62.87 15.16
CA GLN C 5 -35.79 62.34 14.61
C GLN C 5 -35.71 62.18 13.09
N LEU C 6 -36.22 61.07 12.59
CA LEU C 6 -36.21 60.77 11.17
C LEU C 6 -37.60 60.84 10.55
N GLN C 7 -37.68 61.31 9.32
CA GLN C 7 -38.95 61.45 8.63
C GLN C 7 -38.90 60.87 7.22
N ASN C 8 -39.43 59.66 7.07
CA ASN C 8 -39.48 58.97 5.78
C ASN C 8 -38.12 58.84 5.10
N VAL C 9 -37.10 58.48 5.87
CA VAL C 9 -35.76 58.33 5.35
C VAL C 9 -35.65 57.04 4.54
N THR C 10 -35.18 57.17 3.30
CA THR C 10 -35.03 56.01 2.41
C THR C 10 -33.59 55.92 1.92
N LYS C 11 -33.11 54.70 1.72
CA LYS C 11 -31.77 54.49 1.22
C LYS C 11 -31.75 53.33 0.24
N ALA C 12 -30.96 53.46 -0.83
CA ALA C 12 -30.91 52.44 -1.87
C ALA C 12 -29.59 52.46 -2.62
N TRP C 13 -29.06 51.28 -2.90
CA TRP C 13 -27.84 51.15 -3.68
C TRP C 13 -28.20 50.87 -5.14
N GLY C 14 -28.67 51.89 -5.84
CA GLY C 14 -29.08 51.73 -7.23
C GLY C 14 -30.49 51.20 -7.32
N GLU C 15 -30.62 49.87 -7.31
CA GLU C 15 -31.92 49.21 -7.39
C GLU C 15 -32.28 48.54 -6.07
N VAL C 16 -31.26 48.16 -5.30
CA VAL C 16 -31.46 47.49 -4.03
C VAL C 16 -31.93 48.49 -2.97
N VAL C 17 -33.15 48.32 -2.48
CA VAL C 17 -33.69 49.21 -1.47
C VAL C 17 -33.50 48.60 -0.09
N VAL C 18 -32.43 49.02 0.60
CA VAL C 18 -32.07 48.46 1.91
C VAL C 18 -33.01 48.94 3.01
N SER C 19 -33.46 50.18 2.92
CA SER C 19 -34.30 50.77 3.97
C SER C 19 -35.52 51.49 3.40
N LYS C 20 -36.71 50.94 3.67
CA LYS C 20 -37.95 51.58 3.27
C LYS C 20 -38.15 52.83 4.14
N ASP C 21 -39.05 53.71 3.72
CA ASP C 21 -39.34 54.93 4.48
C ASP C 21 -39.61 54.65 5.96
N ILE C 22 -38.69 55.07 6.82
CA ILE C 22 -38.81 54.83 8.25
C ILE C 22 -38.97 56.12 9.03
N ASN C 23 -39.78 56.06 10.09
CA ASN C 23 -39.98 57.20 10.97
C ASN C 23 -39.59 56.87 12.40
N LEU C 24 -38.81 57.75 13.02
CA LEU C 24 -38.36 57.55 14.39
C LEU C 24 -38.40 58.85 15.17
N ASP C 25 -39.05 58.81 16.34
CA ASP C 25 -39.10 59.98 17.21
C ASP C 25 -38.32 59.70 18.48
N ILE C 26 -37.11 60.25 18.56
CA ILE C 26 -36.24 60.03 19.71
C ILE C 26 -36.10 61.31 20.52
N HIS C 27 -36.54 61.27 21.77
CA HIS C 27 -36.53 62.44 22.63
C HIS C 27 -35.18 62.64 23.30
N GLU C 28 -35.03 63.77 23.99
CA GLU C 28 -33.78 64.08 24.67
C GLU C 28 -33.53 63.13 25.83
N GLY C 29 -32.31 62.62 25.93
CA GLY C 29 -31.93 61.74 27.01
C GLY C 29 -32.64 60.40 26.97
N GLU C 30 -32.98 59.96 25.77
CA GLU C 30 -33.67 58.68 25.61
C GLU C 30 -32.69 57.62 25.10
N PHE C 31 -32.77 56.44 25.68
CA PHE C 31 -31.86 55.36 25.31
C PHE C 31 -32.53 54.43 24.29
N VAL C 32 -32.20 54.62 23.02
CA VAL C 32 -32.80 53.84 21.95
C VAL C 32 -31.82 52.79 21.43
N VAL C 33 -32.31 51.58 21.20
CA VAL C 33 -31.48 50.48 20.73
C VAL C 33 -32.06 49.84 19.47
N PHE C 34 -31.26 49.79 18.41
CA PHE C 34 -31.68 49.11 17.18
C PHE C 34 -31.35 47.63 17.28
N VAL C 35 -32.30 46.79 16.90
CA VAL C 35 -32.11 45.34 16.93
C VAL C 35 -32.65 44.69 15.66
N GLY C 36 -32.12 43.52 15.33
CA GLY C 36 -32.56 42.77 14.18
C GLY C 36 -31.56 41.73 13.76
N PRO C 37 -31.94 40.86 12.81
CA PRO C 37 -31.05 39.82 12.29
C PRO C 37 -29.81 40.41 11.61
N SER C 38 -28.88 39.54 11.20
CA SER C 38 -27.65 39.98 10.57
C SER C 38 -27.92 40.64 9.22
N GLY C 39 -27.78 41.97 9.18
CA GLY C 39 -28.01 42.72 7.96
C GLY C 39 -29.48 42.96 7.69
N CYS C 40 -30.01 44.03 8.28
CA CYS C 40 -31.42 44.37 8.08
C CYS C 40 -31.67 45.86 8.33
N GLY C 41 -30.70 46.69 7.98
CA GLY C 41 -30.84 48.13 8.15
C GLY C 41 -30.13 48.67 9.37
N LYS C 42 -30.19 47.92 10.46
CA LYS C 42 -29.57 48.30 11.73
C LYS C 42 -28.13 48.78 11.60
N SER C 43 -27.37 48.14 10.72
CA SER C 43 -25.98 48.49 10.48
C SER C 43 -25.86 49.82 9.74
N THR C 44 -26.65 49.97 8.68
CA THR C 44 -26.58 51.14 7.83
C THR C 44 -27.25 52.36 8.46
N LEU C 45 -28.32 52.12 9.20
CA LEU C 45 -29.12 53.20 9.78
C LEU C 45 -28.29 54.10 10.69
N LEU C 46 -27.49 53.49 11.56
CA LEU C 46 -26.66 54.25 12.48
C LEU C 46 -25.63 55.09 11.74
N ARG C 47 -25.12 54.54 10.64
CA ARG C 47 -24.11 55.22 9.86
C ARG C 47 -24.69 56.41 9.11
N MET C 48 -25.98 56.33 8.78
CA MET C 48 -26.66 57.42 8.09
C MET C 48 -26.85 58.60 9.01
N ILE C 49 -27.06 58.32 10.30
CA ILE C 49 -27.24 59.36 11.30
C ILE C 49 -25.93 60.10 11.54
N ALA C 50 -24.83 59.35 11.55
CA ALA C 50 -23.52 59.92 11.78
C ALA C 50 -23.06 60.79 10.61
N GLY C 51 -23.46 60.41 9.40
CA GLY C 51 -23.05 61.13 8.20
C GLY C 51 -22.02 60.37 7.40
N LEU C 52 -21.62 59.20 7.91
CA LEU C 52 -20.65 58.36 7.22
C LEU C 52 -21.27 57.73 5.97
N GLU C 53 -22.59 57.70 5.92
CA GLU C 53 -23.30 57.16 4.77
C GLU C 53 -24.29 58.20 4.23
N THR C 54 -24.42 58.26 2.91
CA THR C 54 -25.30 59.24 2.28
C THR C 54 -26.78 58.87 2.39
N ILE C 55 -27.64 59.89 2.36
CA ILE C 55 -29.07 59.67 2.44
C ILE C 55 -29.73 59.87 1.08
N THR C 56 -30.51 58.89 0.64
CA THR C 56 -31.17 58.97 -0.66
C THR C 56 -32.35 59.93 -0.64
N SER C 57 -33.24 59.76 0.34
CA SER C 57 -34.40 60.62 0.49
C SER C 57 -34.83 60.75 1.95
N GLY C 58 -35.65 61.74 2.24
CA GLY C 58 -36.11 61.98 3.60
C GLY C 58 -35.37 63.12 4.28
N ASP C 59 -35.43 63.15 5.60
CA ASP C 59 -34.79 64.22 6.38
C ASP C 59 -34.23 63.69 7.70
N LEU C 60 -33.18 64.33 8.19
CA LEU C 60 -32.57 63.96 9.45
C LEU C 60 -32.46 65.19 10.35
N PHE C 61 -33.14 65.16 11.49
CA PHE C 61 -33.17 66.29 12.41
C PHE C 61 -32.47 65.99 13.72
N ILE C 62 -31.20 66.39 13.84
CA ILE C 62 -30.48 66.23 15.10
C ILE C 62 -30.59 67.52 15.92
N GLY C 63 -31.57 67.54 16.82
CA GLY C 63 -31.84 68.72 17.63
C GLY C 63 -32.56 69.80 16.84
N GLU C 64 -33.58 69.39 16.08
CA GLU C 64 -34.39 70.29 15.28
C GLU C 64 -33.59 71.13 14.28
N LYS C 65 -32.93 70.44 13.35
CA LYS C 65 -32.15 71.08 12.29
C LYS C 65 -31.81 70.03 11.24
N ARG C 66 -31.95 70.39 9.97
CA ARG C 66 -31.70 69.45 8.87
C ARG C 66 -30.20 69.17 8.74
N MET C 67 -29.83 67.90 8.88
CA MET C 67 -28.42 67.50 8.88
C MET C 67 -28.04 66.57 7.72
N ASN C 68 -28.91 66.47 6.72
CA ASN C 68 -28.66 65.57 5.59
C ASN C 68 -27.41 65.97 4.79
N ASP C 69 -27.28 67.26 4.51
CA ASP C 69 -26.14 67.76 3.75
C ASP C 69 -24.99 68.17 4.66
N THR C 70 -25.22 68.13 5.96
CA THR C 70 -24.21 68.51 6.94
C THR C 70 -23.14 67.43 7.07
N PRO C 71 -21.86 67.82 6.99
CA PRO C 71 -20.75 66.88 7.14
C PRO C 71 -20.71 66.28 8.55
N PRO C 72 -20.14 65.07 8.68
CA PRO C 72 -20.13 64.31 9.94
C PRO C 72 -19.49 65.07 11.11
N ALA C 73 -18.41 65.79 10.84
CA ALA C 73 -17.66 66.46 11.90
C ALA C 73 -18.47 67.55 12.58
N GLU C 74 -19.20 68.33 11.79
CA GLU C 74 -19.92 69.49 12.31
C GLU C 74 -21.34 69.15 12.76
N ARG C 75 -21.64 67.86 12.90
CA ARG C 75 -22.96 67.43 13.35
C ARG C 75 -23.02 67.39 14.87
N GLY C 76 -21.85 67.36 15.51
CA GLY C 76 -21.79 67.33 16.96
C GLY C 76 -22.26 66.00 17.53
N VAL C 77 -21.66 64.91 17.04
CA VAL C 77 -22.06 63.57 17.46
C VAL C 77 -20.87 62.61 17.42
N GLY C 78 -20.70 61.83 18.48
CA GLY C 78 -19.62 60.86 18.56
C GLY C 78 -20.08 59.46 18.25
N MET C 79 -19.14 58.55 18.04
CA MET C 79 -19.46 57.18 17.67
C MET C 79 -18.35 56.21 18.06
N VAL C 80 -18.74 55.00 18.47
CA VAL C 80 -17.79 53.93 18.73
C VAL C 80 -18.06 52.74 17.81
N PHE C 81 -17.04 52.37 17.03
CA PHE C 81 -17.18 51.35 16.01
C PHE C 81 -17.01 49.96 16.59
N GLN C 82 -17.30 48.94 15.77
CA GLN C 82 -17.14 47.56 16.19
C GLN C 82 -15.66 47.22 16.34
N SER C 83 -14.86 47.72 15.41
CA SER C 83 -13.42 47.51 15.44
C SER C 83 -12.71 48.53 16.33
N TYR C 84 -13.51 49.36 17.01
CA TYR C 84 -13.02 50.37 17.96
C TYR C 84 -12.26 51.54 17.31
N ALA C 85 -11.67 51.30 16.14
CA ALA C 85 -10.99 52.34 15.36
C ALA C 85 -9.89 53.07 16.13
N LEU C 86 -9.07 52.33 16.84
CA LEU C 86 -7.95 52.92 17.59
C LEU C 86 -6.73 53.13 16.69
N TYR C 87 -6.02 54.23 16.89
CA TYR C 87 -4.83 54.54 16.10
C TYR C 87 -3.62 53.85 16.72
N PRO C 88 -3.04 52.89 15.98
CA PRO C 88 -1.91 52.08 16.48
C PRO C 88 -0.65 52.89 16.77
N HIS C 89 -0.42 53.97 16.05
CA HIS C 89 0.81 54.75 16.18
C HIS C 89 0.66 55.90 17.18
N LEU C 90 -0.41 55.87 17.96
CA LEU C 90 -0.62 56.87 18.99
C LEU C 90 -0.92 56.22 20.33
N SER C 91 -0.68 56.94 21.42
CA SER C 91 -0.94 56.42 22.75
C SER C 91 -2.44 56.44 23.04
N VAL C 92 -2.82 55.89 24.18
CA VAL C 92 -4.22 55.86 24.59
C VAL C 92 -4.72 57.27 24.85
N ALA C 93 -3.88 58.08 25.50
CA ALA C 93 -4.22 59.47 25.79
C ALA C 93 -4.40 60.26 24.51
N GLU C 94 -3.58 59.97 23.51
CA GLU C 94 -3.66 60.64 22.22
C GLU C 94 -4.88 60.20 21.43
N ASN C 95 -5.22 58.91 21.54
CA ASN C 95 -6.38 58.34 20.85
C ASN C 95 -7.69 58.95 21.33
N MET C 96 -7.78 59.22 22.63
CA MET C 96 -8.96 59.82 23.23
C MET C 96 -9.01 61.32 22.96
N SER C 97 -7.83 61.93 22.83
CA SER C 97 -7.72 63.37 22.67
C SER C 97 -7.41 63.79 21.23
N PHE C 98 -7.53 62.83 20.30
CA PHE C 98 -7.25 63.10 18.90
C PHE C 98 -8.22 64.13 18.32
N GLY C 99 -9.42 64.18 18.87
CA GLY C 99 -10.42 65.14 18.42
C GLY C 99 -10.05 66.56 18.77
N LEU C 100 -9.59 66.76 20.01
CA LEU C 100 -9.25 68.10 20.49
C LEU C 100 -7.87 68.54 20.05
N LYS C 101 -6.98 67.59 19.78
CA LYS C 101 -5.61 67.91 19.41
C LYS C 101 -5.54 68.67 18.10
N LEU C 102 -6.44 68.32 17.17
CA LEU C 102 -6.52 69.01 15.90
C LEU C 102 -7.66 70.02 15.91
N ALA C 103 -7.60 70.98 14.99
CA ALA C 103 -8.61 72.05 14.89
C ALA C 103 -8.89 72.74 16.22
N GLY C 104 -8.01 73.67 16.60
CA GLY C 104 -8.15 74.36 17.86
C GLY C 104 -7.70 73.48 19.03
N ALA C 105 -6.43 73.63 19.41
CA ALA C 105 -5.85 72.81 20.45
C ALA C 105 -5.65 73.57 21.76
N LYS C 106 -5.90 72.88 22.88
CA LYS C 106 -5.66 73.45 24.20
C LYS C 106 -4.98 72.42 25.08
N LYS C 107 -3.66 72.53 25.21
CA LYS C 107 -2.85 71.56 25.96
C LYS C 107 -3.33 71.41 27.41
N GLU C 108 -3.72 72.52 28.02
CA GLU C 108 -4.17 72.52 29.41
C GLU C 108 -5.52 71.81 29.56
N VAL C 109 -6.40 72.00 28.58
CA VAL C 109 -7.72 71.39 28.62
C VAL C 109 -7.67 69.90 28.27
N ILE C 110 -6.84 69.56 27.29
CA ILE C 110 -6.67 68.18 26.84
C ILE C 110 -6.25 67.26 27.99
N ASN C 111 -5.19 67.65 28.69
CA ASN C 111 -4.70 66.86 29.82
C ASN C 111 -5.73 66.77 30.94
N GLN C 112 -6.57 67.78 31.05
CA GLN C 112 -7.64 67.79 32.04
C GLN C 112 -8.80 66.87 31.61
N ARG C 113 -9.21 67.00 30.35
CA ARG C 113 -10.32 66.20 29.84
C ARG C 113 -10.00 64.71 29.83
N VAL C 114 -8.78 64.36 29.43
CA VAL C 114 -8.34 62.97 29.36
C VAL C 114 -8.34 62.28 30.72
N ASN C 115 -7.80 62.97 31.73
CA ASN C 115 -7.71 62.41 33.08
C ASN C 115 -9.06 62.11 33.72
N GLN C 116 -10.01 63.04 33.56
CA GLN C 116 -11.35 62.86 34.12
C GLN C 116 -12.02 61.58 33.62
N VAL C 117 -11.79 61.27 32.35
CA VAL C 117 -12.37 60.07 31.74
C VAL C 117 -11.54 58.84 32.07
N ALA C 118 -10.22 58.98 32.03
CA ALA C 118 -9.32 57.85 32.31
C ALA C 118 -9.42 57.38 33.75
N GLU C 119 -9.82 58.27 34.65
CA GLU C 119 -9.99 57.93 36.06
C GLU C 119 -11.14 56.95 36.28
N VAL C 120 -12.31 57.29 35.73
CA VAL C 120 -13.51 56.47 35.93
C VAL C 120 -13.47 55.16 35.14
N LEU C 121 -12.73 55.16 34.04
CA LEU C 121 -12.60 53.96 33.21
C LEU C 121 -11.36 53.15 33.57
N GLN C 122 -10.62 53.65 34.56
CA GLN C 122 -9.38 53.00 35.02
C GLN C 122 -8.36 52.81 33.90
N LEU C 123 -8.05 53.90 33.21
CA LEU C 123 -7.09 53.85 32.10
C LEU C 123 -5.98 54.87 32.29
N ALA C 124 -5.93 55.50 33.48
CA ALA C 124 -4.95 56.53 33.75
C ALA C 124 -3.55 55.93 33.85
N HIS C 125 -3.48 54.68 34.28
CA HIS C 125 -2.21 53.98 34.43
C HIS C 125 -1.71 53.50 33.07
N LEU C 126 -2.60 53.53 32.08
CA LEU C 126 -2.25 53.09 30.73
C LEU C 126 -2.42 54.21 29.71
N LEU C 127 -2.07 55.43 30.09
CA LEU C 127 -2.17 56.56 29.18
C LEU C 127 -1.07 56.51 28.12
N ASP C 128 0.14 56.21 28.55
CA ASP C 128 1.27 56.11 27.64
C ASP C 128 1.52 54.67 27.18
N ARG C 129 0.50 54.08 26.55
CA ARG C 129 0.60 52.72 26.06
C ARG C 129 0.13 52.65 24.61
N LYS C 130 0.57 51.61 23.91
CA LYS C 130 0.14 51.39 22.54
C LYS C 130 -1.04 50.43 22.55
N PRO C 131 -2.07 50.71 21.75
CA PRO C 131 -3.31 49.93 21.69
C PRO C 131 -3.09 48.43 21.52
N LYS C 132 -1.96 48.06 20.92
CA LYS C 132 -1.63 46.65 20.71
C LYS C 132 -1.12 45.99 21.98
N ALA C 133 -0.80 46.79 22.99
CA ALA C 133 -0.31 46.28 24.26
C ALA C 133 -1.47 46.08 25.25
N LEU C 134 -2.67 46.46 24.83
CA LEU C 134 -3.85 46.34 25.66
C LEU C 134 -4.63 45.08 25.32
N SER C 135 -5.47 44.63 26.25
CA SER C 135 -6.29 43.45 26.02
C SER C 135 -7.54 43.83 25.24
N GLY C 136 -8.33 42.84 24.85
CA GLY C 136 -9.54 43.06 24.09
C GLY C 136 -10.55 43.89 24.86
N GLY C 137 -10.65 43.65 26.16
CA GLY C 137 -11.57 44.39 27.01
C GLY C 137 -11.12 45.81 27.25
N GLN C 138 -9.81 45.99 27.39
CA GLN C 138 -9.25 47.31 27.63
C GLN C 138 -9.40 48.24 26.43
N ARG C 139 -9.22 47.68 25.23
CA ARG C 139 -9.32 48.46 24.00
C ARG C 139 -10.72 49.04 23.78
N GLN C 140 -11.74 48.36 24.27
CA GLN C 140 -13.11 48.85 24.18
C GLN C 140 -13.25 50.10 25.04
N ARG C 141 -12.66 50.06 26.23
CA ARG C 141 -12.74 51.15 27.18
C ARG C 141 -12.09 52.40 26.61
N VAL C 142 -11.09 52.20 25.76
CA VAL C 142 -10.39 53.29 25.10
C VAL C 142 -11.31 53.94 24.07
N ALA C 143 -12.05 53.11 23.34
CA ALA C 143 -12.98 53.58 22.33
C ALA C 143 -14.08 54.45 22.96
N ILE C 144 -14.70 53.92 24.01
CA ILE C 144 -15.75 54.66 24.71
C ILE C 144 -15.19 55.95 25.30
N GLY C 145 -13.96 55.86 25.82
CA GLY C 145 -13.30 57.01 26.40
C GLY C 145 -13.10 58.15 25.40
N ARG C 146 -12.86 57.78 24.14
CA ARG C 146 -12.66 58.74 23.07
C ARG C 146 -13.85 59.70 22.94
N THR C 147 -15.05 59.11 22.86
CA THR C 147 -16.27 59.89 22.71
C THR C 147 -16.59 60.74 23.94
N LEU C 148 -16.27 60.21 25.12
CA LEU C 148 -16.54 60.91 26.36
C LEU C 148 -15.71 62.20 26.48
N VAL C 149 -14.56 62.21 25.83
CA VAL C 149 -13.69 63.38 25.82
C VAL C 149 -14.32 64.49 24.97
N ALA C 150 -14.80 64.12 23.78
CA ALA C 150 -15.40 65.08 22.86
C ALA C 150 -16.69 65.66 23.42
N GLU C 151 -17.39 64.90 24.25
CA GLU C 151 -18.65 65.31 24.85
C GLU C 151 -19.67 65.73 23.79
N PRO C 152 -20.17 64.75 23.02
CA PRO C 152 -21.09 65.07 21.93
C PRO C 152 -22.55 65.13 22.38
N SER C 153 -23.42 65.56 21.48
CA SER C 153 -24.85 65.67 21.78
C SER C 153 -25.50 64.29 21.83
N VAL C 154 -25.09 63.43 20.90
CA VAL C 154 -25.64 62.09 20.82
C VAL C 154 -24.49 61.07 20.78
N PHE C 155 -24.69 59.93 21.43
CA PHE C 155 -23.71 58.85 21.41
C PHE C 155 -24.19 57.75 20.47
N LEU C 156 -23.30 57.26 19.61
CA LEU C 156 -23.65 56.19 18.68
C LEU C 156 -22.81 54.95 18.91
N LEU C 157 -23.42 53.93 19.51
CA LEU C 157 -22.72 52.68 19.80
C LEU C 157 -23.07 51.60 18.78
N ASP C 158 -22.11 51.22 17.96
CA ASP C 158 -22.34 50.19 16.94
C ASP C 158 -21.82 48.83 17.40
N GLU C 159 -22.60 48.18 18.26
CA GLU C 159 -22.28 46.85 18.76
C GLU C 159 -20.88 46.75 19.38
N PRO C 160 -20.67 47.43 20.52
CA PRO C 160 -19.35 47.42 21.17
C PRO C 160 -19.10 46.12 21.92
N LEU C 161 -20.15 45.51 22.45
CA LEU C 161 -20.03 44.29 23.26
C LEU C 161 -20.08 43.04 22.38
N SER C 162 -19.26 43.01 21.34
CA SER C 162 -19.22 41.88 20.43
C SER C 162 -17.84 41.23 20.38
N ASN C 163 -16.86 41.89 20.99
CA ASN C 163 -15.49 41.39 20.99
C ASN C 163 -15.08 40.76 22.32
N LEU C 164 -15.91 40.93 23.33
CA LEU C 164 -15.60 40.45 24.67
C LEU C 164 -15.98 38.98 24.84
N ASP C 165 -15.58 38.39 25.97
CA ASP C 165 -15.90 36.99 26.25
C ASP C 165 -17.37 36.84 26.65
N ALA C 166 -17.81 35.60 26.82
CA ALA C 166 -19.20 35.31 27.12
C ALA C 166 -19.67 35.92 28.45
N ALA C 167 -19.05 35.49 29.55
CA ALA C 167 -19.44 35.96 30.87
C ALA C 167 -19.12 37.43 31.06
N LEU C 168 -18.04 37.88 30.41
CA LEU C 168 -17.62 39.28 30.50
C LEU C 168 -18.61 40.20 29.81
N ARG C 169 -19.18 39.73 28.70
CA ARG C 169 -20.14 40.50 27.92
C ARG C 169 -21.39 40.78 28.74
N VAL C 170 -21.88 39.76 29.44
CA VAL C 170 -23.11 39.86 30.22
C VAL C 170 -22.95 40.87 31.36
N GLN C 171 -21.80 40.83 32.02
CA GLN C 171 -21.55 41.67 33.18
C GLN C 171 -21.30 43.13 32.80
N MET C 172 -20.71 43.33 31.62
CA MET C 172 -20.40 44.68 31.16
C MET C 172 -21.63 45.43 30.67
N ARG C 173 -22.77 44.74 30.56
CA ARG C 173 -24.00 45.39 30.13
C ARG C 173 -24.49 46.35 31.19
N ILE C 174 -24.10 46.12 32.43
CA ILE C 174 -24.51 46.96 33.54
C ILE C 174 -23.77 48.29 33.49
N GLU C 175 -22.54 48.26 33.00
CA GLU C 175 -21.73 49.46 32.88
C GLU C 175 -22.39 50.49 31.98
N ILE C 176 -23.04 50.01 30.93
CA ILE C 176 -23.73 50.89 29.99
C ILE C 176 -24.92 51.56 30.67
N SER C 177 -25.62 50.82 31.51
CA SER C 177 -26.75 51.38 32.25
C SER C 177 -26.29 52.48 33.20
N ARG C 178 -25.20 52.21 33.93
CA ARG C 178 -24.64 53.19 34.83
C ARG C 178 -24.02 54.36 34.06
N LEU C 179 -23.53 54.06 32.86
CA LEU C 179 -22.93 55.08 32.01
C LEU C 179 -24.01 56.04 31.51
N HIS C 180 -25.21 55.52 31.30
CA HIS C 180 -26.30 56.31 30.74
C HIS C 180 -26.85 57.33 31.74
N LYS C 181 -27.41 56.84 32.84
CA LYS C 181 -28.07 57.70 33.82
C LYS C 181 -27.14 58.69 34.50
N ARG C 182 -25.86 58.33 34.61
CA ARG C 182 -24.89 59.22 35.23
C ARG C 182 -24.60 60.41 34.32
N LEU C 183 -24.41 60.14 33.04
CA LEU C 183 -24.20 61.20 32.05
C LEU C 183 -25.52 61.87 31.71
N GLY C 184 -26.51 61.07 31.36
CA GLY C 184 -27.84 61.58 31.04
C GLY C 184 -27.86 62.28 29.70
N ARG C 185 -27.81 61.50 28.62
CA ARG C 185 -27.83 62.06 27.27
C ARG C 185 -28.24 60.99 26.26
N THR C 186 -28.64 61.44 25.07
CA THR C 186 -29.14 60.54 24.02
C THR C 186 -28.07 59.56 23.55
N MET C 187 -28.45 58.29 23.48
CA MET C 187 -27.55 57.23 23.00
C MET C 187 -28.27 56.27 22.05
N ILE C 188 -27.66 56.02 20.90
CA ILE C 188 -28.23 55.09 19.93
C ILE C 188 -27.40 53.81 19.85
N TYR C 189 -27.78 52.82 20.65
CA TYR C 189 -27.08 51.55 20.71
C TYR C 189 -27.55 50.62 19.60
N VAL C 190 -26.68 49.70 19.18
CA VAL C 190 -27.01 48.73 18.14
C VAL C 190 -26.50 47.34 18.56
N THR C 191 -27.33 46.32 18.40
CA THR C 191 -26.94 44.96 18.79
C THR C 191 -27.76 43.90 18.06
N HIS C 192 -27.23 42.68 18.03
CA HIS C 192 -27.91 41.56 17.39
C HIS C 192 -28.60 40.65 18.41
N ASP C 193 -28.16 40.74 19.66
CA ASP C 193 -28.76 39.95 20.73
C ASP C 193 -29.97 40.67 21.32
N GLN C 194 -31.12 39.99 21.33
CA GLN C 194 -32.37 40.59 21.78
C GLN C 194 -32.39 40.91 23.27
N VAL C 195 -31.62 40.16 24.05
CA VAL C 195 -31.58 40.36 25.50
C VAL C 195 -30.91 41.68 25.84
N GLU C 196 -29.89 42.06 25.07
CA GLU C 196 -29.13 43.27 25.32
C GLU C 196 -29.98 44.53 25.25
N ALA C 197 -30.98 44.50 24.39
CA ALA C 197 -31.87 45.66 24.22
C ALA C 197 -32.87 45.75 25.37
N MET C 198 -33.44 44.60 25.74
CA MET C 198 -34.46 44.55 26.77
C MET C 198 -33.96 45.06 28.11
N THR C 199 -32.71 44.73 28.43
CA THR C 199 -32.11 45.11 29.70
C THR C 199 -31.62 46.55 29.72
N LEU C 200 -31.37 47.12 28.55
CA LEU C 200 -30.77 48.45 28.44
C LEU C 200 -31.75 49.53 28.00
N ALA C 201 -32.43 49.28 26.87
CA ALA C 201 -33.19 50.33 26.19
C ALA C 201 -34.41 50.83 26.94
N ASP C 202 -34.74 52.10 26.70
CA ASP C 202 -36.00 52.66 27.14
C ASP C 202 -37.00 52.53 26.00
N LYS C 203 -36.49 52.58 24.78
CA LYS C 203 -37.31 52.47 23.58
C LYS C 203 -36.59 51.65 22.52
N ILE C 204 -37.09 50.44 22.26
CA ILE C 204 -36.46 49.53 21.30
C ILE C 204 -37.06 49.71 19.92
N VAL C 205 -36.21 49.66 18.89
CA VAL C 205 -36.68 49.73 17.50
C VAL C 205 -36.28 48.45 16.76
N VAL C 206 -37.24 47.54 16.63
CA VAL C 206 -37.00 46.28 15.95
C VAL C 206 -37.07 46.44 14.44
N LEU C 207 -36.00 46.09 13.74
CA LEU C 207 -35.94 46.23 12.29
C LEU C 207 -36.01 44.88 11.59
N ASP C 208 -36.67 44.86 10.43
CA ASP C 208 -36.79 43.65 9.63
C ASP C 208 -36.65 43.98 8.16
N ALA C 209 -35.51 43.60 7.59
CA ALA C 209 -35.20 43.89 6.18
C ALA C 209 -35.31 45.38 5.87
N GLY C 210 -34.93 46.22 6.83
CA GLY C 210 -35.00 47.66 6.65
C GLY C 210 -36.29 48.24 7.22
N ARG C 211 -37.40 47.57 6.95
CA ARG C 211 -38.70 47.99 7.43
C ARG C 211 -38.77 47.99 8.95
N VAL C 212 -39.34 49.04 9.52
CA VAL C 212 -39.57 49.09 10.96
C VAL C 212 -40.73 48.17 11.30
N ALA C 213 -40.44 47.13 12.08
CA ALA C 213 -41.47 46.19 12.52
C ALA C 213 -42.30 46.80 13.63
N GLN C 214 -41.62 47.32 14.66
CA GLN C 214 -42.30 47.92 15.80
C GLN C 214 -41.34 48.82 16.60
N VAL C 215 -41.89 49.86 17.23
CA VAL C 215 -41.11 50.74 18.08
C VAL C 215 -41.84 50.95 19.41
N GLY C 216 -41.12 50.79 20.52
CA GLY C 216 -41.71 51.00 21.83
C GLY C 216 -40.85 50.52 22.98
N LYS C 217 -41.40 50.56 24.19
CA LYS C 217 -40.69 50.10 25.38
C LYS C 217 -40.47 48.59 25.30
N PRO C 218 -39.41 48.10 25.96
CA PRO C 218 -39.06 46.67 25.92
C PRO C 218 -40.19 45.75 26.38
N LEU C 219 -40.93 46.15 27.40
CA LEU C 219 -42.02 45.34 27.91
C LEU C 219 -43.20 45.33 26.95
N GLU C 220 -43.37 46.42 26.20
CA GLU C 220 -44.47 46.52 25.25
C GLU C 220 -44.31 45.53 24.10
N LEU C 221 -43.06 45.35 23.68
CA LEU C 221 -42.75 44.44 22.58
C LEU C 221 -42.94 42.99 23.02
N TYR C 222 -42.72 42.73 24.30
CA TYR C 222 -42.84 41.38 24.84
C TYR C 222 -44.30 40.97 24.95
N HIS C 223 -45.14 41.88 25.44
CA HIS C 223 -46.55 41.59 25.64
C HIS C 223 -47.40 41.89 24.41
N TYR C 224 -47.13 43.00 23.74
CA TYR C 224 -47.95 43.44 22.60
C TYR C 224 -47.11 43.65 21.35
N PRO C 225 -46.77 42.55 20.65
CA PRO C 225 -46.00 42.59 19.40
C PRO C 225 -46.83 43.16 18.24
N ALA C 226 -46.14 43.62 17.20
CA ALA C 226 -46.82 44.17 16.03
C ALA C 226 -47.13 43.10 15.01
N ASP C 227 -46.22 42.13 14.87
CA ASP C 227 -46.38 41.05 13.90
C ASP C 227 -45.69 39.77 14.36
N ARG C 228 -45.78 38.73 13.53
CA ARG C 228 -45.19 37.44 13.86
C ARG C 228 -43.66 37.50 13.99
N PHE C 229 -43.07 38.53 13.41
CA PHE C 229 -41.62 38.70 13.44
C PHE C 229 -41.13 39.08 14.83
N VAL C 230 -41.68 40.17 15.37
CA VAL C 230 -41.25 40.66 16.69
C VAL C 230 -41.56 39.65 17.78
N ALA C 231 -42.74 39.04 17.70
CA ALA C 231 -43.15 38.05 18.68
C ALA C 231 -42.21 36.85 18.68
N GLY C 232 -41.76 36.45 17.49
CA GLY C 232 -40.85 35.34 17.35
C GLY C 232 -39.41 35.73 17.67
N PHE C 233 -39.09 37.00 17.46
CA PHE C 233 -37.72 37.50 17.67
C PHE C 233 -37.35 37.70 19.14
N ILE C 234 -38.26 38.31 19.90
CA ILE C 234 -37.99 38.64 21.30
C ILE C 234 -38.38 37.53 22.27
N GLY C 235 -37.55 37.32 23.28
CA GLY C 235 -37.75 36.28 24.27
C GLY C 235 -36.66 35.24 24.21
N SER C 236 -36.32 34.66 25.36
CA SER C 236 -35.25 33.67 25.42
C SER C 236 -35.58 32.37 24.66
N PRO C 237 -36.75 31.77 24.91
CA PRO C 237 -37.12 30.69 24.00
C PRO C 237 -38.06 31.19 22.91
N LYS C 238 -38.24 30.40 21.87
CA LYS C 238 -39.12 30.79 20.77
C LYS C 238 -40.57 30.63 21.19
N MET C 239 -41.41 31.57 20.77
CA MET C 239 -42.83 31.52 21.09
C MET C 239 -43.48 30.35 20.35
N ASN C 240 -44.43 29.69 21.00
CA ASN C 240 -45.12 28.58 20.37
C ASN C 240 -46.15 29.07 19.36
N PHE C 241 -46.00 28.64 18.12
CA PHE C 241 -46.92 29.04 17.06
C PHE C 241 -47.93 27.94 16.76
N LEU C 242 -49.21 28.29 16.73
CA LEU C 242 -50.27 27.34 16.40
C LEU C 242 -51.11 27.84 15.23
N PRO C 243 -51.17 27.04 14.15
CA PRO C 243 -51.91 27.39 12.93
C PRO C 243 -53.42 27.22 13.11
N VAL C 244 -54.04 28.11 13.87
CA VAL C 244 -55.49 28.01 14.11
C VAL C 244 -56.32 28.42 12.90
N LYS C 245 -57.63 28.50 13.10
CA LYS C 245 -58.55 28.91 12.06
C LYS C 245 -59.77 29.57 12.70
N VAL C 246 -60.17 30.72 12.16
CA VAL C 246 -61.27 31.49 12.75
C VAL C 246 -62.62 30.85 12.46
N THR C 247 -63.42 30.68 13.51
CA THR C 247 -64.75 30.10 13.39
C THR C 247 -65.84 31.15 13.53
N ALA C 248 -65.69 32.02 14.53
CA ALA C 248 -66.68 33.06 14.79
C ALA C 248 -66.05 34.26 15.49
N THR C 249 -66.66 35.42 15.34
CA THR C 249 -66.20 36.63 16.00
C THR C 249 -67.28 37.16 16.93
N ALA C 250 -66.95 38.18 17.70
CA ALA C 250 -67.90 38.76 18.65
C ALA C 250 -67.65 40.25 18.86
N ILE C 251 -68.25 40.80 19.90
CA ILE C 251 -68.12 42.22 20.22
C ILE C 251 -66.66 42.64 20.45
N ASP C 252 -65.90 41.82 21.17
CA ASP C 252 -64.51 42.12 21.45
C ASP C 252 -63.70 40.87 21.78
N GLN C 253 -63.89 39.81 20.99
CA GLN C 253 -63.15 38.56 21.17
C GLN C 253 -63.28 37.67 19.94
N VAL C 254 -62.21 36.94 19.63
CA VAL C 254 -62.20 36.07 18.45
C VAL C 254 -62.09 34.60 18.86
N GLN C 255 -63.03 33.80 18.35
CA GLN C 255 -63.00 32.37 18.58
C GLN C 255 -62.21 31.69 17.47
N VAL C 256 -61.31 30.80 17.85
CA VAL C 256 -60.47 30.10 16.86
C VAL C 256 -60.50 28.60 17.05
N GLU C 257 -60.29 27.88 15.96
CA GLU C 257 -60.26 26.43 15.99
C GLU C 257 -58.84 25.91 15.75
N LEU C 258 -58.36 25.06 16.65
CA LEU C 258 -57.05 24.47 16.52
C LEU C 258 -57.00 23.56 15.30
N PRO C 259 -55.82 23.44 14.66
CA PRO C 259 -55.69 22.64 13.44
C PRO C 259 -55.63 21.16 13.77
N MET C 260 -55.86 20.83 15.03
CA MET C 260 -55.82 19.45 15.51
C MET C 260 -57.06 18.71 15.04
N PRO C 261 -56.93 17.38 14.85
CA PRO C 261 -58.06 16.50 14.56
C PRO C 261 -59.21 16.62 15.57
N ASN C 262 -58.89 16.89 16.84
CA ASN C 262 -59.92 17.10 17.84
C ASN C 262 -60.47 18.54 17.86
N ARG C 263 -60.29 19.25 16.75
CA ARG C 263 -60.72 20.64 16.55
C ARG C 263 -61.43 21.36 17.72
N GLN C 264 -60.68 21.64 18.78
CA GLN C 264 -61.25 22.28 19.96
C GLN C 264 -61.43 23.78 19.71
N GLN C 265 -62.41 24.37 20.38
CA GLN C 265 -62.71 25.78 20.21
C GLN C 265 -62.32 26.57 21.46
N VAL C 266 -61.82 27.78 21.26
CA VAL C 266 -61.38 28.62 22.38
C VAL C 266 -61.60 30.11 22.09
N TRP C 267 -62.13 30.83 23.07
CA TRP C 267 -62.39 32.25 22.91
C TRP C 267 -61.19 33.09 23.35
N LEU C 268 -60.54 33.73 22.39
CA LEU C 268 -59.38 34.57 22.67
C LEU C 268 -59.78 36.04 22.82
N PRO C 269 -59.54 36.61 24.01
CA PRO C 269 -59.81 38.04 24.25
C PRO C 269 -58.82 38.92 23.48
N VAL C 270 -59.15 39.20 22.23
CA VAL C 270 -58.29 39.98 21.35
C VAL C 270 -59.18 40.81 20.43
N GLU C 271 -58.62 41.88 19.86
CA GLU C 271 -59.39 42.77 18.98
C GLU C 271 -60.07 42.03 17.84
N SER C 272 -61.40 42.05 17.85
CA SER C 272 -62.19 41.31 16.87
C SER C 272 -62.77 42.20 15.78
N ARG C 273 -62.20 43.38 15.58
CA ARG C 273 -62.68 44.25 14.53
C ARG C 273 -61.98 43.95 13.21
N ASP C 274 -62.77 43.91 12.13
CA ASP C 274 -62.25 43.69 10.78
C ASP C 274 -61.45 42.40 10.69
N VAL C 275 -62.11 41.28 11.01
CA VAL C 275 -61.50 39.96 10.93
C VAL C 275 -62.45 39.00 10.21
N GLN C 276 -61.94 38.35 9.17
CA GLN C 276 -62.76 37.49 8.34
C GLN C 276 -62.84 36.05 8.83
N VAL C 277 -64.04 35.50 8.83
CA VAL C 277 -64.30 34.14 9.26
C VAL C 277 -63.83 33.14 8.21
N GLY C 278 -63.24 32.03 8.66
CA GLY C 278 -62.77 31.00 7.76
C GLY C 278 -61.31 31.16 7.39
N ALA C 279 -60.75 32.32 7.69
CA ALA C 279 -59.36 32.61 7.37
C ALA C 279 -58.42 31.90 8.33
N ASN C 280 -57.39 31.26 7.77
CA ASN C 280 -56.40 30.55 8.57
C ASN C 280 -55.35 31.48 9.15
N MET C 281 -55.51 31.83 10.42
CA MET C 281 -54.57 32.72 11.09
C MET C 281 -53.66 31.94 12.02
N SER C 282 -52.75 32.64 12.69
CA SER C 282 -51.77 31.98 13.56
C SER C 282 -51.97 32.35 15.02
N LEU C 283 -51.81 31.35 15.90
CA LEU C 283 -51.92 31.57 17.34
C LEU C 283 -50.57 31.45 18.01
N GLY C 284 -50.20 32.48 18.78
CA GLY C 284 -48.92 32.51 19.46
C GLY C 284 -49.07 32.42 20.96
N ILE C 285 -48.21 31.63 21.59
CA ILE C 285 -48.22 31.50 23.05
C ILE C 285 -46.82 31.19 23.58
N ARG C 286 -46.36 32.02 24.51
CA ARG C 286 -45.03 31.85 25.07
C ARG C 286 -45.01 30.69 26.06
N PRO C 287 -43.89 29.94 26.08
CA PRO C 287 -43.72 28.80 26.98
C PRO C 287 -43.86 29.21 28.45
N GLU C 288 -43.43 30.44 28.76
CA GLU C 288 -43.48 30.94 30.13
C GLU C 288 -44.91 31.25 30.56
N HIS C 289 -45.81 31.39 29.60
CA HIS C 289 -47.19 31.75 29.88
C HIS C 289 -48.10 30.54 29.95
N LEU C 290 -47.59 29.39 29.51
CA LEU C 290 -48.33 28.14 29.58
C LEU C 290 -48.60 27.69 31.00
N LEU C 291 -49.86 27.34 31.28
CA LEU C 291 -50.26 26.89 32.61
C LEU C 291 -50.36 25.37 32.63
N PRO C 292 -50.21 24.77 33.83
CA PRO C 292 -50.43 23.33 33.98
C PRO C 292 -51.87 22.97 33.60
N SER C 293 -52.08 21.73 33.13
CA SER C 293 -53.36 21.30 32.59
C SER C 293 -54.54 21.47 33.56
N ASP C 294 -54.27 21.24 34.84
CA ASP C 294 -55.30 21.28 35.87
C ASP C 294 -56.09 22.59 35.97
N ILE C 295 -55.42 23.71 35.72
CA ILE C 295 -56.05 25.02 35.88
C ILE C 295 -56.96 25.38 34.71
N ALA C 296 -56.37 25.47 33.52
CA ALA C 296 -57.07 25.94 32.33
C ALA C 296 -58.14 24.97 31.85
N ASP C 297 -58.91 25.40 30.85
CA ASP C 297 -59.98 24.59 30.30
C ASP C 297 -59.56 23.90 29.01
N VAL C 298 -58.68 24.56 28.26
CA VAL C 298 -58.15 24.00 27.02
C VAL C 298 -57.03 23.01 27.34
N ILE C 299 -57.38 21.73 27.47
CA ILE C 299 -56.43 20.72 27.89
C ILE C 299 -55.65 20.17 26.70
N LEU C 300 -54.35 20.00 26.88
CA LEU C 300 -53.51 19.37 25.86
C LEU C 300 -52.64 18.28 26.48
N GLU C 301 -52.87 17.03 26.06
CA GLU C 301 -52.11 15.90 26.58
C GLU C 301 -50.89 15.74 25.69
N GLY C 302 -49.86 15.06 26.18
CA GLY C 302 -48.67 14.84 25.39
C GLY C 302 -47.57 14.00 26.01
N GLU C 303 -46.57 13.66 25.19
CA GLU C 303 -45.43 12.89 25.64
C GLU C 303 -44.16 13.73 25.65
N VAL C 304 -43.36 13.59 26.71
CA VAL C 304 -42.12 14.35 26.84
C VAL C 304 -40.97 13.74 26.03
N GLN C 305 -40.46 14.49 25.06
CA GLN C 305 -39.32 14.05 24.27
C GLN C 305 -38.00 14.34 24.97
N VAL C 306 -37.70 15.61 25.14
CA VAL C 306 -36.42 16.03 25.73
C VAL C 306 -36.64 17.01 26.87
N VAL C 307 -35.93 16.80 27.97
CA VAL C 307 -35.98 17.71 29.11
C VAL C 307 -34.67 18.48 29.24
N GLU C 308 -34.79 19.78 29.51
CA GLU C 308 -33.62 20.63 29.68
C GLU C 308 -33.60 21.25 31.07
N GLN C 309 -32.62 20.85 31.87
CA GLN C 309 -32.48 21.34 33.23
C GLN C 309 -31.47 22.48 33.30
N LEU C 310 -31.97 23.70 33.48
CA LEU C 310 -31.12 24.88 33.55
C LEU C 310 -30.86 25.31 34.99
N GLY C 311 -31.43 24.58 35.95
CA GLY C 311 -31.23 24.88 37.35
C GLY C 311 -32.24 25.86 37.90
N ASN C 312 -32.13 27.12 37.49
CA ASN C 312 -33.07 28.15 37.92
C ASN C 312 -34.45 27.90 37.33
N GLU C 313 -34.48 27.27 36.16
CA GLU C 313 -35.73 26.93 35.48
C GLU C 313 -35.61 25.57 34.82
N THR C 314 -36.74 25.06 34.32
CA THR C 314 -36.75 23.76 33.66
C THR C 314 -37.63 23.79 32.42
N GLN C 315 -37.03 23.55 31.26
CA GLN C 315 -37.76 23.55 30.01
C GLN C 315 -38.07 22.12 29.56
N ILE C 316 -39.30 21.91 29.09
CA ILE C 316 -39.75 20.60 28.66
C ILE C 316 -40.40 20.67 27.29
N HIS C 317 -39.97 19.79 26.39
CA HIS C 317 -40.58 19.71 25.07
C HIS C 317 -41.69 18.65 25.07
N ILE C 318 -42.88 19.04 24.64
CA ILE C 318 -44.04 18.14 24.69
C ILE C 318 -44.56 17.82 23.30
N GLN C 319 -44.74 16.53 23.02
CA GLN C 319 -45.32 16.06 21.77
C GLN C 319 -46.79 15.78 21.93
N ILE C 320 -47.63 16.55 21.26
CA ILE C 320 -49.07 16.40 21.37
C ILE C 320 -49.55 15.34 20.38
N PRO C 321 -50.33 14.36 20.86
CA PRO C 321 -50.92 13.29 20.05
C PRO C 321 -51.86 13.83 18.97
N SER C 322 -52.54 14.93 19.26
CA SER C 322 -53.57 15.44 18.36
C SER C 322 -52.95 16.36 17.32
N ILE C 323 -52.42 17.49 17.73
CA ILE C 323 -51.75 18.36 16.78
C ILE C 323 -50.34 17.85 16.49
N ARG C 324 -50.00 17.78 15.21
CA ARG C 324 -48.71 17.27 14.77
C ARG C 324 -47.59 18.28 15.04
N GLN C 325 -47.62 18.91 16.21
CA GLN C 325 -46.67 19.99 16.51
C GLN C 325 -46.02 19.85 17.88
N ASN C 326 -44.72 20.10 17.93
CA ASN C 326 -43.96 20.03 19.19
C ASN C 326 -44.08 21.31 19.99
N LEU C 327 -44.79 21.25 21.11
CA LEU C 327 -44.98 22.41 21.98
C LEU C 327 -43.89 22.49 23.05
N VAL C 328 -43.43 23.70 23.34
CA VAL C 328 -42.40 23.90 24.35
C VAL C 328 -42.96 24.58 25.61
N TYR C 329 -42.65 24.02 26.77
CA TYR C 329 -43.17 24.52 28.04
C TYR C 329 -42.04 24.84 29.02
N ARG C 330 -42.14 25.99 29.68
CA ARG C 330 -41.12 26.46 30.60
C ARG C 330 -41.69 26.78 31.98
N GLN C 331 -41.21 26.04 32.98
CA GLN C 331 -41.62 26.25 34.37
C GLN C 331 -40.42 26.62 35.22
N ASN C 332 -40.62 27.45 36.23
CA ASN C 332 -39.52 27.88 37.09
C ASN C 332 -39.15 26.79 38.10
N ASP C 333 -38.11 27.05 38.88
CA ASP C 333 -37.57 26.07 39.83
C ASP C 333 -37.10 24.80 39.11
N VAL C 334 -37.46 23.64 39.64
CA VAL C 334 -37.08 22.37 39.03
C VAL C 334 -38.25 21.38 38.95
N VAL C 335 -38.31 20.63 37.85
CA VAL C 335 -39.37 19.65 37.64
C VAL C 335 -38.79 18.34 37.08
N LEU C 336 -38.72 17.31 37.92
CA LEU C 336 -38.21 16.01 37.49
C LEU C 336 -39.22 15.24 36.64
N VAL C 337 -38.98 15.19 35.34
CA VAL C 337 -39.82 14.40 34.44
C VAL C 337 -38.96 13.58 33.49
N GLU C 338 -39.22 12.27 33.45
CA GLU C 338 -38.49 11.36 32.60
C GLU C 338 -38.97 11.44 31.14
N GLU C 339 -38.06 11.17 30.21
CA GLU C 339 -38.37 11.22 28.78
C GLU C 339 -39.26 10.06 28.37
N GLY C 340 -40.51 10.36 28.01
CA GLY C 340 -41.45 9.34 27.58
C GLY C 340 -42.72 9.30 28.41
N ALA C 341 -42.69 9.94 29.57
CA ALA C 341 -43.86 10.00 30.44
C ALA C 341 -44.89 10.96 29.87
N THR C 342 -46.16 10.66 30.08
CA THR C 342 -47.23 11.53 29.61
C THR C 342 -47.33 12.80 30.45
N PHE C 343 -47.34 13.96 29.78
CA PHE C 343 -47.37 15.23 30.47
C PHE C 343 -48.31 16.21 29.77
N ALA C 344 -49.32 16.68 30.50
CA ALA C 344 -50.34 17.56 29.94
C ALA C 344 -50.21 19.00 30.43
N ILE C 345 -50.59 19.94 29.59
CA ILE C 345 -50.54 21.36 29.94
C ILE C 345 -51.81 22.09 29.51
N GLY C 346 -52.04 23.25 30.12
CA GLY C 346 -53.22 24.05 29.82
C GLY C 346 -52.89 25.21 28.91
N LEU C 347 -53.88 25.65 28.14
CA LEU C 347 -53.69 26.75 27.19
C LEU C 347 -54.54 27.94 27.62
N PRO C 348 -53.94 28.89 28.34
CA PRO C 348 -54.67 30.08 28.80
C PRO C 348 -54.92 31.07 27.67
N PRO C 349 -56.19 31.46 27.45
CA PRO C 349 -56.56 32.37 26.37
C PRO C 349 -56.16 33.82 26.65
N GLU C 350 -56.00 34.16 27.92
CA GLU C 350 -55.67 35.53 28.31
C GLU C 350 -54.28 35.92 27.83
N ARG C 351 -53.38 34.95 27.76
CA ARG C 351 -51.99 35.21 27.39
C ARG C 351 -51.70 34.76 25.97
N CYS C 352 -52.65 34.99 25.06
CA CYS C 352 -52.51 34.53 23.69
C CYS C 352 -52.39 35.67 22.67
N HIS C 353 -51.58 35.43 21.64
CA HIS C 353 -51.42 36.38 20.54
C HIS C 353 -52.08 35.80 19.30
N LEU C 354 -52.44 36.68 18.36
CA LEU C 354 -53.15 36.25 17.16
C LEU C 354 -52.61 36.98 15.93
N PHE C 355 -52.11 36.23 14.97
CA PHE C 355 -51.48 36.80 13.79
C PHE C 355 -52.20 36.42 12.50
N ARG C 356 -52.43 37.39 11.63
CA ARG C 356 -53.09 37.14 10.35
C ARG C 356 -52.11 36.49 9.37
N GLU C 357 -52.57 36.25 8.15
CA GLU C 357 -51.75 35.61 7.13
C GLU C 357 -50.56 36.47 6.73
N ASP C 358 -50.80 37.76 6.52
CA ASP C 358 -49.74 38.69 6.13
C ASP C 358 -48.69 38.84 7.22
N GLY C 359 -49.11 38.66 8.48
CA GLY C 359 -48.19 38.72 9.60
C GLY C 359 -48.67 39.63 10.70
N THR C 360 -49.49 40.61 10.34
CA THR C 360 -50.00 41.60 11.29
C THR C 360 -50.72 40.92 12.44
N ALA C 361 -50.50 41.43 13.65
CA ALA C 361 -51.07 40.84 14.85
C ALA C 361 -52.30 41.61 15.32
N CYS C 362 -53.30 40.86 15.79
CA CYS C 362 -54.49 41.47 16.36
C CYS C 362 -54.15 41.97 17.76
N ARG C 363 -54.49 43.22 18.05
CA ARG C 363 -54.12 43.83 19.32
C ARG C 363 -54.78 43.13 20.51
N ARG C 364 -53.95 42.74 21.48
CA ARG C 364 -54.44 42.08 22.68
C ARG C 364 -55.26 43.03 23.53
N LEU C 365 -56.37 42.53 24.06
CA LEU C 365 -57.25 43.34 24.91
C LEU C 365 -56.96 43.11 26.39
N HIS C 366 -56.35 41.98 26.70
CA HIS C 366 -56.04 41.66 28.09
C HIS C 366 -55.05 42.66 28.66
N LYS C 367 -55.49 43.37 29.70
CA LYS C 367 -54.68 44.43 30.29
C LYS C 367 -53.57 43.87 31.18
N GLU C 368 -52.33 44.25 30.88
CA GLU C 368 -51.19 43.87 31.69
C GLU C 368 -50.68 45.09 32.43
N PRO C 369 -50.17 44.90 33.66
CA PRO C 369 -49.67 46.04 34.43
C PRO C 369 -48.32 46.53 33.90
N GLY C 370 -48.19 47.83 33.73
CA GLY C 370 -46.96 48.42 33.23
C GLY C 370 -47.11 49.08 31.87
N VAL C 371 -48.12 48.64 31.12
CA VAL C 371 -48.38 49.19 29.80
C VAL C 371 -49.65 50.02 29.78
N ALA D 2 -17.03 2.47 22.74
CA ALA D 2 -16.63 3.85 22.49
C ALA D 2 -16.49 4.63 23.79
N SER D 3 -16.21 3.91 24.88
CA SER D 3 -16.06 4.55 26.18
C SER D 3 -14.66 5.13 26.31
N VAL D 4 -14.53 6.42 26.06
CA VAL D 4 -13.25 7.11 26.16
C VAL D 4 -12.95 7.48 27.61
N GLN D 5 -11.68 7.37 27.99
CA GLN D 5 -11.27 7.68 29.36
C GLN D 5 -9.83 8.19 29.39
N LEU D 6 -9.61 9.24 30.17
CA LEU D 6 -8.28 9.83 30.30
C LEU D 6 -7.72 9.54 31.68
N GLN D 7 -6.41 9.30 31.75
CA GLN D 7 -5.75 9.00 33.01
C GLN D 7 -4.48 9.81 33.15
N ASN D 8 -4.56 10.87 33.96
CA ASN D 8 -3.43 11.75 34.22
C ASN D 8 -2.79 12.31 32.94
N VAL D 9 -3.63 12.74 32.01
CA VAL D 9 -3.16 13.29 30.74
C VAL D 9 -2.62 14.70 30.93
N THR D 10 -1.40 14.94 30.48
CA THR D 10 -0.77 16.24 30.57
C THR D 10 -0.29 16.72 29.21
N LYS D 11 -0.33 18.02 28.98
CA LYS D 11 0.12 18.62 27.74
C LYS D 11 0.87 19.91 28.03
N ALA D 12 1.96 20.15 27.30
CA ALA D 12 2.79 21.32 27.54
C ALA D 12 3.59 21.73 26.31
N TRP D 13 3.65 23.03 26.06
CA TRP D 13 4.46 23.57 24.97
C TRP D 13 5.82 24.00 25.49
N GLY D 14 6.69 23.01 25.73
CA GLY D 14 8.01 23.26 26.27
C GLY D 14 8.01 23.40 27.78
N GLU D 15 7.82 24.62 28.25
CA GLU D 15 7.79 24.88 29.69
C GLU D 15 6.38 25.27 30.15
N VAL D 16 5.60 25.83 29.22
CA VAL D 16 4.25 26.25 29.54
C VAL D 16 3.32 25.06 29.65
N VAL D 17 2.78 24.84 30.84
CA VAL D 17 1.87 23.72 31.07
C VAL D 17 0.43 24.21 30.97
N VAL D 18 -0.16 24.00 29.79
CA VAL D 18 -1.51 24.47 29.52
C VAL D 18 -2.55 23.63 30.26
N SER D 19 -2.27 22.34 30.40
CA SER D 19 -3.21 21.41 31.03
C SER D 19 -2.50 20.52 32.05
N LYS D 20 -2.83 20.71 33.33
CA LYS D 20 -2.30 19.86 34.38
C LYS D 20 -2.92 18.48 34.24
N ASP D 21 -2.34 17.48 34.91
CA ASP D 21 -2.85 16.12 34.88
C ASP D 21 -4.35 16.04 35.19
N ILE D 22 -5.14 15.72 34.16
CA ILE D 22 -6.59 15.65 34.33
C ILE D 22 -7.11 14.25 34.09
N ASN D 23 -8.14 13.87 34.83
CA ASN D 23 -8.77 12.56 34.66
C ASN D 23 -10.24 12.69 34.29
N LEU D 24 -10.65 11.94 33.28
CA LEU D 24 -12.04 11.98 32.81
C LEU D 24 -12.54 10.57 32.50
N ASP D 25 -13.70 10.23 33.05
CA ASP D 25 -14.30 8.93 32.80
C ASP D 25 -15.61 9.07 32.03
N ILE D 26 -15.56 8.78 30.74
CA ILE D 26 -16.73 8.90 29.87
C ILE D 26 -17.23 7.54 29.40
N HIS D 27 -18.46 7.20 29.77
CA HIS D 27 -19.02 5.90 29.41
C HIS D 27 -19.62 5.93 28.02
N GLU D 28 -20.01 4.76 27.53
CA GLU D 28 -20.60 4.64 26.20
C GLU D 28 -21.97 5.30 26.12
N GLY D 29 -22.18 6.07 25.06
CA GLY D 29 -23.45 6.72 24.80
C GLY D 29 -23.79 7.82 25.78
N GLU D 30 -22.76 8.45 26.33
CA GLU D 30 -22.95 9.55 27.27
C GLU D 30 -22.61 10.86 26.57
N PHE D 31 -23.44 11.88 26.78
CA PHE D 31 -23.24 13.16 26.11
C PHE D 31 -22.44 14.09 27.01
N VAL D 32 -21.15 14.20 26.71
CA VAL D 32 -20.23 15.00 27.52
C VAL D 32 -19.91 16.31 26.82
N VAL D 33 -19.89 17.40 27.57
CA VAL D 33 -19.60 18.72 27.03
C VAL D 33 -18.48 19.40 27.81
N PHE D 34 -17.43 19.81 27.10
CA PHE D 34 -16.35 20.58 27.71
C PHE D 34 -16.74 22.05 27.68
N VAL D 35 -16.53 22.75 28.79
CA VAL D 35 -16.88 24.16 28.86
C VAL D 35 -15.75 24.96 29.52
N GLY D 36 -15.69 26.25 29.19
CA GLY D 36 -14.70 27.15 29.77
C GLY D 36 -14.54 28.40 28.94
N PRO D 37 -13.78 29.38 29.47
CA PRO D 37 -13.51 30.64 28.76
C PRO D 37 -12.75 30.42 27.45
N SER D 38 -12.57 31.50 26.69
CA SER D 38 -11.86 31.41 25.41
C SER D 38 -10.41 31.04 25.61
N GLY D 39 -10.06 29.81 25.26
CA GLY D 39 -8.69 29.33 25.40
C GLY D 39 -8.37 28.93 26.83
N CYS D 40 -8.70 27.70 27.18
CA CYS D 40 -8.43 27.18 28.52
C CYS D 40 -8.37 25.65 28.51
N GLY D 41 -7.87 25.10 27.41
CA GLY D 41 -7.75 23.66 27.28
C GLY D 41 -8.86 23.03 26.46
N LYS D 42 -10.08 23.51 26.66
CA LYS D 42 -11.26 23.01 25.94
C LYS D 42 -11.02 22.89 24.44
N SER D 43 -10.31 23.87 23.88
CA SER D 43 -9.99 23.87 22.47
C SER D 43 -8.96 22.78 22.16
N THR D 44 -7.92 22.71 23.00
CA THR D 44 -6.83 21.77 22.79
C THR D 44 -7.20 20.34 23.18
N LEU D 45 -8.00 20.20 24.24
CA LEU D 45 -8.34 18.89 24.79
C LEU D 45 -9.03 18.00 23.76
N LEU D 46 -10.00 18.56 23.05
CA LEU D 46 -10.75 17.79 22.06
C LEU D 46 -9.84 17.31 20.93
N ARG D 47 -8.86 18.14 20.57
CA ARG D 47 -7.95 17.79 19.50
C ARG D 47 -7.00 16.66 19.89
N MET D 48 -6.70 16.55 21.18
CA MET D 48 -5.83 15.50 21.68
C MET D 48 -6.53 14.15 21.63
N ILE D 49 -7.84 14.16 21.84
CA ILE D 49 -8.63 12.94 21.79
C ILE D 49 -8.74 12.47 20.33
N ALA D 50 -8.87 13.43 19.42
CA ALA D 50 -8.96 13.13 18.00
C ALA D 50 -7.64 12.63 17.43
N GLY D 51 -6.54 13.13 17.98
CA GLY D 51 -5.22 12.78 17.49
C GLY D 51 -4.60 13.93 16.74
N LEU D 52 -5.34 15.03 16.63
CA LEU D 52 -4.85 16.21 15.95
C LEU D 52 -3.75 16.89 16.76
N GLU D 53 -3.71 16.58 18.06
CA GLU D 53 -2.67 17.09 18.93
C GLU D 53 -1.99 15.95 19.69
N THR D 54 -0.69 16.03 19.86
CA THR D 54 0.07 15.00 20.55
C THR D 54 -0.11 15.11 22.05
N ILE D 55 0.07 14.00 22.75
CA ILE D 55 -0.04 13.96 24.20
C ILE D 55 1.36 13.89 24.80
N THR D 56 1.63 14.78 25.75
CA THR D 56 2.95 14.86 26.37
C THR D 56 3.20 13.68 27.30
N SER D 57 2.26 13.43 28.20
CA SER D 57 2.37 12.30 29.12
C SER D 57 1.00 11.76 29.50
N GLY D 58 0.97 10.55 30.05
CA GLY D 58 -0.28 9.92 30.43
C GLY D 58 -0.73 8.90 29.41
N ASP D 59 -2.01 8.56 29.43
CA ASP D 59 -2.56 7.55 28.54
C ASP D 59 -3.99 7.87 28.14
N LEU D 60 -4.39 7.43 26.95
CA LEU D 60 -5.74 7.64 26.45
C LEU D 60 -6.38 6.33 26.04
N PHE D 61 -7.48 5.98 26.68
CA PHE D 61 -8.16 4.72 26.41
C PHE D 61 -9.52 4.93 25.74
N ILE D 62 -9.53 4.85 24.41
CA ILE D 62 -10.77 4.94 23.65
C ILE D 62 -11.29 3.54 23.36
N GLY D 63 -12.20 3.06 24.21
CA GLY D 63 -12.74 1.72 24.06
C GLY D 63 -11.74 0.68 24.52
N GLU D 64 -11.11 0.95 25.66
CA GLU D 64 -10.11 0.05 26.25
C GLU D 64 -8.96 -0.25 25.29
N LYS D 65 -8.25 0.80 24.89
CA LYS D 65 -7.09 0.66 24.02
C LYS D 65 -6.29 1.97 24.00
N ARG D 66 -4.98 1.87 24.12
CA ARG D 66 -4.11 3.04 24.13
C ARG D 66 -4.03 3.68 22.75
N MET D 67 -4.44 4.95 22.65
CA MET D 67 -4.50 5.61 21.35
C MET D 67 -3.54 6.81 21.28
N ASN D 68 -2.62 6.90 22.22
CA ASN D 68 -1.67 8.02 22.27
C ASN D 68 -0.77 8.06 21.04
N ASP D 69 -0.23 6.90 20.68
CA ASP D 69 0.67 6.79 19.54
C ASP D 69 -0.11 6.45 18.28
N THR D 70 -1.40 6.18 18.45
CA THR D 70 -2.28 5.81 17.34
C THR D 70 -2.65 7.04 16.50
N PRO D 71 -2.50 6.92 15.17
CA PRO D 71 -2.86 8.00 14.25
C PRO D 71 -4.36 8.27 14.27
N PRO D 72 -4.77 9.51 13.91
CA PRO D 72 -6.16 9.96 13.99
C PRO D 72 -7.12 9.09 13.18
N ALA D 73 -6.68 8.63 12.02
CA ALA D 73 -7.54 7.88 11.12
C ALA D 73 -7.99 6.53 11.69
N GLU D 74 -7.07 5.83 12.34
CA GLU D 74 -7.34 4.49 12.84
C GLU D 74 -7.93 4.50 14.24
N ARG D 75 -8.36 5.67 14.70
CA ARG D 75 -8.98 5.79 16.01
C ARG D 75 -10.48 5.52 15.95
N GLY D 76 -11.04 5.60 14.74
CA GLY D 76 -12.45 5.34 14.55
C GLY D 76 -13.28 6.44 15.17
N VAL D 77 -13.01 7.68 14.78
CA VAL D 77 -13.69 8.82 15.36
C VAL D 77 -13.83 9.96 14.36
N GLY D 78 -15.03 10.55 14.30
CA GLY D 78 -15.29 11.67 13.40
C GLY D 78 -15.26 12.99 14.15
N MET D 79 -15.24 14.09 13.40
CA MET D 79 -15.15 15.42 14.02
C MET D 79 -15.74 16.51 13.13
N VAL D 80 -16.39 17.49 13.75
CA VAL D 80 -16.86 18.68 13.04
C VAL D 80 -16.24 19.93 13.63
N PHE D 81 -15.53 20.69 12.79
CA PHE D 81 -14.78 21.85 13.27
C PHE D 81 -15.67 23.08 13.36
N GLN D 82 -15.15 24.15 13.96
CA GLN D 82 -15.89 25.39 14.09
C GLN D 82 -16.09 26.04 12.72
N SER D 83 -15.05 26.00 11.89
CA SER D 83 -15.11 26.56 10.56
C SER D 83 -15.72 25.57 9.57
N TYR D 84 -16.22 24.45 10.12
CA TYR D 84 -16.89 23.40 9.35
C TYR D 84 -15.96 22.60 8.45
N ALA D 85 -14.84 23.20 8.05
CA ALA D 85 -13.82 22.55 7.24
C ALA D 85 -14.40 22.00 5.94
N LEU D 86 -15.22 22.80 5.27
CA LEU D 86 -15.77 22.41 4.00
C LEU D 86 -14.78 22.71 2.87
N TYR D 87 -14.68 21.80 1.92
CA TYR D 87 -13.78 21.98 0.78
C TYR D 87 -14.45 22.76 -0.34
N PRO D 88 -13.92 23.95 -0.64
CA PRO D 88 -14.50 24.87 -1.63
C PRO D 88 -14.50 24.27 -3.04
N HIS D 89 -13.52 23.42 -3.33
CA HIS D 89 -13.37 22.88 -4.69
C HIS D 89 -14.08 21.54 -4.90
N LEU D 90 -14.95 21.18 -3.97
CA LEU D 90 -15.78 19.97 -4.12
C LEU D 90 -17.25 20.28 -3.86
N SER D 91 -18.13 19.44 -4.39
CA SER D 91 -19.56 19.62 -4.18
C SER D 91 -19.97 19.16 -2.79
N VAL D 92 -21.23 19.37 -2.44
CA VAL D 92 -21.75 18.97 -1.14
C VAL D 92 -21.72 17.46 -0.99
N ALA D 93 -22.11 16.76 -2.06
CA ALA D 93 -22.11 15.31 -2.07
C ALA D 93 -20.69 14.77 -1.91
N GLU D 94 -19.74 15.47 -2.52
CA GLU D 94 -18.34 15.06 -2.43
C GLU D 94 -17.74 15.34 -1.05
N ASN D 95 -18.15 16.46 -0.44
CA ASN D 95 -17.66 16.82 0.88
C ASN D 95 -18.08 15.83 1.96
N MET D 96 -19.30 15.29 1.82
CA MET D 96 -19.80 14.31 2.76
C MET D 96 -19.18 12.93 2.47
N SER D 97 -18.82 12.70 1.22
CA SER D 97 -18.30 11.41 0.79
C SER D 97 -16.80 11.43 0.59
N PHE D 98 -16.15 12.51 1.02
CA PHE D 98 -14.71 12.64 0.88
C PHE D 98 -13.96 11.59 1.70
N GLY D 99 -14.59 11.15 2.79
CA GLY D 99 -14.00 10.13 3.63
C GLY D 99 -13.94 8.78 2.96
N LEU D 100 -15.05 8.39 2.32
CA LEU D 100 -15.14 7.09 1.66
C LEU D 100 -14.49 7.07 0.28
N LYS D 101 -14.43 8.23 -0.37
CA LYS D 101 -13.91 8.32 -1.72
C LYS D 101 -12.43 7.95 -1.80
N LEU D 102 -11.68 8.31 -0.76
CA LEU D 102 -10.27 7.97 -0.70
C LEU D 102 -10.08 6.74 0.19
N ALA D 103 -8.96 6.04 0.01
CA ALA D 103 -8.65 4.82 0.74
C ALA D 103 -9.81 3.83 0.69
N GLY D 104 -9.91 3.10 -0.42
CA GLY D 104 -10.98 2.14 -0.62
C GLY D 104 -12.28 2.83 -1.00
N ALA D 105 -12.52 2.95 -2.30
CA ALA D 105 -13.70 3.64 -2.80
C ALA D 105 -14.73 2.68 -3.39
N LYS D 106 -16.01 2.98 -3.16
CA LYS D 106 -17.09 2.20 -3.75
C LYS D 106 -18.16 3.18 -4.25
N LYS D 107 -18.10 3.46 -5.55
CA LYS D 107 -18.96 4.47 -6.16
C LYS D 107 -20.47 4.25 -5.97
N GLU D 108 -20.89 2.99 -6.11
CA GLU D 108 -22.30 2.66 -5.97
C GLU D 108 -22.76 2.77 -4.52
N VAL D 109 -21.87 2.40 -3.59
CA VAL D 109 -22.16 2.44 -2.17
C VAL D 109 -22.16 3.88 -1.67
N ILE D 110 -21.22 4.68 -2.18
CA ILE D 110 -21.11 6.09 -1.82
C ILE D 110 -22.41 6.84 -2.07
N ASN D 111 -22.96 6.69 -3.27
CA ASN D 111 -24.20 7.36 -3.66
C ASN D 111 -25.38 6.98 -2.77
N GLN D 112 -25.32 5.77 -2.20
CA GLN D 112 -26.36 5.28 -1.32
C GLN D 112 -26.28 5.90 0.06
N ARG D 113 -25.08 5.88 0.64
CA ARG D 113 -24.83 6.41 1.97
C ARG D 113 -25.06 7.92 2.04
N VAL D 114 -24.60 8.63 1.01
CA VAL D 114 -24.76 10.08 0.97
C VAL D 114 -26.23 10.46 0.99
N ASN D 115 -27.03 9.77 0.18
CA ASN D 115 -28.46 10.03 0.11
C ASN D 115 -29.18 9.77 1.44
N GLN D 116 -28.82 8.66 2.09
CA GLN D 116 -29.42 8.29 3.37
C GLN D 116 -29.24 9.36 4.44
N VAL D 117 -28.09 10.02 4.44
CA VAL D 117 -27.80 11.07 5.42
C VAL D 117 -28.47 12.38 5.01
N ALA D 118 -28.41 12.67 3.71
CA ALA D 118 -29.02 13.88 3.16
C ALA D 118 -30.53 13.80 3.29
N GLU D 119 -31.05 12.58 3.39
CA GLU D 119 -32.48 12.33 3.55
C GLU D 119 -33.00 12.89 4.87
N VAL D 120 -32.36 12.50 5.96
CA VAL D 120 -32.79 12.94 7.29
C VAL D 120 -32.39 14.38 7.60
N LEU D 121 -31.33 14.86 6.96
CA LEU D 121 -30.83 16.22 7.20
C LEU D 121 -31.39 17.23 6.21
N GLN D 122 -32.24 16.77 5.29
CA GLN D 122 -32.84 17.63 4.27
C GLN D 122 -31.79 18.33 3.42
N LEU D 123 -30.88 17.55 2.85
CA LEU D 123 -29.80 18.10 2.03
C LEU D 123 -29.76 17.51 0.63
N ALA D 124 -30.81 16.77 0.28
CA ALA D 124 -30.87 16.09 -1.01
C ALA D 124 -31.03 17.06 -2.18
N HIS D 125 -31.65 18.21 -1.91
CA HIS D 125 -31.92 19.18 -2.96
C HIS D 125 -30.71 20.02 -3.35
N LEU D 126 -29.69 20.04 -2.50
CA LEU D 126 -28.48 20.81 -2.78
C LEU D 126 -27.22 19.94 -2.76
N LEU D 127 -27.31 18.75 -3.32
CA LEU D 127 -26.17 17.84 -3.36
C LEU D 127 -25.12 18.31 -4.34
N ASP D 128 -25.55 18.80 -5.49
CA ASP D 128 -24.63 19.31 -6.50
C ASP D 128 -24.44 20.82 -6.34
N ARG D 129 -23.95 21.23 -5.18
CA ARG D 129 -23.72 22.63 -4.89
C ARG D 129 -22.33 22.87 -4.35
N LYS D 130 -21.85 24.10 -4.50
CA LYS D 130 -20.56 24.49 -3.95
C LYS D 130 -20.79 25.13 -2.58
N PRO D 131 -19.95 24.79 -1.58
CA PRO D 131 -20.08 25.26 -0.20
C PRO D 131 -20.22 26.78 -0.07
N LYS D 132 -19.70 27.53 -1.05
CA LYS D 132 -19.77 28.98 -1.02
C LYS D 132 -21.16 29.48 -1.43
N ALA D 133 -21.96 28.59 -2.02
CA ALA D 133 -23.31 28.92 -2.47
C ALA D 133 -24.36 28.60 -1.41
N LEU D 134 -23.92 28.03 -0.30
CA LEU D 134 -24.84 27.65 0.78
C LEU D 134 -24.89 28.72 1.87
N SER D 135 -25.96 28.70 2.66
CA SER D 135 -26.10 29.64 3.77
C SER D 135 -25.33 29.16 4.99
N GLY D 136 -25.27 30.00 6.01
CA GLY D 136 -24.55 29.68 7.23
C GLY D 136 -25.08 28.46 7.94
N GLY D 137 -26.41 28.32 7.96
CA GLY D 137 -27.05 27.18 8.59
C GLY D 137 -26.86 25.91 7.80
N GLN D 138 -26.89 26.02 6.48
CA GLN D 138 -26.74 24.87 5.59
C GLN D 138 -25.33 24.29 5.64
N ARG D 139 -24.34 25.17 5.74
CA ARG D 139 -22.94 24.75 5.76
C ARG D 139 -22.62 23.87 6.97
N GLN D 140 -23.32 24.10 8.07
CA GLN D 140 -23.15 23.30 9.28
C GLN D 140 -23.69 21.89 9.07
N ARG D 141 -24.85 21.79 8.43
CA ARG D 141 -25.50 20.50 8.22
C ARG D 141 -24.65 19.59 7.34
N VAL D 142 -23.88 20.19 6.45
CA VAL D 142 -22.97 19.44 5.59
C VAL D 142 -21.82 18.90 6.43
N ALA D 143 -21.34 19.73 7.34
CA ALA D 143 -20.25 19.34 8.24
C ALA D 143 -20.69 18.18 9.11
N ILE D 144 -21.85 18.33 9.75
CA ILE D 144 -22.43 17.28 10.58
C ILE D 144 -22.70 16.04 9.73
N GLY D 145 -23.20 16.26 8.52
CA GLY D 145 -23.49 15.18 7.60
C GLY D 145 -22.27 14.38 7.23
N ARG D 146 -21.13 15.06 7.13
CA ARG D 146 -19.86 14.41 6.76
C ARG D 146 -19.52 13.26 7.70
N THR D 147 -19.56 13.53 9.00
CA THR D 147 -19.22 12.52 10.00
C THR D 147 -20.27 11.41 10.02
N LEU D 148 -21.53 11.76 9.80
CA LEU D 148 -22.63 10.80 9.82
C LEU D 148 -22.51 9.77 8.69
N VAL D 149 -21.86 10.16 7.59
CA VAL D 149 -21.64 9.26 6.48
C VAL D 149 -20.62 8.19 6.85
N ALA D 150 -19.52 8.62 7.44
CA ALA D 150 -18.44 7.72 7.85
C ALA D 150 -18.91 6.76 8.94
N GLU D 151 -19.86 7.21 9.74
CA GLU D 151 -20.41 6.43 10.85
C GLU D 151 -19.32 5.96 11.81
N PRO D 152 -18.73 6.89 12.56
CA PRO D 152 -17.62 6.56 13.45
C PRO D 152 -18.10 6.11 14.82
N SER D 153 -17.17 5.66 15.66
CA SER D 153 -17.49 5.17 16.99
C SER D 153 -17.80 6.32 17.93
N VAL D 154 -17.05 7.41 17.81
CA VAL D 154 -17.23 8.57 18.67
C VAL D 154 -17.41 9.84 17.83
N PHE D 155 -18.27 10.74 18.27
CA PHE D 155 -18.45 12.03 17.61
C PHE D 155 -17.79 13.15 18.40
N LEU D 156 -17.02 13.99 17.72
CA LEU D 156 -16.35 15.12 18.35
C LEU D 156 -16.82 16.45 17.75
N LEU D 157 -17.63 17.18 18.51
CA LEU D 157 -18.15 18.46 18.04
C LEU D 157 -17.36 19.62 18.62
N ASP D 158 -16.61 20.31 17.74
CA ASP D 158 -15.78 21.42 18.17
C ASP D 158 -16.45 22.76 17.91
N GLU D 159 -17.36 23.13 18.81
CA GLU D 159 -18.09 24.40 18.74
C GLU D 159 -18.78 24.61 17.40
N PRO D 160 -19.81 23.80 17.11
CA PRO D 160 -20.49 23.93 15.81
C PRO D 160 -21.43 25.13 15.76
N LEU D 161 -22.06 25.44 16.89
CA LEU D 161 -23.04 26.54 16.95
C LEU D 161 -22.38 27.86 17.30
N SER D 162 -21.33 28.22 16.58
CA SER D 162 -20.62 29.46 16.84
C SER D 162 -20.62 30.39 15.63
N ASN D 163 -21.08 29.89 14.51
CA ASN D 163 -21.14 30.68 13.28
C ASN D 163 -22.55 31.15 12.96
N LEU D 164 -23.52 30.64 13.70
CA LEU D 164 -24.92 30.95 13.45
C LEU D 164 -25.36 32.25 14.11
N ASP D 165 -26.57 32.68 13.78
CA ASP D 165 -27.15 33.88 14.36
C ASP D 165 -27.61 33.61 15.79
N ALA D 166 -28.08 34.63 16.47
CA ALA D 166 -28.50 34.52 17.86
C ALA D 166 -29.67 33.54 18.03
N ALA D 167 -30.78 33.83 17.38
CA ALA D 167 -31.98 33.01 17.48
C ALA D 167 -31.79 31.64 16.85
N LEU D 168 -30.95 31.59 15.82
CA LEU D 168 -30.67 30.33 15.11
C LEU D 168 -29.89 29.36 15.99
N ARG D 169 -28.98 29.89 16.80
CA ARG D 169 -28.16 29.07 17.68
C ARG D 169 -29.03 28.38 18.72
N VAL D 170 -29.97 29.13 19.28
CA VAL D 170 -30.86 28.61 20.32
C VAL D 170 -31.79 27.54 19.77
N GLN D 171 -32.31 27.78 18.57
CA GLN D 171 -33.29 26.89 17.98
C GLN D 171 -32.64 25.60 17.49
N MET D 172 -31.41 25.70 17.00
CA MET D 172 -30.67 24.55 16.51
C MET D 172 -30.11 23.70 17.65
N ARG D 173 -30.19 24.22 18.87
CA ARG D 173 -29.67 23.53 20.04
C ARG D 173 -30.49 22.29 20.38
N ILE D 174 -31.75 22.30 19.98
CA ILE D 174 -32.64 21.16 20.22
C ILE D 174 -32.29 20.03 19.26
N GLU D 175 -31.87 20.42 18.05
CA GLU D 175 -31.52 19.45 17.01
C GLU D 175 -30.37 18.54 17.41
N ILE D 176 -29.42 19.08 18.16
CA ILE D 176 -28.27 18.30 18.63
C ILE D 176 -28.76 17.22 19.60
N SER D 177 -29.74 17.58 20.42
CA SER D 177 -30.36 16.62 21.35
C SER D 177 -31.04 15.52 20.54
N ARG D 178 -31.71 15.92 19.46
CA ARG D 178 -32.40 14.98 18.60
C ARG D 178 -31.42 14.07 17.87
N LEU D 179 -30.23 14.60 17.58
CA LEU D 179 -29.20 13.82 16.91
C LEU D 179 -28.62 12.76 17.83
N HIS D 180 -28.56 13.07 19.12
CA HIS D 180 -27.94 12.18 20.09
C HIS D 180 -28.80 10.95 20.38
N LYS D 181 -30.00 11.17 20.91
CA LYS D 181 -30.87 10.09 21.35
C LYS D 181 -31.30 9.17 20.21
N ARG D 182 -31.34 9.70 19.00
CA ARG D 182 -31.73 8.92 17.83
C ARG D 182 -30.63 7.93 17.44
N LEU D 183 -29.39 8.41 17.40
CA LEU D 183 -28.25 7.56 17.09
C LEU D 183 -27.85 6.73 18.30
N GLY D 184 -27.69 7.39 19.43
CA GLY D 184 -27.33 6.71 20.66
C GLY D 184 -25.87 6.30 20.60
N ARG D 185 -24.98 7.28 20.76
CA ARG D 185 -23.55 7.01 20.74
C ARG D 185 -22.79 8.16 21.41
N THR D 186 -21.54 7.89 21.77
CA THR D 186 -20.73 8.86 22.49
C THR D 186 -20.47 10.12 21.68
N MET D 187 -20.69 11.27 22.32
CA MET D 187 -20.42 12.56 21.68
C MET D 187 -19.72 13.50 22.65
N ILE D 188 -18.63 14.11 22.19
CA ILE D 188 -17.90 15.06 23.01
C ILE D 188 -18.08 16.46 22.46
N TYR D 189 -19.09 17.17 22.98
CA TYR D 189 -19.41 18.51 22.53
C TYR D 189 -18.51 19.51 23.26
N VAL D 190 -18.26 20.66 22.62
CA VAL D 190 -17.43 21.71 23.21
C VAL D 190 -18.09 23.06 22.97
N THR D 191 -18.14 23.90 24.00
CA THR D 191 -18.75 25.22 23.88
C THR D 191 -18.23 26.20 24.93
N HIS D 192 -18.41 27.48 24.64
CA HIS D 192 -17.99 28.55 25.55
C HIS D 192 -19.18 29.13 26.30
N ASP D 193 -20.37 28.90 25.76
CA ASP D 193 -21.60 29.38 26.39
C ASP D 193 -22.09 28.37 27.42
N GLN D 194 -22.27 28.82 28.65
CA GLN D 194 -22.63 27.93 29.75
C GLN D 194 -24.03 27.35 29.60
N VAL D 195 -24.91 28.08 28.92
CA VAL D 195 -26.28 27.62 28.71
C VAL D 195 -26.27 26.44 27.75
N GLU D 196 -25.36 26.48 26.79
CA GLU D 196 -25.26 25.46 25.75
C GLU D 196 -24.95 24.08 26.33
N ALA D 197 -24.20 24.07 27.42
CA ALA D 197 -23.82 22.82 28.08
C ALA D 197 -24.95 22.24 28.91
N MET D 198 -25.63 23.10 29.67
CA MET D 198 -26.68 22.68 30.58
C MET D 198 -27.86 22.02 29.87
N THR D 199 -28.21 22.53 28.69
CA THR D 199 -29.37 22.04 27.95
C THR D 199 -29.08 20.74 27.21
N LEU D 200 -27.80 20.47 26.97
CA LEU D 200 -27.40 19.33 26.16
C LEU D 200 -26.82 18.17 26.95
N ALA D 201 -25.80 18.48 27.76
CA ALA D 201 -24.96 17.45 28.37
C ALA D 201 -25.65 16.56 29.40
N ASP D 202 -25.17 15.33 29.49
CA ASP D 202 -25.50 14.43 30.59
C ASP D 202 -24.39 14.58 31.63
N LYS D 203 -23.20 14.91 31.15
CA LYS D 203 -22.03 15.09 31.99
C LYS D 203 -21.20 16.28 31.52
N ILE D 204 -21.19 17.35 32.31
CA ILE D 204 -20.47 18.56 31.95
C ILE D 204 -19.06 18.53 32.55
N VAL D 205 -18.08 18.97 31.78
CA VAL D 205 -16.71 19.09 32.28
C VAL D 205 -16.24 20.53 32.21
N VAL D 206 -16.30 21.23 33.34
CA VAL D 206 -15.89 22.63 33.39
C VAL D 206 -14.38 22.74 33.53
N LEU D 207 -13.76 23.45 32.59
CA LEU D 207 -12.31 23.62 32.59
C LEU D 207 -11.90 25.04 32.99
N ASP D 208 -10.79 25.14 33.70
CA ASP D 208 -10.27 26.44 34.11
C ASP D 208 -8.75 26.44 33.99
N ALA D 209 -8.25 27.18 32.99
CA ALA D 209 -6.82 27.23 32.70
C ALA D 209 -6.23 25.83 32.48
N GLY D 210 -7.02 24.96 31.86
CA GLY D 210 -6.58 23.60 31.59
C GLY D 210 -7.02 22.60 32.65
N ARG D 211 -6.87 22.99 33.91
CA ARG D 211 -7.25 22.15 35.03
C ARG D 211 -8.75 21.87 35.05
N VAL D 212 -9.12 20.62 35.31
CA VAL D 212 -10.52 20.25 35.47
C VAL D 212 -11.05 20.77 36.80
N ALA D 213 -12.02 21.67 36.74
CA ALA D 213 -12.61 22.23 37.94
C ALA D 213 -13.58 21.25 38.60
N GLN D 214 -14.50 20.71 37.80
CA GLN D 214 -15.48 19.76 38.31
C GLN D 214 -16.11 18.94 37.18
N VAL D 215 -16.50 17.71 37.49
CA VAL D 215 -17.18 16.84 36.54
C VAL D 215 -18.42 16.23 37.19
N GLY D 216 -19.54 16.29 36.48
CA GLY D 216 -20.77 15.71 37.00
C GLY D 216 -22.01 16.06 36.20
N LYS D 217 -23.17 15.69 36.75
CA LYS D 217 -24.45 15.97 36.12
C LYS D 217 -24.70 17.48 36.09
N PRO D 218 -25.50 17.95 35.12
CA PRO D 218 -25.78 19.39 34.96
C PRO D 218 -26.35 20.05 36.21
N LEU D 219 -27.19 19.34 36.96
CA LEU D 219 -27.78 19.89 38.17
C LEU D 219 -26.76 20.02 39.29
N GLU D 220 -25.75 19.15 39.28
CA GLU D 220 -24.72 19.17 40.31
C GLU D 220 -23.85 20.41 40.23
N LEU D 221 -23.55 20.86 39.01
CA LEU D 221 -22.74 22.06 38.84
C LEU D 221 -23.50 23.29 39.29
N TYR D 222 -24.82 23.26 39.11
CA TYR D 222 -25.67 24.38 39.48
C TYR D 222 -25.88 24.44 41.00
N HIS D 223 -26.12 23.29 41.61
CA HIS D 223 -26.43 23.22 43.03
C HIS D 223 -25.19 23.07 43.91
N TYR D 224 -24.26 22.21 43.51
CA TYR D 224 -23.08 21.93 44.32
C TYR D 224 -21.77 22.16 43.56
N PRO D 225 -21.35 23.43 43.44
CA PRO D 225 -20.11 23.76 42.74
C PRO D 225 -18.87 23.30 43.51
N ALA D 226 -17.75 23.18 42.81
CA ALA D 226 -16.50 22.76 43.44
C ALA D 226 -15.70 23.94 43.97
N ASP D 227 -15.76 25.07 43.26
CA ASP D 227 -15.01 26.26 43.65
C ASP D 227 -15.71 27.55 43.20
N ARG D 228 -15.10 28.68 43.53
CA ARG D 228 -15.67 29.98 43.19
C ARG D 228 -15.76 30.19 41.68
N PHE D 229 -14.96 29.43 40.94
CA PHE D 229 -14.94 29.53 39.48
C PHE D 229 -16.22 28.99 38.86
N VAL D 230 -16.53 27.74 39.16
CA VAL D 230 -17.69 27.06 38.59
C VAL D 230 -18.99 27.74 39.01
N ALA D 231 -19.09 28.12 40.28
CA ALA D 231 -20.29 28.75 40.81
C ALA D 231 -20.59 30.07 40.12
N GLY D 232 -19.54 30.83 39.80
CA GLY D 232 -19.69 32.11 39.13
C GLY D 232 -19.93 31.94 37.65
N PHE D 233 -19.46 30.83 37.09
CA PHE D 233 -19.54 30.56 35.67
C PHE D 233 -20.94 30.11 35.23
N ILE D 234 -21.56 29.24 36.02
CA ILE D 234 -22.86 28.67 35.68
C ILE D 234 -24.01 29.54 36.20
N GLY D 235 -25.06 29.67 35.40
CA GLY D 235 -26.21 30.50 35.77
C GLY D 235 -26.39 31.68 34.84
N SER D 236 -27.64 32.10 34.64
CA SER D 236 -27.94 33.21 33.73
C SER D 236 -27.35 34.53 34.25
N PRO D 237 -27.62 34.89 35.52
CA PRO D 237 -26.83 36.00 36.04
C PRO D 237 -25.69 35.45 36.90
N LYS D 238 -24.69 36.27 37.19
CA LYS D 238 -23.57 35.80 38.00
C LYS D 238 -23.99 35.74 39.46
N MET D 239 -23.51 34.72 40.16
CA MET D 239 -23.85 34.52 41.57
C MET D 239 -23.20 35.59 42.44
N ASN D 240 -23.91 36.02 43.48
CA ASN D 240 -23.39 37.03 44.39
C ASN D 240 -22.37 36.45 45.38
N PHE D 241 -21.17 37.02 45.39
CA PHE D 241 -20.12 36.59 46.30
C PHE D 241 -20.09 37.54 47.47
N LEU D 242 -20.07 37.03 48.70
CA LEU D 242 -20.00 37.91 49.88
C LEU D 242 -18.81 37.58 50.76
N PRO D 243 -17.87 38.54 50.87
CA PRO D 243 -16.65 38.38 51.67
C PRO D 243 -16.95 38.33 53.16
N VAL D 244 -17.37 37.17 53.65
CA VAL D 244 -17.67 37.00 55.07
C VAL D 244 -16.42 36.58 55.83
N LYS D 245 -16.49 36.66 57.15
CA LYS D 245 -15.41 36.18 58.00
C LYS D 245 -15.96 35.15 58.98
N VAL D 246 -15.25 34.03 59.11
CA VAL D 246 -15.72 32.93 59.95
C VAL D 246 -15.55 33.25 61.44
N THR D 247 -16.62 33.03 62.21
CA THR D 247 -16.57 33.27 63.64
C THR D 247 -16.46 31.95 64.39
N ALA D 248 -17.28 30.98 63.98
CA ALA D 248 -17.26 29.67 64.62
C ALA D 248 -17.76 28.59 63.67
N THR D 249 -17.29 27.35 63.88
CA THR D 249 -17.74 26.22 63.10
C THR D 249 -18.35 25.18 64.03
N ALA D 250 -18.89 24.11 63.46
CA ALA D 250 -19.49 23.05 64.25
C ALA D 250 -19.37 21.70 63.55
N ILE D 251 -20.12 20.72 64.06
CA ILE D 251 -20.11 19.38 63.50
C ILE D 251 -20.48 19.34 62.02
N ASP D 252 -21.47 20.13 61.63
CA ASP D 252 -21.92 20.19 60.24
C ASP D 252 -22.61 21.52 59.93
N GLN D 253 -22.01 22.60 60.40
CA GLN D 253 -22.50 23.95 60.12
C GLN D 253 -21.45 24.99 60.46
N VAL D 254 -21.36 26.02 59.63
CA VAL D 254 -20.37 27.07 59.82
C VAL D 254 -21.03 28.43 60.06
N GLN D 255 -20.63 29.10 61.13
CA GLN D 255 -21.13 30.44 61.41
C GLN D 255 -20.20 31.46 60.76
N VAL D 256 -20.80 32.42 60.05
CA VAL D 256 -20.01 33.44 59.35
C VAL D 256 -20.50 34.84 59.69
N GLU D 257 -19.59 35.81 59.60
CA GLU D 257 -19.91 37.20 59.88
C GLU D 257 -19.90 38.04 58.62
N LEU D 258 -20.99 38.76 58.36
CA LEU D 258 -21.06 39.64 57.21
C LEU D 258 -20.08 40.80 57.39
N PRO D 259 -19.52 41.32 56.29
CA PRO D 259 -18.53 42.40 56.36
C PRO D 259 -19.18 43.75 56.61
N MET D 260 -20.47 43.75 56.91
CA MET D 260 -21.22 44.97 57.15
C MET D 260 -20.86 45.54 58.52
N PRO D 261 -20.97 46.88 58.67
CA PRO D 261 -20.85 47.60 59.94
C PRO D 261 -21.74 47.01 61.03
N ASN D 262 -22.87 46.44 60.65
CA ASN D 262 -23.77 45.78 61.58
C ASN D 262 -23.25 44.39 61.96
N ARG D 263 -22.33 43.88 61.13
CA ARG D 263 -21.72 42.56 61.28
C ARG D 263 -22.61 41.48 61.88
N GLN D 264 -23.65 41.09 61.15
CA GLN D 264 -24.56 40.07 61.64
C GLN D 264 -23.96 38.69 61.42
N GLN D 265 -24.30 37.74 62.28
CA GLN D 265 -23.77 36.39 62.17
C GLN D 265 -24.90 35.43 61.78
N VAL D 266 -24.57 34.43 60.96
CA VAL D 266 -25.57 33.49 60.45
C VAL D 266 -24.99 32.08 60.27
N TRP D 267 -25.76 31.08 60.67
CA TRP D 267 -25.33 29.69 60.57
C TRP D 267 -25.68 29.07 59.22
N LEU D 268 -24.65 28.79 58.43
CA LEU D 268 -24.82 28.17 57.11
C LEU D 268 -24.68 26.66 57.19
N PRO D 269 -25.75 25.93 56.84
CA PRO D 269 -25.71 24.46 56.83
C PRO D 269 -24.83 23.93 55.70
N VAL D 270 -23.54 23.81 55.97
CA VAL D 270 -22.57 23.37 54.98
C VAL D 270 -21.46 22.58 55.66
N GLU D 271 -20.78 21.73 54.90
CA GLU D 271 -19.68 20.91 55.41
C GLU D 271 -18.61 21.76 56.08
N SER D 272 -18.37 21.49 57.35
CA SER D 272 -17.46 22.29 58.15
C SER D 272 -16.07 21.65 58.24
N ARG D 273 -15.75 20.81 57.25
CA ARG D 273 -14.45 20.16 57.22
C ARG D 273 -13.41 21.07 56.56
N ASP D 274 -12.23 21.10 57.17
CA ASP D 274 -11.09 21.89 56.69
C ASP D 274 -11.42 23.39 56.60
N VAL D 275 -11.87 23.97 57.70
CA VAL D 275 -12.11 25.41 57.75
C VAL D 275 -11.58 26.02 59.05
N GLN D 276 -10.67 26.98 58.91
CA GLN D 276 -10.09 27.66 60.07
C GLN D 276 -10.84 28.96 60.37
N VAL D 277 -11.10 29.19 61.65
CA VAL D 277 -11.82 30.40 62.06
C VAL D 277 -10.94 31.65 61.94
N GLY D 278 -11.56 32.75 61.55
CA GLY D 278 -10.86 34.01 61.38
C GLY D 278 -10.46 34.21 59.93
N ALA D 279 -10.54 33.15 59.15
CA ALA D 279 -10.20 33.20 57.72
C ALA D 279 -11.30 33.90 56.94
N ASN D 280 -10.89 34.82 56.06
CA ASN D 280 -11.86 35.55 55.23
C ASN D 280 -12.27 34.73 54.02
N MET D 281 -13.46 34.12 54.11
CA MET D 281 -13.97 33.29 53.03
C MET D 281 -15.07 34.01 52.25
N SER D 282 -15.63 33.33 51.25
CA SER D 282 -16.64 33.95 50.38
C SER D 282 -17.99 33.27 50.48
N LEU D 283 -19.02 34.07 50.73
CA LEU D 283 -20.40 33.59 50.78
C LEU D 283 -21.07 33.75 49.43
N GLY D 284 -21.65 32.67 48.92
CA GLY D 284 -22.30 32.70 47.63
C GLY D 284 -23.80 32.53 47.72
N ILE D 285 -24.53 33.32 46.95
CA ILE D 285 -25.99 33.23 46.89
C ILE D 285 -26.51 33.63 45.52
N ARG D 286 -27.29 32.75 44.91
CA ARG D 286 -27.83 33.00 43.58
C ARG D 286 -28.98 33.99 43.65
N PRO D 287 -29.08 34.89 42.65
CA PRO D 287 -30.14 35.91 42.59
C PRO D 287 -31.54 35.30 42.58
N GLU D 288 -31.70 34.14 41.95
CA GLU D 288 -32.99 33.49 41.85
C GLU D 288 -33.42 32.85 43.18
N HIS D 289 -32.47 32.66 44.08
CA HIS D 289 -32.75 31.99 45.35
C HIS D 289 -33.01 32.97 46.50
N LEU D 290 -32.72 34.25 46.26
CA LEU D 290 -33.00 35.29 47.25
C LEU D 290 -34.49 35.41 47.48
N LEU D 291 -34.89 35.44 48.75
CA LEU D 291 -36.30 35.53 49.10
C LEU D 291 -36.68 36.96 49.45
N PRO D 292 -37.97 37.30 49.25
CA PRO D 292 -38.50 38.60 49.68
C PRO D 292 -38.37 38.77 51.20
N SER D 293 -38.25 40.02 51.65
CA SER D 293 -37.96 40.35 53.05
C SER D 293 -38.96 39.76 54.04
N ASP D 294 -40.24 39.75 53.67
CA ASP D 294 -41.31 39.30 54.57
C ASP D 294 -41.11 37.88 55.12
N ILE D 295 -40.56 36.99 54.30
CA ILE D 295 -40.43 35.59 54.68
C ILE D 295 -39.25 35.31 55.61
N ALA D 296 -38.04 35.57 55.12
CA ALA D 296 -36.82 35.21 55.85
C ALA D 296 -36.59 36.07 57.09
N ASP D 297 -35.60 35.69 57.88
CA ASP D 297 -35.27 36.40 59.12
C ASP D 297 -34.05 37.30 58.94
N VAL D 298 -33.10 36.87 58.12
CA VAL D 298 -31.91 37.65 57.86
C VAL D 298 -32.22 38.74 56.85
N ILE D 299 -32.60 39.90 57.35
CA ILE D 299 -33.07 40.99 56.50
C ILE D 299 -31.91 41.87 56.01
N LEU D 300 -31.98 42.27 54.75
CA LEU D 300 -31.02 43.20 54.17
C LEU D 300 -31.76 44.32 53.46
N GLU D 301 -31.61 45.55 53.96
CA GLU D 301 -32.28 46.69 53.38
C GLU D 301 -31.38 47.26 52.29
N GLY D 302 -31.95 48.00 51.35
CA GLY D 302 -31.16 48.58 50.28
C GLY D 302 -31.93 49.46 49.32
N GLU D 303 -31.20 50.11 48.43
CA GLU D 303 -31.78 50.98 47.42
C GLU D 303 -31.67 50.36 46.03
N VAL D 304 -32.73 50.47 45.24
CA VAL D 304 -32.75 49.92 43.90
C VAL D 304 -32.04 50.84 42.90
N GLN D 305 -30.97 50.34 42.29
CA GLN D 305 -30.23 51.10 41.29
C GLN D 305 -30.83 50.98 39.89
N VAL D 306 -30.79 49.77 39.34
CA VAL D 306 -31.25 49.54 37.97
C VAL D 306 -32.22 48.36 37.92
N VAL D 307 -33.32 48.52 37.16
CA VAL D 307 -34.28 47.44 36.97
C VAL D 307 -34.20 46.89 35.54
N GLU D 308 -34.24 45.57 35.41
CA GLU D 308 -34.18 44.93 34.10
C GLU D 308 -35.45 44.13 33.82
N GLN D 309 -36.23 44.60 32.85
CA GLN D 309 -37.48 43.93 32.50
C GLN D 309 -37.32 43.03 31.28
N LEU D 310 -37.30 41.72 31.49
CA LEU D 310 -37.17 40.76 30.41
C LEU D 310 -38.52 40.15 30.03
N GLY D 311 -39.57 40.53 30.76
CA GLY D 311 -40.90 40.03 30.50
C GLY D 311 -41.16 38.69 31.16
N ASN D 312 -40.35 37.70 30.82
CA ASN D 312 -40.46 36.36 31.41
C ASN D 312 -39.92 36.35 32.83
N GLU D 313 -38.96 37.23 33.09
CA GLU D 313 -38.35 37.35 34.42
C GLU D 313 -38.10 38.82 34.72
N THR D 314 -37.70 39.12 35.95
CA THR D 314 -37.39 40.49 36.33
C THR D 314 -36.14 40.54 37.21
N GLN D 315 -35.10 41.19 36.70
CA GLN D 315 -33.84 41.32 37.45
C GLN D 315 -33.73 42.71 38.05
N ILE D 316 -33.29 42.77 39.31
CA ILE D 316 -33.13 44.04 39.99
C ILE D 316 -31.76 44.10 40.68
N HIS D 317 -31.01 45.17 40.45
CA HIS D 317 -29.73 45.37 41.13
C HIS D 317 -29.91 46.22 42.38
N ILE D 318 -29.46 45.70 43.51
CA ILE D 318 -29.64 46.39 44.79
C ILE D 318 -28.30 46.74 45.41
N GLN D 319 -28.15 48.00 45.82
CA GLN D 319 -26.97 48.46 46.53
C GLN D 319 -27.25 48.50 48.03
N ILE D 320 -26.54 47.65 48.77
CA ILE D 320 -26.75 47.58 50.21
C ILE D 320 -25.89 48.64 50.89
N PRO D 321 -26.50 49.47 51.76
CA PRO D 321 -25.85 50.53 52.52
C PRO D 321 -24.77 50.02 53.46
N SER D 322 -24.98 48.84 54.02
CA SER D 322 -24.10 48.33 55.06
C SER D 322 -22.94 47.56 54.43
N ILE D 323 -23.24 46.45 53.77
CA ILE D 323 -22.15 45.75 53.08
C ILE D 323 -21.87 46.50 51.77
N ARG D 324 -20.58 46.76 51.52
CA ARG D 324 -20.15 47.52 50.36
C ARG D 324 -20.25 46.72 49.07
N GLN D 325 -21.35 46.00 48.89
CA GLN D 325 -21.45 45.12 47.74
C GLN D 325 -22.79 45.20 46.99
N ASN D 326 -22.69 45.12 45.66
CA ASN D 326 -23.87 45.17 44.81
C ASN D 326 -24.56 43.82 44.73
N LEU D 327 -25.75 43.73 45.32
CA LEU D 327 -26.52 42.49 45.30
C LEU D 327 -27.46 42.45 44.09
N VAL D 328 -27.56 41.27 43.47
CA VAL D 328 -28.45 41.10 42.33
C VAL D 328 -29.62 40.21 42.72
N TYR D 329 -30.83 40.66 42.41
CA TYR D 329 -32.02 39.90 42.77
C TYR D 329 -32.88 39.63 41.54
N ARG D 330 -33.34 38.38 41.43
CA ARG D 330 -34.14 37.98 40.28
C ARG D 330 -35.44 37.33 40.74
N GLN D 331 -36.55 37.95 40.37
CA GLN D 331 -37.88 37.42 40.68
C GLN D 331 -38.61 37.13 39.39
N ASN D 332 -39.45 36.09 39.40
CA ASN D 332 -40.18 35.72 38.20
C ASN D 332 -41.38 36.63 37.98
N ASP D 333 -42.11 36.41 36.89
CA ASP D 333 -43.21 37.27 36.50
C ASP D 333 -42.74 38.71 36.33
N VAL D 334 -43.53 39.66 36.82
CA VAL D 334 -43.16 41.07 36.75
C VAL D 334 -43.32 41.77 38.10
N VAL D 335 -42.40 42.68 38.40
CA VAL D 335 -42.42 43.43 39.65
C VAL D 335 -42.14 44.89 39.38
N LEU D 336 -43.18 45.72 39.43
CA LEU D 336 -43.05 47.15 39.19
C LEU D 336 -42.41 47.86 40.38
N VAL D 337 -41.14 48.21 40.23
CA VAL D 337 -40.42 48.95 41.26
C VAL D 337 -39.64 50.12 40.66
N GLU D 338 -39.82 51.30 41.23
CA GLU D 338 -39.13 52.49 40.74
C GLU D 338 -37.66 52.47 41.18
N GLU D 339 -36.80 53.04 40.34
CA GLU D 339 -35.38 53.08 40.63
C GLU D 339 -35.09 54.11 41.71
N GLY D 340 -34.69 53.64 42.89
CA GLY D 340 -34.40 54.52 44.00
C GLY D 340 -35.24 54.21 45.22
N ALA D 341 -36.29 53.41 45.01
CA ALA D 341 -37.18 53.04 46.10
C ALA D 341 -36.51 52.01 47.02
N THR D 342 -36.83 52.08 48.31
CA THR D 342 -36.25 51.14 49.27
C THR D 342 -36.84 49.75 49.09
N PHE D 343 -35.97 48.77 48.98
CA PHE D 343 -36.39 47.39 48.75
C PHE D 343 -35.53 46.42 49.56
N ALA D 344 -36.19 45.66 50.44
CA ALA D 344 -35.48 44.74 51.31
C ALA D 344 -35.69 43.29 50.87
N ILE D 345 -34.69 42.46 51.10
CA ILE D 345 -34.76 41.04 50.75
C ILE D 345 -34.18 40.15 51.85
N GLY D 346 -34.57 38.88 51.84
CA GLY D 346 -34.09 37.94 52.84
C GLY D 346 -32.97 37.06 52.30
N LEU D 347 -32.11 36.61 53.19
CA LEU D 347 -30.98 35.76 52.81
C LEU D 347 -31.11 34.39 53.46
N PRO D 348 -31.65 33.42 52.70
CA PRO D 348 -31.81 32.06 53.23
C PRO D 348 -30.47 31.34 53.30
N PRO D 349 -30.10 30.81 54.48
CA PRO D 349 -28.82 30.14 54.66
C PRO D 349 -28.78 28.78 53.97
N GLU D 350 -29.95 28.19 53.75
CA GLU D 350 -30.04 26.88 53.11
C GLU D 350 -29.56 26.92 51.67
N ARG D 351 -29.75 28.06 51.02
CA ARG D 351 -29.38 28.22 49.62
C ARG D 351 -28.10 29.03 49.49
N CYS D 352 -27.17 28.82 50.41
CA CYS D 352 -25.92 29.58 50.43
C CYS D 352 -24.71 28.69 50.17
N HIS D 353 -23.74 29.22 49.44
CA HIS D 353 -22.49 28.52 49.18
C HIS D 353 -21.36 29.18 49.94
N LEU D 354 -20.28 28.45 50.16
CA LEU D 354 -19.15 28.94 50.94
C LEU D 354 -17.81 28.54 50.32
N PHE D 355 -17.00 29.53 49.98
CA PHE D 355 -15.74 29.30 49.29
C PHE D 355 -14.57 29.82 50.11
N ARG D 356 -13.51 29.01 50.21
CA ARG D 356 -12.32 29.41 50.97
C ARG D 356 -11.48 30.40 50.17
N GLU D 357 -10.35 30.81 50.74
CA GLU D 357 -9.48 31.79 50.09
C GLU D 357 -8.87 31.22 48.82
N ASP D 358 -8.39 29.98 48.89
CA ASP D 358 -7.78 29.33 47.74
C ASP D 358 -8.81 29.11 46.64
N GLY D 359 -10.07 28.96 47.03
CA GLY D 359 -11.16 28.83 46.07
C GLY D 359 -12.06 27.64 46.31
N THR D 360 -11.51 26.59 46.94
CA THR D 360 -12.26 25.36 47.18
C THR D 360 -13.55 25.62 47.94
N ALA D 361 -14.62 24.96 47.52
CA ALA D 361 -15.93 25.15 48.14
C ALA D 361 -16.29 24.03 49.10
N CYS D 362 -16.91 24.39 50.22
CA CYS D 362 -17.41 23.41 51.17
C CYS D 362 -18.70 22.82 50.62
N ARG D 363 -18.80 21.50 50.58
CA ARG D 363 -19.97 20.85 50.00
C ARG D 363 -21.22 21.16 50.81
N ARG D 364 -22.26 21.63 50.13
CA ARG D 364 -23.52 21.92 50.79
C ARG D 364 -24.16 20.64 51.30
N LEU D 365 -24.72 20.69 52.50
CA LEU D 365 -25.35 19.54 53.11
C LEU D 365 -26.86 19.55 52.85
N HIS D 366 -27.39 20.72 52.54
CA HIS D 366 -28.81 20.87 52.26
C HIS D 366 -29.19 20.08 51.01
N LYS D 367 -30.11 19.14 51.17
CA LYS D 367 -30.51 18.27 50.07
C LYS D 367 -31.42 19.01 49.08
N GLU D 368 -31.02 19.00 47.82
CA GLU D 368 -31.81 19.62 46.76
C GLU D 368 -32.42 18.55 45.87
N PRO D 369 -33.63 18.81 45.36
CA PRO D 369 -34.32 17.85 44.48
C PRO D 369 -33.68 17.79 43.10
N GLY D 370 -33.47 16.58 42.59
CA GLY D 370 -32.87 16.40 41.29
C GLY D 370 -31.51 15.73 41.35
N VAL D 371 -30.87 15.81 42.51
CA VAL D 371 -29.56 15.22 42.72
C VAL D 371 -29.63 14.01 43.64
N THR E 23 -40.92 38.28 -13.81
CA THR E 23 -41.66 37.83 -12.65
C THR E 23 -42.31 36.47 -12.90
N ILE E 24 -41.88 35.47 -12.13
CA ILE E 24 -42.40 34.12 -12.27
C ILE E 24 -43.33 33.78 -11.10
N GLU E 25 -44.45 33.12 -11.41
CA GLU E 25 -45.44 32.77 -10.40
C GLU E 25 -45.45 31.26 -10.15
N ILE E 26 -45.31 30.87 -8.89
CA ILE E 26 -45.27 29.46 -8.51
C ILE E 26 -46.64 28.93 -8.09
N ILE E 27 -47.06 27.85 -8.73
CA ILE E 27 -48.37 27.25 -8.49
C ILE E 27 -48.29 26.15 -7.44
N ALA E 28 -49.31 26.04 -6.60
CA ALA E 28 -49.36 25.05 -5.52
C ALA E 28 -49.29 23.62 -6.04
N PRO E 29 -48.49 22.78 -5.38
CA PRO E 29 -48.31 21.37 -5.74
C PRO E 29 -49.51 20.50 -5.37
N LEU E 30 -50.20 20.85 -4.28
CA LEU E 30 -51.37 20.10 -3.86
C LEU E 30 -52.46 21.02 -3.30
N SER E 31 -53.68 20.49 -3.23
CA SER E 31 -54.82 21.27 -2.76
C SER E 31 -54.85 21.35 -1.24
N GLY E 32 -55.47 22.41 -0.72
CA GLY E 32 -55.58 22.60 0.72
C GLY E 32 -55.64 24.07 1.10
N GLU E 33 -55.08 24.38 2.27
CA GLU E 33 -55.09 25.76 2.77
C GLU E 33 -53.67 26.25 3.03
N ILE E 34 -53.39 27.49 2.64
CA ILE E 34 -52.07 28.08 2.82
C ILE E 34 -51.81 28.44 4.27
N VAL E 35 -50.76 27.84 4.84
CA VAL E 35 -50.35 28.13 6.21
C VAL E 35 -48.93 28.68 6.21
N ASN E 36 -48.66 29.59 7.14
CA ASN E 36 -47.33 30.20 7.24
C ASN E 36 -46.25 29.18 7.52
N ILE E 37 -45.09 29.35 6.89
CA ILE E 37 -44.00 28.38 6.99
C ILE E 37 -43.39 28.33 8.39
N GLU E 38 -43.46 29.44 9.12
CA GLU E 38 -42.86 29.53 10.45
C GLU E 38 -43.63 28.74 11.50
N ASP E 39 -44.83 28.28 11.14
CA ASP E 39 -45.66 27.50 12.06
C ASP E 39 -45.38 26.00 11.92
N VAL E 40 -44.53 25.64 10.97
CA VAL E 40 -44.15 24.25 10.76
C VAL E 40 -43.35 23.72 11.94
N PRO E 41 -43.74 22.54 12.46
CA PRO E 41 -43.11 21.89 13.63
C PRO E 41 -41.75 21.27 13.32
N ASP E 42 -40.83 22.05 12.77
CA ASP E 42 -39.49 21.58 12.47
C ASP E 42 -38.52 22.74 12.31
N VAL E 43 -37.39 22.68 13.01
CA VAL E 43 -36.43 23.77 13.04
C VAL E 43 -35.80 24.00 11.67
N VAL E 44 -35.78 22.96 10.85
CA VAL E 44 -35.20 23.05 9.52
C VAL E 44 -36.06 23.92 8.59
N PHE E 45 -37.37 23.73 8.67
CA PHE E 45 -38.30 24.47 7.82
C PHE E 45 -38.77 25.79 8.44
N ALA E 46 -39.05 25.77 9.74
CA ALA E 46 -39.63 26.92 10.42
C ALA E 46 -38.71 28.14 10.40
N GLU E 47 -37.44 27.91 10.72
CA GLU E 47 -36.47 29.00 10.77
C GLU E 47 -35.94 29.35 9.39
N LYS E 48 -36.54 28.74 8.36
CA LYS E 48 -36.21 29.03 6.96
C LYS E 48 -34.73 28.79 6.65
N ILE E 49 -34.24 27.62 7.04
CA ILE E 49 -32.86 27.25 6.77
C ILE E 49 -32.75 26.61 5.38
N VAL E 50 -33.65 25.68 5.09
CA VAL E 50 -33.70 25.04 3.79
C VAL E 50 -34.10 26.03 2.70
N GLY E 51 -35.05 26.92 3.03
CA GLY E 51 -35.51 27.92 2.10
C GLY E 51 -36.69 28.71 2.64
N ASP E 52 -37.22 29.61 1.81
CA ASP E 52 -38.36 30.43 2.19
C ASP E 52 -39.55 30.10 1.31
N GLY E 53 -40.74 30.05 1.91
CA GLY E 53 -41.95 29.76 1.18
C GLY E 53 -43.17 29.62 2.08
N ILE E 54 -44.01 28.65 1.78
CA ILE E 54 -45.22 28.41 2.56
C ILE E 54 -45.53 26.91 2.69
N ALA E 55 -46.45 26.58 3.59
CA ALA E 55 -46.85 25.20 3.81
C ALA E 55 -48.35 25.07 3.61
N ILE E 56 -48.78 23.94 3.05
CA ILE E 56 -50.18 23.72 2.74
C ILE E 56 -50.72 22.51 3.51
N LYS E 57 -51.92 22.65 4.08
CA LYS E 57 -52.56 21.56 4.78
C LYS E 57 -53.22 20.62 3.76
N PRO E 58 -52.66 19.42 3.59
CA PRO E 58 -53.05 18.48 2.53
C PRO E 58 -54.49 17.99 2.64
N THR E 59 -55.23 18.07 1.53
CA THR E 59 -56.57 17.51 1.45
C THR E 59 -56.70 16.70 0.17
N GLY E 60 -55.80 16.94 -0.78
CA GLY E 60 -55.79 16.22 -2.05
C GLY E 60 -55.09 14.88 -1.95
N ASN E 61 -54.60 14.39 -3.08
CA ASN E 61 -53.92 13.11 -3.13
C ASN E 61 -52.86 13.04 -4.22
N LYS E 62 -52.23 14.17 -4.52
CA LYS E 62 -51.21 14.23 -5.55
C LYS E 62 -50.36 15.49 -5.47
N MET E 63 -49.03 15.30 -5.53
CA MET E 63 -48.09 16.42 -5.53
C MET E 63 -47.71 16.78 -6.97
N VAL E 64 -48.16 17.94 -7.41
CA VAL E 64 -47.90 18.41 -8.77
C VAL E 64 -46.67 19.30 -8.83
N ALA E 65 -45.89 19.17 -9.91
CA ALA E 65 -44.75 20.06 -10.12
C ALA E 65 -45.23 21.50 -10.18
N PRO E 66 -44.66 22.35 -9.32
CA PRO E 66 -45.13 23.74 -9.16
C PRO E 66 -44.88 24.61 -10.38
N VAL E 67 -43.74 24.44 -11.05
CA VAL E 67 -43.40 25.26 -12.20
C VAL E 67 -42.82 24.44 -13.35
N ASP E 68 -42.84 25.01 -14.54
CA ASP E 68 -42.25 24.36 -15.71
C ASP E 68 -40.73 24.35 -15.60
N GLY E 69 -40.16 23.16 -15.59
CA GLY E 69 -38.72 23.01 -15.48
C GLY E 69 -38.30 21.56 -15.32
N THR E 70 -37.00 21.35 -15.08
CA THR E 70 -36.46 20.01 -14.92
C THR E 70 -36.46 19.58 -13.46
N ILE E 71 -37.00 18.39 -13.21
CA ILE E 71 -37.00 17.81 -11.86
C ILE E 71 -35.59 17.39 -11.46
N GLY E 72 -35.10 17.92 -10.35
CA GLY E 72 -33.74 17.63 -9.91
C GLY E 72 -33.57 16.23 -9.36
N LYS E 73 -34.09 15.99 -8.16
CA LYS E 73 -33.96 14.70 -7.52
C LYS E 73 -35.20 14.36 -6.70
N ILE E 74 -35.44 13.06 -6.51
CA ILE E 74 -36.54 12.59 -5.70
C ILE E 74 -35.98 11.65 -4.62
N PHE E 75 -36.49 11.80 -3.39
CA PHE E 75 -35.98 11.03 -2.26
C PHE E 75 -36.26 9.54 -2.44
N GLU E 76 -35.51 8.71 -1.73
CA GLU E 76 -35.67 7.26 -1.80
C GLU E 76 -36.99 6.86 -1.15
N THR E 77 -37.42 7.66 -0.17
CA THR E 77 -38.68 7.42 0.53
C THR E 77 -39.86 7.81 -0.34
N ASN E 78 -39.59 8.56 -1.41
CA ASN E 78 -40.62 9.02 -2.35
C ASN E 78 -41.68 9.88 -1.67
N HIS E 79 -41.25 10.69 -0.71
CA HIS E 79 -42.16 11.56 0.02
C HIS E 79 -41.95 13.03 -0.35
N ALA E 80 -40.93 13.28 -1.17
CA ALA E 80 -40.55 14.63 -1.54
C ALA E 80 -39.69 14.64 -2.79
N PHE E 81 -39.51 15.82 -3.39
CA PHE E 81 -38.69 15.96 -4.59
C PHE E 81 -38.24 17.40 -4.78
N SER E 82 -37.19 17.58 -5.56
CA SER E 82 -36.70 18.91 -5.90
C SER E 82 -36.96 19.17 -7.38
N ILE E 83 -37.09 20.44 -7.75
CA ILE E 83 -37.34 20.79 -9.14
C ILE E 83 -36.79 22.19 -9.45
N GLU E 84 -36.12 22.32 -10.59
CA GLU E 84 -35.54 23.59 -11.00
C GLU E 84 -36.24 24.12 -12.26
N SER E 85 -36.74 25.34 -12.16
CA SER E 85 -37.49 25.95 -13.27
C SER E 85 -36.56 26.33 -14.41
N ASP E 86 -37.16 26.57 -15.58
CA ASP E 86 -36.41 27.01 -16.75
C ASP E 86 -35.91 28.44 -16.53
N SER E 87 -36.65 29.20 -15.74
CA SER E 87 -36.28 30.58 -15.41
C SER E 87 -34.99 30.61 -14.59
N GLY E 88 -34.82 29.60 -13.76
CA GLY E 88 -33.64 29.48 -12.91
C GLY E 88 -34.01 29.63 -11.45
N VAL E 89 -34.99 28.86 -11.02
CA VAL E 89 -35.45 28.88 -9.63
C VAL E 89 -35.57 27.46 -9.10
N GLU E 90 -34.74 27.11 -8.13
CA GLU E 90 -34.73 25.76 -7.57
C GLU E 90 -35.74 25.60 -6.44
N LEU E 91 -36.82 24.89 -6.73
CA LEU E 91 -37.87 24.66 -5.74
C LEU E 91 -37.58 23.42 -4.92
N PHE E 92 -38.41 23.19 -3.91
CA PHE E 92 -38.29 22.01 -3.07
C PHE E 92 -39.61 21.75 -2.36
N VAL E 93 -40.26 20.65 -2.72
CA VAL E 93 -41.53 20.27 -2.11
C VAL E 93 -41.32 19.05 -1.22
N HIS E 94 -41.68 19.19 0.05
CA HIS E 94 -41.48 18.11 1.01
C HIS E 94 -42.76 17.83 1.79
N PHE E 95 -43.36 16.67 1.57
CA PHE E 95 -44.58 16.31 2.26
C PHE E 95 -44.30 15.95 3.71
N GLY E 96 -45.03 16.59 4.63
CA GLY E 96 -44.94 16.27 6.04
C GLY E 96 -43.62 16.62 6.67
N ILE E 97 -43.47 16.26 7.94
CA ILE E 97 -42.22 16.47 8.67
C ILE E 97 -41.77 15.16 9.30
N ASP E 98 -40.52 14.80 9.06
CA ASP E 98 -39.96 13.53 9.54
C ASP E 98 -40.79 12.34 9.08
N THR E 99 -41.25 12.43 7.84
CA THR E 99 -42.05 11.37 7.22
C THR E 99 -41.17 10.24 6.68
N VAL E 100 -39.86 10.47 6.68
CA VAL E 100 -38.87 9.50 6.23
C VAL E 100 -38.98 8.15 6.95
N GLU E 101 -39.35 8.18 8.24
CA GLU E 101 -39.42 6.97 9.04
C GLU E 101 -40.44 5.96 8.51
N LEU E 102 -41.37 6.44 7.69
CA LEU E 102 -42.39 5.57 7.12
C LEU E 102 -41.80 4.63 6.07
N LYS E 103 -40.63 4.98 5.56
CA LYS E 103 -39.90 4.17 4.58
C LYS E 103 -40.74 3.91 3.32
N GLY E 104 -41.46 4.93 2.88
CA GLY E 104 -42.25 4.86 1.67
C GLY E 104 -43.48 4.01 1.81
N GLU E 105 -44.10 4.06 3.00
CA GLU E 105 -45.32 3.32 3.25
C GLU E 105 -46.52 4.27 3.16
N GLY E 106 -47.18 4.26 2.01
CA GLY E 106 -48.31 5.15 1.76
C GLY E 106 -48.08 6.00 0.52
N PHE E 107 -46.80 6.18 0.18
CA PHE E 107 -46.43 6.95 -1.01
C PHE E 107 -46.27 6.06 -2.23
N LYS E 108 -46.28 6.69 -3.41
CA LYS E 108 -46.12 5.97 -4.66
C LYS E 108 -45.48 6.89 -5.70
N ARG E 109 -44.37 6.43 -6.27
CA ARG E 109 -43.61 7.23 -7.23
C ARG E 109 -44.22 7.17 -8.63
N ILE E 110 -44.39 8.34 -9.24
CA ILE E 110 -44.90 8.42 -10.60
C ILE E 110 -43.84 9.01 -11.54
N ALA E 111 -43.31 10.17 -11.18
CA ALA E 111 -42.30 10.84 -11.99
C ALA E 111 -40.92 10.19 -11.86
N GLU E 112 -39.98 10.68 -12.66
CA GLU E 112 -38.62 10.15 -12.65
C GLU E 112 -37.59 11.27 -12.49
N GLU E 113 -36.48 10.96 -11.83
CA GLU E 113 -35.37 11.91 -11.67
C GLU E 113 -34.84 12.35 -13.02
N GLY E 114 -34.92 13.65 -13.29
CA GLY E 114 -34.40 14.18 -14.54
C GLY E 114 -35.49 14.55 -15.53
N GLN E 115 -36.64 13.89 -15.39
CA GLN E 115 -37.78 14.09 -16.28
C GLN E 115 -38.16 15.57 -16.40
N ARG E 116 -38.60 15.96 -17.59
CA ARG E 116 -39.01 17.34 -17.82
C ARG E 116 -40.53 17.41 -17.71
N VAL E 117 -41.01 18.33 -16.88
CA VAL E 117 -42.43 18.45 -16.61
C VAL E 117 -42.93 19.87 -16.76
N LYS E 118 -44.25 20.03 -16.66
CA LYS E 118 -44.91 21.33 -16.76
C LYS E 118 -45.91 21.42 -15.61
N VAL E 119 -46.37 22.63 -15.32
CA VAL E 119 -47.40 22.82 -14.30
C VAL E 119 -48.61 21.94 -14.60
N GLY E 120 -49.16 21.30 -13.57
CA GLY E 120 -50.30 20.41 -13.73
C GLY E 120 -49.92 18.96 -13.93
N ASP E 121 -48.61 18.69 -13.97
CA ASP E 121 -48.11 17.33 -14.13
C ASP E 121 -47.95 16.62 -12.79
N THR E 122 -48.51 15.42 -12.68
CA THR E 122 -48.44 14.64 -11.45
C THR E 122 -47.03 14.11 -11.21
N VAL E 123 -46.48 14.40 -10.04
CA VAL E 123 -45.16 13.93 -9.67
C VAL E 123 -45.23 12.78 -8.67
N ILE E 124 -45.93 13.01 -7.56
CA ILE E 124 -46.08 11.99 -6.53
C ILE E 124 -47.54 11.92 -6.05
N GLU E 125 -48.05 10.70 -5.94
CA GLU E 125 -49.40 10.48 -5.42
C GLU E 125 -49.31 9.87 -4.02
N PHE E 126 -50.19 10.30 -3.14
CA PHE E 126 -50.16 9.84 -1.75
C PHE E 126 -51.54 9.50 -1.21
N ASP E 127 -51.57 8.65 -0.18
CA ASP E 127 -52.82 8.28 0.48
C ASP E 127 -53.02 9.07 1.77
N LEU E 128 -53.92 10.04 1.72
CA LEU E 128 -54.14 10.97 2.82
C LEU E 128 -54.59 10.35 4.16
N PRO E 129 -55.64 9.50 4.14
CA PRO E 129 -56.12 8.98 5.42
C PRO E 129 -55.09 8.16 6.19
N LEU E 130 -54.23 7.46 5.45
CA LEU E 130 -53.18 6.66 6.08
C LEU E 130 -52.10 7.55 6.68
N LEU E 131 -51.70 8.58 5.94
CA LEU E 131 -50.65 9.49 6.36
C LEU E 131 -51.09 10.43 7.47
N GLU E 132 -52.39 10.68 7.57
CA GLU E 132 -52.92 11.58 8.59
C GLU E 132 -52.76 10.97 9.98
N GLU E 133 -52.80 9.64 10.05
CA GLU E 133 -52.68 8.94 11.33
C GLU E 133 -51.45 8.02 11.35
N LYS E 134 -50.36 8.45 10.73
CA LYS E 134 -49.12 7.68 10.73
C LYS E 134 -47.88 8.58 10.77
N ALA E 135 -47.77 9.48 9.80
CA ALA E 135 -46.64 10.40 9.72
C ALA E 135 -46.64 11.35 10.91
N LYS E 136 -45.46 11.87 11.24
CA LYS E 136 -45.33 12.79 12.37
C LYS E 136 -46.09 14.09 12.13
N SER E 137 -46.19 14.48 10.87
CA SER E 137 -46.91 15.69 10.49
C SER E 137 -47.39 15.59 9.06
N THR E 138 -48.49 16.28 8.75
CA THR E 138 -49.03 16.27 7.40
C THR E 138 -48.63 17.52 6.61
N LEU E 139 -48.43 18.63 7.32
CA LEU E 139 -48.08 19.92 6.72
C LEU E 139 -46.95 19.82 5.69
N THR E 140 -47.17 20.38 4.51
CA THR E 140 -46.22 20.22 3.41
C THR E 140 -45.61 21.56 3.01
N PRO E 141 -44.39 21.82 3.49
CA PRO E 141 -43.63 23.02 3.12
C PRO E 141 -43.26 23.04 1.64
N VAL E 142 -43.27 24.23 1.04
CA VAL E 142 -42.81 24.41 -0.33
C VAL E 142 -41.90 25.64 -0.37
N VAL E 143 -40.61 25.41 -0.48
CA VAL E 143 -39.63 26.49 -0.39
C VAL E 143 -38.67 26.50 -1.58
N ILE E 144 -37.96 27.62 -1.74
CA ILE E 144 -36.98 27.78 -2.80
C ILE E 144 -35.57 27.70 -2.21
N SER E 145 -34.70 26.93 -2.85
CA SER E 145 -33.34 26.75 -2.36
C SER E 145 -32.46 27.97 -2.64
N ASN E 146 -32.38 28.36 -3.91
CA ASN E 146 -31.54 29.48 -4.31
C ASN E 146 -32.21 30.84 -4.12
N MET E 147 -32.20 31.32 -2.88
CA MET E 147 -32.83 32.60 -2.54
C MET E 147 -32.01 33.80 -3.00
N ASP E 148 -30.74 33.56 -3.30
CA ASP E 148 -29.83 34.63 -3.70
C ASP E 148 -30.20 35.21 -5.07
N GLU E 149 -30.74 34.37 -5.95
CA GLU E 149 -31.14 34.81 -7.28
C GLU E 149 -32.41 35.66 -7.22
N ILE E 150 -33.32 35.28 -6.32
CA ILE E 150 -34.59 35.99 -6.16
C ILE E 150 -34.37 37.33 -5.45
N LYS E 151 -34.89 38.40 -6.03
CA LYS E 151 -34.75 39.73 -5.45
C LYS E 151 -35.88 40.02 -4.48
N GLU E 152 -37.10 39.67 -4.87
CA GLU E 152 -38.28 39.86 -4.04
C GLU E 152 -39.20 38.65 -4.11
N LEU E 153 -39.79 38.28 -2.98
CA LEU E 153 -40.66 37.12 -2.91
C LEU E 153 -41.93 37.49 -2.14
N ILE E 154 -43.07 37.06 -2.67
CA ILE E 154 -44.35 37.36 -2.03
C ILE E 154 -45.20 36.10 -1.87
N LYS E 155 -45.82 35.95 -0.70
CA LYS E 155 -46.63 34.79 -0.39
C LYS E 155 -48.11 35.12 -0.47
N LEU E 156 -48.89 34.22 -1.04
CA LEU E 156 -50.33 34.41 -1.15
C LEU E 156 -51.07 33.71 0.00
N SER E 157 -52.38 33.94 0.08
CA SER E 157 -53.19 33.37 1.14
C SER E 157 -54.49 32.78 0.61
N GLY E 158 -55.24 32.12 1.49
CA GLY E 158 -56.51 31.52 1.11
C GLY E 158 -56.37 30.07 0.71
N SER E 159 -57.50 29.40 0.49
CA SER E 159 -57.50 28.00 0.10
C SER E 159 -57.00 27.84 -1.33
N VAL E 160 -56.44 26.67 -1.65
CA VAL E 160 -55.89 26.42 -2.98
C VAL E 160 -56.30 25.05 -3.51
N THR E 161 -56.17 24.88 -4.83
CA THR E 161 -56.50 23.62 -5.48
C THR E 161 -55.27 23.00 -6.14
N VAL E 162 -55.43 21.79 -6.69
CA VAL E 162 -54.32 21.06 -7.29
C VAL E 162 -53.88 21.64 -8.63
N GLY E 163 -52.65 22.15 -8.66
CA GLY E 163 -52.02 22.61 -9.89
C GLY E 163 -52.77 23.68 -10.66
N GLU E 164 -53.39 24.61 -9.93
CA GLU E 164 -54.14 25.68 -10.56
C GLU E 164 -53.93 27.00 -9.84
N THR E 165 -54.35 27.06 -8.58
CA THR E 165 -54.25 28.27 -7.78
C THR E 165 -52.79 28.57 -7.44
N PRO E 166 -52.35 29.81 -7.72
CA PRO E 166 -50.98 30.21 -7.40
C PRO E 166 -50.78 30.42 -5.90
N VAL E 167 -49.54 30.36 -5.43
CA VAL E 167 -49.25 30.52 -4.01
C VAL E 167 -48.08 31.47 -3.76
N ILE E 168 -47.05 31.38 -4.59
CA ILE E 168 -45.87 32.22 -4.43
C ILE E 168 -45.54 32.92 -5.74
N ARG E 169 -45.21 34.20 -5.65
CA ARG E 169 -44.84 34.98 -6.81
C ARG E 169 -43.46 35.62 -6.62
N ILE E 170 -42.44 34.96 -7.15
CA ILE E 170 -41.06 35.41 -7.00
C ILE E 170 -40.69 36.43 -8.08
N LYS E 171 -39.52 37.03 -7.93
CA LYS E 171 -39.03 38.00 -8.89
C LYS E 171 -37.53 37.86 -9.06
N LYS E 172 -37.12 37.26 -10.17
CA LYS E 172 -35.71 37.03 -10.44
C LYS E 172 -35.01 38.31 -10.91
N THR F 23 12.09 34.52 41.31
CA THR F 23 10.90 34.62 42.15
C THR F 23 10.85 35.97 42.86
N ILE F 24 9.82 36.76 42.54
CA ILE F 24 9.67 38.08 43.13
C ILE F 24 8.54 38.06 44.16
N GLU F 25 8.74 38.74 45.28
CA GLU F 25 7.74 38.79 46.34
C GLU F 25 7.16 40.19 46.47
N ILE F 26 5.84 40.30 46.36
CA ILE F 26 5.16 41.59 46.46
C ILE F 26 4.64 41.85 47.87
N ILE F 27 5.03 42.99 48.42
CA ILE F 27 4.65 43.36 49.78
C ILE F 27 3.36 44.18 49.76
N ALA F 28 2.49 43.95 50.74
CA ALA F 28 1.21 44.65 50.81
C ALA F 28 1.41 46.16 50.97
N PRO F 29 0.62 46.95 50.22
CA PRO F 29 0.71 48.42 50.28
C PRO F 29 0.12 48.99 51.56
N LEU F 30 -0.91 48.34 52.10
CA LEU F 30 -1.53 48.78 53.35
C LEU F 30 -1.95 47.59 54.21
N SER F 31 -2.17 47.86 55.50
CA SER F 31 -2.54 46.81 56.44
C SER F 31 -4.02 46.45 56.34
N GLY F 32 -4.35 45.22 56.72
CA GLY F 32 -5.73 44.75 56.69
C GLY F 32 -5.83 43.26 56.44
N GLU F 33 -6.90 42.84 55.78
CA GLU F 33 -7.13 41.43 55.49
C GLU F 33 -7.25 41.18 53.99
N ILE F 34 -6.62 40.11 53.52
CA ILE F 34 -6.65 39.75 52.11
C ILE F 34 -8.00 39.19 51.70
N VAL F 35 -8.64 39.85 50.73
CA VAL F 35 -9.92 39.40 50.21
C VAL F 35 -9.78 39.06 48.73
N ASN F 36 -10.54 38.06 48.28
CA ASN F 36 -10.48 37.63 46.88
C ASN F 36 -10.84 38.77 45.95
N ILE F 37 -10.13 38.88 44.83
CA ILE F 37 -10.32 39.98 43.90
C ILE F 37 -11.69 39.93 43.21
N GLU F 38 -12.23 38.72 43.04
CA GLU F 38 -13.51 38.55 42.37
C GLU F 38 -14.70 38.97 43.24
N ASP F 39 -14.43 39.20 44.52
CA ASP F 39 -15.48 39.63 45.45
C ASP F 39 -15.60 41.14 45.50
N VAL F 40 -14.71 41.82 44.80
CA VAL F 40 -14.71 43.28 44.73
C VAL F 40 -15.97 43.78 44.04
N PRO F 41 -16.66 44.75 44.64
CA PRO F 41 -17.92 45.29 44.12
C PRO F 41 -17.72 46.18 42.90
N ASP F 42 -17.02 45.68 41.89
CA ASP F 42 -16.82 46.42 40.65
C ASP F 42 -16.44 45.46 39.54
N VAL F 43 -17.17 45.54 38.43
CA VAL F 43 -17.01 44.61 37.32
C VAL F 43 -15.64 44.76 36.63
N VAL F 44 -15.04 45.93 36.78
CA VAL F 44 -13.74 46.22 36.15
C VAL F 44 -12.62 45.41 36.79
N PHE F 45 -12.64 45.29 38.11
CA PHE F 45 -11.60 44.56 38.83
C PHE F 45 -11.94 43.08 38.99
N ALA F 46 -13.21 42.79 39.22
CA ALA F 46 -13.64 41.42 39.51
C ALA F 46 -13.38 40.47 38.35
N GLU F 47 -13.73 40.89 37.14
CA GLU F 47 -13.54 40.04 35.96
C GLU F 47 -12.11 40.10 35.45
N LYS F 48 -11.23 40.73 36.22
CA LYS F 48 -9.80 40.78 35.93
C LYS F 48 -9.45 41.42 34.58
N ILE F 49 -9.98 42.61 34.33
CA ILE F 49 -9.68 43.35 33.11
C ILE F 49 -8.41 44.17 33.26
N VAL F 50 -8.30 44.89 34.36
CA VAL F 50 -7.11 45.70 34.64
C VAL F 50 -5.90 44.80 34.90
N GLY F 51 -6.14 43.70 35.63
CA GLY F 51 -5.08 42.76 35.95
C GLY F 51 -5.54 41.70 36.94
N ASP F 52 -4.62 40.83 37.34
CA ASP F 52 -4.93 39.79 38.29
C ASP F 52 -4.13 40.01 39.57
N GLY F 53 -4.76 39.77 40.72
CA GLY F 53 -4.10 39.97 42.00
C GLY F 53 -5.05 39.76 43.16
N ILE F 54 -4.95 40.61 44.17
CA ILE F 54 -5.80 40.51 45.36
C ILE F 54 -6.24 41.87 45.88
N ALA F 55 -7.20 41.86 46.79
CA ALA F 55 -7.72 43.09 47.38
C ALA F 55 -7.61 43.04 48.89
N ILE F 56 -7.31 44.18 49.50
CA ILE F 56 -7.11 44.25 50.95
C ILE F 56 -8.14 45.19 51.59
N LYS F 57 -8.70 44.75 52.72
CA LYS F 57 -9.64 45.58 53.48
C LYS F 57 -8.85 46.56 54.33
N PRO F 58 -8.89 47.85 53.98
CA PRO F 58 -8.04 48.87 54.62
C PRO F 58 -8.37 49.05 56.11
N THR F 59 -7.34 49.04 56.94
CA THR F 59 -7.48 49.33 58.37
C THR F 59 -6.42 50.33 58.81
N GLY F 60 -5.37 50.45 58.00
CA GLY F 60 -4.29 51.37 58.29
C GLY F 60 -4.62 52.79 57.87
N ASN F 61 -3.59 53.59 57.62
CA ASN F 61 -3.79 54.99 57.23
C ASN F 61 -2.68 55.54 56.34
N LYS F 62 -2.10 54.67 55.52
CA LYS F 62 -1.03 55.05 54.61
C LYS F 62 -0.80 54.01 53.52
N MET F 63 -0.71 54.45 52.27
CA MET F 63 -0.43 53.54 51.17
C MET F 63 1.06 53.52 50.86
N VAL F 64 1.68 52.39 51.17
CA VAL F 64 3.12 52.21 51.00
C VAL F 64 3.44 51.55 49.65
N ALA F 65 4.53 51.99 49.02
CA ALA F 65 5.00 51.37 47.79
C ALA F 65 5.33 49.90 48.04
N PRO F 66 4.69 49.01 47.27
CA PRO F 66 4.78 47.55 47.47
C PRO F 66 6.17 46.96 47.17
N VAL F 67 6.83 47.44 46.14
CA VAL F 67 8.13 46.91 45.75
C VAL F 67 9.13 48.02 45.39
N ASP F 68 10.41 47.66 45.37
CA ASP F 68 11.45 48.60 44.97
C ASP F 68 11.38 48.88 43.48
N GLY F 69 11.16 50.14 43.13
CA GLY F 69 11.06 50.52 41.73
C GLY F 69 10.64 51.96 41.53
N THR F 70 10.42 52.34 40.27
CA THR F 70 10.01 53.69 39.93
C THR F 70 8.49 53.80 39.86
N ILE F 71 7.93 54.81 40.53
CA ILE F 71 6.50 55.04 40.49
C ILE F 71 6.09 55.53 39.10
N GLY F 72 5.16 54.82 38.49
CA GLY F 72 4.72 55.12 37.13
C GLY F 72 3.89 56.39 37.04
N LYS F 73 2.66 56.33 37.51
CA LYS F 73 1.76 57.47 37.43
C LYS F 73 0.88 57.56 38.68
N ILE F 74 0.48 58.78 39.02
CA ILE F 74 -0.43 59.00 40.15
C ILE F 74 -1.63 59.80 39.70
N PHE F 75 -2.82 59.40 40.15
CA PHE F 75 -4.06 60.05 39.74
C PHE F 75 -4.12 61.48 40.23
N GLU F 76 -4.97 62.29 39.59
CA GLU F 76 -5.13 63.69 39.97
C GLU F 76 -5.88 63.78 41.29
N THR F 77 -6.76 62.81 41.53
CA THR F 77 -7.53 62.74 42.77
C THR F 77 -6.67 62.23 43.92
N ASN F 78 -5.51 61.67 43.58
CA ASN F 78 -4.56 61.14 44.55
C ASN F 78 -5.11 59.99 45.39
N HIS F 79 -5.91 59.12 44.76
CA HIS F 79 -6.49 57.99 45.47
C HIS F 79 -5.85 56.66 45.05
N ALA F 80 -4.95 56.73 44.08
CA ALA F 80 -4.31 55.53 43.55
C ALA F 80 -3.04 55.88 42.79
N PHE F 81 -2.21 54.86 42.51
CA PHE F 81 -0.97 55.07 41.78
C PHE F 81 -0.45 53.78 41.16
N SER F 82 0.42 53.92 40.17
CA SER F 82 1.06 52.77 39.53
C SER F 82 2.54 52.75 39.86
N ILE F 83 3.14 51.56 39.81
CA ILE F 83 4.56 51.42 40.10
C ILE F 83 5.18 50.22 39.37
N GLU F 84 6.36 50.43 38.80
CA GLU F 84 7.07 49.37 38.11
C GLU F 84 8.37 49.02 38.85
N SER F 85 8.53 47.74 39.17
CA SER F 85 9.69 47.30 39.94
C SER F 85 10.96 47.35 39.08
N ASP F 86 12.11 47.28 39.75
CA ASP F 86 13.40 47.26 39.05
C ASP F 86 13.55 45.96 38.27
N SER F 87 12.90 44.90 38.77
CA SER F 87 12.93 43.61 38.11
C SER F 87 12.20 43.68 36.77
N GLY F 88 11.18 44.53 36.71
CA GLY F 88 10.41 44.71 35.49
C GLY F 88 8.98 44.24 35.62
N VAL F 89 8.30 44.72 36.65
CA VAL F 89 6.90 44.35 36.89
C VAL F 89 6.06 45.58 37.19
N GLU F 90 5.15 45.90 36.28
CA GLU F 90 4.31 47.10 36.44
C GLU F 90 3.05 46.80 37.27
N LEU F 91 3.05 47.27 38.50
CA LEU F 91 1.93 47.07 39.41
C LEU F 91 0.90 48.19 39.31
N PHE F 92 -0.20 48.02 40.04
CA PHE F 92 -1.27 49.03 40.06
C PHE F 92 -2.11 48.88 41.32
N VAL F 93 -2.02 49.89 42.19
CA VAL F 93 -2.78 49.90 43.43
C VAL F 93 -3.87 50.96 43.39
N HIS F 94 -5.11 50.53 43.62
CA HIS F 94 -6.27 51.43 43.56
C HIS F 94 -7.13 51.32 44.81
N PHE F 95 -7.15 52.38 45.60
CA PHE F 95 -7.96 52.40 46.82
C PHE F 95 -9.44 52.51 46.54
N GLY F 96 -10.22 51.61 47.12
CA GLY F 96 -11.66 51.68 47.05
C GLY F 96 -12.25 51.46 45.67
N ILE F 97 -13.57 51.64 45.58
CA ILE F 97 -14.29 51.54 44.31
C ILE F 97 -15.09 52.81 44.12
N ASP F 98 -14.97 53.42 42.95
CA ASP F 98 -15.61 54.70 42.64
C ASP F 98 -15.21 55.77 43.64
N THR F 99 -13.94 55.78 44.02
CA THR F 99 -13.43 56.79 44.94
C THR F 99 -13.11 58.06 44.19
N VAL F 100 -13.09 57.97 42.87
CA VAL F 100 -12.87 59.13 42.00
C VAL F 100 -13.94 60.19 42.24
N GLU F 101 -15.17 59.74 42.53
CA GLU F 101 -16.30 60.64 42.73
C GLU F 101 -16.11 61.55 43.94
N LEU F 102 -15.24 61.14 44.86
CA LEU F 102 -14.95 61.93 46.05
C LEU F 102 -14.11 63.15 45.68
N LYS F 103 -13.47 63.08 44.52
CA LYS F 103 -12.65 64.18 44.00
C LYS F 103 -11.50 64.55 44.92
N GLY F 104 -10.87 63.55 45.53
CA GLY F 104 -9.71 63.77 46.37
C GLY F 104 -10.03 64.36 47.73
N GLU F 105 -11.15 63.94 48.31
CA GLU F 105 -11.54 64.40 49.64
C GLU F 105 -11.19 63.36 50.69
N GLY F 106 -10.08 63.56 51.38
CA GLY F 106 -9.62 62.61 52.37
C GLY F 106 -8.21 62.09 52.10
N PHE F 107 -7.80 62.17 50.84
CA PHE F 107 -6.48 61.70 50.44
C PHE F 107 -5.43 62.81 50.50
N LYS F 108 -4.17 62.43 50.53
CA LYS F 108 -3.07 63.39 50.56
C LYS F 108 -1.82 62.81 49.91
N ARG F 109 -1.30 63.49 48.89
CA ARG F 109 -0.15 63.00 48.16
C ARG F 109 1.15 63.32 48.88
N ILE F 110 2.02 62.33 49.02
CA ILE F 110 3.33 62.51 49.63
C ILE F 110 4.43 62.29 48.60
N ALA F 111 4.39 61.14 47.93
CA ALA F 111 5.39 60.81 46.92
C ALA F 111 5.13 61.61 45.64
N GLU F 112 6.05 61.50 44.68
CA GLU F 112 5.91 62.26 43.43
C GLU F 112 6.01 61.35 42.21
N GLU F 113 5.33 61.75 41.14
CA GLU F 113 5.37 61.04 39.87
C GLU F 113 6.81 60.97 39.38
N GLY F 114 7.34 59.75 39.23
CA GLY F 114 8.70 59.58 38.74
C GLY F 114 9.67 59.18 39.84
N GLN F 115 9.33 59.56 41.07
CA GLN F 115 10.16 59.31 42.24
C GLN F 115 10.55 57.83 42.37
N ARG F 116 11.77 57.59 42.85
CA ARG F 116 12.24 56.22 43.05
C ARG F 116 12.06 55.86 44.51
N VAL F 117 11.40 54.73 44.77
CA VAL F 117 11.08 54.33 46.13
C VAL F 117 11.50 52.90 46.44
N LYS F 118 11.34 52.53 47.71
CA LYS F 118 11.66 51.20 48.19
C LYS F 118 10.50 50.73 49.06
N VAL F 119 10.41 49.43 49.33
CA VAL F 119 9.39 48.90 50.22
C VAL F 119 9.44 49.62 51.57
N GLY F 120 8.28 49.95 52.12
CA GLY F 120 8.20 50.66 53.38
C GLY F 120 8.14 52.17 53.24
N ASP F 121 8.20 52.65 52.00
CA ASP F 121 8.12 54.09 51.74
C ASP F 121 6.68 54.56 51.57
N THR F 122 6.31 55.61 52.31
CA THR F 122 4.97 56.16 52.25
C THR F 122 4.73 56.90 50.93
N VAL F 123 3.66 56.53 50.23
CA VAL F 123 3.31 57.18 48.97
C VAL F 123 2.12 58.11 49.15
N ILE F 124 1.02 57.57 49.68
CA ILE F 124 -0.19 58.36 49.91
C ILE F 124 -0.77 58.07 51.29
N GLU F 125 -1.14 59.13 52.00
CA GLU F 125 -1.79 58.99 53.31
C GLU F 125 -3.26 59.36 53.19
N PHE F 126 -4.11 58.60 53.88
CA PHE F 126 -5.55 58.81 53.79
C PHE F 126 -6.26 58.73 55.14
N ASP F 127 -7.43 59.36 55.22
CA ASP F 127 -8.27 59.30 56.41
C ASP F 127 -9.38 58.30 56.16
N LEU F 128 -9.25 57.11 56.76
CA LEU F 128 -10.17 56.00 56.50
C LEU F 128 -11.65 56.21 56.86
N PRO F 129 -11.95 56.68 58.10
CA PRO F 129 -13.37 56.78 58.48
C PRO F 129 -14.18 57.73 57.60
N LEU F 130 -13.53 58.78 57.10
CA LEU F 130 -14.20 59.73 56.22
C LEU F 130 -14.53 59.03 54.90
N LEU F 131 -13.56 58.26 54.40
CA LEU F 131 -13.73 57.54 53.15
C LEU F 131 -14.67 56.37 53.34
N GLU F 132 -14.73 55.85 54.57
CA GLU F 132 -15.58 54.73 54.91
C GLU F 132 -17.06 55.13 54.90
N GLU F 133 -17.32 56.41 55.19
CA GLU F 133 -18.69 56.90 55.28
C GLU F 133 -18.99 57.88 54.16
N LYS F 134 -18.39 57.66 53.01
CA LYS F 134 -18.66 58.48 51.82
C LYS F 134 -18.56 57.64 50.55
N ALA F 135 -17.41 57.01 50.35
CA ALA F 135 -17.19 56.16 49.18
C ALA F 135 -18.10 54.93 49.21
N LYS F 136 -18.37 54.38 48.03
CA LYS F 136 -19.23 53.21 47.92
C LYS F 136 -18.58 51.96 48.53
N SER F 137 -17.25 51.89 48.47
CA SER F 137 -16.52 50.76 49.03
C SER F 137 -15.09 51.16 49.40
N THR F 138 -14.53 50.46 50.40
CA THR F 138 -13.17 50.71 50.86
C THR F 138 -12.16 49.74 50.26
N LEU F 139 -12.63 48.54 49.90
CA LEU F 139 -11.79 47.47 49.38
C LEU F 139 -10.80 47.94 48.31
N THR F 140 -9.53 47.58 48.50
CA THR F 140 -8.46 48.08 47.65
C THR F 140 -7.78 46.99 46.83
N PRO F 141 -8.17 46.87 45.55
CA PRO F 141 -7.54 45.93 44.62
C PRO F 141 -6.08 46.25 44.37
N VAL F 142 -5.26 45.21 44.22
CA VAL F 142 -3.85 45.37 43.87
C VAL F 142 -3.53 44.38 42.76
N VAL F 143 -3.38 44.89 41.53
CA VAL F 143 -3.21 44.02 40.37
C VAL F 143 -1.96 44.38 39.55
N ILE F 144 -1.58 43.46 38.67
CA ILE F 144 -0.42 43.67 37.81
C ILE F 144 -0.85 43.97 36.38
N SER F 145 -0.23 44.98 35.77
CA SER F 145 -0.58 45.39 34.42
C SER F 145 -0.03 44.42 33.37
N ASN F 146 1.28 44.21 33.38
CA ASN F 146 1.93 43.34 32.41
C ASN F 146 1.86 41.86 32.80
N MET F 147 0.72 41.23 32.54
CA MET F 147 0.54 39.82 32.89
C MET F 147 1.27 38.88 31.94
N ASP F 148 1.62 39.39 30.76
CA ASP F 148 2.30 38.57 29.76
C ASP F 148 3.72 38.22 30.19
N GLU F 149 4.35 39.12 30.93
CA GLU F 149 5.71 38.90 31.41
C GLU F 149 5.74 37.85 32.52
N ILE F 150 4.74 37.87 33.38
CA ILE F 150 4.67 36.94 34.51
C ILE F 150 4.28 35.54 34.03
N LYS F 151 5.09 34.55 34.40
CA LYS F 151 4.84 33.17 34.02
C LYS F 151 4.00 32.43 35.07
N GLU F 152 4.31 32.68 36.34
CA GLU F 152 3.59 32.03 37.44
C GLU F 152 3.25 33.02 38.55
N LEU F 153 2.03 32.90 39.07
CA LEU F 153 1.55 33.79 40.13
C LEU F 153 0.79 33.02 41.22
N ILE F 154 1.09 33.33 42.47
CA ILE F 154 0.40 32.71 43.60
C ILE F 154 -0.07 33.77 44.61
N LYS F 155 -1.30 33.62 45.10
CA LYS F 155 -1.87 34.59 46.03
C LYS F 155 -1.87 34.08 47.46
N LEU F 156 -1.55 34.95 48.40
CA LEU F 156 -1.53 34.59 49.81
C LEU F 156 -2.82 34.97 50.53
N SER F 157 -2.95 34.53 51.79
CA SER F 157 -4.14 34.79 52.59
C SER F 157 -3.79 35.24 54.00
N GLY F 158 -4.81 35.63 54.75
CA GLY F 158 -4.63 36.05 56.13
C GLY F 158 -4.47 37.55 56.26
N SER F 159 -4.42 38.04 57.49
CA SER F 159 -4.26 39.46 57.74
C SER F 159 -2.83 39.89 57.43
N VAL F 160 -2.67 41.17 57.10
CA VAL F 160 -1.35 41.70 56.72
C VAL F 160 -1.08 43.02 57.42
N THR F 161 0.19 43.43 57.45
CA THR F 161 0.58 44.70 58.06
C THR F 161 1.19 45.64 57.03
N VAL F 162 1.47 46.87 57.46
CA VAL F 162 1.98 47.90 56.55
C VAL F 162 3.44 47.67 56.14
N GLY F 163 3.65 47.43 54.85
CA GLY F 163 4.98 47.32 54.28
C GLY F 163 5.86 46.25 54.90
N GLU F 164 5.27 45.11 55.22
CA GLU F 164 6.01 44.00 55.81
C GLU F 164 5.54 42.66 55.27
N THR F 165 4.28 42.33 55.53
CA THR F 165 3.71 41.04 55.13
C THR F 165 3.52 40.96 53.62
N PRO F 166 4.04 39.89 53.01
CA PRO F 166 3.90 39.65 51.57
C PRO F 166 2.50 39.21 51.20
N VAL F 167 2.12 39.37 49.94
CA VAL F 167 0.79 39.02 49.47
C VAL F 167 0.80 38.23 48.17
N ILE F 168 1.68 38.60 47.25
CA ILE F 168 1.78 37.94 45.95
C ILE F 168 3.21 37.53 45.65
N ARG F 169 3.39 36.31 45.12
CA ARG F 169 4.72 35.84 44.74
C ARG F 169 4.77 35.43 43.27
N ILE F 170 5.18 36.37 42.42
CA ILE F 170 5.22 36.12 40.99
C ILE F 170 6.54 35.50 40.54
N LYS F 171 6.59 35.07 39.29
CA LYS F 171 7.80 34.47 38.73
C LYS F 171 7.93 34.82 37.24
N LYS F 172 8.85 35.73 36.92
CA LYS F 172 9.05 36.15 35.55
C LYS F 172 9.78 35.08 34.74
N SER G 18 8.82 -82.40 -0.38
CA SER G 18 8.29 -83.35 -1.37
C SER G 18 9.15 -83.38 -2.62
N VAL G 19 9.80 -82.27 -2.92
CA VAL G 19 10.62 -82.15 -4.13
C VAL G 19 12.07 -82.53 -3.84
N LEU G 20 12.36 -82.82 -2.58
CA LEU G 20 13.72 -83.19 -2.15
C LEU G 20 14.19 -84.47 -2.82
N GLY G 21 13.24 -85.35 -3.12
CA GLY G 21 13.53 -86.60 -3.79
C GLY G 21 13.99 -86.40 -5.22
N LEU G 22 13.51 -85.33 -5.85
CA LEU G 22 13.85 -85.03 -7.22
C LEU G 22 15.29 -84.54 -7.31
N LEU G 23 15.66 -83.64 -6.41
CA LEU G 23 17.01 -83.11 -6.34
C LEU G 23 17.96 -84.13 -5.72
N GLY G 24 17.41 -85.11 -5.01
CA GLY G 24 18.19 -86.13 -4.36
C GLY G 24 18.98 -86.99 -5.32
N LEU G 25 18.62 -86.91 -6.60
CA LEU G 25 19.36 -87.62 -7.65
C LEU G 25 20.73 -87.00 -7.79
N LEU G 26 20.76 -85.69 -8.02
CA LEU G 26 22.01 -84.96 -8.28
C LEU G 26 22.89 -84.78 -7.04
N VAL G 27 22.28 -84.43 -5.91
CA VAL G 27 23.06 -84.25 -4.69
C VAL G 27 23.57 -85.60 -4.15
N GLY G 28 24.74 -85.99 -4.66
CA GLY G 28 25.32 -87.28 -4.36
C GLY G 28 25.98 -87.83 -5.61
N TYR G 29 25.30 -87.65 -6.73
CA TYR G 29 25.84 -88.05 -8.03
C TYR G 29 26.89 -87.05 -8.50
N LEU G 30 26.51 -85.78 -8.54
CA LEU G 30 27.42 -84.72 -8.97
C LEU G 30 28.27 -84.15 -7.83
N VAL G 31 27.69 -84.10 -6.63
CA VAL G 31 28.36 -83.49 -5.48
C VAL G 31 29.59 -84.28 -5.01
N VAL G 32 29.44 -85.59 -4.89
CA VAL G 32 30.54 -86.46 -4.47
C VAL G 32 31.60 -86.53 -5.58
N LEU G 33 31.13 -86.53 -6.83
CA LEU G 33 32.01 -86.54 -7.98
C LEU G 33 32.84 -85.25 -8.05
N MET G 34 32.29 -84.16 -7.54
CA MET G 34 33.02 -82.89 -7.46
C MET G 34 34.12 -82.92 -6.41
N TYR G 35 33.80 -83.46 -5.24
CA TYR G 35 34.77 -83.58 -4.16
C TYR G 35 35.88 -84.54 -4.54
N ALA G 36 35.50 -85.62 -5.22
CA ALA G 36 36.47 -86.59 -5.73
C ALA G 36 37.10 -86.05 -7.01
N GLN G 37 38.12 -86.75 -7.50
CA GLN G 37 38.85 -86.35 -8.71
C GLN G 37 39.44 -84.95 -8.56
N GLY G 38 39.83 -84.60 -7.34
CA GLY G 38 40.37 -83.28 -7.06
C GLY G 38 39.33 -82.20 -7.18
N GLU G 39 39.60 -81.22 -8.04
CA GLU G 39 38.69 -80.10 -8.30
C GLU G 39 38.33 -79.34 -7.03
N TYR G 40 39.27 -79.27 -6.09
CA TYR G 40 39.04 -78.62 -4.80
C TYR G 40 38.69 -77.14 -4.94
N LEU G 41 39.12 -76.52 -6.03
CA LEU G 41 38.86 -75.10 -6.25
C LEU G 41 37.37 -74.85 -6.55
N PHE G 42 36.76 -75.77 -7.29
CA PHE G 42 35.38 -75.61 -7.72
C PHE G 42 34.39 -76.43 -6.90
N ALA G 43 34.89 -77.48 -6.25
CA ALA G 43 34.04 -78.40 -5.48
C ALA G 43 33.41 -77.75 -4.24
N ILE G 44 34.00 -76.67 -3.77
CA ILE G 44 33.53 -75.99 -2.57
C ILE G 44 32.20 -75.29 -2.81
N THR G 45 32.14 -74.52 -3.89
CA THR G 45 30.95 -73.75 -4.22
C THR G 45 29.77 -74.63 -4.62
N THR G 46 30.08 -75.82 -5.15
CA THR G 46 29.04 -76.76 -5.56
C THR G 46 28.23 -77.29 -4.37
N LEU G 47 28.81 -77.21 -3.18
CA LEU G 47 28.11 -77.63 -1.97
C LEU G 47 27.56 -76.43 -1.21
N ILE G 48 28.43 -75.47 -0.92
CA ILE G 48 28.09 -74.31 -0.10
C ILE G 48 26.93 -73.49 -0.68
N LEU G 49 27.03 -73.16 -1.96
CA LEU G 49 26.00 -72.37 -2.63
C LEU G 49 24.71 -73.19 -2.78
N SER G 50 24.87 -74.49 -2.99
CA SER G 50 23.73 -75.37 -3.21
C SER G 50 23.00 -75.72 -1.92
N SER G 51 23.75 -75.97 -0.86
CA SER G 51 23.18 -76.34 0.43
C SER G 51 22.25 -75.24 0.97
N ALA G 52 22.66 -74.00 0.80
CA ALA G 52 21.84 -72.86 1.21
C ALA G 52 20.56 -72.81 0.38
N GLY G 53 20.67 -73.15 -0.90
CA GLY G 53 19.54 -73.18 -1.81
C GLY G 53 18.51 -74.23 -1.45
N LEU G 54 18.99 -75.42 -1.08
CA LEU G 54 18.12 -76.52 -0.70
C LEU G 54 17.38 -76.20 0.59
N TYR G 55 18.06 -75.55 1.51
CA TYR G 55 17.47 -75.15 2.80
C TYR G 55 16.36 -74.14 2.61
N ILE G 56 16.57 -73.20 1.68
CA ILE G 56 15.60 -72.15 1.42
C ILE G 56 14.31 -72.69 0.79
N PHE G 57 14.46 -73.51 -0.26
CA PHE G 57 13.31 -74.08 -0.95
C PHE G 57 12.66 -75.20 -0.14
N ALA G 58 13.29 -75.61 0.94
CA ALA G 58 12.75 -76.66 1.81
C ALA G 58 11.55 -76.13 2.60
N ASN G 59 11.84 -75.39 3.66
CA ASN G 59 10.80 -74.89 4.56
C ASN G 59 10.17 -73.60 4.05
N ARG G 60 8.93 -73.34 4.47
CA ARG G 60 8.22 -72.14 4.08
C ARG G 60 8.50 -71.01 5.07
N LYS G 61 9.41 -71.24 6.00
CA LYS G 61 9.75 -70.25 7.02
C LYS G 61 10.58 -69.11 6.45
N ALA G 62 11.28 -69.38 5.35
CA ALA G 62 12.04 -68.35 4.66
C ALA G 62 11.49 -68.14 3.25
N TYR G 63 10.35 -67.44 3.17
CA TYR G 63 9.66 -67.22 1.91
C TYR G 63 10.38 -66.20 1.05
N ALA G 64 10.96 -65.19 1.69
CA ALA G 64 11.60 -64.08 0.99
C ALA G 64 12.86 -64.53 0.24
N TRP G 65 13.50 -65.57 0.75
CA TRP G 65 14.78 -66.02 0.19
C TRP G 65 14.64 -66.77 -1.13
N ARG G 66 13.43 -67.22 -1.45
CA ARG G 66 13.19 -67.90 -2.72
C ARG G 66 13.39 -66.96 -3.91
N TYR G 67 13.20 -65.67 -3.67
CA TYR G 67 13.32 -64.66 -4.72
C TYR G 67 14.76 -64.21 -4.93
N VAL G 68 15.49 -64.04 -3.84
CA VAL G 68 16.86 -63.52 -3.92
C VAL G 68 17.88 -64.62 -4.25
N TYR G 69 17.50 -65.88 -4.05
CA TYR G 69 18.41 -67.00 -4.32
C TYR G 69 18.88 -67.13 -5.78
N PRO G 70 17.95 -67.13 -6.76
CA PRO G 70 18.43 -67.23 -8.14
C PRO G 70 19.28 -66.03 -8.53
N GLY G 71 19.02 -64.89 -7.89
CA GLY G 71 19.83 -63.71 -8.09
C GLY G 71 21.21 -63.84 -7.49
N MET G 72 21.26 -64.37 -6.27
CA MET G 72 22.53 -64.57 -5.57
C MET G 72 23.33 -65.72 -6.17
N ALA G 73 22.63 -66.63 -6.84
CA ALA G 73 23.27 -67.77 -7.49
C ALA G 73 24.21 -67.27 -8.58
N GLY G 74 23.72 -66.32 -9.38
CA GLY G 74 24.53 -65.71 -10.42
C GLY G 74 25.66 -64.89 -9.85
N MET G 75 25.35 -64.14 -8.79
CA MET G 75 26.35 -63.32 -8.11
C MET G 75 27.46 -64.18 -7.51
N GLY G 76 27.07 -65.30 -6.89
CA GLY G 76 28.01 -66.17 -6.22
C GLY G 76 28.85 -67.05 -7.13
N LEU G 77 28.44 -67.18 -8.39
CA LEU G 77 29.10 -68.10 -9.31
C LEU G 77 29.93 -67.39 -10.38
N PHE G 78 29.42 -66.28 -10.91
CA PHE G 78 30.08 -65.61 -12.02
C PHE G 78 30.71 -64.27 -11.64
N VAL G 79 30.55 -63.87 -10.38
CA VAL G 79 31.14 -62.63 -9.90
C VAL G 79 31.93 -62.85 -8.61
N LEU G 80 31.31 -63.49 -7.63
CA LEU G 80 31.97 -63.77 -6.36
C LEU G 80 33.06 -64.83 -6.52
N PHE G 81 32.74 -65.92 -7.21
CA PHE G 81 33.68 -67.03 -7.39
C PHE G 81 34.98 -66.64 -8.11
N PRO G 82 34.89 -65.97 -9.29
CA PRO G 82 36.15 -65.60 -9.93
C PRO G 82 36.93 -64.58 -9.11
N LEU G 83 36.21 -63.78 -8.32
CA LEU G 83 36.86 -62.81 -7.43
C LEU G 83 37.68 -63.55 -6.36
N VAL G 84 37.08 -64.57 -5.76
CA VAL G 84 37.75 -65.36 -4.74
C VAL G 84 38.91 -66.16 -5.34
N CYS G 85 38.69 -66.70 -6.53
CA CYS G 85 39.72 -67.46 -7.23
C CYS G 85 40.94 -66.58 -7.53
N THR G 86 40.67 -65.35 -7.95
CA THR G 86 41.73 -64.38 -8.25
C THR G 86 42.59 -64.10 -7.02
N ILE G 87 41.95 -64.07 -5.86
CA ILE G 87 42.66 -63.84 -4.60
C ILE G 87 43.55 -65.03 -4.28
N ALA G 88 43.09 -66.22 -4.63
CA ALA G 88 43.84 -67.45 -4.36
C ALA G 88 45.11 -67.54 -5.21
N ILE G 89 45.00 -67.11 -6.47
CA ILE G 89 46.14 -67.16 -7.39
C ILE G 89 47.22 -66.16 -7.00
N ASN G 93 52.38 -68.67 -8.28
CA ASN G 93 53.31 -68.30 -9.34
C ASN G 93 52.89 -68.86 -10.70
N TYR G 94 51.58 -68.99 -10.89
CA TYR G 94 51.00 -69.46 -12.14
C TYR G 94 51.49 -68.59 -13.30
N SER G 95 51.96 -69.23 -14.36
CA SER G 95 52.52 -68.50 -15.50
C SER G 95 52.43 -69.31 -16.78
N SER G 96 52.99 -68.76 -17.85
CA SER G 96 53.05 -69.46 -19.13
C SER G 96 54.05 -70.60 -19.03
N THR G 97 55.01 -70.45 -18.12
CA THR G 97 56.00 -71.49 -17.86
C THR G 97 55.43 -72.50 -16.86
N ASN G 98 54.63 -72.00 -15.93
CA ASN G 98 54.00 -72.84 -14.92
C ASN G 98 52.52 -73.06 -15.23
N GLN G 99 52.23 -74.01 -16.12
CA GLN G 99 50.86 -74.29 -16.51
C GLN G 99 50.39 -75.65 -16.02
N LEU G 100 51.31 -76.61 -15.94
CA LEU G 100 50.98 -77.98 -15.60
C LEU G 100 51.02 -78.23 -14.09
N THR G 101 50.75 -79.47 -13.70
CA THR G 101 50.84 -79.87 -12.30
C THR G 101 52.15 -80.61 -12.08
N PHE G 102 52.49 -80.87 -10.82
CA PHE G 102 53.72 -81.58 -10.48
C PHE G 102 53.72 -82.98 -11.08
N GLU G 103 52.58 -83.65 -10.97
CA GLU G 103 52.44 -85.01 -11.51
C GLU G 103 52.51 -85.01 -13.03
N ARG G 104 51.96 -83.97 -13.64
CA ARG G 104 52.00 -83.82 -15.09
C ARG G 104 53.36 -83.32 -15.55
N ALA G 105 54.06 -82.62 -14.67
CA ALA G 105 55.41 -82.11 -14.98
C ALA G 105 56.39 -83.26 -15.15
N GLN G 106 56.50 -84.11 -14.13
CA GLN G 106 57.43 -85.23 -14.12
C GLN G 106 57.10 -86.25 -15.21
N GLU G 107 55.87 -86.20 -15.71
CA GLU G 107 55.45 -87.08 -16.80
C GLU G 107 56.03 -86.60 -18.12
N VAL G 108 56.22 -85.29 -18.24
CA VAL G 108 56.78 -84.70 -19.45
C VAL G 108 58.27 -85.03 -19.62
N LEU G 109 59.02 -84.86 -18.53
CA LEU G 109 60.46 -85.15 -18.55
C LEU G 109 60.75 -86.61 -18.88
N LEU G 110 60.20 -87.51 -18.06
CA LEU G 110 60.43 -88.94 -18.22
C LEU G 110 59.73 -89.49 -19.46
N ASP G 111 60.27 -89.14 -20.64
CA ASP G 111 59.71 -89.60 -21.91
C ASP G 111 60.72 -89.44 -23.03
N GLY G 117 70.54 -94.65 -28.55
CA GLY G 117 70.16 -95.44 -29.71
C GLY G 117 71.34 -95.78 -30.60
N LYS G 118 71.33 -96.98 -31.16
CA LYS G 118 72.41 -97.44 -32.02
C LYS G 118 71.90 -97.75 -33.43
N THR G 119 72.74 -97.43 -34.41
CA THR G 119 72.47 -97.52 -35.85
C THR G 119 71.31 -98.40 -36.35
N TYR G 120 70.43 -97.77 -37.13
CA TYR G 120 69.37 -98.45 -37.86
C TYR G 120 69.16 -97.77 -39.21
N ASN G 121 69.72 -98.35 -40.27
CA ASN G 121 69.56 -97.79 -41.60
C ASN G 121 68.20 -98.15 -42.19
N PHE G 122 67.60 -97.22 -42.92
CA PHE G 122 66.25 -97.42 -43.43
C PHE G 122 66.17 -97.14 -44.93
N GLY G 123 65.07 -97.59 -45.53
CA GLY G 123 64.80 -97.33 -46.93
C GLY G 123 63.34 -97.01 -47.11
N LEU G 124 63.05 -95.85 -47.69
CA LEU G 124 61.68 -95.39 -47.85
C LEU G 124 61.06 -95.88 -49.15
N TYR G 125 60.17 -96.86 -49.04
CA TYR G 125 59.46 -97.40 -50.20
C TYR G 125 58.00 -96.99 -50.15
N PRO G 126 57.54 -96.29 -51.22
CA PRO G 126 56.15 -95.84 -51.26
C PRO G 126 55.20 -96.95 -51.67
N ALA G 127 54.13 -97.13 -50.90
CA ALA G 127 53.13 -98.15 -51.19
C ALA G 127 51.81 -97.49 -51.58
N GLY G 128 51.35 -97.77 -52.79
CA GLY G 128 50.14 -97.17 -53.31
C GLY G 128 50.29 -95.67 -53.49
N ASP G 129 49.54 -94.91 -52.71
CA ASP G 129 49.59 -93.45 -52.77
C ASP G 129 50.20 -92.87 -51.50
N GLU G 130 50.82 -93.72 -50.69
CA GLU G 130 51.37 -93.28 -49.41
C GLU G 130 52.80 -93.74 -49.18
N TRP G 131 53.36 -93.31 -48.05
CA TRP G 131 54.74 -93.65 -47.68
C TRP G 131 54.75 -94.82 -46.72
N GLN G 132 55.94 -95.38 -46.49
CA GLN G 132 56.09 -96.53 -45.62
C GLN G 132 57.51 -96.65 -45.10
N LEU G 133 57.66 -96.58 -43.78
CA LEU G 133 58.98 -96.65 -43.17
C LEU G 133 59.42 -98.11 -43.10
N ALA G 134 60.63 -98.38 -43.57
CA ALA G 134 61.15 -99.74 -43.57
C ALA G 134 62.59 -99.77 -43.07
N LEU G 135 62.77 -100.11 -41.80
CA LEU G 135 64.10 -100.18 -41.22
C LEU G 135 64.81 -101.44 -41.68
N SER G 136 66.13 -101.47 -41.48
CA SER G 136 66.94 -102.62 -41.84
C SER G 136 68.10 -102.74 -40.86
N ASP G 137 68.08 -103.79 -40.04
CA ASP G 137 69.12 -103.97 -39.03
C ASP G 137 70.30 -104.72 -39.64
N GLY G 138 71.51 -104.20 -39.38
CA GLY G 138 72.71 -104.81 -39.90
C GLY G 138 73.29 -105.82 -38.93
N GLU G 139 72.99 -105.64 -37.64
CA GLU G 139 73.50 -106.53 -36.60
C GLU G 139 72.66 -107.80 -36.48
N THR G 140 71.37 -107.64 -36.21
CA THR G 140 70.48 -108.78 -36.04
C THR G 140 70.09 -109.40 -37.38
N GLY G 141 69.82 -108.56 -38.37
CA GLY G 141 69.46 -109.05 -39.69
C GLY G 141 67.97 -109.02 -39.98
N LYS G 142 67.16 -108.86 -38.93
CA LYS G 142 65.72 -108.85 -39.08
C LYS G 142 65.22 -107.53 -39.65
N ASN G 143 64.61 -107.60 -40.83
CA ASN G 143 64.05 -106.41 -41.47
C ASN G 143 62.72 -106.00 -40.85
N TYR G 144 62.46 -104.70 -40.81
CA TYR G 144 61.21 -104.19 -40.25
C TYR G 144 60.44 -103.37 -41.28
N LEU G 145 59.15 -103.66 -41.42
CA LEU G 145 58.29 -102.94 -42.37
C LEU G 145 57.04 -102.38 -41.71
N SER G 146 56.74 -101.12 -41.98
CA SER G 146 55.54 -100.48 -41.45
C SER G 146 54.41 -100.55 -42.48
N ASP G 147 53.36 -99.77 -42.26
CA ASP G 147 52.23 -99.71 -43.18
C ASP G 147 52.11 -98.31 -43.78
N ALA G 148 51.16 -98.14 -44.70
CA ALA G 148 51.02 -96.89 -45.44
C ALA G 148 50.51 -95.74 -44.56
N PHE G 149 51.21 -94.61 -44.62
CA PHE G 149 50.85 -93.43 -43.83
C PHE G 149 51.14 -92.15 -44.60
N LYS G 150 50.43 -91.08 -44.26
CA LYS G 150 50.64 -89.78 -44.89
C LYS G 150 51.46 -88.85 -44.00
N PHE G 151 52.33 -88.05 -44.62
CA PHE G 151 53.14 -87.10 -43.87
C PHE G 151 52.28 -85.96 -43.34
N GLY G 152 52.27 -85.79 -42.02
CA GLY G 152 51.47 -84.75 -41.39
C GLY G 152 51.37 -84.93 -39.90
N GLY G 153 51.91 -83.97 -39.16
CA GLY G 153 51.91 -84.02 -37.70
C GLY G 153 52.93 -84.98 -37.15
N GLU G 154 52.68 -85.48 -35.94
CA GLU G 154 53.60 -86.41 -35.29
C GLU G 154 52.92 -87.75 -35.01
N GLN G 155 52.50 -88.43 -36.07
CA GLN G 155 51.79 -89.70 -35.94
C GLN G 155 52.76 -90.84 -35.65
N LYS G 156 52.30 -91.82 -34.87
CA LYS G 156 53.13 -92.96 -34.51
C LYS G 156 52.72 -94.20 -35.31
N LEU G 157 53.61 -94.65 -36.18
CA LEU G 157 53.34 -95.82 -37.02
C LEU G 157 54.03 -97.07 -36.46
N GLN G 158 53.25 -98.14 -36.33
CA GLN G 158 53.75 -99.41 -35.81
C GLN G 158 54.46 -100.22 -36.88
N LEU G 159 55.73 -100.54 -36.63
CA LEU G 159 56.52 -101.32 -37.57
C LEU G 159 56.27 -102.81 -37.34
N LYS G 160 56.27 -103.59 -38.42
CA LYS G 160 56.08 -105.03 -38.32
C LYS G 160 57.35 -105.78 -38.72
N GLU G 161 57.38 -107.07 -38.42
CA GLU G 161 58.54 -107.90 -38.74
C GLU G 161 58.27 -108.69 -40.02
N THR G 162 59.15 -108.53 -41.00
CA THR G 162 59.02 -109.24 -42.28
C THR G 162 60.40 -109.50 -42.88
N THR G 163 60.64 -110.72 -43.34
CA THR G 163 61.92 -111.10 -43.89
C THR G 163 62.04 -110.76 -45.37
N ALA G 164 60.90 -110.70 -46.06
CA ALA G 164 60.89 -110.39 -47.48
C ALA G 164 61.20 -108.92 -47.73
N GLN G 165 61.90 -108.64 -48.82
CA GLN G 165 62.23 -107.28 -49.21
C GLN G 165 60.98 -106.60 -49.75
N PRO G 166 60.74 -105.34 -49.33
CA PRO G 166 59.53 -104.61 -49.73
C PRO G 166 59.44 -104.38 -51.24
N GLU G 167 58.21 -104.31 -51.74
CA GLU G 167 57.97 -104.13 -53.17
C GLU G 167 58.26 -102.71 -53.61
N GLY G 168 58.42 -102.52 -54.92
CA GLY G 168 58.63 -101.19 -55.47
C GLY G 168 60.04 -100.69 -55.24
N GLU G 169 60.35 -99.55 -55.83
CA GLU G 169 61.66 -98.94 -55.67
C GLU G 169 61.62 -97.86 -54.61
N ARG G 170 62.72 -97.69 -53.88
CA ARG G 170 62.81 -96.68 -52.84
C ARG G 170 62.75 -95.30 -53.46
N ALA G 171 62.22 -94.33 -52.72
CA ALA G 171 62.16 -92.97 -53.22
C ALA G 171 63.58 -92.44 -53.36
N ASN G 172 63.87 -91.83 -54.50
CA ASN G 172 65.22 -91.36 -54.78
C ASN G 172 65.63 -90.18 -53.90
N LEU G 173 66.85 -89.72 -54.09
CA LEU G 173 67.45 -88.68 -53.26
C LEU G 173 66.68 -87.37 -53.30
N ARG G 174 65.99 -87.12 -54.41
CA ARG G 174 65.26 -85.87 -54.60
C ARG G 174 63.92 -85.87 -53.86
N VAL G 175 63.20 -86.99 -53.91
CA VAL G 175 61.91 -87.11 -53.26
C VAL G 175 62.01 -87.05 -51.73
N ILE G 176 62.97 -87.79 -51.17
CA ILE G 176 63.16 -87.81 -49.72
C ILE G 176 63.66 -86.47 -49.19
N THR G 177 64.30 -85.70 -50.06
CA THR G 177 64.79 -84.38 -49.70
C THR G 177 63.65 -83.37 -49.60
N GLN G 178 62.65 -83.54 -50.47
CA GLN G 178 61.49 -82.65 -50.48
C GLN G 178 60.62 -82.80 -49.23
N ASN G 179 60.66 -83.98 -48.61
CA ASN G 179 59.86 -84.25 -47.42
C ASN G 179 60.72 -84.56 -46.20
N ARG G 180 61.88 -83.92 -46.11
CA ARG G 180 62.83 -84.15 -45.04
C ARG G 180 62.36 -83.62 -43.69
N GLN G 181 61.39 -82.69 -43.72
CA GLN G 181 60.84 -82.11 -42.51
C GLN G 181 59.95 -83.08 -41.74
N ALA G 182 58.95 -83.63 -42.43
CA ALA G 182 57.97 -84.52 -41.80
C ALA G 182 58.58 -85.85 -41.39
N LEU G 183 59.64 -86.26 -42.08
CA LEU G 183 60.31 -87.51 -41.79
C LEU G 183 61.01 -87.48 -40.43
N SER G 184 61.49 -86.30 -40.05
CA SER G 184 62.21 -86.13 -38.78
C SER G 184 61.28 -86.23 -37.58
N ASP G 185 60.04 -85.77 -37.74
CA ASP G 185 59.09 -85.72 -36.64
C ASP G 185 58.48 -87.09 -36.31
N ILE G 186 58.78 -88.09 -37.13
CA ILE G 186 58.24 -89.43 -36.92
C ILE G 186 58.90 -90.14 -35.74
N THR G 187 58.09 -90.60 -34.79
CA THR G 187 58.59 -91.35 -33.65
C THR G 187 58.05 -92.79 -33.65
N ALA G 188 58.60 -93.61 -34.54
CA ALA G 188 58.16 -94.99 -34.72
C ALA G 188 58.56 -95.87 -33.53
N ILE G 189 57.88 -97.00 -33.38
CA ILE G 189 58.17 -97.91 -32.28
C ILE G 189 58.37 -99.36 -32.77
N LEU G 190 59.44 -100.00 -32.31
CA LEU G 190 59.73 -101.38 -32.68
C LEU G 190 58.84 -102.29 -31.81
N PRO G 191 58.56 -103.52 -32.28
CA PRO G 191 57.77 -104.41 -31.43
C PRO G 191 58.42 -104.72 -30.08
N ASP G 192 59.74 -104.91 -30.07
CA ASP G 192 60.44 -105.20 -28.82
C ASP G 192 61.10 -103.96 -28.21
N GLY G 193 61.42 -102.98 -29.06
CA GLY G 193 62.08 -101.77 -28.62
C GLY G 193 61.17 -100.57 -28.43
N ASN G 194 61.72 -99.53 -27.83
CA ASN G 194 60.97 -98.30 -27.57
C ASN G 194 60.76 -97.48 -28.83
N LYS G 195 60.83 -96.15 -28.67
CA LYS G 195 60.70 -95.23 -29.79
C LYS G 195 61.99 -95.20 -30.61
N VAL G 196 61.85 -94.96 -31.90
CA VAL G 196 63.00 -94.83 -32.79
C VAL G 196 62.75 -93.65 -33.74
N MET G 197 63.62 -92.65 -33.64
CA MET G 197 63.48 -91.43 -34.42
C MET G 197 64.64 -91.21 -35.38
N MET G 198 64.47 -90.28 -36.31
CA MET G 198 65.47 -90.01 -37.32
C MET G 198 66.74 -89.43 -36.70
N SER G 199 67.88 -90.04 -37.03
CA SER G 199 69.18 -89.58 -36.53
C SER G 199 69.93 -88.88 -37.65
N SER G 200 69.80 -89.41 -38.87
CA SER G 200 70.42 -88.83 -40.04
C SER G 200 69.48 -88.95 -41.23
N LEU G 201 69.91 -88.47 -42.39
CA LEU G 201 69.07 -88.49 -43.59
C LEU G 201 68.83 -89.91 -44.12
N ARG G 202 69.65 -90.86 -43.66
CA ARG G 202 69.51 -92.25 -44.09
C ARG G 202 69.49 -93.24 -42.93
N GLN G 203 69.44 -92.73 -41.71
CA GLN G 203 69.42 -93.58 -40.51
C GLN G 203 68.36 -93.13 -39.50
N PHE G 204 67.85 -94.11 -38.76
CA PHE G 204 66.99 -93.83 -37.61
C PHE G 204 67.63 -94.39 -36.35
N SER G 205 67.22 -93.87 -35.19
CA SER G 205 67.79 -94.29 -33.91
C SER G 205 66.79 -94.14 -32.77
N GLY G 206 67.00 -94.89 -31.70
CA GLY G 206 66.11 -94.85 -30.56
C GLY G 206 66.80 -94.58 -29.24
N THR G 207 67.02 -93.30 -28.94
CA THR G 207 67.67 -92.91 -27.70
C THR G 207 66.73 -92.98 -26.51
N GLN G 208 66.33 -91.82 -26.02
CA GLN G 208 65.48 -91.68 -24.84
C GLN G 208 66.06 -92.35 -23.57
N PRO G 209 65.24 -93.11 -22.80
CA PRO G 209 65.42 -93.08 -21.34
C PRO G 209 66.26 -91.91 -20.84
N LEU G 210 65.78 -90.70 -21.07
CA LEU G 210 66.55 -89.48 -20.81
C LEU G 210 66.78 -89.26 -19.32
N TYR G 211 65.75 -89.50 -18.52
CA TYR G 211 65.86 -89.33 -17.07
C TYR G 211 65.40 -90.59 -16.36
N THR G 212 65.97 -90.84 -15.19
CA THR G 212 65.58 -92.00 -14.37
C THR G 212 65.38 -91.59 -12.92
N LEU G 213 64.16 -91.82 -12.41
CA LEU G 213 63.85 -91.53 -11.02
C LEU G 213 64.13 -92.76 -10.15
N ASP G 214 64.66 -92.52 -8.95
CA ASP G 214 64.92 -93.61 -8.01
C ASP G 214 64.09 -93.47 -6.73
N GLY G 215 64.67 -93.85 -5.60
CA GLY G 215 63.98 -93.78 -4.32
C GLY G 215 63.50 -92.39 -3.98
N ASP G 216 64.43 -91.45 -3.87
CA ASP G 216 64.09 -90.05 -3.63
C ASP G 216 63.51 -89.41 -4.89
N GLY G 217 63.13 -88.14 -4.81
CA GLY G 217 62.57 -87.44 -5.94
C GLY G 217 63.63 -86.81 -6.83
N THR G 218 64.80 -87.45 -6.88
CA THR G 218 65.91 -86.92 -7.66
C THR G 218 65.99 -87.55 -9.04
N LEU G 219 66.02 -86.71 -10.07
CA LEU G 219 66.15 -87.18 -11.45
C LEU G 219 67.61 -87.13 -11.88
N THR G 220 67.97 -88.00 -12.82
CA THR G 220 69.33 -88.02 -13.35
C THR G 220 69.36 -88.27 -14.86
N ASN G 221 70.15 -87.48 -15.56
CA ASN G 221 70.30 -87.62 -17.01
C ASN G 221 71.09 -88.87 -17.36
N ASN G 222 70.80 -89.47 -18.51
CA ASN G 222 71.50 -90.66 -18.96
C ASN G 222 72.46 -90.37 -20.10
N GLN G 223 72.40 -89.16 -20.64
CA GLN G 223 73.29 -88.74 -21.71
C GLN G 223 74.45 -87.92 -21.16
N SER G 224 74.13 -86.77 -20.57
CA SER G 224 75.14 -85.90 -19.97
C SER G 224 75.51 -86.37 -18.56
N GLY G 225 74.64 -87.19 -17.97
CA GLY G 225 74.87 -87.73 -16.65
C GLY G 225 74.77 -86.69 -15.55
N VAL G 226 73.88 -85.72 -15.73
CA VAL G 226 73.68 -84.66 -14.74
C VAL G 226 72.41 -84.92 -13.92
N LYS G 227 72.53 -84.79 -12.61
CA LYS G 227 71.38 -85.00 -11.72
C LYS G 227 70.59 -83.72 -11.50
N TYR G 228 69.29 -83.87 -11.24
CA TYR G 228 68.41 -82.73 -10.99
C TYR G 228 67.54 -82.98 -9.75
N ARG G 229 67.07 -81.89 -9.15
CA ARG G 229 66.17 -81.98 -8.00
C ARG G 229 65.05 -80.95 -8.11
N PRO G 230 63.85 -81.32 -7.66
CA PRO G 230 62.71 -80.39 -7.69
C PRO G 230 62.89 -79.23 -6.73
N ASN G 231 63.16 -78.04 -7.28
CA ASN G 231 63.34 -76.84 -6.46
C ASN G 231 62.01 -76.12 -6.26
N ASN G 232 61.34 -76.42 -5.15
CA ASN G 232 60.01 -75.89 -4.85
C ASN G 232 59.97 -74.38 -4.62
N GLN G 233 61.15 -73.76 -4.51
CA GLN G 233 61.23 -72.32 -4.33
C GLN G 233 60.75 -71.58 -5.58
N ILE G 234 61.12 -72.09 -6.75
CA ILE G 234 60.63 -71.52 -8.01
C ILE G 234 59.75 -72.52 -8.75
N GLY G 235 59.91 -73.80 -8.46
CA GLY G 235 59.10 -74.84 -9.05
C GLY G 235 59.67 -75.45 -10.31
N PHE G 236 60.97 -75.33 -10.51
CA PHE G 236 61.64 -75.91 -11.67
C PHE G 236 62.67 -76.94 -11.24
N TYR G 237 62.80 -78.00 -12.04
CA TYR G 237 63.83 -79.01 -11.79
C TYR G 237 65.21 -78.41 -11.97
N GLN G 238 66.00 -78.43 -10.89
CA GLN G 238 67.28 -77.71 -10.86
C GLN G 238 68.42 -78.59 -10.36
N SER G 239 69.57 -78.49 -11.01
CA SER G 239 70.75 -79.26 -10.62
C SER G 239 71.47 -78.59 -9.46
N ASP G 248 73.08 -72.50 -12.19
CA ASP G 248 72.73 -73.91 -12.31
C ASP G 248 72.09 -74.19 -13.68
N GLU G 249 71.68 -75.44 -13.88
CA GLU G 249 71.10 -75.86 -15.15
C GLU G 249 69.65 -75.40 -15.29
N LYS G 250 68.78 -75.95 -14.45
CA LYS G 250 67.38 -75.56 -14.36
C LYS G 250 66.57 -75.85 -15.63
N LEU G 251 65.82 -76.95 -15.61
CA LEU G 251 64.96 -77.33 -16.75
C LEU G 251 63.63 -76.59 -16.69
N SER G 252 62.90 -76.59 -17.81
CA SER G 252 61.69 -75.77 -17.93
C SER G 252 60.33 -76.44 -18.18
N PRO G 253 60.21 -77.77 -18.04
CA PRO G 253 58.81 -78.19 -17.96
C PRO G 253 58.27 -77.96 -16.55
N GLY G 254 58.12 -76.69 -16.17
CA GLY G 254 57.76 -76.32 -14.82
C GLY G 254 56.37 -76.74 -14.39
N TYR G 255 56.11 -76.64 -13.09
CA TYR G 255 54.81 -77.00 -12.53
C TYR G 255 54.19 -75.86 -11.75
N THR G 256 52.87 -75.91 -11.57
CA THR G 256 52.16 -74.92 -10.77
C THR G 256 52.40 -75.18 -9.29
N VAL G 257 53.12 -74.26 -8.64
CA VAL G 257 53.44 -74.41 -7.22
C VAL G 257 52.90 -73.23 -6.41
N THR G 258 52.72 -73.46 -5.11
CA THR G 258 52.23 -72.43 -4.20
C THR G 258 53.09 -71.18 -4.26
N THR G 259 52.45 -70.01 -4.22
CA THR G 259 53.15 -68.75 -4.40
C THR G 259 53.72 -68.21 -3.09
N GLY G 260 52.85 -67.65 -2.26
CA GLY G 260 53.27 -67.01 -1.03
C GLY G 260 53.09 -65.51 -1.11
N TRP G 261 54.14 -64.76 -0.82
CA TRP G 261 54.10 -63.30 -0.91
C TRP G 261 55.09 -62.80 -1.95
N LYS G 262 55.49 -63.68 -2.86
CA LYS G 262 56.42 -63.34 -3.92
C LYS G 262 55.89 -62.23 -4.81
N ASN G 263 54.65 -62.42 -5.29
CA ASN G 263 54.02 -61.44 -6.16
C ASN G 263 53.77 -60.11 -5.46
N PHE G 264 53.47 -60.17 -4.17
CA PHE G 264 53.19 -58.97 -3.38
C PHE G 264 54.44 -58.12 -3.16
N THR G 265 55.42 -58.68 -2.46
CA THR G 265 56.63 -57.96 -2.08
C THR G 265 57.46 -57.49 -3.28
N ARG G 266 57.24 -58.12 -4.43
CA ARG G 266 57.91 -57.72 -5.67
C ARG G 266 57.40 -56.36 -6.12
N VAL G 267 56.13 -56.10 -5.85
CA VAL G 267 55.49 -54.85 -6.26
C VAL G 267 55.31 -53.90 -5.06
N PHE G 268 54.98 -54.47 -3.91
CA PHE G 268 54.73 -53.69 -2.69
C PHE G 268 55.98 -52.94 -2.25
N ILE G 273 59.73 -53.46 -12.05
CA ILE G 273 58.33 -53.84 -12.09
C ILE G 273 57.50 -52.91 -11.19
N GLN G 274 58.11 -52.48 -10.08
CA GLN G 274 57.47 -51.51 -9.19
C GLN G 274 57.50 -50.13 -9.85
N LYS G 275 58.50 -49.91 -10.69
CA LYS G 275 58.69 -48.65 -11.40
C LYS G 275 57.51 -48.22 -12.29
N PRO G 276 57.03 -49.11 -13.19
CA PRO G 276 55.86 -48.68 -13.97
C PRO G 276 54.57 -48.68 -13.16
N PHE G 277 54.46 -49.61 -12.21
CA PHE G 277 53.25 -49.74 -11.39
C PHE G 277 52.86 -48.45 -10.68
N LEU G 278 53.82 -47.82 -10.02
CA LEU G 278 53.55 -46.58 -9.30
C LEU G 278 53.28 -45.44 -10.28
N ALA G 279 53.85 -45.54 -11.46
CA ALA G 279 53.69 -44.52 -12.49
C ALA G 279 52.29 -44.55 -13.08
N ILE G 280 51.83 -45.73 -13.48
CA ILE G 280 50.51 -45.88 -14.07
C ILE G 280 49.41 -45.66 -13.04
N PHE G 281 49.74 -45.89 -11.76
CA PHE G 281 48.77 -45.72 -10.68
C PHE G 281 48.38 -44.26 -10.51
N VAL G 282 49.36 -43.37 -10.58
CA VAL G 282 49.11 -41.94 -10.48
C VAL G 282 48.34 -41.48 -11.71
N TRP G 283 48.70 -42.03 -12.87
CA TRP G 283 48.01 -41.73 -14.11
C TRP G 283 46.56 -42.23 -14.09
N THR G 284 46.36 -43.44 -13.58
CA THR G 284 45.02 -44.05 -13.54
C THR G 284 44.08 -43.25 -12.65
N VAL G 285 44.57 -42.83 -11.48
CA VAL G 285 43.77 -42.04 -10.55
C VAL G 285 43.39 -40.70 -11.16
N VAL G 286 44.37 -40.04 -11.76
CA VAL G 286 44.16 -38.74 -12.38
C VAL G 286 43.24 -38.84 -13.60
N PHE G 287 43.45 -39.88 -14.40
CA PHE G 287 42.66 -40.10 -15.62
C PHE G 287 41.16 -40.12 -15.34
N SER G 288 40.78 -40.82 -14.27
CA SER G 288 39.37 -40.89 -13.89
C SER G 288 38.88 -39.55 -13.36
N LEU G 289 39.73 -38.88 -12.58
CA LEU G 289 39.39 -37.58 -12.01
C LEU G 289 39.16 -36.54 -13.10
N ILE G 290 40.03 -36.53 -14.10
CA ILE G 290 39.90 -35.60 -15.22
C ILE G 290 38.66 -35.94 -16.05
N THR G 291 38.41 -37.25 -16.21
CA THR G 291 37.24 -37.70 -16.92
C THR G 291 35.96 -37.32 -16.18
N VAL G 292 35.93 -37.59 -14.88
CA VAL G 292 34.78 -37.27 -14.04
C VAL G 292 34.49 -35.78 -14.03
N PHE G 293 35.53 -34.96 -13.87
CA PHE G 293 35.37 -33.52 -13.80
C PHE G 293 34.74 -32.95 -15.08
N LEU G 294 35.23 -33.39 -16.23
CA LEU G 294 34.74 -32.89 -17.51
C LEU G 294 33.34 -33.41 -17.83
N THR G 295 33.15 -34.72 -17.69
CA THR G 295 31.88 -35.35 -18.05
C THR G 295 30.70 -34.82 -17.23
N VAL G 296 30.93 -34.60 -15.95
CA VAL G 296 29.91 -34.03 -15.07
C VAL G 296 29.62 -32.58 -15.42
N ALA G 297 30.68 -31.79 -15.58
CA ALA G 297 30.54 -30.38 -15.90
C ALA G 297 29.83 -30.17 -17.23
N VAL G 298 30.25 -30.93 -18.25
CA VAL G 298 29.62 -30.87 -19.57
C VAL G 298 28.20 -31.44 -19.51
N GLY G 299 28.05 -32.53 -18.77
CA GLY G 299 26.76 -33.20 -18.65
C GLY G 299 25.71 -32.37 -17.95
N MET G 300 26.09 -31.75 -16.84
CA MET G 300 25.15 -30.95 -16.05
C MET G 300 24.72 -29.69 -16.78
N VAL G 301 25.67 -29.00 -17.40
CA VAL G 301 25.38 -27.78 -18.14
C VAL G 301 24.41 -28.06 -19.29
N LEU G 302 24.66 -29.15 -20.02
CA LEU G 302 23.80 -29.54 -21.12
C LEU G 302 22.41 -29.95 -20.65
N ALA G 303 22.36 -30.72 -19.57
CA ALA G 303 21.10 -31.24 -19.04
C ALA G 303 20.09 -30.13 -18.75
N CYS G 304 20.56 -29.05 -18.13
CA CYS G 304 19.70 -27.91 -17.81
C CYS G 304 19.24 -27.21 -19.08
N LEU G 305 20.13 -27.10 -20.06
CA LEU G 305 19.83 -26.42 -21.32
C LEU G 305 18.84 -27.20 -22.19
N VAL G 306 18.90 -28.52 -22.14
CA VAL G 306 18.04 -29.35 -22.98
C VAL G 306 16.57 -29.23 -22.58
N GLN G 307 16.31 -29.32 -21.27
CA GLN G 307 14.95 -29.24 -20.77
C GLN G 307 14.62 -27.85 -20.23
N TRP G 308 15.40 -26.86 -20.64
CA TRP G 308 15.13 -25.48 -20.28
C TRP G 308 13.83 -25.05 -20.96
N GLU G 309 12.89 -24.55 -20.16
CA GLU G 309 11.59 -24.11 -20.66
C GLU G 309 11.70 -23.21 -21.89
N ALA G 310 12.60 -22.24 -21.83
CA ALA G 310 12.81 -21.34 -22.96
C ALA G 310 13.66 -22.00 -24.03
N LEU G 311 13.01 -22.82 -24.86
CA LEU G 311 13.68 -23.48 -25.97
C LEU G 311 12.67 -23.77 -27.08
N ARG G 312 13.14 -24.40 -28.15
CA ARG G 312 12.28 -24.69 -29.29
C ARG G 312 12.28 -26.16 -29.67
N GLY G 313 13.46 -26.67 -30.02
CA GLY G 313 13.59 -28.06 -30.43
C GLY G 313 14.21 -28.93 -29.35
N LYS G 314 13.55 -29.00 -28.20
CA LYS G 314 14.03 -29.79 -27.07
C LYS G 314 14.16 -31.27 -27.44
N ALA G 315 13.18 -31.76 -28.19
CA ALA G 315 13.16 -33.16 -28.59
C ALA G 315 14.29 -33.50 -29.56
N VAL G 316 14.57 -32.58 -30.47
CA VAL G 316 15.60 -32.79 -31.49
C VAL G 316 17.00 -32.63 -30.90
N TYR G 317 17.17 -31.61 -30.04
CA TYR G 317 18.45 -31.37 -29.38
C TYR G 317 18.86 -32.54 -28.51
N ARG G 318 17.87 -33.19 -27.90
CA ARG G 318 18.11 -34.29 -26.98
C ARG G 318 18.73 -35.51 -27.64
N VAL G 319 18.03 -36.07 -28.62
CA VAL G 319 18.45 -37.31 -29.28
C VAL G 319 19.84 -37.24 -29.91
N LEU G 320 20.22 -36.06 -30.39
CA LEU G 320 21.54 -35.88 -31.01
C LEU G 320 22.65 -35.97 -29.97
N LEU G 321 22.39 -35.41 -28.79
CA LEU G 321 23.38 -35.41 -27.71
C LEU G 321 23.57 -36.79 -27.08
N ILE G 322 22.57 -37.66 -27.25
CA ILE G 322 22.60 -38.99 -26.66
C ILE G 322 23.43 -39.94 -27.54
N LEU G 323 23.61 -39.57 -28.80
CA LEU G 323 24.33 -40.39 -29.78
C LEU G 323 25.68 -41.01 -29.34
N PRO G 324 26.53 -40.24 -28.64
CA PRO G 324 27.79 -40.86 -28.20
C PRO G 324 27.58 -42.05 -27.26
N TYR G 325 26.63 -41.95 -26.35
CA TYR G 325 26.30 -43.07 -25.46
C TYR G 325 25.54 -44.12 -26.25
N ALA G 326 24.79 -43.67 -27.26
CA ALA G 326 24.02 -44.56 -28.12
C ALA G 326 24.93 -45.51 -28.87
N VAL G 327 25.78 -44.95 -29.72
CA VAL G 327 26.74 -45.73 -30.48
C VAL G 327 27.67 -46.47 -29.51
N PRO G 328 27.75 -47.80 -29.65
CA PRO G 328 28.44 -48.70 -28.72
C PRO G 328 29.91 -48.32 -28.51
N SER G 329 30.49 -48.80 -27.42
CA SER G 329 31.87 -48.46 -27.06
C SER G 329 32.85 -48.95 -28.12
N PHE G 330 32.76 -50.24 -28.48
CA PHE G 330 33.74 -50.85 -29.37
C PHE G 330 33.86 -50.16 -30.74
N ILE G 331 32.74 -49.67 -31.26
CA ILE G 331 32.74 -48.96 -32.54
C ILE G 331 33.16 -47.50 -32.34
N SER G 332 32.67 -46.87 -31.29
CA SER G 332 33.00 -45.48 -31.00
C SER G 332 34.49 -45.30 -30.71
N ILE G 333 35.09 -46.33 -30.13
CA ILE G 333 36.51 -46.29 -29.80
C ILE G 333 37.37 -46.56 -31.04
N LEU G 334 36.99 -47.57 -31.82
CA LEU G 334 37.78 -47.96 -32.99
C LEU G 334 37.82 -46.90 -34.09
N ILE G 335 36.76 -46.10 -34.21
CA ILE G 335 36.76 -45.04 -35.21
C ILE G 335 37.74 -43.93 -34.87
N PHE G 336 37.90 -43.65 -33.58
CA PHE G 336 38.86 -42.63 -33.13
C PHE G 336 40.29 -43.09 -33.37
N LYS G 337 40.49 -44.40 -33.34
CA LYS G 337 41.80 -44.99 -33.59
C LYS G 337 42.31 -44.68 -34.99
N GLY G 338 41.45 -44.90 -35.99
CA GLY G 338 41.82 -44.67 -37.38
C GLY G 338 41.86 -43.21 -37.78
N LEU G 339 41.15 -42.37 -37.02
CA LEU G 339 41.13 -40.94 -37.31
C LEU G 339 42.34 -40.23 -36.69
N PHE G 340 42.76 -40.71 -35.53
CA PHE G 340 43.87 -40.09 -34.81
C PHE G 340 45.21 -40.74 -35.20
N ASN G 341 45.20 -41.51 -36.28
CA ASN G 341 46.40 -42.17 -36.78
C ASN G 341 47.46 -41.17 -37.22
N GLN G 342 48.73 -41.56 -37.14
CA GLN G 342 49.83 -40.64 -37.39
C GLN G 342 49.93 -40.24 -38.86
N SER G 343 50.14 -41.22 -39.73
CA SER G 343 50.28 -40.96 -41.16
C SER G 343 48.97 -41.17 -41.90
N PHE G 344 48.19 -42.16 -41.46
CA PHE G 344 46.92 -42.48 -42.08
C PHE G 344 45.71 -41.99 -41.28
N GLY G 345 45.83 -40.81 -40.67
CA GLY G 345 44.73 -40.26 -39.92
C GLY G 345 44.05 -39.10 -40.62
N GLU G 346 42.74 -39.02 -40.49
CA GLU G 346 41.96 -37.99 -41.17
C GLU G 346 41.89 -36.71 -40.33
N ILE G 347 42.13 -36.86 -39.04
CA ILE G 347 42.14 -35.73 -38.11
C ILE G 347 43.43 -34.93 -38.30
N ASN G 348 44.55 -35.65 -38.34
CA ASN G 348 45.84 -35.03 -38.62
C ASN G 348 45.88 -34.42 -40.02
N MET G 349 44.99 -34.90 -40.89
CA MET G 349 44.84 -34.35 -42.23
C MET G 349 44.25 -32.95 -42.15
N MET G 350 43.19 -32.81 -41.36
CA MET G 350 42.57 -31.51 -41.13
C MET G 350 43.45 -30.63 -40.27
N LEU G 351 44.12 -31.25 -39.30
CA LEU G 351 44.99 -30.52 -38.38
C LEU G 351 46.24 -30.00 -39.09
N SER G 352 46.56 -30.58 -40.24
CA SER G 352 47.68 -30.12 -41.05
C SER G 352 47.23 -29.15 -42.14
N ALA G 353 45.91 -29.03 -42.31
CA ALA G 353 45.35 -28.17 -43.33
C ALA G 353 45.38 -26.70 -42.92
N LEU G 354 44.62 -26.35 -41.88
CA LEU G 354 44.57 -24.98 -41.40
C LEU G 354 45.74 -24.66 -40.48
N PHE G 355 46.05 -25.58 -39.57
CA PHE G 355 47.21 -25.45 -38.70
C PHE G 355 48.39 -26.20 -39.30
N GLY G 356 49.61 -25.84 -38.88
CA GLY G 356 50.80 -26.52 -39.36
C GLY G 356 51.36 -27.47 -38.31
N VAL G 357 50.48 -28.29 -37.73
CA VAL G 357 50.88 -29.22 -36.67
C VAL G 357 50.29 -30.61 -36.92
N LYS G 358 51.11 -31.63 -36.72
CA LYS G 358 50.65 -33.02 -36.79
C LYS G 358 51.00 -33.75 -35.51
N PRO G 359 50.11 -33.66 -34.50
CA PRO G 359 50.34 -34.26 -33.17
C PRO G 359 50.46 -35.78 -33.24
N ALA G 360 51.39 -36.33 -32.46
CA ALA G 360 51.60 -37.78 -32.42
C ALA G 360 50.69 -38.42 -31.38
N TRP G 361 49.51 -38.85 -31.81
CA TRP G 361 48.49 -39.36 -30.89
C TRP G 361 48.82 -40.76 -30.37
N PHE G 362 49.77 -41.44 -31.00
CA PHE G 362 50.14 -42.79 -30.60
C PHE G 362 51.57 -42.87 -30.06
N SER G 363 52.47 -42.07 -30.62
CA SER G 363 53.87 -42.13 -30.25
C SER G 363 54.19 -41.28 -29.03
N ASP G 364 53.82 -40.00 -29.08
CA ASP G 364 54.13 -39.06 -28.00
C ASP G 364 53.32 -39.37 -26.75
N PRO G 365 54.00 -39.48 -25.60
CA PRO G 365 53.37 -39.78 -24.31
C PRO G 365 52.31 -38.76 -23.92
N THR G 366 52.66 -37.47 -23.97
CA THR G 366 51.75 -36.41 -23.57
C THR G 366 50.57 -36.28 -24.54
N THR G 367 50.88 -36.34 -25.83
CA THR G 367 49.86 -36.20 -26.87
C THR G 367 48.87 -37.35 -26.85
N ALA G 368 49.35 -38.55 -26.49
CA ALA G 368 48.50 -39.73 -26.41
C ALA G 368 47.45 -39.59 -25.31
N ARG G 369 47.89 -39.10 -24.15
CA ARG G 369 46.99 -38.91 -23.01
C ARG G 369 45.87 -37.94 -23.34
N THR G 370 46.16 -36.94 -24.17
CA THR G 370 45.18 -35.95 -24.58
C THR G 370 44.03 -36.60 -25.35
N MET G 371 44.36 -37.57 -26.20
CA MET G 371 43.35 -38.27 -26.99
C MET G 371 42.39 -39.09 -26.12
N LEU G 372 42.95 -39.85 -25.18
CA LEU G 372 42.15 -40.70 -24.30
C LEU G 372 41.09 -39.92 -23.53
N ILE G 373 41.46 -38.74 -23.04
CA ILE G 373 40.54 -37.90 -22.29
C ILE G 373 39.43 -37.38 -23.20
N ILE G 374 39.82 -36.96 -24.41
CA ILE G 374 38.86 -36.44 -25.38
C ILE G 374 37.82 -37.50 -25.77
N VAL G 375 38.29 -38.70 -26.07
CA VAL G 375 37.41 -39.78 -26.50
C VAL G 375 36.48 -40.24 -25.36
N ASN G 376 37.03 -40.33 -24.15
CA ASN G 376 36.25 -40.78 -23.00
C ASN G 376 35.24 -39.75 -22.53
N THR G 377 35.62 -38.47 -22.57
CA THR G 377 34.71 -37.39 -22.23
C THR G 377 33.57 -37.32 -23.24
N TRP G 378 33.90 -37.61 -24.49
CA TRP G 378 32.90 -37.67 -25.56
C TRP G 378 31.87 -38.76 -25.28
N LEU G 379 32.33 -39.88 -24.74
CA LEU G 379 31.46 -40.99 -24.39
C LEU G 379 30.76 -40.77 -23.05
N GLY G 380 31.42 -40.04 -22.16
CA GLY G 380 30.95 -39.92 -20.78
C GLY G 380 29.95 -38.83 -20.51
N TYR G 381 29.97 -37.76 -21.31
CA TYR G 381 29.05 -36.64 -21.11
C TYR G 381 27.55 -36.96 -21.26
N PRO G 382 27.16 -37.77 -22.26
CA PRO G 382 25.71 -37.97 -22.40
C PRO G 382 25.12 -38.84 -21.30
N TYR G 383 25.90 -39.76 -20.75
CA TYR G 383 25.43 -40.60 -19.66
C TYR G 383 25.19 -39.76 -18.40
N MET G 384 26.07 -38.79 -18.18
CA MET G 384 25.91 -37.85 -17.08
C MET G 384 24.75 -36.90 -17.33
N MET G 385 24.49 -36.60 -18.61
CA MET G 385 23.36 -35.77 -18.99
C MET G 385 22.05 -36.44 -18.63
N ILE G 386 21.87 -37.68 -19.08
CA ILE G 386 20.65 -38.45 -18.82
C ILE G 386 20.45 -38.62 -17.33
N LEU G 387 21.55 -38.80 -16.60
CA LEU G 387 21.52 -38.94 -15.15
C LEU G 387 21.10 -37.64 -14.49
N CYS G 388 21.72 -36.53 -14.92
CA CYS G 388 21.42 -35.22 -14.35
C CYS G 388 20.07 -34.67 -14.78
N MET G 389 19.66 -35.01 -16.00
CA MET G 389 18.37 -34.55 -16.54
C MET G 389 17.21 -35.07 -15.70
N GLY G 390 17.26 -36.35 -15.37
CA GLY G 390 16.24 -36.97 -14.54
C GLY G 390 16.37 -36.53 -13.09
N LEU G 391 17.60 -36.31 -12.65
CA LEU G 391 17.88 -35.90 -11.28
C LEU G 391 17.47 -34.44 -11.04
N LEU G 392 17.50 -33.64 -12.11
CA LEU G 392 17.16 -32.23 -12.02
C LEU G 392 15.65 -32.04 -11.79
N LYS G 393 14.87 -33.03 -12.21
CA LYS G 393 13.42 -32.96 -12.08
C LYS G 393 12.98 -33.10 -10.63
N ALA G 394 13.88 -33.59 -9.78
CA ALA G 394 13.60 -33.72 -8.36
C ALA G 394 13.43 -32.35 -7.71
N ILE G 395 14.13 -31.36 -8.23
CA ILE G 395 14.00 -29.99 -7.75
C ILE G 395 12.68 -29.39 -8.21
N PRO G 396 11.87 -28.91 -7.26
CA PRO G 396 10.56 -28.35 -7.58
C PRO G 396 10.70 -27.01 -8.29
N ASP G 397 9.71 -26.68 -9.13
CA ASP G 397 9.75 -25.45 -9.92
C ASP G 397 9.57 -24.23 -9.03
N ASP G 398 9.04 -24.45 -7.83
CA ASP G 398 8.75 -23.37 -6.89
C ASP G 398 10.01 -22.59 -6.53
N LEU G 399 11.13 -23.28 -6.47
CA LEU G 399 12.40 -22.65 -6.13
C LEU G 399 12.82 -21.63 -7.19
N TYR G 400 12.68 -22.03 -8.46
CA TYR G 400 13.04 -21.15 -9.57
C TYR G 400 12.03 -20.02 -9.73
N GLU G 401 10.78 -20.29 -9.33
CA GLU G 401 9.74 -19.27 -9.37
C GLU G 401 9.95 -18.24 -8.26
N ALA G 402 10.23 -18.73 -7.05
CA ALA G 402 10.46 -17.84 -5.91
C ALA G 402 11.73 -17.02 -6.06
N SER G 403 12.73 -17.61 -6.71
CA SER G 403 13.99 -16.91 -6.96
C SER G 403 13.78 -15.77 -7.94
N ALA G 404 12.98 -16.02 -8.97
CA ALA G 404 12.69 -15.01 -9.98
C ALA G 404 11.90 -13.85 -9.40
N MET G 405 11.10 -14.14 -8.38
CA MET G 405 10.33 -13.13 -7.68
C MET G 405 11.24 -12.18 -6.93
N ASP G 406 12.43 -12.67 -6.58
CA ASP G 406 13.40 -11.90 -5.81
C ASP G 406 14.44 -11.24 -6.71
N GLY G 407 14.27 -11.40 -8.02
CA GLY G 407 15.17 -10.78 -8.98
C GLY G 407 16.45 -11.56 -9.23
N ALA G 408 16.29 -12.83 -9.59
CA ALA G 408 17.44 -13.68 -9.86
C ALA G 408 17.62 -13.93 -11.35
N GLY G 409 18.81 -13.64 -11.86
CA GLY G 409 19.13 -13.87 -13.26
C GLY G 409 19.35 -15.35 -13.52
N PRO G 410 19.33 -15.73 -14.81
CA PRO G 410 19.51 -17.13 -15.24
C PRO G 410 20.79 -17.75 -14.68
N PHE G 411 21.85 -16.96 -14.61
CA PHE G 411 23.11 -17.43 -14.07
C PHE G 411 23.08 -17.62 -12.56
N GLN G 412 22.35 -16.75 -11.86
CA GLN G 412 22.25 -16.82 -10.41
C GLN G 412 21.50 -18.07 -9.94
N ASN G 413 20.59 -18.56 -10.78
CA ASN G 413 19.84 -19.77 -10.47
C ASN G 413 20.71 -21.02 -10.56
N PHE G 414 21.51 -21.09 -11.61
CA PHE G 414 22.36 -22.26 -11.87
C PHE G 414 23.47 -22.43 -10.83
N PHE G 415 23.88 -21.32 -10.20
CA PHE G 415 24.99 -21.36 -9.26
C PHE G 415 24.55 -21.44 -7.79
N LYS G 416 23.37 -20.90 -7.48
CA LYS G 416 22.92 -20.82 -6.11
C LYS G 416 21.77 -21.79 -5.76
N ILE G 417 21.07 -22.25 -6.79
CA ILE G 417 19.92 -23.12 -6.57
C ILE G 417 20.14 -24.52 -7.16
N THR G 418 20.54 -24.57 -8.42
CA THR G 418 20.70 -25.84 -9.12
C THR G 418 21.95 -26.61 -8.68
N LEU G 419 23.10 -25.96 -8.79
CA LEU G 419 24.38 -26.60 -8.46
C LEU G 419 24.52 -27.13 -7.02
N PRO G 420 24.35 -26.25 -6.00
CA PRO G 420 24.63 -26.73 -4.63
C PRO G 420 23.59 -27.73 -4.13
N LEU G 421 22.46 -27.82 -4.82
CA LEU G 421 21.41 -28.75 -4.45
C LEU G 421 21.58 -30.09 -5.18
N LEU G 422 22.28 -30.05 -6.31
CA LEU G 422 22.49 -31.25 -7.11
C LEU G 422 23.69 -32.08 -6.65
N ILE G 423 24.63 -31.43 -5.98
CA ILE G 423 25.87 -32.10 -5.57
C ILE G 423 25.65 -33.20 -4.54
N LYS G 424 24.59 -33.08 -3.75
CA LYS G 424 24.31 -34.07 -2.71
C LYS G 424 23.90 -35.45 -3.26
N PRO G 425 22.88 -35.50 -4.13
CA PRO G 425 22.56 -36.83 -4.66
C PRO G 425 23.56 -37.28 -5.72
N LEU G 426 24.37 -36.35 -6.21
CA LEU G 426 25.35 -36.65 -7.25
C LEU G 426 26.64 -37.19 -6.65
N THR G 427 26.82 -37.00 -5.35
CA THR G 427 28.01 -37.47 -4.65
C THR G 427 28.26 -38.98 -4.81
N PRO G 428 27.23 -39.82 -4.57
CA PRO G 428 27.50 -41.24 -4.82
C PRO G 428 27.61 -41.53 -6.32
N LEU G 429 26.97 -40.68 -7.13
CA LEU G 429 27.01 -40.82 -8.58
C LEU G 429 28.34 -40.30 -9.13
N MET G 430 29.00 -39.46 -8.33
CA MET G 430 30.28 -38.88 -8.73
C MET G 430 31.41 -39.92 -8.69
N ILE G 431 31.61 -40.51 -7.52
CA ILE G 431 32.69 -41.47 -7.31
C ILE G 431 32.41 -42.84 -7.92
N ALA G 432 31.16 -43.08 -8.29
CA ALA G 432 30.79 -44.33 -8.96
C ALA G 432 31.42 -44.38 -10.35
N SER G 433 31.37 -43.25 -11.05
CA SER G 433 31.99 -43.14 -12.36
C SER G 433 33.51 -43.13 -12.22
N PHE G 434 33.99 -42.60 -11.10
CA PHE G 434 35.41 -42.58 -10.78
C PHE G 434 35.98 -44.00 -10.72
N ALA G 435 35.23 -44.89 -10.08
CA ALA G 435 35.64 -46.28 -9.95
C ALA G 435 35.57 -47.00 -11.29
N PHE G 436 34.60 -46.62 -12.11
CA PHE G 436 34.42 -47.24 -13.42
C PHE G 436 35.48 -46.80 -14.41
N ASN G 437 35.81 -45.51 -14.39
CA ASN G 437 36.86 -44.97 -15.26
C ASN G 437 38.25 -45.42 -14.80
N PHE G 438 38.34 -45.82 -13.54
CA PHE G 438 39.58 -46.37 -12.98
C PHE G 438 39.90 -47.71 -13.63
N ASN G 439 38.85 -48.45 -13.99
CA ASN G 439 39.01 -49.76 -14.61
C ASN G 439 38.43 -49.79 -16.01
N ASN G 440 38.65 -48.73 -16.77
CA ASN G 440 38.11 -48.64 -18.12
C ASN G 440 38.98 -49.40 -19.12
N PHE G 441 38.84 -50.74 -19.09
CA PHE G 441 39.66 -51.61 -19.93
C PHE G 441 39.15 -51.63 -21.37
N VAL G 442 37.88 -51.30 -21.55
CA VAL G 442 37.27 -51.33 -22.88
C VAL G 442 37.88 -50.28 -23.80
N LEU G 443 38.30 -49.15 -23.22
CA LEU G 443 38.85 -48.05 -23.99
C LEU G 443 40.33 -48.20 -24.31
N ILE G 444 41.12 -48.49 -23.28
CA ILE G 444 42.58 -48.49 -23.40
C ILE G 444 43.11 -49.60 -24.31
N GLN G 445 42.65 -50.83 -24.07
CA GLN G 445 43.17 -51.99 -24.81
C GLN G 445 42.58 -52.07 -26.21
N LEU G 446 41.71 -51.12 -26.55
CA LEU G 446 41.07 -51.11 -27.87
C LEU G 446 41.55 -49.95 -28.73
N LEU G 447 41.65 -48.77 -28.11
CA LEU G 447 42.06 -47.57 -28.84
C LEU G 447 43.56 -47.58 -29.15
N THR G 448 44.37 -47.50 -28.11
CA THR G 448 45.81 -47.38 -28.27
C THR G 448 46.50 -48.73 -28.11
N ASN G 449 45.82 -49.67 -27.46
CA ASN G 449 46.40 -50.97 -27.13
C ASN G 449 47.67 -50.80 -26.31
N GLY G 450 47.65 -49.85 -25.40
CA GLY G 450 48.80 -49.55 -24.57
C GLY G 450 49.36 -48.17 -24.85
N GLY G 451 49.32 -47.78 -26.12
CA GLY G 451 49.84 -46.49 -26.53
C GLY G 451 51.35 -46.50 -26.64
N PRO G 452 51.99 -45.39 -26.24
CA PRO G 452 53.46 -45.33 -26.20
C PRO G 452 54.00 -46.40 -25.27
N ASP G 453 54.83 -47.29 -25.80
CA ASP G 453 55.35 -48.40 -25.02
C ASP G 453 56.44 -47.90 -24.09
N ARG G 454 56.33 -48.25 -22.81
CA ARG G 454 57.31 -47.80 -21.84
C ARG G 454 58.61 -48.58 -22.01
N LEU G 455 59.67 -47.87 -22.36
CA LEU G 455 60.95 -48.49 -22.65
C LEU G 455 61.76 -48.76 -21.38
N GLY G 456 62.54 -49.83 -21.41
CA GLY G 456 63.37 -50.19 -20.28
C GLY G 456 62.55 -50.80 -19.16
N THR G 457 61.76 -51.81 -19.50
CA THR G 457 60.93 -52.52 -18.52
C THR G 457 60.94 -54.01 -18.80
N THR G 458 60.93 -54.81 -17.73
CA THR G 458 60.88 -56.26 -17.86
C THR G 458 59.48 -56.75 -18.17
N THR G 459 58.48 -56.00 -17.70
CA THR G 459 57.09 -56.36 -17.92
C THR G 459 56.46 -55.49 -19.00
N PRO G 460 55.47 -56.02 -19.72
CA PRO G 460 54.77 -55.22 -20.74
C PRO G 460 53.96 -54.10 -20.11
N ALA G 461 54.33 -52.86 -20.40
CA ALA G 461 53.66 -51.70 -19.83
C ALA G 461 53.43 -50.63 -20.89
N GLY G 462 52.92 -49.48 -20.46
CA GLY G 462 52.67 -48.37 -21.37
C GLY G 462 52.45 -47.07 -20.65
N TYR G 463 52.63 -45.96 -21.36
CA TYR G 463 52.40 -44.64 -20.80
C TYR G 463 50.92 -44.36 -20.63
N THR G 464 50.09 -45.02 -21.44
CA THR G 464 48.66 -44.81 -21.42
C THR G 464 47.89 -46.03 -20.93
N ASP G 465 48.56 -46.92 -20.22
CA ASP G 465 47.93 -48.13 -19.71
C ASP G 465 47.42 -47.95 -18.28
N LEU G 466 46.16 -48.30 -18.05
CA LEU G 466 45.60 -48.27 -16.71
C LEU G 466 46.00 -49.54 -15.96
N LEU G 467 45.64 -49.59 -14.68
CA LEU G 467 45.93 -50.75 -13.85
C LEU G 467 45.25 -52.01 -14.39
N VAL G 468 43.99 -51.88 -14.77
CA VAL G 468 43.23 -53.00 -15.32
C VAL G 468 43.88 -53.58 -16.57
N ASN G 469 44.52 -52.73 -17.37
CA ASN G 469 45.23 -53.17 -18.56
C ASN G 469 46.55 -53.83 -18.19
N TYR G 470 47.28 -53.20 -17.28
CA TYR G 470 48.58 -53.70 -16.83
C TYR G 470 48.46 -55.10 -16.24
N THR G 471 47.33 -55.38 -15.59
CA THR G 471 47.06 -56.72 -15.08
C THR G 471 46.82 -57.66 -16.26
N TYR G 472 46.06 -57.18 -17.24
CA TYR G 472 45.75 -57.98 -18.43
C TYR G 472 46.98 -58.20 -19.31
N ARG G 473 47.76 -57.15 -19.50
CA ARG G 473 48.96 -57.20 -20.35
C ARG G 473 49.97 -58.25 -19.89
N ILE G 474 50.27 -58.24 -18.59
CA ILE G 474 51.22 -59.18 -18.02
C ILE G 474 50.80 -60.63 -18.23
N ALA G 475 49.49 -60.87 -18.20
CA ALA G 475 48.96 -62.22 -18.28
C ALA G 475 48.59 -62.66 -19.70
N PHE G 476 48.34 -61.69 -20.58
CA PHE G 476 47.84 -62.01 -21.91
C PHE G 476 48.55 -61.26 -23.04
N GLU G 477 49.84 -61.01 -22.88
CA GLU G 477 50.61 -60.37 -23.94
C GLU G 477 50.97 -61.41 -25.00
N GLY G 478 50.99 -60.99 -26.26
CA GLY G 478 51.31 -61.89 -27.35
C GLY G 478 52.77 -62.30 -27.34
N GLY G 479 53.11 -63.25 -26.49
CA GLY G 479 54.48 -63.73 -26.37
C GLY G 479 55.37 -62.73 -25.67
N GLY G 480 54.95 -62.29 -24.50
CA GLY G 480 55.73 -61.34 -23.71
C GLY G 480 55.89 -61.76 -22.27
N GLY G 481 56.04 -63.07 -22.06
CA GLY G 481 56.18 -63.61 -20.71
C GLY G 481 54.91 -63.49 -19.91
N GLN G 482 53.99 -64.43 -20.13
CA GLN G 482 52.70 -64.44 -19.44
C GLN G 482 52.84 -64.87 -17.99
N ASP G 483 52.54 -63.95 -17.07
CA ASP G 483 52.61 -64.25 -15.64
C ASP G 483 51.20 -64.20 -15.04
N PHE G 484 50.52 -65.34 -15.04
CA PHE G 484 49.16 -65.43 -14.53
C PHE G 484 49.11 -65.24 -13.01
N GLY G 485 50.20 -65.61 -12.34
CA GLY G 485 50.28 -65.50 -10.89
C GLY G 485 50.34 -64.08 -10.39
N LEU G 486 51.22 -63.28 -11.00
CA LEU G 486 51.39 -61.88 -10.61
C LEU G 486 50.16 -61.06 -10.99
N ALA G 487 49.65 -61.30 -12.19
CA ALA G 487 48.49 -60.56 -12.71
C ALA G 487 47.25 -60.69 -11.83
N ALA G 488 46.97 -61.91 -11.38
CA ALA G 488 45.84 -62.14 -10.49
C ALA G 488 46.13 -61.60 -9.09
N ALA G 489 47.40 -61.60 -8.72
CA ALA G 489 47.82 -61.11 -7.42
C ALA G 489 47.72 -59.60 -7.33
N ILE G 490 48.18 -58.90 -8.36
CA ILE G 490 48.08 -57.45 -8.42
C ILE G 490 46.61 -57.05 -8.62
N ALA G 491 45.82 -57.97 -9.17
CA ALA G 491 44.39 -57.75 -9.30
C ALA G 491 43.69 -57.84 -7.94
N THR G 492 44.38 -58.42 -6.97
CA THR G 492 43.91 -58.44 -5.59
C THR G 492 44.23 -57.10 -4.94
N LEU G 493 45.38 -56.54 -5.31
CA LEU G 493 45.77 -55.22 -4.82
C LEU G 493 44.79 -54.15 -5.27
N ILE G 494 44.43 -54.19 -6.55
CA ILE G 494 43.47 -53.24 -7.10
C ILE G 494 42.08 -53.50 -6.55
N PHE G 495 41.83 -54.74 -6.12
CA PHE G 495 40.56 -55.11 -5.51
C PHE G 495 40.35 -54.37 -4.20
N LEU G 496 41.43 -54.21 -3.43
CA LEU G 496 41.38 -53.44 -2.19
C LEU G 496 41.40 -51.94 -2.48
N LEU G 497 42.03 -51.56 -3.58
CA LEU G 497 42.12 -50.15 -3.97
C LEU G 497 40.80 -49.61 -4.51
N VAL G 498 40.32 -50.19 -5.61
CA VAL G 498 39.11 -49.70 -6.28
C VAL G 498 37.84 -50.28 -5.65
N GLY G 499 37.99 -51.33 -4.86
CA GLY G 499 36.85 -51.99 -4.24
C GLY G 499 36.47 -51.39 -2.91
N ALA G 500 37.48 -51.08 -2.09
CA ALA G 500 37.23 -50.59 -0.74
C ALA G 500 36.86 -49.10 -0.69
N LEU G 501 36.72 -48.48 -1.86
CA LEU G 501 36.23 -47.10 -1.90
C LEU G 501 34.72 -47.09 -1.74
N ALA G 502 34.11 -48.27 -1.77
CA ALA G 502 32.68 -48.43 -1.58
C ALA G 502 32.27 -48.13 -0.14
N ILE G 503 33.24 -48.15 0.77
CA ILE G 503 32.97 -47.90 2.18
C ILE G 503 32.52 -46.46 2.42
N VAL G 504 33.01 -45.54 1.60
CA VAL G 504 32.62 -44.13 1.72
C VAL G 504 31.45 -43.84 0.78
N ASN G 505 31.30 -44.67 -0.25
CA ASN G 505 30.22 -44.53 -1.21
C ASN G 505 28.86 -44.85 -0.61
N LEU G 506 28.85 -45.79 0.34
CA LEU G 506 27.60 -46.29 0.91
C LEU G 506 27.34 -45.75 2.32
N LYS G 507 28.35 -45.80 3.18
CA LYS G 507 28.20 -45.41 4.58
C LYS G 507 27.96 -43.91 4.75
N ALA G 508 28.66 -43.12 3.94
CA ALA G 508 28.54 -41.66 4.02
C ALA G 508 27.28 -41.16 3.32
N THR G 509 26.89 -41.82 2.23
CA THR G 509 25.70 -41.44 1.48
C THR G 509 24.76 -42.62 1.28
N ALA H 2 4.52 -20.31 -17.87
CA ALA H 2 4.92 -19.20 -18.72
C ALA H 2 5.28 -17.98 -17.89
N MET H 3 6.49 -17.98 -17.33
CA MET H 3 6.96 -16.88 -16.50
C MET H 3 7.48 -15.72 -17.34
N VAL H 4 7.15 -14.49 -16.94
CA VAL H 4 7.63 -13.30 -17.64
C VAL H 4 9.13 -13.15 -17.55
N GLN H 5 9.77 -12.96 -18.70
CA GLN H 5 11.22 -12.88 -18.80
C GLN H 5 11.66 -11.46 -19.12
N PRO H 6 12.64 -10.93 -18.36
CA PRO H 6 13.08 -9.55 -18.61
C PRO H 6 13.88 -9.44 -19.90
N LYS H 7 14.13 -8.20 -20.34
CA LYS H 7 14.91 -7.89 -21.56
C LYS H 7 14.54 -8.76 -22.76
N SER H 8 13.28 -9.18 -22.82
CA SER H 8 12.73 -9.99 -23.90
C SER H 8 13.31 -11.41 -23.99
N GLN H 9 14.46 -11.64 -23.35
CA GLN H 9 15.05 -12.99 -23.24
C GLN H 9 15.56 -13.57 -24.57
N LYS H 10 14.96 -13.13 -25.67
CA LYS H 10 15.22 -13.69 -27.00
C LYS H 10 16.70 -13.69 -27.35
N ALA H 11 17.43 -12.68 -26.88
CA ALA H 11 18.85 -12.57 -27.13
C ALA H 11 19.61 -13.74 -26.51
N ARG H 12 19.27 -14.08 -25.27
CA ARG H 12 19.91 -15.19 -24.56
C ARG H 12 19.59 -16.55 -25.18
N LEU H 13 18.39 -16.68 -25.74
CA LEU H 13 18.01 -17.94 -26.39
C LEU H 13 18.87 -18.16 -27.62
N PHE H 14 19.12 -17.09 -28.36
CA PHE H 14 19.87 -17.17 -29.61
C PHE H 14 21.31 -17.65 -29.39
N ILE H 15 21.98 -17.09 -28.39
CA ILE H 15 23.35 -17.49 -28.06
C ILE H 15 23.39 -18.92 -27.54
N THR H 16 22.32 -19.35 -26.88
CA THR H 16 22.21 -20.72 -26.39
C THR H 16 22.13 -21.69 -27.56
N HIS H 17 21.37 -21.32 -28.58
CA HIS H 17 21.22 -22.12 -29.79
C HIS H 17 22.55 -22.30 -30.51
N LEU H 18 23.35 -21.24 -30.55
CA LEU H 18 24.65 -21.27 -31.22
C LEU H 18 25.62 -22.23 -30.54
N LEU H 19 25.67 -22.19 -29.22
CA LEU H 19 26.57 -23.05 -28.45
C LEU H 19 26.16 -24.51 -28.56
N LEU H 20 24.86 -24.77 -28.55
CA LEU H 20 24.34 -26.12 -28.69
C LEU H 20 24.54 -26.67 -30.10
N LEU H 21 24.31 -25.82 -31.09
CA LEU H 21 24.44 -26.22 -32.50
C LEU H 21 25.89 -26.55 -32.85
N LEU H 22 26.82 -25.80 -32.27
CA LEU H 22 28.24 -26.03 -32.50
C LEU H 22 28.73 -27.26 -31.73
N PHE H 23 28.12 -27.53 -30.59
CA PHE H 23 28.50 -28.67 -29.78
C PHE H 23 28.02 -29.97 -30.40
N ILE H 24 26.77 -29.99 -30.85
CA ILE H 24 26.21 -31.18 -31.49
C ILE H 24 26.91 -31.47 -32.81
N ALA H 25 27.38 -30.42 -33.48
CA ALA H 25 28.13 -30.59 -34.72
C ALA H 25 29.51 -31.15 -34.42
N ALA H 26 30.05 -30.78 -33.27
CA ALA H 26 31.37 -31.25 -32.85
C ALA H 26 31.34 -32.73 -32.47
N ILE H 27 30.26 -33.15 -31.82
CA ILE H 27 30.15 -34.54 -31.35
C ILE H 27 29.65 -35.50 -32.44
N MET H 28 28.94 -34.96 -33.43
CA MET H 28 28.44 -35.77 -34.53
C MET H 28 29.50 -35.95 -35.61
N PHE H 29 30.55 -35.13 -35.53
CA PHE H 29 31.65 -35.18 -36.49
C PHE H 29 32.27 -36.56 -36.71
N PRO H 30 32.56 -37.31 -35.63
CA PRO H 30 33.07 -38.67 -35.87
C PRO H 30 32.04 -39.55 -36.58
N LEU H 31 30.76 -39.35 -36.27
CA LEU H 31 29.70 -40.11 -36.91
C LEU H 31 29.59 -39.75 -38.39
N LEU H 32 29.89 -38.49 -38.69
CA LEU H 32 29.85 -38.00 -40.07
C LEU H 32 30.96 -38.62 -40.91
N MET H 33 32.14 -38.77 -40.31
CA MET H 33 33.30 -39.31 -41.02
C MET H 33 33.10 -40.74 -41.48
N VAL H 34 32.47 -41.55 -40.63
CA VAL H 34 32.20 -42.95 -40.95
C VAL H 34 31.28 -43.06 -42.15
N VAL H 35 30.30 -42.15 -42.22
CA VAL H 35 29.39 -42.09 -43.36
C VAL H 35 30.16 -41.68 -44.61
N ALA H 36 31.07 -40.73 -44.46
CA ALA H 36 31.87 -40.25 -45.58
C ALA H 36 32.78 -41.34 -46.13
N ILE H 37 33.37 -42.13 -45.22
CA ILE H 37 34.27 -43.20 -45.61
C ILE H 37 33.54 -44.26 -46.42
N SER H 38 32.32 -44.56 -46.04
CA SER H 38 31.47 -45.50 -46.77
C SER H 38 31.31 -45.07 -48.22
N LEU H 39 31.07 -43.78 -48.42
CA LEU H 39 30.93 -43.21 -49.75
C LEU H 39 32.28 -43.19 -50.47
N ARG H 40 33.33 -42.85 -49.74
CA ARG H 40 34.67 -42.68 -50.31
C ARG H 40 35.21 -43.96 -50.97
N GLN H 41 36.09 -43.77 -51.94
CA GLN H 41 36.71 -44.89 -52.65
C GLN H 41 38.11 -45.18 -52.12
N GLY H 42 38.35 -46.43 -51.75
CA GLY H 42 39.66 -46.85 -51.27
C GLY H 42 39.84 -46.71 -49.77
N ASN H 43 40.86 -47.39 -49.25
CA ASN H 43 41.17 -47.34 -47.83
C ASN H 43 42.30 -46.35 -47.56
N PHE H 44 42.77 -45.71 -48.61
CA PHE H 44 43.85 -44.72 -48.52
C PHE H 44 43.45 -43.51 -47.68
N ALA H 45 44.44 -42.92 -47.01
CA ALA H 45 44.24 -41.68 -46.28
C ALA H 45 44.66 -40.46 -47.12
N THR H 46 45.62 -40.68 -48.02
CA THR H 46 46.18 -39.59 -48.81
C THR H 46 45.25 -39.14 -49.93
N GLY H 47 44.81 -37.88 -49.87
CA GLY H 47 43.94 -37.31 -50.87
C GLY H 47 43.15 -36.15 -50.30
N SER H 48 42.16 -35.69 -51.05
CA SER H 48 41.20 -34.71 -50.51
C SER H 48 40.33 -35.41 -49.48
N LEU H 49 39.96 -34.70 -48.42
CA LEU H 49 39.25 -35.31 -47.30
C LEU H 49 37.81 -35.69 -47.66
N ILE H 50 37.12 -34.78 -48.33
CA ILE H 50 35.79 -35.08 -48.86
C ILE H 50 35.94 -36.16 -49.94
N PRO H 51 34.95 -37.07 -50.04
CA PRO H 51 35.08 -38.22 -50.95
C PRO H 51 35.27 -37.80 -52.41
N GLU H 52 36.38 -38.23 -53.01
CA GLU H 52 36.67 -37.90 -54.40
C GLU H 52 35.72 -38.63 -55.35
N GLN H 53 35.46 -39.89 -55.06
CA GLN H 53 34.60 -40.70 -55.91
C GLN H 53 33.77 -41.67 -55.06
N ILE H 54 32.46 -41.69 -55.32
CA ILE H 54 31.55 -42.59 -54.60
C ILE H 54 31.82 -44.06 -54.99
N SER H 55 32.06 -44.89 -53.98
CA SER H 55 32.31 -46.30 -54.19
C SER H 55 31.45 -47.14 -53.25
N TRP H 56 30.98 -48.28 -53.74
CA TRP H 56 30.12 -49.15 -52.95
C TRP H 56 30.87 -50.34 -52.37
N ASP H 57 32.20 -50.32 -52.49
CA ASP H 57 33.04 -51.43 -52.05
C ASP H 57 32.76 -51.84 -50.61
N HIS H 58 32.74 -50.87 -49.71
CA HIS H 58 32.50 -51.13 -48.30
C HIS H 58 31.09 -51.68 -48.05
N TRP H 59 30.12 -51.10 -48.76
CA TRP H 59 28.72 -51.50 -48.62
C TRP H 59 28.47 -52.93 -49.08
N LYS H 60 29.37 -53.48 -49.88
CA LYS H 60 29.25 -54.84 -50.37
C LYS H 60 30.16 -55.79 -49.60
N LEU H 61 31.39 -55.36 -49.36
CA LEU H 61 32.38 -56.20 -48.67
C LEU H 61 31.97 -56.46 -47.23
N ALA H 62 31.46 -55.41 -46.58
CA ALA H 62 31.07 -55.49 -45.18
C ALA H 62 29.68 -56.08 -44.99
N LEU H 63 29.01 -56.38 -46.11
CA LEU H 63 27.70 -57.02 -46.07
C LEU H 63 27.87 -58.52 -46.16
N GLY H 64 28.70 -58.96 -47.10
CA GLY H 64 28.95 -60.37 -47.33
C GLY H 64 28.96 -60.68 -48.81
N PHE H 65 29.64 -59.84 -49.57
CA PHE H 65 29.72 -60.01 -51.03
C PHE H 65 31.17 -60.11 -51.48
N SER H 66 31.40 -60.84 -52.58
CA SER H 66 32.75 -61.03 -53.10
C SER H 66 33.01 -60.21 -54.35
N VAL H 67 32.34 -59.06 -54.47
CA VAL H 67 32.53 -58.18 -55.61
C VAL H 67 33.90 -57.49 -55.54
N GLU H 68 34.31 -56.91 -56.66
CA GLU H 68 35.66 -56.33 -56.77
C GLU H 68 35.74 -55.32 -57.90
N GLN H 69 36.94 -54.76 -58.10
CA GLN H 69 37.18 -53.79 -59.16
C GLN H 69 37.64 -54.49 -60.44
N ALA H 70 38.49 -53.82 -61.21
CA ALA H 70 39.01 -54.38 -62.44
C ALA H 70 40.43 -54.93 -62.26
N ASP H 71 41.23 -54.24 -61.47
CA ASP H 71 42.61 -54.63 -61.23
C ASP H 71 42.68 -55.83 -60.28
N GLY H 72 42.31 -55.62 -59.03
CA GLY H 72 42.31 -56.68 -58.05
C GLY H 72 41.26 -57.72 -58.35
N ARG H 73 41.68 -58.98 -58.42
CA ARG H 73 40.79 -60.08 -58.79
C ARG H 73 39.70 -60.35 -57.75
N ILE H 74 38.88 -61.37 -58.02
CA ILE H 74 37.73 -61.70 -57.18
C ILE H 74 38.11 -61.89 -55.72
N THR H 75 37.95 -60.83 -54.93
CA THR H 75 38.24 -60.88 -53.50
C THR H 75 36.97 -61.12 -52.70
N PRO H 76 37.02 -62.06 -51.74
CA PRO H 76 35.90 -62.36 -50.87
C PRO H 76 35.77 -61.29 -49.78
N PRO H 77 34.67 -61.31 -49.01
CA PRO H 77 34.59 -60.40 -47.86
C PRO H 77 35.71 -60.72 -46.88
N PRO H 78 36.51 -59.70 -46.52
CA PRO H 78 37.68 -59.88 -45.64
C PRO H 78 37.27 -60.50 -44.31
N PHE H 79 36.09 -60.17 -43.82
CA PHE H 79 35.56 -60.74 -42.60
C PHE H 79 34.04 -60.86 -42.67
N PRO H 80 33.50 -61.98 -42.16
CA PRO H 80 32.05 -62.20 -42.10
C PRO H 80 31.40 -61.34 -41.01
N VAL H 81 30.69 -60.30 -41.42
CA VAL H 81 30.09 -59.35 -40.48
C VAL H 81 28.72 -59.82 -40.01
N LEU H 82 27.91 -60.32 -40.94
CA LEU H 82 26.58 -60.85 -40.61
C LEU H 82 26.66 -62.04 -39.66
N LEU H 83 27.78 -62.76 -39.72
CA LEU H 83 28.04 -63.86 -38.80
C LEU H 83 28.19 -63.32 -37.39
N TRP H 84 28.90 -62.19 -37.27
CA TRP H 84 29.13 -61.54 -35.98
C TRP H 84 27.87 -60.88 -35.45
N LEU H 85 27.18 -60.15 -36.33
CA LEU H 85 25.96 -59.43 -35.97
C LEU H 85 24.91 -60.37 -35.39
N TRP H 86 24.75 -61.53 -36.01
CA TRP H 86 23.80 -62.52 -35.53
C TRP H 86 24.23 -63.12 -34.19
N ASN H 87 25.52 -63.36 -34.05
CA ASN H 87 26.07 -63.91 -32.81
C ASN H 87 25.84 -62.99 -31.60
N SER H 88 25.98 -61.69 -31.82
CA SER H 88 25.75 -60.71 -30.76
C SER H 88 24.31 -60.72 -30.29
N VAL H 89 23.39 -60.92 -31.23
CA VAL H 89 21.96 -60.99 -30.92
C VAL H 89 21.67 -62.26 -30.13
N LYS H 90 22.34 -63.35 -30.47
CA LYS H 90 22.19 -64.62 -29.77
C LYS H 90 22.65 -64.48 -28.32
N VAL H 91 23.80 -63.85 -28.12
CA VAL H 91 24.37 -63.69 -26.79
C VAL H 91 23.57 -62.71 -25.94
N ALA H 92 23.36 -61.51 -26.46
CA ALA H 92 22.66 -60.46 -25.72
C ALA H 92 21.17 -60.76 -25.55
N GLY H 93 20.55 -61.28 -26.61
CA GLY H 93 19.13 -61.57 -26.60
C GLY H 93 18.68 -62.57 -25.56
N ILE H 94 19.52 -63.57 -25.32
CA ILE H 94 19.19 -64.61 -24.33
C ILE H 94 19.59 -64.16 -22.93
N SER H 95 20.75 -63.52 -22.82
CA SER H 95 21.26 -63.04 -21.54
C SER H 95 20.33 -61.99 -20.92
N ALA H 96 19.74 -61.17 -21.78
CA ALA H 96 18.85 -60.11 -21.31
C ALA H 96 17.61 -60.68 -20.62
N ILE H 97 17.04 -61.73 -21.20
CA ILE H 97 15.86 -62.37 -20.61
C ILE H 97 16.20 -62.96 -19.25
N GLY H 98 17.34 -63.63 -19.18
CA GLY H 98 17.81 -64.24 -17.95
C GLY H 98 18.05 -63.21 -16.85
N ILE H 99 18.74 -62.13 -17.22
CA ILE H 99 19.02 -61.05 -16.27
C ILE H 99 17.73 -60.42 -15.76
N VAL H 100 16.77 -60.23 -16.68
CA VAL H 100 15.46 -59.71 -16.30
C VAL H 100 14.77 -60.70 -15.35
N ALA H 101 14.82 -61.98 -15.71
CA ALA H 101 14.19 -63.03 -14.92
C ALA H 101 14.70 -63.05 -13.48
N LEU H 102 16.00 -62.82 -13.31
CA LEU H 102 16.61 -62.80 -11.99
C LEU H 102 16.36 -61.48 -11.27
N SER H 103 16.53 -60.36 -11.99
CA SER H 103 16.42 -59.04 -11.38
C SER H 103 14.98 -58.69 -11.02
N THR H 104 14.03 -59.25 -11.77
CA THR H 104 12.62 -58.96 -11.54
C THR H 104 12.16 -59.50 -10.19
N THR H 105 12.33 -60.80 -10.00
CA THR H 105 11.89 -61.47 -8.78
C THR H 105 12.68 -61.02 -7.57
N CYS H 106 13.98 -60.83 -7.75
CA CYS H 106 14.87 -60.45 -6.65
C CYS H 106 14.55 -59.06 -6.11
N ALA H 107 14.13 -58.16 -7.00
CA ALA H 107 13.84 -56.79 -6.63
C ALA H 107 12.53 -56.66 -5.84
N TYR H 108 11.64 -57.62 -6.05
CA TYR H 108 10.32 -57.59 -5.39
C TYR H 108 10.45 -57.72 -3.88
N ALA H 109 11.39 -58.53 -3.43
CA ALA H 109 11.60 -58.73 -2.00
C ALA H 109 12.23 -57.49 -1.36
N PHE H 110 13.14 -56.86 -2.09
CA PHE H 110 13.87 -55.70 -1.57
C PHE H 110 12.98 -54.46 -1.40
N ALA H 111 11.86 -54.43 -2.12
CA ALA H 111 11.00 -53.25 -2.09
C ALA H 111 9.68 -53.50 -1.38
N ARG H 112 9.00 -54.59 -1.73
CA ARG H 112 7.65 -54.82 -1.25
C ARG H 112 7.55 -56.05 -0.36
N MET H 113 8.53 -56.21 0.53
CA MET H 113 8.57 -57.35 1.44
C MET H 113 9.42 -57.04 2.67
N ARG H 114 9.17 -57.75 3.76
CA ARG H 114 9.88 -57.52 5.00
C ARG H 114 10.69 -58.75 5.42
N PHE H 115 12.00 -58.55 5.58
CA PHE H 115 12.89 -59.59 6.08
C PHE H 115 14.20 -58.97 6.55
N PRO H 116 14.80 -59.52 7.62
CA PRO H 116 15.99 -58.93 8.26
C PRO H 116 17.21 -58.82 7.35
N GLY H 117 17.31 -59.71 6.36
CA GLY H 117 18.43 -59.71 5.46
C GLY H 117 18.48 -58.51 4.53
N LYS H 118 17.30 -57.96 4.23
CA LYS H 118 17.15 -56.87 3.27
C LYS H 118 18.10 -55.69 3.49
N ALA H 119 18.35 -55.36 4.75
CA ALA H 119 19.21 -54.24 5.09
C ALA H 119 20.67 -54.48 4.70
N THR H 120 21.24 -55.57 5.20
CA THR H 120 22.65 -55.87 4.98
C THR H 120 22.94 -56.51 3.63
N LEU H 121 21.90 -57.02 2.97
CA LEU H 121 22.09 -57.69 1.69
C LEU H 121 22.39 -56.71 0.57
N LEU H 122 21.52 -55.70 0.41
CA LEU H 122 21.69 -54.69 -0.64
C LEU H 122 23.02 -53.97 -0.51
N LYS H 123 23.43 -53.69 0.72
CA LYS H 123 24.72 -53.05 0.98
C LYS H 123 25.85 -53.92 0.45
N GLY H 124 25.68 -55.24 0.55
CA GLY H 124 26.64 -56.18 0.00
C GLY H 124 26.55 -56.26 -1.51
N MET H 125 25.32 -56.26 -2.02
CA MET H 125 25.05 -56.37 -3.46
C MET H 125 25.70 -55.24 -4.26
N LEU H 126 25.65 -54.04 -3.71
CA LEU H 126 26.20 -52.86 -4.37
C LEU H 126 27.73 -52.89 -4.46
N ILE H 127 28.36 -53.37 -3.40
CA ILE H 127 29.81 -53.42 -3.32
C ILE H 127 30.40 -54.36 -4.37
N PHE H 128 29.89 -55.58 -4.42
CA PHE H 128 30.40 -56.60 -5.34
C PHE H 128 30.20 -56.22 -6.81
N GLN H 129 29.25 -55.33 -7.08
CA GLN H 129 28.99 -54.89 -8.43
C GLN H 129 30.00 -53.84 -8.90
N MET H 130 30.52 -53.06 -7.95
CA MET H 130 31.51 -52.04 -8.26
C MET H 130 32.79 -52.66 -8.83
N PHE H 131 33.16 -53.81 -8.30
CA PHE H 131 34.29 -54.58 -8.83
C PHE H 131 33.84 -55.30 -10.10
N PRO H 132 34.37 -54.90 -11.25
CA PRO H 132 33.94 -55.45 -12.54
C PRO H 132 34.47 -56.87 -12.75
N ALA H 133 33.96 -57.54 -13.78
CA ALA H 133 34.39 -58.89 -14.11
C ALA H 133 35.57 -58.84 -15.10
N VAL H 134 36.18 -57.66 -15.21
CA VAL H 134 37.30 -57.46 -16.12
C VAL H 134 38.62 -57.59 -15.37
N LEU H 135 38.58 -57.40 -14.06
CA LEU H 135 39.78 -57.50 -13.23
C LEU H 135 40.05 -58.96 -12.85
N SER H 136 39.11 -59.83 -13.15
CA SER H 136 39.24 -61.25 -12.84
C SER H 136 39.17 -62.11 -14.10
N LEU H 137 39.68 -61.59 -15.21
CA LEU H 137 39.69 -62.32 -16.47
C LEU H 137 40.57 -63.58 -16.39
N VAL H 138 41.56 -63.54 -15.51
CA VAL H 138 42.44 -64.68 -15.31
C VAL H 138 41.67 -65.85 -14.69
N ALA H 139 40.89 -65.56 -13.67
CA ALA H 139 40.13 -66.59 -12.96
C ALA H 139 38.95 -67.11 -13.79
N LEU H 140 38.36 -66.24 -14.60
CA LEU H 140 37.24 -66.60 -15.44
C LEU H 140 37.63 -67.68 -16.45
N TYR H 141 38.86 -67.59 -16.95
CA TYR H 141 39.38 -68.58 -17.88
C TYR H 141 39.45 -69.95 -17.22
N ALA H 142 39.93 -69.98 -15.98
CA ALA H 142 40.05 -71.22 -15.23
C ALA H 142 38.68 -71.74 -14.80
N LEU H 143 37.74 -70.82 -14.60
CA LEU H 143 36.38 -71.20 -14.20
C LEU H 143 35.67 -72.00 -15.27
N PHE H 144 35.61 -71.46 -16.48
CA PHE H 144 34.94 -72.12 -17.59
C PHE H 144 35.76 -73.28 -18.15
N ASP H 145 37.02 -73.37 -17.74
CA ASP H 145 37.88 -74.47 -18.15
C ASP H 145 37.46 -75.75 -17.41
N ARG H 146 37.44 -75.67 -16.09
CA ARG H 146 37.04 -76.80 -15.26
C ARG H 146 35.56 -77.11 -15.42
N LEU H 147 34.76 -76.07 -15.59
CA LEU H 147 33.31 -76.23 -15.77
C LEU H 147 33.00 -76.70 -17.18
N GLY H 148 33.94 -76.47 -18.10
CA GLY H 148 33.77 -76.86 -19.49
C GLY H 148 33.81 -78.35 -19.72
N GLU H 149 34.78 -79.02 -19.09
CA GLU H 149 34.93 -80.47 -19.23
C GLU H 149 33.78 -81.21 -18.57
N TYR H 150 33.19 -80.60 -17.54
CA TYR H 150 32.03 -81.16 -16.87
C TYR H 150 30.77 -80.92 -17.69
N ILE H 151 30.53 -79.68 -18.07
CA ILE H 151 29.37 -79.33 -18.88
C ILE H 151 29.85 -78.65 -20.17
N PRO H 152 29.92 -79.43 -21.26
CA PRO H 152 30.49 -79.01 -22.56
C PRO H 152 29.85 -77.76 -23.17
N PHE H 153 28.52 -77.69 -23.17
CA PHE H 153 27.81 -76.63 -23.91
C PHE H 153 27.84 -75.25 -23.24
N ILE H 154 28.48 -75.16 -22.08
CA ILE H 154 28.65 -73.86 -21.40
C ILE H 154 30.07 -73.65 -20.89
N GLY H 155 31.05 -74.16 -21.63
CA GLY H 155 32.45 -74.03 -21.24
C GLY H 155 33.19 -73.00 -22.08
N LEU H 156 34.49 -73.21 -22.25
CA LEU H 156 35.29 -72.30 -23.05
C LEU H 156 34.90 -72.40 -24.52
N ASN H 157 34.87 -71.26 -25.20
CA ASN H 157 34.52 -71.19 -26.61
C ASN H 157 33.13 -71.76 -26.90
N THR H 158 32.13 -71.28 -26.18
CA THR H 158 30.75 -71.71 -26.40
C THR H 158 29.79 -70.55 -26.16
N HIS H 159 28.60 -70.64 -26.75
CA HIS H 159 27.59 -69.60 -26.60
C HIS H 159 27.03 -69.54 -25.17
N GLY H 160 26.67 -70.70 -24.64
CA GLY H 160 26.11 -70.80 -23.30
C GLY H 160 27.07 -70.30 -22.22
N GLY H 161 28.36 -70.47 -22.46
CA GLY H 161 29.38 -69.99 -21.55
C GLY H 161 29.37 -68.48 -21.41
N VAL H 162 29.01 -67.81 -22.49
CA VAL H 162 28.94 -66.35 -22.51
C VAL H 162 27.62 -65.86 -21.93
N ILE H 163 26.55 -66.60 -22.19
CA ILE H 163 25.22 -66.24 -21.70
C ILE H 163 25.20 -66.22 -20.17
N PHE H 164 25.60 -67.33 -19.56
CA PHE H 164 25.62 -67.45 -18.10
C PHE H 164 26.63 -66.50 -17.45
N ALA H 165 27.60 -66.05 -18.23
CA ALA H 165 28.64 -65.15 -17.72
C ALA H 165 28.05 -63.79 -17.35
N TYR H 166 27.04 -63.37 -18.09
CA TYR H 166 26.45 -62.04 -17.90
C TYR H 166 25.37 -62.04 -16.82
N LEU H 167 24.92 -63.23 -16.43
CA LEU H 167 23.89 -63.35 -15.40
C LEU H 167 24.40 -62.97 -14.01
N GLY H 168 25.71 -62.73 -13.91
CA GLY H 168 26.31 -62.34 -12.65
C GLY H 168 26.00 -60.91 -12.26
N GLY H 169 26.30 -59.98 -13.16
CA GLY H 169 26.10 -58.56 -12.90
C GLY H 169 24.65 -58.14 -13.01
N ILE H 170 23.93 -58.21 -11.88
CA ILE H 170 22.52 -57.84 -11.86
C ILE H 170 22.18 -56.84 -10.76
N ALA H 171 23.15 -56.60 -9.86
CA ALA H 171 22.95 -55.76 -8.69
C ALA H 171 22.39 -54.38 -9.01
N LEU H 172 22.93 -53.75 -10.05
CA LEU H 172 22.45 -52.43 -10.47
C LEU H 172 21.08 -52.52 -11.14
N HIS H 173 20.87 -53.59 -11.89
CA HIS H 173 19.59 -53.82 -12.55
C HIS H 173 18.48 -54.14 -11.57
N VAL H 174 18.85 -54.74 -10.43
CA VAL H 174 17.89 -55.01 -9.36
C VAL H 174 17.42 -53.69 -8.73
N TRP H 175 18.38 -52.80 -8.49
CA TRP H 175 18.10 -51.51 -7.87
C TRP H 175 17.14 -50.68 -8.72
N THR H 176 17.28 -50.78 -10.04
CA THR H 176 16.43 -50.06 -10.97
C THR H 176 14.98 -50.52 -10.88
N ILE H 177 14.78 -51.84 -10.89
CA ILE H 177 13.45 -52.42 -10.78
C ILE H 177 12.87 -52.21 -9.38
N LYS H 178 13.72 -52.31 -8.38
CA LYS H 178 13.33 -52.07 -6.99
C LYS H 178 12.82 -50.64 -6.78
N GLY H 179 13.48 -49.70 -7.45
CA GLY H 179 13.11 -48.30 -7.36
C GLY H 179 11.74 -48.03 -7.96
N TYR H 180 11.44 -48.72 -9.07
CA TYR H 180 10.19 -48.53 -9.77
C TYR H 180 9.02 -49.13 -8.99
N PHE H 181 9.27 -50.23 -8.29
CA PHE H 181 8.25 -50.88 -7.46
C PHE H 181 7.71 -49.91 -6.40
N GLU H 182 8.58 -49.03 -5.91
CA GLU H 182 8.20 -48.06 -4.89
C GLU H 182 7.33 -46.95 -5.46
N THR H 183 7.38 -46.76 -6.77
CA THR H 183 6.54 -45.76 -7.43
C THR H 183 5.07 -46.15 -7.35
N ILE H 184 4.82 -47.46 -7.38
CA ILE H 184 3.46 -47.97 -7.29
C ILE H 184 2.94 -47.79 -5.86
N ASP H 185 1.63 -47.57 -5.74
CA ASP H 185 1.00 -47.38 -4.44
C ASP H 185 1.27 -48.56 -3.52
N SER H 186 1.60 -48.27 -2.27
CA SER H 186 1.98 -49.30 -1.31
C SER H 186 0.80 -50.18 -0.91
N SER H 187 -0.41 -49.68 -1.14
CA SER H 187 -1.62 -50.40 -0.73
C SER H 187 -2.04 -51.46 -1.75
N LEU H 188 -1.37 -51.49 -2.89
CA LEU H 188 -1.71 -52.44 -3.96
C LEU H 188 -1.53 -53.89 -3.51
N GLU H 189 -0.42 -54.16 -2.82
CA GLU H 189 -0.15 -55.49 -2.33
C GLU H 189 -1.10 -55.80 -1.18
N GLU H 190 -1.39 -54.76 -0.39
CA GLU H 190 -2.23 -54.90 0.78
C GLU H 190 -3.67 -55.10 0.36
N ALA H 191 -4.02 -54.60 -0.82
CA ALA H 191 -5.37 -54.76 -1.36
C ALA H 191 -5.59 -56.21 -1.79
N ALA H 192 -4.60 -56.77 -2.47
CA ALA H 192 -4.68 -58.15 -2.96
C ALA H 192 -4.63 -59.15 -1.81
N ALA H 193 -4.00 -58.76 -0.71
CA ALA H 193 -3.87 -59.63 0.45
C ALA H 193 -5.24 -59.88 1.09
N LEU H 194 -6.08 -58.84 1.13
CA LEU H 194 -7.41 -58.96 1.69
C LEU H 194 -8.31 -59.82 0.82
N ASP H 195 -8.06 -59.80 -0.48
CA ASP H 195 -8.88 -60.54 -1.44
C ASP H 195 -8.58 -62.04 -1.42
N GLY H 196 -7.48 -62.42 -0.79
CA GLY H 196 -7.12 -63.83 -0.67
C GLY H 196 -6.02 -64.26 -1.62
N ALA H 197 -4.95 -63.47 -1.68
CA ALA H 197 -3.83 -63.78 -2.55
C ALA H 197 -2.52 -63.83 -1.78
N THR H 198 -1.75 -64.89 -1.99
CA THR H 198 -0.44 -65.04 -1.38
C THR H 198 0.52 -64.04 -2.02
N PRO H 199 1.62 -63.70 -1.33
CA PRO H 199 2.63 -62.77 -1.87
C PRO H 199 3.06 -63.13 -3.29
N TRP H 200 3.20 -64.41 -3.58
CA TRP H 200 3.52 -64.86 -4.93
C TRP H 200 2.33 -64.64 -5.87
N GLN H 201 1.14 -65.02 -5.40
CA GLN H 201 -0.08 -64.87 -6.18
C GLN H 201 -0.37 -63.41 -6.49
N ALA H 202 -0.05 -62.54 -5.54
CA ALA H 202 -0.20 -61.11 -5.74
C ALA H 202 0.83 -60.60 -6.72
N PHE H 203 2.09 -60.93 -6.49
CA PHE H 203 3.19 -60.50 -7.35
C PHE H 203 2.95 -60.92 -8.80
N ARG H 204 2.46 -62.14 -8.98
CA ARG H 204 2.25 -62.70 -10.32
C ARG H 204 1.05 -62.09 -11.04
N LEU H 205 -0.03 -61.84 -10.29
CA LEU H 205 -1.29 -61.41 -10.90
C LEU H 205 -1.55 -59.91 -10.78
N VAL H 206 -0.78 -59.21 -9.97
CA VAL H 206 -1.01 -57.78 -9.74
C VAL H 206 0.15 -56.89 -10.17
N LEU H 207 1.27 -57.01 -9.48
CA LEU H 207 2.39 -56.09 -9.68
C LEU H 207 3.20 -56.37 -10.94
N LEU H 208 3.26 -57.63 -11.36
CA LEU H 208 4.01 -57.99 -12.57
C LEU H 208 3.46 -57.37 -13.87
N PRO H 209 2.15 -57.49 -14.13
CA PRO H 209 1.66 -56.85 -15.36
C PRO H 209 1.71 -55.33 -15.28
N LEU H 210 1.71 -54.79 -14.06
CA LEU H 210 1.82 -53.35 -13.85
C LEU H 210 3.24 -52.86 -14.07
N SER H 211 4.21 -53.73 -13.83
CA SER H 211 5.62 -53.36 -13.89
C SER H 211 6.27 -53.78 -15.22
N VAL H 212 5.44 -54.01 -16.23
CA VAL H 212 5.92 -54.37 -17.56
C VAL H 212 6.80 -53.31 -18.25
N PRO H 213 6.42 -52.02 -18.19
CA PRO H 213 7.26 -51.00 -18.84
C PRO H 213 8.72 -51.00 -18.38
N ILE H 214 8.97 -51.14 -17.08
CA ILE H 214 10.33 -51.14 -16.57
C ILE H 214 11.09 -52.41 -16.96
N LEU H 215 10.34 -53.50 -17.16
CA LEU H 215 10.93 -54.77 -17.58
C LEU H 215 11.54 -54.65 -18.98
N ALA H 216 10.79 -54.05 -19.89
CA ALA H 216 11.25 -53.87 -21.26
C ALA H 216 12.44 -52.92 -21.32
N VAL H 217 12.46 -51.93 -20.43
CA VAL H 217 13.57 -50.99 -20.34
C VAL H 217 14.85 -51.68 -19.87
N VAL H 218 14.75 -52.39 -18.76
CA VAL H 218 15.88 -53.14 -18.21
C VAL H 218 16.35 -54.20 -19.22
N PHE H 219 15.39 -54.80 -19.91
CA PHE H 219 15.69 -55.79 -20.94
C PHE H 219 16.59 -55.19 -22.01
N ILE H 220 16.21 -54.03 -22.52
CA ILE H 220 17.01 -53.34 -23.54
C ILE H 220 18.32 -52.80 -22.96
N LEU H 221 18.27 -52.30 -21.73
CA LEU H 221 19.46 -51.74 -21.08
C LEU H 221 20.51 -52.82 -20.90
N SER H 222 20.08 -53.99 -20.46
CA SER H 222 20.96 -55.14 -20.37
C SER H 222 21.38 -55.60 -21.75
N PHE H 223 20.46 -55.50 -22.71
CA PHE H 223 20.72 -55.89 -24.09
C PHE H 223 21.80 -55.05 -24.75
N ILE H 224 21.68 -53.73 -24.61
CA ILE H 224 22.66 -52.80 -25.17
C ILE H 224 24.01 -52.99 -24.48
N ALA H 225 23.98 -53.11 -23.16
CA ALA H 225 25.19 -53.30 -22.38
C ALA H 225 25.89 -54.61 -22.73
N ALA H 226 25.10 -55.66 -23.00
CA ALA H 226 25.65 -56.97 -23.36
C ALA H 226 26.33 -56.95 -24.73
N ILE H 227 25.75 -56.20 -25.67
CA ILE H 227 26.29 -56.10 -27.02
C ILE H 227 27.68 -55.47 -27.03
N THR H 228 27.86 -54.45 -26.19
CA THR H 228 29.13 -53.72 -26.14
C THR H 228 30.21 -54.45 -25.34
N GLU H 229 29.81 -55.41 -24.52
CA GLU H 229 30.74 -56.19 -23.70
C GLU H 229 31.88 -56.78 -24.53
N VAL H 230 33.09 -56.31 -24.28
CA VAL H 230 34.26 -56.69 -25.07
C VAL H 230 35.26 -57.61 -24.34
N PRO H 231 35.68 -57.28 -23.10
CA PRO H 231 36.76 -58.09 -22.52
C PRO H 231 36.33 -59.52 -22.18
N VAL H 232 35.16 -59.68 -21.55
CA VAL H 232 34.66 -61.00 -21.23
C VAL H 232 34.32 -61.79 -22.49
N ALA H 233 33.78 -61.10 -23.50
CA ALA H 233 33.41 -61.73 -24.75
C ALA H 233 34.63 -62.26 -25.51
N SER H 234 35.67 -61.42 -25.62
CA SER H 234 36.88 -61.80 -26.32
C SER H 234 37.63 -62.92 -25.59
N LEU H 235 37.63 -62.87 -24.27
CA LEU H 235 38.30 -63.88 -23.45
C LEU H 235 37.67 -65.26 -23.63
N LEU H 236 36.35 -65.32 -23.54
CA LEU H 236 35.63 -66.59 -23.63
C LEU H 236 35.72 -67.20 -25.02
N LEU H 237 35.56 -66.37 -26.05
CA LEU H 237 35.55 -66.86 -27.43
C LEU H 237 36.97 -67.11 -27.93
N ARG H 238 37.06 -67.88 -29.02
CA ARG H 238 38.36 -68.22 -29.59
C ARG H 238 38.23 -68.44 -31.10
N ASP H 239 37.20 -69.18 -31.50
CA ASP H 239 36.95 -69.45 -32.92
C ASP H 239 36.61 -68.18 -33.68
N VAL H 240 36.95 -68.16 -34.96
CA VAL H 240 36.71 -67.01 -35.81
C VAL H 240 35.23 -66.93 -36.21
N ASN H 241 34.62 -68.09 -36.40
CA ASN H 241 33.22 -68.16 -36.81
C ASN H 241 32.25 -68.18 -35.62
N SER H 242 32.75 -67.80 -34.46
CA SER H 242 31.93 -67.77 -33.25
C SER H 242 32.04 -66.41 -32.57
N TYR H 243 32.76 -65.49 -33.19
CA TYR H 243 32.94 -64.15 -32.65
C TYR H 243 31.65 -63.36 -32.68
N THR H 244 31.52 -62.41 -31.76
CA THR H 244 30.39 -61.49 -31.76
C THR H 244 30.77 -60.22 -32.52
N LEU H 245 29.80 -59.34 -32.70
CA LEU H 245 30.04 -58.08 -33.41
C LEU H 245 31.07 -57.22 -32.67
N ALA H 246 31.09 -57.32 -31.35
CA ALA H 246 32.00 -56.53 -30.53
C ALA H 246 33.43 -57.01 -30.63
N VAL H 247 33.61 -58.32 -30.73
CA VAL H 247 34.95 -58.91 -30.78
C VAL H 247 35.55 -58.86 -32.19
N GLY H 248 34.73 -59.16 -33.19
CA GLY H 248 35.20 -59.25 -34.56
C GLY H 248 35.73 -57.96 -35.17
N MET H 249 35.12 -56.83 -34.78
CA MET H 249 35.49 -55.53 -35.36
C MET H 249 36.92 -55.11 -35.01
N GLN H 250 37.53 -55.79 -34.05
CA GLN H 250 38.90 -55.51 -33.66
C GLN H 250 39.86 -55.99 -34.75
N GLN H 251 39.41 -56.94 -35.56
CA GLN H 251 40.22 -57.51 -36.62
C GLN H 251 40.39 -56.55 -37.80
N TYR H 252 39.44 -55.64 -37.96
CA TYR H 252 39.49 -54.66 -39.05
C TYR H 252 40.68 -53.72 -38.93
N LEU H 253 40.93 -53.22 -37.72
CA LEU H 253 42.04 -52.30 -37.49
C LEU H 253 43.32 -53.07 -37.18
N ASN H 254 43.85 -53.76 -38.18
CA ASN H 254 45.06 -54.55 -38.04
C ASN H 254 46.29 -53.73 -38.46
N PRO H 255 47.40 -53.88 -37.73
CA PRO H 255 48.65 -53.17 -38.04
C PRO H 255 49.13 -53.40 -39.48
N GLN H 256 49.25 -54.66 -39.88
CA GLN H 256 49.66 -54.99 -41.23
C GLN H 256 48.56 -54.72 -42.25
N ASN H 257 47.48 -55.49 -42.14
CA ASN H 257 46.33 -55.34 -43.04
C ASN H 257 45.41 -54.21 -42.58
N TYR H 258 45.86 -52.98 -42.78
CA TYR H 258 45.12 -51.79 -42.35
C TYR H 258 43.91 -51.52 -43.25
N LEU H 259 42.78 -52.12 -42.89
CA LEU H 259 41.54 -51.95 -43.63
C LEU H 259 40.63 -50.90 -42.99
N TRP H 260 40.86 -49.64 -43.33
CA TRP H 260 40.10 -48.53 -42.76
C TRP H 260 38.85 -48.21 -43.59
N GLY H 261 38.91 -48.47 -44.89
CA GLY H 261 37.80 -48.21 -45.79
C GLY H 261 36.58 -49.08 -45.53
N ASP H 262 36.80 -50.39 -45.45
CA ASP H 262 35.72 -51.35 -45.28
C ASP H 262 35.18 -51.36 -43.84
N PHE H 263 35.80 -50.55 -42.99
CA PHE H 263 35.43 -50.46 -41.58
C PHE H 263 33.96 -50.05 -41.40
N ALA H 264 33.39 -49.42 -42.42
CA ALA H 264 32.02 -48.90 -42.33
C ALA H 264 30.97 -50.00 -42.20
N ALA H 265 31.41 -51.19 -41.80
CA ALA H 265 30.52 -52.30 -41.48
C ALA H 265 29.69 -51.89 -40.28
N ALA H 266 30.37 -51.23 -39.35
CA ALA H 266 29.74 -50.75 -38.14
C ALA H 266 28.71 -49.66 -38.40
N ALA H 267 28.90 -48.91 -39.49
CA ALA H 267 27.95 -47.85 -39.81
C ALA H 267 26.62 -48.43 -40.29
N VAL H 268 26.66 -49.61 -40.91
CA VAL H 268 25.41 -50.22 -41.36
C VAL H 268 24.96 -51.40 -40.49
N MET H 269 25.90 -52.22 -40.05
CA MET H 269 25.56 -53.40 -39.23
C MET H 269 25.59 -53.17 -37.72
N SER H 270 26.47 -52.29 -37.24
CA SER H 270 26.51 -51.99 -35.81
C SER H 270 25.61 -50.83 -35.43
N ALA H 271 25.76 -49.70 -36.13
CA ALA H 271 25.05 -48.48 -35.76
C ALA H 271 23.56 -48.59 -36.02
N LEU H 272 23.20 -48.81 -37.27
CA LEU H 272 21.79 -48.79 -37.70
C LEU H 272 20.83 -49.67 -36.90
N PRO H 273 21.20 -50.95 -36.64
CA PRO H 273 20.24 -51.75 -35.88
C PRO H 273 20.08 -51.39 -34.40
N ILE H 274 21.16 -51.10 -33.68
CA ILE H 274 21.05 -50.87 -32.24
C ILE H 274 20.73 -49.43 -31.84
N THR H 275 21.17 -48.46 -32.64
CA THR H 275 20.97 -47.06 -32.30
C THR H 275 19.50 -46.69 -32.41
N ILE H 276 18.81 -47.34 -33.35
CA ILE H 276 17.37 -47.14 -33.52
C ILE H 276 16.64 -47.84 -32.37
N VAL H 277 17.16 -48.98 -31.95
CA VAL H 277 16.56 -49.75 -30.87
C VAL H 277 16.82 -49.05 -29.54
N PHE H 278 18.05 -48.56 -29.37
CA PHE H 278 18.45 -47.91 -28.14
C PHE H 278 17.70 -46.60 -27.89
N LEU H 279 17.38 -45.89 -28.97
CA LEU H 279 16.69 -44.61 -28.85
C LEU H 279 15.22 -44.89 -28.59
N LEU H 280 14.71 -45.95 -29.21
CA LEU H 280 13.36 -46.42 -28.98
C LEU H 280 13.28 -47.17 -27.65
N ALA H 281 13.84 -46.59 -26.60
CA ALA H 281 13.82 -47.21 -25.27
C ALA H 281 14.08 -46.22 -24.14
N GLN H 282 14.87 -45.18 -24.42
CA GLN H 282 15.11 -44.14 -23.42
C GLN H 282 14.00 -43.09 -23.40
N ARG H 283 13.21 -43.06 -24.47
CA ARG H 283 12.03 -42.20 -24.49
C ARG H 283 10.80 -43.05 -24.20
N TRP H 284 11.06 -44.32 -23.89
CA TRP H 284 10.03 -45.28 -23.52
C TRP H 284 9.61 -44.97 -22.09
N LEU H 285 10.58 -44.56 -21.28
CA LEU H 285 10.33 -44.26 -19.87
C LEU H 285 9.49 -42.99 -19.73
N VAL H 286 8.36 -43.12 -19.07
CA VAL H 286 7.45 -42.02 -18.82
C VAL H 286 6.84 -42.22 -17.43
N ASN H 287 7.27 -43.30 -16.79
CA ASN H 287 6.73 -43.70 -15.49
C ASN H 287 7.16 -42.75 -14.37
N ALA I 2 -20.05 -59.64 14.05
CA ALA I 2 -19.03 -58.73 13.55
C ALA I 2 -18.65 -57.70 14.61
N SER I 3 -18.84 -58.06 15.87
CA SER I 3 -18.55 -57.15 16.98
C SER I 3 -17.07 -57.19 17.33
N VAL I 4 -16.33 -56.20 16.82
CA VAL I 4 -14.89 -56.10 17.07
C VAL I 4 -14.62 -55.40 18.41
N GLN I 5 -13.60 -55.86 19.13
CA GLN I 5 -13.24 -55.29 20.42
C GLN I 5 -11.74 -55.46 20.71
N LEU I 6 -11.13 -54.41 21.25
CA LEU I 6 -9.70 -54.41 21.56
C LEU I 6 -9.43 -54.46 23.06
N GLN I 7 -8.36 -55.14 23.45
CA GLN I 7 -7.99 -55.26 24.86
C GLN I 7 -6.51 -54.98 25.07
N ASN I 8 -6.21 -53.77 25.55
CA ASN I 8 -4.84 -53.36 25.85
C ASN I 8 -3.88 -53.52 24.67
N VAL I 9 -4.31 -53.09 23.49
CA VAL I 9 -3.49 -53.20 22.29
C VAL I 9 -2.37 -52.16 22.30
N THR I 10 -1.14 -52.62 22.14
CA THR I 10 0.02 -51.74 22.11
C THR I 10 0.83 -51.97 20.83
N LYS I 11 1.44 -50.92 20.31
CA LYS I 11 2.26 -51.02 19.11
C LYS I 11 3.50 -50.13 19.21
N ALA I 12 4.62 -50.62 18.70
CA ALA I 12 5.87 -49.88 18.77
C ALA I 12 6.85 -50.25 17.66
N TRP I 13 7.50 -49.23 17.09
CA TRP I 13 8.53 -49.43 16.08
C TRP I 13 9.91 -49.42 16.73
N GLY I 14 10.25 -50.52 17.40
CA GLY I 14 11.52 -50.61 18.09
C GLY I 14 11.45 -49.97 19.46
N GLU I 15 11.72 -48.67 19.51
CA GLU I 15 11.69 -47.92 20.76
C GLU I 15 10.52 -46.94 20.77
N VAL I 16 10.11 -46.50 19.59
CA VAL I 16 9.03 -45.53 19.47
C VAL I 16 7.67 -46.18 19.70
N VAL I 17 6.99 -45.77 20.76
CA VAL I 17 5.68 -46.31 21.10
C VAL I 17 4.56 -45.40 20.60
N VAL I 18 3.99 -45.74 19.45
CA VAL I 18 2.96 -44.91 18.84
C VAL I 18 1.62 -44.99 19.57
N SER I 19 1.28 -46.17 20.07
CA SER I 19 -0.01 -46.37 20.73
C SER I 19 0.09 -47.13 22.05
N LYS I 20 -0.21 -46.45 23.14
CA LYS I 20 -0.26 -47.07 24.45
C LYS I 20 -1.48 -47.98 24.52
N ASP I 21 -1.54 -48.84 25.54
CA ASP I 21 -2.66 -49.77 25.72
C ASP I 21 -4.03 -49.11 25.64
N ILE I 22 -4.77 -49.42 24.59
CA ILE I 22 -6.09 -48.84 24.34
C ILE I 22 -7.20 -49.88 24.42
N ASN I 23 -8.37 -49.45 24.91
CA ASN I 23 -9.53 -50.33 25.00
C ASN I 23 -10.71 -49.81 24.19
N LEU I 24 -11.33 -50.69 23.41
CA LEU I 24 -12.47 -50.31 22.58
C LEU I 24 -13.55 -51.38 22.58
N ASP I 25 -14.79 -50.97 22.87
CA ASP I 25 -15.92 -51.89 22.84
C ASP I 25 -16.89 -51.50 21.72
N ILE I 26 -16.84 -52.23 20.61
CA ILE I 26 -17.70 -51.95 19.46
C ILE I 26 -18.73 -53.05 19.26
N HIS I 27 -20.00 -52.70 19.34
CA HIS I 27 -21.09 -53.66 19.22
C HIS I 27 -21.44 -53.92 17.75
N GLU I 28 -22.32 -54.89 17.54
CA GLU I 28 -22.75 -55.27 16.20
C GLU I 28 -23.57 -54.16 15.54
N GLY I 29 -23.26 -53.86 14.28
CA GLY I 29 -24.00 -52.87 13.52
C GLY I 29 -23.82 -51.46 14.04
N GLU I 30 -22.63 -51.20 14.62
CA GLU I 30 -22.34 -49.89 15.18
C GLU I 30 -21.40 -49.10 14.27
N PHE I 31 -21.68 -47.82 14.08
CA PHE I 31 -20.88 -46.96 13.21
C PHE I 31 -19.86 -46.19 14.03
N VAL I 32 -18.62 -46.67 14.05
CA VAL I 32 -17.56 -46.07 14.85
C VAL I 32 -16.59 -45.29 13.96
N VAL I 33 -16.20 -44.10 14.41
CA VAL I 33 -15.28 -43.26 13.64
C VAL I 33 -14.08 -42.84 14.49
N PHE I 34 -12.88 -43.15 14.00
CA PHE I 34 -11.64 -42.71 14.64
C PHE I 34 -11.27 -41.32 14.15
N VAL I 35 -10.89 -40.44 15.08
CA VAL I 35 -10.50 -39.08 14.73
C VAL I 35 -9.26 -38.62 15.48
N GLY I 36 -8.57 -37.64 14.91
CA GLY I 36 -7.39 -37.06 15.53
C GLY I 36 -6.58 -36.29 14.51
N PRO I 37 -5.56 -35.56 14.98
CA PRO I 37 -4.67 -34.80 14.10
C PRO I 37 -3.91 -35.69 13.12
N SER I 38 -3.17 -35.08 12.20
CA SER I 38 -2.42 -35.84 11.21
C SER I 38 -1.31 -36.65 11.86
N GLY I 39 -1.50 -37.96 11.91
CA GLY I 39 -0.52 -38.85 12.51
C GLY I 39 -0.59 -38.87 14.03
N CYS I 40 -1.49 -39.70 14.56
CA CYS I 40 -1.64 -39.83 16.01
C CYS I 40 -2.26 -41.18 16.37
N GLY I 41 -1.94 -42.21 15.60
CA GLY I 41 -2.48 -43.53 15.87
C GLY I 41 -3.62 -43.90 14.94
N LYS I 42 -4.47 -42.93 14.64
CA LYS I 42 -5.63 -43.11 13.77
C LYS I 42 -5.32 -43.86 12.47
N SER I 43 -4.17 -43.57 11.88
CA SER I 43 -3.76 -44.22 10.65
C SER I 43 -3.39 -45.68 10.86
N THR I 44 -2.58 -45.93 11.89
CA THR I 44 -2.06 -47.28 12.16
C THR I 44 -3.10 -48.20 12.81
N LEU I 45 -3.96 -47.64 13.65
CA LEU I 45 -4.91 -48.43 14.42
C LEU I 45 -5.84 -49.22 13.50
N LEU I 46 -6.36 -48.58 12.46
CA LEU I 46 -7.26 -49.22 11.52
C LEU I 46 -6.54 -50.35 10.77
N ARG I 47 -5.27 -50.12 10.45
CA ARG I 47 -4.48 -51.09 9.71
C ARG I 47 -4.15 -52.32 10.54
N MET I 48 -4.07 -52.14 11.86
CA MET I 48 -3.80 -53.25 12.76
C MET I 48 -4.99 -54.19 12.87
N ILE I 49 -6.19 -53.63 12.75
CA ILE I 49 -7.42 -54.42 12.83
C ILE I 49 -7.55 -55.31 11.59
N ALA I 50 -7.17 -54.76 10.43
CA ALA I 50 -7.24 -55.51 9.18
C ALA I 50 -6.22 -56.63 9.14
N GLY I 51 -5.07 -56.41 9.79
CA GLY I 51 -3.99 -57.38 9.78
C GLY I 51 -2.85 -56.95 8.88
N LEU I 52 -3.02 -55.79 8.27
CA LEU I 52 -2.01 -55.21 7.39
C LEU I 52 -0.80 -54.73 8.19
N GLU I 53 -1.01 -54.52 9.49
CA GLU I 53 0.06 -54.11 10.39
C GLU I 53 0.15 -55.07 11.57
N THR I 54 1.36 -55.38 12.02
CA THR I 54 1.55 -56.32 13.11
C THR I 54 1.22 -55.71 14.47
N ILE I 55 0.83 -56.56 15.42
CA ILE I 55 0.50 -56.10 16.76
C ILE I 55 1.59 -56.47 17.75
N THR I 56 2.07 -55.48 18.51
CA THR I 56 3.14 -55.72 19.48
C THR I 56 2.62 -56.44 20.72
N SER I 57 1.53 -55.92 21.29
CA SER I 57 0.93 -56.53 22.48
C SER I 57 -0.58 -56.31 22.51
N GLY I 58 -1.27 -57.09 23.35
CA GLY I 58 -2.71 -57.00 23.49
C GLY I 58 -3.43 -58.10 22.73
N ASP I 59 -4.71 -57.88 22.45
CA ASP I 59 -5.53 -58.88 21.77
C ASP I 59 -6.56 -58.22 20.86
N LEU I 60 -6.94 -58.91 19.79
CA LEU I 60 -7.94 -58.41 18.86
C LEU I 60 -9.05 -59.44 18.64
N PHE I 61 -10.27 -59.08 19.03
CA PHE I 61 -11.41 -59.99 18.92
C PHE I 61 -12.45 -59.51 17.91
N ILE I 62 -12.38 -60.04 16.69
CA ILE I 62 -13.38 -59.75 15.67
C ILE I 62 -14.46 -60.83 15.67
N GLY I 63 -15.56 -60.56 16.37
CA GLY I 63 -16.63 -61.52 16.49
C GLY I 63 -16.33 -62.63 17.47
N GLU I 64 -15.78 -62.26 18.62
CA GLU I 64 -15.44 -63.20 19.69
C GLU I 64 -14.50 -64.32 19.25
N LYS I 65 -13.33 -63.93 18.77
CA LYS I 65 -12.29 -64.87 18.34
C LYS I 65 -10.97 -64.13 18.13
N ARG I 66 -9.87 -64.72 18.59
CA ARG I 66 -8.57 -64.08 18.45
C ARG I 66 -8.10 -64.06 17.00
N MET I 67 -7.86 -62.86 16.48
CA MET I 67 -7.49 -62.69 15.09
C MET I 67 -6.09 -62.11 14.93
N ASN I 68 -5.33 -62.09 16.03
CA ASN I 68 -3.99 -61.51 16.03
C ASN I 68 -3.03 -62.24 15.08
N ASP I 69 -3.06 -63.57 15.13
CA ASP I 69 -2.18 -64.37 14.28
C ASP I 69 -2.86 -64.70 12.97
N THR I 70 -4.13 -64.33 12.84
CA THR I 70 -4.90 -64.59 11.63
C THR I 70 -4.51 -63.65 10.50
N PRO I 71 -4.26 -64.22 9.31
CA PRO I 71 -3.92 -63.44 8.11
C PRO I 71 -5.11 -62.56 7.69
N PRO I 72 -4.83 -61.45 6.99
CA PRO I 72 -5.85 -60.46 6.61
C PRO I 72 -7.02 -61.06 5.83
N ALA I 73 -6.73 -61.99 4.93
CA ALA I 73 -7.77 -62.55 4.06
C ALA I 73 -8.82 -63.33 4.84
N GLU I 74 -8.36 -64.13 5.81
CA GLU I 74 -9.27 -65.01 6.55
C GLU I 74 -9.89 -64.35 7.76
N ARG I 75 -9.75 -63.02 7.85
CA ARG I 75 -10.37 -62.28 8.94
C ARG I 75 -11.80 -61.91 8.60
N GLY I 76 -12.13 -61.95 7.31
CA GLY I 76 -13.47 -61.64 6.86
C GLY I 76 -13.76 -60.16 7.01
N VAL I 77 -12.90 -59.34 6.43
CA VAL I 77 -13.05 -57.89 6.56
C VAL I 77 -12.54 -57.17 5.31
N GLY I 78 -13.33 -56.23 4.82
CA GLY I 78 -12.97 -55.45 3.65
C GLY I 78 -12.44 -54.09 4.04
N MET I 79 -11.85 -53.39 3.09
CA MET I 79 -11.25 -52.09 3.35
C MET I 79 -11.18 -51.24 2.10
N VAL I 80 -11.36 -49.93 2.27
CA VAL I 80 -11.16 -48.99 1.18
C VAL I 80 -10.08 -47.99 1.58
N PHE I 81 -9.01 -47.94 0.79
CA PHE I 81 -7.84 -47.14 1.14
C PHE I 81 -8.02 -45.69 0.71
N GLN I 82 -7.09 -44.85 1.14
CA GLN I 82 -7.13 -43.44 0.79
C GLN I 82 -6.86 -43.26 -0.69
N SER I 83 -5.93 -44.04 -1.22
CA SER I 83 -5.60 -44.02 -2.64
C SER I 83 -6.54 -44.91 -3.45
N TYR I 84 -7.56 -45.44 -2.78
CA TYR I 84 -8.59 -46.28 -3.40
C TYR I 84 -8.09 -47.67 -3.82
N ALA I 85 -6.80 -47.78 -4.10
CA ALA I 85 -6.16 -49.05 -4.45
C ALA I 85 -6.81 -49.74 -5.65
N LEU I 86 -7.08 -48.98 -6.70
CA LEU I 86 -7.65 -49.55 -7.92
C LEU I 86 -6.55 -50.13 -8.80
N TYR I 87 -6.84 -51.27 -9.42
CA TYR I 87 -5.88 -51.92 -10.31
C TYR I 87 -6.00 -51.35 -11.72
N PRO I 88 -4.95 -50.66 -12.19
CA PRO I 88 -4.93 -49.99 -13.50
C PRO I 88 -5.06 -50.96 -14.67
N HIS I 89 -4.57 -52.18 -14.53
CA HIS I 89 -4.55 -53.13 -15.63
C HIS I 89 -5.78 -54.04 -15.67
N LEU I 90 -6.81 -53.68 -14.91
CA LEU I 90 -8.07 -54.41 -14.94
C LEU I 90 -9.24 -53.46 -15.09
N SER I 91 -10.38 -53.98 -15.56
CA SER I 91 -11.56 -53.16 -15.75
C SER I 91 -12.25 -52.88 -14.42
N VAL I 92 -13.28 -52.04 -14.45
CA VAL I 92 -14.02 -51.68 -13.24
C VAL I 92 -14.73 -52.90 -12.67
N ALA I 93 -15.33 -53.70 -13.55
CA ALA I 93 -16.01 -54.92 -13.12
C ALA I 93 -15.01 -55.89 -12.50
N GLU I 94 -13.80 -55.93 -13.06
CA GLU I 94 -12.76 -56.81 -12.55
C GLU I 94 -12.18 -56.30 -11.23
N ASN I 95 -12.07 -54.98 -11.10
CA ASN I 95 -11.55 -54.37 -9.88
C ASN I 95 -12.44 -54.64 -8.68
N MET I 96 -13.75 -54.62 -8.89
CA MET I 96 -14.72 -54.89 -7.84
C MET I 96 -14.86 -56.38 -7.54
N SER I 97 -14.61 -57.21 -8.55
CA SER I 97 -14.81 -58.66 -8.43
C SER I 97 -13.51 -59.44 -8.30
N PHE I 98 -12.41 -58.75 -8.05
CA PHE I 98 -11.10 -59.39 -7.91
C PHE I 98 -11.04 -60.35 -6.73
N GLY I 99 -11.86 -60.07 -5.71
CA GLY I 99 -11.92 -60.92 -4.53
C GLY I 99 -12.48 -62.29 -4.83
N LEU I 100 -13.56 -62.33 -5.59
CA LEU I 100 -14.23 -63.59 -5.92
C LEU I 100 -13.49 -64.31 -7.06
N LYS I 101 -12.75 -63.54 -7.85
CA LYS I 101 -12.05 -64.04 -9.02
C LYS I 101 -11.00 -65.10 -8.70
N LEU I 102 -10.37 -64.98 -7.54
CA LEU I 102 -9.33 -65.93 -7.14
C LEU I 102 -9.85 -67.04 -6.24
N ALA I 103 -9.95 -66.77 -4.95
CA ALA I 103 -10.37 -67.77 -3.97
C ALA I 103 -11.78 -68.29 -4.24
N GLY I 104 -11.90 -69.24 -5.17
CA GLY I 104 -13.20 -69.79 -5.52
C GLY I 104 -13.98 -68.86 -6.43
N ALA I 105 -13.91 -69.10 -7.74
CA ALA I 105 -14.57 -68.23 -8.69
C ALA I 105 -15.84 -68.83 -9.27
N LYS I 106 -16.85 -67.99 -9.45
CA LYS I 106 -18.12 -68.39 -10.03
C LYS I 106 -18.61 -67.34 -11.03
N LYS I 107 -18.45 -67.64 -12.32
CA LYS I 107 -18.79 -66.69 -13.38
C LYS I 107 -20.24 -66.20 -13.28
N GLU I 108 -21.15 -67.11 -12.91
CA GLU I 108 -22.56 -66.76 -12.80
C GLU I 108 -22.84 -65.86 -11.59
N VAL I 109 -22.16 -66.12 -10.48
CA VAL I 109 -22.36 -65.35 -9.25
C VAL I 109 -21.68 -63.98 -9.33
N ILE I 110 -20.48 -63.94 -9.91
CA ILE I 110 -19.72 -62.71 -10.07
C ILE I 110 -20.52 -61.65 -10.83
N ASN I 111 -21.04 -62.02 -12.00
CA ASN I 111 -21.82 -61.10 -12.81
C ASN I 111 -23.08 -60.62 -12.10
N GLN I 112 -23.59 -61.47 -11.21
CA GLN I 112 -24.77 -61.13 -10.42
C GLN I 112 -24.41 -60.19 -9.27
N ARG I 113 -23.33 -60.52 -8.56
CA ARG I 113 -22.88 -59.74 -7.42
C ARG I 113 -22.45 -58.32 -7.80
N VAL I 114 -21.70 -58.21 -8.90
CA VAL I 114 -21.21 -56.93 -9.38
C VAL I 114 -22.35 -55.99 -9.74
N ASN I 115 -23.34 -56.51 -10.47
CA ASN I 115 -24.48 -55.72 -10.90
C ASN I 115 -25.30 -55.15 -9.75
N GLN I 116 -25.54 -55.96 -8.72
CA GLN I 116 -26.29 -55.52 -7.55
C GLN I 116 -25.68 -54.27 -6.95
N VAL I 117 -24.36 -54.22 -6.94
CA VAL I 117 -23.63 -53.07 -6.39
C VAL I 117 -23.52 -51.95 -7.42
N ALA I 118 -23.26 -52.32 -8.68
CA ALA I 118 -23.12 -51.34 -9.74
C ALA I 118 -24.43 -50.61 -10.05
N GLU I 119 -25.55 -51.26 -9.76
CA GLU I 119 -26.86 -50.67 -9.97
C GLU I 119 -27.09 -49.50 -9.01
N VAL I 120 -26.87 -49.75 -7.72
CA VAL I 120 -27.12 -48.74 -6.70
C VAL I 120 -26.07 -47.63 -6.66
N LEU I 121 -24.85 -47.95 -7.11
CA LEU I 121 -23.79 -46.95 -7.16
C LEU I 121 -23.70 -46.29 -8.53
N GLN I 122 -24.59 -46.69 -9.42
CA GLN I 122 -24.67 -46.17 -10.78
C GLN I 122 -23.35 -46.33 -11.54
N LEU I 123 -22.84 -47.55 -11.57
CA LEU I 123 -21.59 -47.85 -12.26
C LEU I 123 -21.75 -48.98 -13.27
N ALA I 124 -23.00 -49.39 -13.51
CA ALA I 124 -23.27 -50.51 -14.40
C ALA I 124 -22.93 -50.15 -15.83
N HIS I 125 -23.03 -48.86 -16.15
CA HIS I 125 -22.74 -48.37 -17.49
C HIS I 125 -21.24 -48.22 -17.70
N LEU I 126 -20.48 -48.28 -16.61
CA LEU I 126 -19.03 -48.14 -16.68
C LEU I 126 -18.31 -49.37 -16.14
N LEU I 127 -18.86 -50.55 -16.41
CA LEU I 127 -18.24 -51.79 -15.97
C LEU I 127 -17.01 -52.12 -16.80
N ASP I 128 -17.12 -51.89 -18.11
CA ASP I 128 -16.01 -52.16 -19.03
C ASP I 128 -15.19 -50.90 -19.28
N ARG I 129 -14.65 -50.33 -18.21
CA ARG I 129 -13.83 -49.14 -18.30
C ARG I 129 -12.51 -49.29 -17.55
N LYS I 130 -11.52 -48.48 -17.92
CA LYS I 130 -10.25 -48.47 -17.23
C LYS I 130 -10.27 -47.37 -16.17
N PRO I 131 -9.76 -47.67 -14.97
CA PRO I 131 -9.75 -46.76 -13.82
C PRO I 131 -9.20 -45.37 -14.15
N LYS I 132 -8.34 -45.28 -15.16
CA LYS I 132 -7.78 -44.00 -15.57
C LYS I 132 -8.75 -43.17 -16.40
N ALA I 133 -9.82 -43.80 -16.86
CA ALA I 133 -10.82 -43.11 -17.68
C ALA I 133 -11.96 -42.55 -16.83
N LEU I 134 -11.93 -42.83 -15.53
CA LEU I 134 -12.96 -42.34 -14.63
C LEU I 134 -12.49 -41.08 -13.91
N SER I 135 -13.44 -40.32 -13.38
CA SER I 135 -13.10 -39.10 -12.65
C SER I 135 -12.74 -39.43 -11.21
N GLY I 136 -12.30 -38.41 -10.48
CA GLY I 136 -11.92 -38.58 -9.09
C GLY I 136 -13.08 -39.05 -8.23
N GLY I 137 -14.26 -38.52 -8.50
CA GLY I 137 -15.45 -38.89 -7.76
C GLY I 137 -15.93 -40.30 -8.11
N GLN I 138 -15.81 -40.67 -9.38
CA GLN I 138 -16.24 -41.98 -9.84
C GLN I 138 -15.35 -43.10 -9.30
N ARG I 139 -14.05 -42.84 -9.23
CA ARG I 139 -13.10 -43.83 -8.75
C ARG I 139 -13.36 -44.26 -7.32
N GLN I 140 -13.90 -43.34 -6.52
CA GLN I 140 -14.25 -43.65 -5.14
C GLN I 140 -15.40 -44.64 -5.09
N ARG I 141 -16.39 -44.45 -5.95
CA ARG I 141 -17.57 -45.30 -5.99
C ARG I 141 -17.19 -46.73 -6.33
N VAL I 142 -16.13 -46.87 -7.13
CA VAL I 142 -15.62 -48.18 -7.50
C VAL I 142 -14.96 -48.84 -6.29
N ALA I 143 -14.22 -48.03 -5.53
CA ALA I 143 -13.52 -48.52 -4.34
C ALA I 143 -14.50 -49.03 -3.30
N ILE I 144 -15.50 -48.22 -2.98
CA ILE I 144 -16.53 -48.60 -2.01
C ILE I 144 -17.27 -49.85 -2.50
N GLY I 145 -17.53 -49.90 -3.79
CA GLY I 145 -18.22 -51.02 -4.40
C GLY I 145 -17.50 -52.34 -4.23
N ARG I 146 -16.16 -52.29 -4.24
CA ARG I 146 -15.34 -53.47 -4.09
C ARG I 146 -15.65 -54.23 -2.81
N THR I 147 -15.68 -53.50 -1.69
CA THR I 147 -15.97 -54.11 -0.40
C THR I 147 -17.42 -54.59 -0.34
N LEU I 148 -18.31 -53.85 -0.99
CA LEU I 148 -19.73 -54.20 -0.99
C LEU I 148 -19.99 -55.52 -1.72
N VAL I 149 -19.12 -55.84 -2.68
CA VAL I 149 -19.23 -57.09 -3.41
C VAL I 149 -18.85 -58.26 -2.51
N ALA I 150 -17.73 -58.11 -1.80
CA ALA I 150 -17.22 -59.16 -0.92
C ALA I 150 -18.16 -59.43 0.25
N GLU I 151 -18.88 -58.40 0.67
CA GLU I 151 -19.81 -58.48 1.80
C GLU I 151 -19.13 -58.99 3.06
N PRO I 152 -18.24 -58.16 3.65
CA PRO I 152 -17.46 -58.55 4.82
C PRO I 152 -18.19 -58.27 6.13
N SER I 153 -17.60 -58.70 7.24
CA SER I 153 -18.20 -58.49 8.55
C SER I 153 -18.08 -57.04 8.98
N VAL I 154 -16.91 -56.45 8.71
CA VAL I 154 -16.65 -55.07 9.07
C VAL I 154 -16.13 -54.31 7.86
N PHE I 155 -16.51 -53.06 7.74
CA PHE I 155 -16.01 -52.21 6.68
C PHE I 155 -14.98 -51.26 7.29
N LEU I 156 -13.83 -51.13 6.62
CA LEU I 156 -12.78 -50.26 7.13
C LEU I 156 -12.50 -49.12 6.15
N LEU I 157 -13.00 -47.93 6.50
CA LEU I 157 -12.81 -46.76 5.66
C LEU I 157 -11.70 -45.87 6.19
N ASP I 158 -10.59 -45.82 5.48
CA ASP I 158 -9.45 -45.01 5.90
C ASP I 158 -9.42 -43.67 5.16
N GLU I 159 -10.25 -42.74 5.63
CA GLU I 159 -10.32 -41.39 5.06
C GLU I 159 -10.57 -41.38 3.56
N PRO I 160 -11.77 -41.82 3.13
CA PRO I 160 -12.10 -41.89 1.71
C PRO I 160 -12.44 -40.52 1.10
N LEU I 161 -13.05 -39.66 1.90
CA LEU I 161 -13.49 -38.34 1.43
C LEU I 161 -12.39 -37.29 1.58
N SER I 162 -11.21 -37.58 1.04
CA SER I 162 -10.08 -36.66 1.12
C SER I 162 -9.61 -36.25 -0.27
N ASN I 163 -10.14 -36.91 -1.29
CA ASN I 163 -9.75 -36.63 -2.67
C ASN I 163 -10.79 -35.82 -3.44
N LEU I 164 -11.96 -35.63 -2.84
CA LEU I 164 -13.05 -34.91 -3.50
C LEU I 164 -12.92 -33.41 -3.29
N ASP I 165 -13.77 -32.65 -3.99
CA ASP I 165 -13.76 -31.19 -3.85
C ASP I 165 -14.40 -30.79 -2.53
N ALA I 166 -14.38 -29.49 -2.24
CA ALA I 166 -14.91 -28.98 -0.98
C ALA I 166 -16.40 -29.24 -0.83
N ALA I 167 -17.19 -28.70 -1.74
CA ALA I 167 -18.64 -28.83 -1.69
C ALA I 167 -19.10 -30.27 -1.91
N LEU I 168 -18.33 -31.00 -2.73
CA LEU I 168 -18.66 -32.38 -3.04
C LEU I 168 -18.48 -33.28 -1.82
N ARG I 169 -17.44 -32.98 -1.04
CA ARG I 169 -17.13 -33.77 0.15
C ARG I 169 -18.24 -33.68 1.19
N VAL I 170 -18.75 -32.47 1.39
CA VAL I 170 -19.79 -32.24 2.39
C VAL I 170 -21.07 -32.98 2.01
N GLN I 171 -21.41 -32.95 0.72
CA GLN I 171 -22.65 -33.53 0.23
C GLN I 171 -22.57 -35.06 0.20
N MET I 172 -21.38 -35.60 -0.05
CA MET I 172 -21.19 -37.04 -0.12
C MET I 172 -21.20 -37.71 1.25
N ARG I 173 -21.20 -36.91 2.31
CA ARG I 173 -21.24 -37.45 3.67
C ARG I 173 -22.60 -38.06 3.95
N ILE I 174 -23.62 -37.62 3.21
CA ILE I 174 -24.97 -38.12 3.39
C ILE I 174 -25.11 -39.53 2.82
N GLU I 175 -24.36 -39.80 1.76
CA GLU I 175 -24.39 -41.13 1.14
C GLU I 175 -23.95 -42.21 2.11
N ILE I 176 -22.96 -41.89 2.95
CA ILE I 176 -22.46 -42.83 3.95
C ILE I 176 -23.53 -43.16 4.98
N SER I 177 -24.30 -42.15 5.37
CA SER I 177 -25.39 -42.35 6.33
C SER I 177 -26.46 -43.28 5.76
N ARG I 178 -26.85 -43.04 4.50
CA ARG I 178 -27.84 -43.88 3.85
C ARG I 178 -27.28 -45.27 3.55
N LEU I 179 -25.97 -45.34 3.32
CA LEU I 179 -25.30 -46.60 3.04
C LEU I 179 -25.27 -47.47 4.28
N HIS I 180 -25.17 -46.83 5.45
CA HIS I 180 -25.04 -47.53 6.71
C HIS I 180 -26.33 -48.24 7.12
N LYS I 181 -27.39 -47.44 7.35
CA LYS I 181 -28.63 -47.97 7.88
C LYS I 181 -29.32 -48.96 6.93
N ARG I 182 -29.08 -48.79 5.62
CA ARG I 182 -29.66 -49.69 4.63
C ARG I 182 -29.02 -51.07 4.69
N LEU I 183 -27.68 -51.10 4.77
CA LEU I 183 -26.96 -52.35 4.89
C LEU I 183 -27.05 -52.88 6.32
N GLY I 184 -26.73 -52.02 7.28
CA GLY I 184 -26.81 -52.38 8.69
C GLY I 184 -25.70 -53.33 9.12
N ARG I 185 -24.49 -52.80 9.26
CA ARG I 185 -23.36 -53.59 9.69
C ARG I 185 -22.25 -52.70 10.23
N THR I 186 -21.33 -53.30 10.98
CA THR I 186 -20.25 -52.54 11.63
C THR I 186 -19.34 -51.88 10.60
N MET I 187 -19.06 -50.59 10.82
CA MET I 187 -18.16 -49.84 9.95
C MET I 187 -17.22 -48.98 10.78
N ILE I 188 -15.93 -49.07 10.48
CA ILE I 188 -14.92 -48.27 11.18
C ILE I 188 -14.36 -47.19 10.27
N TYR I 189 -14.98 -46.01 10.32
CA TYR I 189 -14.58 -44.88 9.50
C TYR I 189 -13.44 -44.14 10.18
N VAL I 190 -12.60 -43.47 9.39
CA VAL I 190 -11.48 -42.71 9.93
C VAL I 190 -11.38 -41.36 9.22
N THR I 191 -11.18 -40.29 9.97
CA THR I 191 -11.08 -38.96 9.39
C THR I 191 -10.34 -38.00 10.31
N HIS I 192 -9.84 -36.91 9.72
CA HIS I 192 -9.11 -35.90 10.48
C HIS I 192 -10.01 -34.71 10.76
N ASP I 193 -11.10 -34.61 10.01
CA ASP I 193 -12.07 -33.55 10.20
C ASP I 193 -13.07 -33.93 11.27
N GLN I 194 -13.18 -33.11 12.31
CA GLN I 194 -14.05 -33.40 13.44
C GLN I 194 -15.52 -33.34 13.05
N VAL I 195 -15.84 -32.55 12.03
CA VAL I 195 -17.22 -32.39 11.58
C VAL I 195 -17.74 -33.67 10.96
N GLU I 196 -16.88 -34.37 10.22
CA GLU I 196 -17.28 -35.61 9.55
C GLU I 196 -17.69 -36.68 10.54
N ALA I 197 -17.06 -36.68 11.72
CA ALA I 197 -17.35 -37.69 12.73
C ALA I 197 -18.67 -37.40 13.43
N MET I 198 -18.89 -36.14 13.76
CA MET I 198 -20.08 -35.74 14.48
C MET I 198 -21.35 -36.02 13.68
N THR I 199 -21.27 -35.82 12.37
CA THR I 199 -22.42 -36.00 11.49
C THR I 199 -22.69 -37.46 11.13
N LEU I 200 -21.68 -38.30 11.24
CA LEU I 200 -21.79 -39.70 10.81
C LEU I 200 -21.87 -40.71 11.96
N ALA I 201 -20.90 -40.63 12.87
CA ALA I 201 -20.69 -41.68 13.86
C ALA I 201 -21.80 -41.81 14.90
N ASP I 202 -21.97 -43.03 15.39
CA ASP I 202 -22.79 -43.28 16.56
C ASP I 202 -21.88 -43.28 17.78
N LYS I 203 -20.63 -43.67 17.56
CA LYS I 203 -19.63 -43.73 18.62
C LYS I 203 -18.28 -43.25 18.10
N ILE I 204 -17.86 -42.08 18.58
CA ILE I 204 -16.60 -41.48 18.14
C ILE I 204 -15.47 -41.85 19.09
N VAL I 205 -14.29 -42.13 18.55
CA VAL I 205 -13.12 -42.42 19.36
C VAL I 205 -12.03 -41.39 19.06
N VAL I 206 -11.90 -40.41 19.94
CA VAL I 206 -10.92 -39.34 19.76
C VAL I 206 -9.54 -39.81 20.21
N LEU I 207 -8.57 -39.74 19.32
CA LEU I 207 -7.22 -40.21 19.62
C LEU I 207 -6.25 -39.04 19.81
N ASP I 208 -5.31 -39.22 20.73
CA ASP I 208 -4.30 -38.20 21.01
C ASP I 208 -2.94 -38.87 21.23
N ALA I 209 -2.05 -38.72 20.26
CA ALA I 209 -0.72 -39.34 20.29
C ALA I 209 -0.81 -40.85 20.49
N GLY I 210 -1.83 -41.46 19.90
CA GLY I 210 -2.03 -42.90 20.00
C GLY I 210 -2.98 -43.26 21.13
N ARG I 211 -2.76 -42.63 22.29
CA ARG I 211 -3.60 -42.85 23.46
C ARG I 211 -5.03 -42.41 23.18
N VAL I 212 -5.98 -43.22 23.62
CA VAL I 212 -7.39 -42.85 23.50
C VAL I 212 -7.73 -41.72 24.48
N ALA I 213 -8.12 -40.57 23.93
CA ALA I 213 -8.49 -39.43 24.75
C ALA I 213 -9.87 -39.62 25.36
N GLN I 214 -10.85 -39.97 24.51
CA GLN I 214 -12.21 -40.17 24.98
C GLN I 214 -13.02 -41.01 23.99
N VAL I 215 -13.97 -41.77 24.50
CA VAL I 215 -14.86 -42.58 23.67
C VAL I 215 -16.31 -42.39 24.09
N GLY I 216 -17.19 -42.14 23.12
CA GLY I 216 -18.60 -42.01 23.40
C GLY I 216 -19.38 -41.48 22.21
N LYS I 217 -20.67 -41.21 22.43
CA LYS I 217 -21.53 -40.67 21.39
C LYS I 217 -21.08 -39.24 21.06
N PRO I 218 -21.36 -38.79 19.83
CA PRO I 218 -20.92 -37.46 19.37
C PRO I 218 -21.40 -36.32 20.29
N LEU I 219 -22.62 -36.44 20.80
CA LEU I 219 -23.16 -35.40 21.67
C LEU I 219 -22.49 -35.41 23.05
N GLU I 220 -22.03 -36.58 23.48
CA GLU I 220 -21.38 -36.71 24.77
C GLU I 220 -20.04 -35.99 24.80
N LEU I 221 -19.32 -36.05 23.69
CA LEU I 221 -18.01 -35.42 23.57
C LEU I 221 -18.15 -33.89 23.56
N TYR I 222 -19.27 -33.41 23.04
CA TYR I 222 -19.53 -31.98 22.94
C TYR I 222 -19.86 -31.40 24.32
N HIS I 223 -20.69 -32.11 25.08
CA HIS I 223 -21.12 -31.64 26.39
C HIS I 223 -20.18 -32.05 27.53
N TYR I 224 -19.71 -33.29 27.49
CA TYR I 224 -18.89 -33.82 28.58
C TYR I 224 -17.54 -34.34 28.08
N PRO I 225 -16.59 -33.42 27.84
CA PRO I 225 -15.25 -33.80 27.38
C PRO I 225 -14.47 -34.50 28.49
N ALA I 226 -13.45 -35.27 28.12
CA ALA I 226 -12.62 -35.96 29.10
C ALA I 226 -11.43 -35.09 29.53
N ASP I 227 -10.90 -34.31 28.60
CA ASP I 227 -9.75 -33.46 28.88
C ASP I 227 -9.74 -32.21 28.00
N ARG I 228 -8.74 -31.37 28.19
CA ARG I 228 -8.61 -30.13 27.43
C ARG I 228 -8.43 -30.37 25.94
N PHE I 229 -7.97 -31.56 25.58
CA PHE I 229 -7.73 -31.89 24.18
C PHE I 229 -9.05 -32.07 23.42
N VAL I 230 -9.90 -32.96 23.92
CA VAL I 230 -11.17 -33.28 23.27
C VAL I 230 -12.09 -32.06 23.20
N ALA I 231 -12.13 -31.29 24.29
CA ALA I 231 -12.97 -30.11 24.35
C ALA I 231 -12.55 -29.08 23.30
N GLY I 232 -11.24 -28.94 23.10
CA GLY I 232 -10.71 -28.01 22.12
C GLY I 232 -10.76 -28.54 20.70
N PHE I 233 -10.73 -29.86 20.55
CA PHE I 233 -10.69 -30.47 19.22
C PHE I 233 -12.05 -30.47 18.51
N ILE I 234 -13.10 -30.80 19.24
CA ILE I 234 -14.43 -30.89 18.64
C ILE I 234 -15.17 -29.55 18.72
N GLY I 235 -15.89 -29.22 17.65
CA GLY I 235 -16.61 -27.96 17.57
C GLY I 235 -16.04 -27.10 16.47
N SER I 236 -16.90 -26.31 15.83
CA SER I 236 -16.48 -25.46 14.72
C SER I 236 -15.50 -24.34 15.13
N PRO I 237 -15.83 -23.56 16.18
CA PRO I 237 -14.77 -22.67 16.66
C PRO I 237 -14.06 -23.28 17.87
N LYS I 238 -12.89 -22.74 18.21
CA LYS I 238 -12.12 -23.24 19.33
C LYS I 238 -12.74 -22.75 20.65
N MET I 239 -12.71 -23.61 21.66
CA MET I 239 -13.27 -23.25 22.97
C MET I 239 -12.40 -22.19 23.64
N ASN I 240 -13.04 -21.27 24.34
CA ASN I 240 -12.32 -20.22 25.05
C ASN I 240 -11.72 -20.76 26.34
N PHE I 241 -10.40 -20.62 26.48
CA PHE I 241 -9.70 -21.08 27.67
C PHE I 241 -9.38 -19.91 28.61
N LEU I 242 -9.69 -20.09 29.89
CA LEU I 242 -9.41 -19.06 30.88
C LEU I 242 -8.55 -19.63 32.02
N PRO I 243 -7.37 -19.02 32.24
CA PRO I 243 -6.43 -19.48 33.27
C PRO I 243 -6.86 -19.05 34.67
N VAL I 244 -7.94 -19.64 35.18
CA VAL I 244 -8.48 -19.25 36.48
C VAL I 244 -7.68 -19.78 37.67
N LYS I 245 -8.20 -19.54 38.87
CA LYS I 245 -7.56 -20.00 40.10
C LYS I 245 -8.62 -20.42 41.12
N VAL I 246 -8.42 -21.57 41.74
CA VAL I 246 -9.39 -22.11 42.69
C VAL I 246 -9.30 -21.36 44.01
N THR I 247 -10.45 -20.92 44.52
CA THR I 247 -10.50 -20.21 45.79
C THR I 247 -11.08 -21.08 46.90
N ALA I 248 -12.16 -21.78 46.61
CA ALA I 248 -12.83 -22.63 47.58
C ALA I 248 -13.60 -23.75 46.91
N THR I 249 -13.81 -24.84 47.64
CA THR I 249 -14.59 -25.96 47.14
C THR I 249 -15.84 -26.16 48.01
N ALA I 250 -16.71 -27.06 47.59
CA ALA I 250 -17.94 -27.33 48.34
C ALA I 250 -18.43 -28.76 48.13
N ILE I 251 -19.66 -29.02 48.56
CA ILE I 251 -20.27 -30.33 48.44
C ILE I 251 -20.33 -30.83 46.99
N ASP I 252 -20.71 -29.96 46.07
CA ASP I 252 -20.82 -30.31 44.67
C ASP I 252 -20.70 -29.08 43.77
N GLN I 253 -19.74 -28.22 44.07
CA GLN I 253 -19.48 -27.02 43.26
C GLN I 253 -18.13 -26.42 43.59
N VAL I 254 -17.46 -25.89 42.58
CA VAL I 254 -16.13 -25.29 42.76
C VAL I 254 -16.17 -23.81 42.43
N GLN I 255 -15.68 -22.99 43.37
CA GLN I 255 -15.59 -21.56 43.14
C GLN I 255 -14.21 -21.24 42.56
N VAL I 256 -14.19 -20.45 41.51
CA VAL I 256 -12.92 -20.10 40.86
C VAL I 256 -12.76 -18.59 40.67
N GLU I 257 -11.51 -18.14 40.65
CA GLU I 257 -11.18 -16.74 40.47
C GLU I 257 -10.51 -16.50 39.12
N LEU I 258 -11.05 -15.54 38.36
CA LEU I 258 -10.48 -15.17 37.08
C LEU I 258 -9.09 -14.56 37.28
N PRO I 259 -8.18 -14.75 36.31
CA PRO I 259 -6.82 -14.24 36.44
C PRO I 259 -6.74 -12.74 36.15
N MET I 260 -7.91 -12.13 36.00
CA MET I 260 -8.00 -10.70 35.71
C MET I 260 -7.68 -9.89 36.96
N PRO I 261 -7.17 -8.66 36.78
CA PRO I 261 -6.95 -7.71 37.86
C PRO I 261 -8.18 -7.46 38.73
N ASN I 262 -9.37 -7.52 38.14
CA ASN I 262 -10.60 -7.39 38.92
C ASN I 262 -11.04 -8.70 39.59
N ARG I 263 -10.08 -9.62 39.73
CA ARG I 263 -10.26 -10.97 40.32
C ARG I 263 -11.68 -11.34 40.78
N GLN I 264 -12.57 -11.53 39.81
CA GLN I 264 -13.97 -11.84 40.10
C GLN I 264 -14.13 -13.31 40.49
N GLN I 265 -15.14 -13.60 41.30
CA GLN I 265 -15.39 -14.96 41.77
C GLN I 265 -16.66 -15.51 41.15
N VAL I 266 -16.64 -16.81 40.81
CA VAL I 266 -17.79 -17.45 40.20
C VAL I 266 -17.90 -18.92 40.61
N TRP I 267 -19.11 -19.36 40.96
CA TRP I 267 -19.34 -20.73 41.38
C TRP I 267 -19.68 -21.64 40.21
N LEU I 268 -18.78 -22.58 39.90
CA LEU I 268 -19.01 -23.51 38.81
C LEU I 268 -19.61 -24.81 39.34
N PRO I 269 -20.82 -25.14 38.89
CA PRO I 269 -21.47 -26.40 39.26
C PRO I 269 -20.77 -27.59 38.60
N VAL I 270 -19.72 -28.09 39.25
CA VAL I 270 -18.93 -29.18 38.71
C VAL I 270 -18.44 -30.05 39.88
N GLU I 271 -18.09 -31.30 39.58
CA GLU I 271 -17.65 -32.25 40.59
C GLU I 271 -16.49 -31.72 41.43
N SER I 272 -16.73 -31.57 42.74
CA SER I 272 -15.75 -30.96 43.63
C SER I 272 -14.95 -31.99 44.44
N ARG I 273 -14.93 -33.23 43.97
CA ARG I 273 -14.14 -34.27 44.62
C ARG I 273 -12.75 -34.27 44.00
N ASP I 274 -11.72 -34.45 44.83
CA ASP I 274 -10.34 -34.50 44.36
C ASP I 274 -9.94 -33.20 43.66
N VAL I 275 -10.06 -32.09 44.37
CA VAL I 275 -9.65 -30.79 43.86
C VAL I 275 -8.87 -30.03 44.94
N GLN I 276 -7.67 -29.60 44.62
CA GLN I 276 -6.84 -28.90 45.59
C GLN I 276 -7.07 -27.40 45.50
N VAL I 277 -7.24 -26.77 46.67
CA VAL I 277 -7.47 -25.33 46.72
C VAL I 277 -6.17 -24.57 46.47
N GLY I 278 -6.27 -23.47 45.72
CA GLY I 278 -5.10 -22.65 45.44
C GLY I 278 -4.42 -23.01 44.12
N ALA I 279 -4.78 -24.17 43.58
CA ALA I 279 -4.18 -24.64 42.33
C ALA I 279 -4.73 -23.87 41.13
N ASN I 280 -3.83 -23.42 40.26
CA ASN I 280 -4.22 -22.70 39.06
C ASN I 280 -4.68 -23.63 37.95
N MET I 281 -5.99 -23.76 37.78
CA MET I 281 -6.56 -24.62 36.76
C MET I 281 -7.10 -23.81 35.58
N SER I 282 -7.46 -24.51 34.51
CA SER I 282 -7.97 -23.86 33.31
C SER I 282 -9.50 -23.92 33.22
N LEU I 283 -10.10 -22.80 32.86
CA LEU I 283 -11.55 -22.72 32.69
C LEU I 283 -11.92 -22.66 31.22
N GLY I 284 -12.83 -23.54 30.80
CA GLY I 284 -13.24 -23.61 29.42
C GLY I 284 -14.68 -23.18 29.21
N ILE I 285 -14.92 -22.41 28.15
CA ILE I 285 -16.26 -21.95 27.80
C ILE I 285 -16.40 -21.77 26.29
N ARG I 286 -17.40 -22.42 25.71
CA ARG I 286 -17.62 -22.35 24.26
C ARG I 286 -18.27 -21.03 23.86
N PRO I 287 -17.86 -20.51 22.68
CA PRO I 287 -18.38 -19.26 22.11
C PRO I 287 -19.89 -19.30 21.92
N GLU I 288 -20.42 -20.48 21.63
CA GLU I 288 -21.85 -20.64 21.39
C GLU I 288 -22.65 -20.54 22.68
N HIS I 289 -21.97 -20.68 23.81
CA HIS I 289 -22.63 -20.68 25.12
C HIS I 289 -22.58 -19.32 25.81
N LEU I 290 -21.76 -18.41 25.29
CA LEU I 290 -21.66 -17.06 25.85
C LEU I 290 -22.97 -16.28 25.70
N LEU I 291 -23.40 -15.66 26.80
CA LEU I 291 -24.64 -14.90 26.81
C LEU I 291 -24.39 -13.39 26.70
N PRO I 292 -25.37 -12.66 26.16
CA PRO I 292 -25.33 -11.19 26.15
C PRO I 292 -25.29 -10.66 27.58
N SER I 293 -24.70 -9.48 27.76
CA SER I 293 -24.45 -8.91 29.10
C SER I 293 -25.69 -8.79 29.97
N ASP I 294 -26.82 -8.46 29.36
CA ASP I 294 -28.06 -8.23 30.09
C ASP I 294 -28.52 -9.41 30.95
N ILE I 295 -28.28 -10.63 30.47
CA ILE I 295 -28.76 -11.83 31.16
C ILE I 295 -27.91 -12.26 32.36
N ALA I 296 -26.66 -12.63 32.12
CA ALA I 296 -25.79 -13.16 33.17
C ALA I 296 -25.34 -12.11 34.17
N ASP I 297 -24.69 -12.55 35.25
CA ASP I 297 -24.20 -11.65 36.27
C ASP I 297 -22.70 -11.44 36.12
N VAL I 298 -22.00 -12.48 35.70
CA VAL I 298 -20.56 -12.40 35.49
C VAL I 298 -20.29 -11.76 34.14
N ILE I 299 -20.15 -10.44 34.15
CA ILE I 299 -20.02 -9.66 32.92
C ILE I 299 -18.56 -9.53 32.48
N LEU I 300 -18.34 -9.61 31.17
CA LEU I 300 -17.02 -9.35 30.62
C LEU I 300 -17.15 -8.34 29.48
N GLU I 301 -16.59 -7.16 29.70
CA GLU I 301 -16.65 -6.09 28.72
C GLU I 301 -15.42 -6.18 27.83
N GLY I 302 -15.47 -5.58 26.65
CA GLY I 302 -14.36 -5.63 25.74
C GLY I 302 -14.55 -4.84 24.45
N GLU I 303 -13.49 -4.77 23.67
CA GLU I 303 -13.52 -4.08 22.38
C GLU I 303 -13.49 -5.11 21.25
N VAL I 304 -14.31 -4.89 20.24
CA VAL I 304 -14.37 -5.79 19.11
C VAL I 304 -13.20 -5.55 18.16
N GLN I 305 -12.36 -6.56 18.00
CA GLN I 305 -11.24 -6.48 17.07
C GLN I 305 -11.68 -6.79 15.65
N VAL I 306 -12.13 -8.03 15.45
CA VAL I 306 -12.53 -8.49 14.13
C VAL I 306 -13.92 -9.11 14.18
N VAL I 307 -14.74 -8.78 13.19
CA VAL I 307 -16.08 -9.36 13.07
C VAL I 307 -16.07 -10.34 11.91
N GLU I 308 -16.70 -11.49 12.13
CA GLU I 308 -16.75 -12.52 11.09
C GLU I 308 -18.20 -12.79 10.68
N GLN I 309 -18.53 -12.40 9.46
CA GLN I 309 -19.88 -12.59 8.94
C GLN I 309 -19.93 -13.83 8.06
N LEU I 310 -20.53 -14.90 8.58
CA LEU I 310 -20.64 -16.14 7.85
C LEU I 310 -22.04 -16.28 7.24
N GLY I 311 -22.85 -15.24 7.39
CA GLY I 311 -24.20 -15.24 6.85
C GLY I 311 -25.19 -15.93 7.77
N ASN I 312 -25.09 -17.25 7.86
CA ASN I 312 -25.95 -18.02 8.74
C ASN I 312 -25.66 -17.74 10.20
N GLU I 313 -24.42 -17.38 10.50
CA GLU I 313 -24.01 -17.05 11.86
C GLU I 313 -23.02 -15.89 11.84
N THR I 314 -22.71 -15.37 13.02
CA THR I 314 -21.76 -14.27 13.14
C THR I 314 -20.83 -14.49 14.32
N GLN I 315 -19.53 -14.62 14.04
CA GLN I 315 -18.53 -14.81 15.07
C GLN I 315 -17.84 -13.47 15.33
N ILE I 316 -17.63 -13.16 16.60
CA ILE I 316 -17.00 -11.90 16.96
C ILE I 316 -15.84 -12.14 17.92
N HIS I 317 -14.69 -11.58 17.58
CA HIS I 317 -13.52 -11.64 18.46
C HIS I 317 -13.47 -10.40 19.33
N ILE I 318 -13.40 -10.60 20.64
CA ILE I 318 -13.45 -9.49 21.57
C ILE I 318 -12.14 -9.41 22.34
N GLN I 319 -11.58 -8.20 22.41
CA GLN I 319 -10.36 -7.98 23.18
C GLN I 319 -10.75 -7.46 24.55
N ILE I 320 -10.51 -8.27 25.57
CA ILE I 320 -10.90 -7.91 26.94
C ILE I 320 -9.82 -7.12 27.65
N PRO I 321 -10.20 -5.96 28.22
CA PRO I 321 -9.34 -5.09 29.03
C PRO I 321 -8.88 -5.77 30.32
N SER I 322 -9.75 -6.61 30.90
CA SER I 322 -9.46 -7.18 32.21
C SER I 322 -8.55 -8.38 32.08
N ILE I 323 -9.02 -9.45 31.45
CA ILE I 323 -8.14 -10.59 31.23
C ILE I 323 -7.29 -10.32 29.98
N ARG I 324 -6.00 -10.60 30.10
CA ARG I 324 -5.07 -10.38 29.00
C ARG I 324 -5.26 -11.43 27.90
N GLN I 325 -6.52 -11.73 27.57
CA GLN I 325 -6.85 -12.79 26.63
C GLN I 325 -7.97 -12.42 25.66
N ASN I 326 -7.83 -12.81 24.39
CA ASN I 326 -8.85 -12.55 23.39
C ASN I 326 -9.97 -13.59 23.46
N LEU I 327 -11.16 -13.16 23.86
CA LEU I 327 -12.32 -14.04 23.99
C LEU I 327 -13.12 -14.08 22.69
N VAL I 328 -13.62 -15.26 22.34
CA VAL I 328 -14.40 -15.45 21.12
C VAL I 328 -15.88 -15.70 21.36
N TYR I 329 -16.74 -14.97 20.66
CA TYR I 329 -18.18 -15.07 20.82
C TYR I 329 -18.86 -15.37 19.49
N ARG I 330 -19.81 -16.31 19.51
CA ARG I 330 -20.51 -16.73 18.30
C ARG I 330 -22.02 -16.63 18.45
N GLN I 331 -22.65 -15.79 17.64
CA GLN I 331 -24.09 -15.64 17.66
C GLN I 331 -24.67 -15.96 16.27
N ASN I 332 -25.87 -16.54 16.24
CA ASN I 332 -26.51 -16.88 14.98
C ASN I 332 -27.14 -15.65 14.34
N ASP I 333 -27.81 -15.86 13.21
CA ASP I 333 -28.36 -14.76 12.41
C ASP I 333 -27.25 -13.78 12.04
N VAL I 334 -27.51 -12.49 12.24
CA VAL I 334 -26.51 -11.46 11.97
C VAL I 334 -26.51 -10.38 13.04
N VAL I 335 -25.31 -9.88 13.35
CA VAL I 335 -25.16 -8.83 14.35
C VAL I 335 -24.21 -7.75 13.83
N LEU I 336 -24.77 -6.60 13.45
CA LEU I 336 -23.98 -5.49 12.94
C LEU I 336 -23.23 -4.77 14.05
N VAL I 337 -21.93 -5.02 14.13
CA VAL I 337 -21.07 -4.33 15.10
C VAL I 337 -19.80 -3.84 14.41
N GLU I 338 -19.49 -2.57 14.59
CA GLU I 338 -18.30 -1.98 13.97
C GLU I 338 -17.06 -2.43 14.75
N GLU I 339 -15.94 -2.55 14.04
CA GLU I 339 -14.69 -2.97 14.65
C GLU I 339 -14.13 -1.86 15.52
N GLY I 340 -14.15 -2.08 16.83
CA GLY I 340 -13.65 -1.10 17.78
C GLY I 340 -14.70 -0.68 18.78
N ALA I 341 -15.95 -1.01 18.49
CA ALA I 341 -17.06 -0.67 19.39
C ALA I 341 -17.06 -1.54 20.62
N THR I 342 -17.51 -0.99 21.74
CA THR I 342 -17.59 -1.74 22.99
C THR I 342 -18.71 -2.76 22.96
N PHE I 343 -18.38 -4.00 23.31
CA PHE I 343 -19.34 -5.09 23.27
C PHE I 343 -19.15 -5.98 24.49
N ALA I 344 -20.20 -6.10 25.31
CA ALA I 344 -20.09 -6.87 26.55
C ALA I 344 -20.82 -8.20 26.44
N ILE I 345 -20.32 -9.20 27.16
CA ILE I 345 -20.91 -10.53 27.15
C ILE I 345 -20.97 -11.11 28.56
N GLY I 346 -21.85 -12.10 28.75
CA GLY I 346 -22.02 -12.74 30.03
C GLY I 346 -21.32 -14.09 30.08
N LEU I 347 -20.92 -14.49 31.29
CA LEU I 347 -20.24 -15.76 31.48
C LEU I 347 -21.13 -16.68 32.30
N PRO I 348 -21.89 -17.55 31.62
CA PRO I 348 -22.79 -18.48 32.30
C PRO I 348 -22.04 -19.63 32.94
N PRO I 349 -22.25 -19.84 34.25
CA PRO I 349 -21.55 -20.90 34.98
C PRO I 349 -22.09 -22.29 34.65
N GLU I 350 -23.33 -22.36 34.17
CA GLU I 350 -23.96 -23.63 33.85
C GLU I 350 -23.30 -24.32 32.67
N ARG I 351 -22.78 -23.53 31.73
CA ARG I 351 -22.18 -24.08 30.53
C ARG I 351 -20.65 -24.00 30.57
N CYS I 352 -20.07 -24.26 31.73
CA CYS I 352 -18.63 -24.15 31.89
C CYS I 352 -17.95 -25.49 32.14
N HIS I 353 -16.76 -25.65 31.56
CA HIS I 353 -15.95 -26.84 31.76
C HIS I 353 -14.74 -26.47 32.60
N LEU I 354 -14.14 -27.45 33.25
CA LEU I 354 -13.01 -27.19 34.15
C LEU I 354 -11.93 -28.25 34.00
N PHE I 355 -10.72 -27.79 33.65
CA PHE I 355 -9.61 -28.70 33.37
C PHE I 355 -8.46 -28.46 34.34
N ARG I 356 -7.90 -29.55 34.86
CA ARG I 356 -6.76 -29.45 35.77
C ARG I 356 -5.47 -29.18 35.02
N GLU I 357 -4.36 -29.13 35.76
CA GLU I 357 -3.06 -28.83 35.17
C GLU I 357 -2.61 -29.93 34.21
N ASP I 358 -2.76 -31.18 34.62
CA ASP I 358 -2.39 -32.31 33.79
C ASP I 358 -3.22 -32.40 32.53
N GLY I 359 -4.45 -31.91 32.60
CA GLY I 359 -5.34 -31.87 31.45
C GLY I 359 -6.71 -32.46 31.73
N THR I 360 -6.77 -33.36 32.71
CA THR I 360 -8.01 -34.05 33.05
C THR I 360 -9.13 -33.07 33.38
N ALA I 361 -10.34 -33.37 32.90
CA ALA I 361 -11.49 -32.51 33.10
C ALA I 361 -12.41 -33.04 34.20
N CYS I 362 -12.93 -32.13 35.02
CA CYS I 362 -13.90 -32.47 36.04
C CYS I 362 -15.27 -32.67 35.39
N ARG I 363 -15.93 -33.78 35.70
CA ARG I 363 -17.20 -34.12 35.09
C ARG I 363 -18.28 -33.09 35.41
N ARG I 364 -18.93 -32.59 34.36
CA ARG I 364 -19.99 -31.61 34.52
C ARG I 364 -21.22 -32.21 35.20
N LEU I 365 -21.81 -31.44 36.11
CA LEU I 365 -22.99 -31.90 36.84
C LEU I 365 -24.28 -31.39 36.20
N HIS I 366 -24.17 -30.30 35.45
CA HIS I 366 -25.33 -29.72 34.79
C HIS I 366 -25.90 -30.68 33.74
N LYS I 367 -27.17 -31.05 33.90
CA LYS I 367 -27.79 -32.03 33.01
C LYS I 367 -28.10 -31.44 31.64
N GLU I 368 -27.58 -32.07 30.61
CA GLU I 368 -27.84 -31.68 29.24
C GLU I 368 -28.74 -32.72 28.58
N PRO I 369 -29.62 -32.29 27.67
CA PRO I 369 -30.52 -33.21 26.98
C PRO I 369 -29.79 -34.05 25.93
N GLY I 370 -30.06 -35.35 25.92
CA GLY I 370 -29.43 -36.25 24.97
C GLY I 370 -28.55 -37.30 25.63
N VAL I 371 -28.09 -37.01 26.84
CA VAL I 371 -27.24 -37.94 27.57
C VAL I 371 -27.97 -38.54 28.78
N ALA J 2 -0.57 0.97 -4.42
CA ALA J 2 -0.64 -0.48 -4.53
C ALA J 2 -1.99 -0.92 -5.08
N SER J 3 -2.62 -0.04 -5.85
CA SER J 3 -3.93 -0.35 -6.41
C SER J 3 -3.83 -1.20 -7.67
N VAL J 4 -3.98 -2.51 -7.51
CA VAL J 4 -3.95 -3.42 -8.64
C VAL J 4 -5.31 -3.48 -9.31
N GLN J 5 -5.33 -3.56 -10.64
CA GLN J 5 -6.59 -3.60 -11.38
C GLN J 5 -6.46 -4.35 -12.70
N LEU J 6 -7.44 -5.18 -13.02
CA LEU J 6 -7.43 -5.94 -14.25
C LEU J 6 -8.50 -5.43 -15.20
N GLN J 7 -8.19 -5.41 -16.50
CA GLN J 7 -9.12 -4.92 -17.50
C GLN J 7 -9.19 -5.87 -18.70
N ASN J 8 -10.24 -6.65 -18.76
CA ASN J 8 -10.46 -7.60 -19.86
C ASN J 8 -9.28 -8.57 -20.04
N VAL J 9 -8.80 -9.11 -18.93
CA VAL J 9 -7.68 -10.04 -18.96
C VAL J 9 -8.12 -11.41 -19.46
N THR J 10 -7.43 -11.91 -20.49
CA THR J 10 -7.74 -13.21 -21.06
C THR J 10 -6.50 -14.09 -21.05
N LYS J 11 -6.70 -15.39 -20.89
CA LYS J 11 -5.59 -16.34 -20.89
C LYS J 11 -6.01 -17.60 -21.62
N ALA J 12 -5.10 -18.17 -22.41
CA ALA J 12 -5.41 -19.35 -23.21
C ALA J 12 -4.16 -20.15 -23.55
N TRP J 13 -4.28 -21.48 -23.46
CA TRP J 13 -3.19 -22.37 -23.84
C TRP J 13 -3.38 -22.86 -25.28
N GLY J 14 -3.10 -21.98 -26.24
CA GLY J 14 -3.27 -22.30 -27.65
C GLY J 14 -4.70 -22.09 -28.13
N GLU J 15 -5.52 -23.14 -28.00
CA GLU J 15 -6.90 -23.07 -28.44
C GLU J 15 -7.87 -23.08 -27.26
N VAL J 16 -7.44 -23.67 -26.15
CA VAL J 16 -8.27 -23.77 -24.96
C VAL J 16 -8.33 -22.43 -24.25
N VAL J 17 -9.52 -21.85 -24.17
CA VAL J 17 -9.70 -20.56 -23.50
C VAL J 17 -10.18 -20.78 -22.08
N VAL J 18 -9.24 -20.76 -21.13
CA VAL J 18 -9.55 -21.04 -19.74
C VAL J 18 -10.28 -19.87 -19.05
N SER J 19 -9.93 -18.65 -19.42
CA SER J 19 -10.52 -17.48 -18.78
C SER J 19 -10.95 -16.41 -19.78
N LYS J 20 -12.27 -16.18 -19.88
CA LYS J 20 -12.81 -15.11 -20.70
C LYS J 20 -12.47 -13.77 -20.06
N ASP J 21 -12.64 -12.69 -20.82
CA ASP J 21 -12.36 -11.34 -20.33
C ASP J 21 -12.96 -11.02 -18.96
N ILE J 22 -12.09 -10.89 -17.96
CA ILE J 22 -12.52 -10.63 -16.59
C ILE J 22 -12.06 -9.27 -16.10
N ASN J 23 -12.89 -8.63 -15.28
CA ASN J 23 -12.58 -7.34 -14.71
C ASN J 23 -12.56 -7.36 -13.18
N LEU J 24 -11.52 -6.78 -12.59
CA LEU J 24 -11.38 -6.73 -11.14
C LEU J 24 -10.86 -5.36 -10.72
N ASP J 25 -11.55 -4.74 -9.77
CA ASP J 25 -11.13 -3.45 -9.24
C ASP J 25 -10.73 -3.59 -7.77
N ILE J 26 -9.43 -3.60 -7.52
CA ILE J 26 -8.92 -3.75 -6.16
C ILE J 26 -8.28 -2.47 -5.66
N HIS J 27 -8.84 -1.92 -4.58
CA HIS J 27 -8.37 -0.65 -4.02
C HIS J 27 -7.19 -0.84 -3.08
N GLU J 28 -6.60 0.27 -2.65
CA GLU J 28 -5.45 0.25 -1.75
C GLU J 28 -5.82 -0.27 -0.36
N GLY J 29 -5.01 -1.19 0.15
CA GLY J 29 -5.20 -1.72 1.49
C GLY J 29 -6.45 -2.56 1.64
N GLU J 30 -6.88 -3.19 0.54
CA GLU J 30 -8.07 -4.02 0.56
C GLU J 30 -7.70 -5.50 0.53
N PHE J 31 -8.39 -6.31 1.34
CA PHE J 31 -8.08 -7.72 1.47
C PHE J 31 -8.97 -8.55 0.53
N VAL J 32 -8.40 -8.95 -0.60
CA VAL J 32 -9.15 -9.69 -1.62
C VAL J 32 -8.82 -11.18 -1.60
N VAL J 33 -9.84 -12.03 -1.71
CA VAL J 33 -9.66 -13.47 -1.71
C VAL J 33 -10.33 -14.15 -2.90
N PHE J 34 -9.55 -14.90 -3.67
CA PHE J 34 -10.08 -15.71 -4.77
C PHE J 34 -10.53 -17.06 -4.23
N VAL J 35 -11.71 -17.52 -4.65
CA VAL J 35 -12.22 -18.81 -4.19
C VAL J 35 -12.79 -19.62 -5.35
N GLY J 36 -12.84 -20.94 -5.18
CA GLY J 36 -13.40 -21.81 -6.18
C GLY J 36 -12.97 -23.26 -6.02
N PRO J 37 -13.56 -24.17 -6.80
CA PRO J 37 -13.24 -25.59 -6.82
C PRO J 37 -11.80 -25.86 -7.24
N SER J 38 -11.36 -27.11 -7.17
CA SER J 38 -10.00 -27.47 -7.53
C SER J 38 -9.76 -27.23 -9.01
N GLY J 39 -8.98 -26.19 -9.32
CA GLY J 39 -8.67 -25.86 -10.70
C GLY J 39 -9.79 -25.12 -11.39
N CYS J 40 -9.82 -23.80 -11.24
CA CYS J 40 -10.86 -23.00 -11.87
C CYS J 40 -10.43 -21.54 -12.06
N GLY J 41 -9.14 -21.32 -12.33
CA GLY J 41 -8.64 -19.98 -12.54
C GLY J 41 -7.93 -19.41 -11.33
N LYS J 42 -8.47 -19.70 -10.15
CA LYS J 42 -7.90 -19.22 -8.88
C LYS J 42 -6.39 -19.41 -8.78
N SER J 43 -5.90 -20.54 -9.28
CA SER J 43 -4.48 -20.85 -9.26
C SER J 43 -3.73 -19.98 -10.26
N THR J 44 -4.24 -19.88 -11.48
CA THR J 44 -3.57 -19.17 -12.56
C THR J 44 -3.70 -17.66 -12.45
N LEU J 45 -4.84 -17.18 -11.98
CA LEU J 45 -5.12 -15.75 -11.91
C LEU J 45 -4.09 -15.03 -11.04
N LEU J 46 -3.80 -15.60 -9.88
CA LEU J 46 -2.83 -15.00 -8.97
C LEU J 46 -1.44 -14.98 -9.59
N ARG J 47 -1.13 -16.02 -10.35
CA ARG J 47 0.18 -16.14 -10.99
C ARG J 47 0.36 -15.11 -12.11
N MET J 48 -0.75 -14.72 -12.73
CA MET J 48 -0.70 -13.72 -13.80
C MET J 48 -0.41 -12.33 -13.24
N ILE J 49 -0.91 -12.05 -12.04
CA ILE J 49 -0.67 -10.77 -11.39
C ILE J 49 0.79 -10.67 -10.95
N ALA J 50 1.33 -11.77 -10.44
CA ALA J 50 2.70 -11.82 -9.97
C ALA J 50 3.69 -11.76 -11.13
N GLY J 51 3.30 -12.30 -12.27
CA GLY J 51 4.15 -12.35 -13.44
C GLY J 51 4.67 -13.75 -13.70
N LEU J 52 4.29 -14.69 -12.84
CA LEU J 52 4.70 -16.08 -13.01
C LEU J 52 3.96 -16.71 -14.19
N GLU J 53 2.85 -16.10 -14.59
CA GLU J 53 2.09 -16.57 -15.74
C GLU J 53 1.87 -15.41 -16.71
N THR J 54 1.98 -15.71 -18.01
CA THR J 54 1.81 -14.69 -19.04
C THR J 54 0.35 -14.34 -19.30
N ILE J 55 0.11 -13.14 -19.80
CA ILE J 55 -1.24 -12.69 -20.13
C ILE J 55 -1.41 -12.72 -21.64
N THR J 56 -2.48 -13.36 -22.10
CA THR J 56 -2.73 -13.51 -23.53
C THR J 56 -3.17 -12.18 -24.14
N SER J 57 -4.17 -11.56 -23.53
CA SER J 57 -4.65 -10.26 -23.98
C SER J 57 -5.20 -9.45 -22.81
N GLY J 58 -5.36 -8.14 -23.03
CA GLY J 58 -5.84 -7.25 -22.00
C GLY J 58 -4.71 -6.48 -21.36
N ASP J 59 -4.95 -5.94 -20.17
CA ASP J 59 -3.96 -5.12 -19.49
C ASP J 59 -4.04 -5.27 -17.96
N LEU J 60 -2.91 -5.06 -17.30
CA LEU J 60 -2.83 -5.13 -15.85
C LEU J 60 -2.24 -3.85 -15.27
N PHE J 61 -3.01 -3.17 -14.43
CA PHE J 61 -2.58 -1.90 -13.85
C PHE J 61 -2.34 -2.02 -12.35
N ILE J 62 -1.08 -2.26 -11.97
CA ILE J 62 -0.70 -2.27 -10.56
C ILE J 62 -0.14 -0.90 -10.18
N GLY J 63 -0.99 -0.05 -9.63
CA GLY J 63 -0.58 1.30 -9.29
C GLY J 63 -0.46 2.17 -10.51
N GLU J 64 -1.45 2.07 -11.40
CA GLU J 64 -1.49 2.85 -12.63
C GLU J 64 -0.25 2.66 -13.50
N LYS J 65 -0.04 1.43 -13.96
CA LYS J 65 1.08 1.10 -14.84
C LYS J 65 0.90 -0.28 -15.46
N ARG J 66 1.15 -0.38 -16.76
CA ARG J 66 1.02 -1.65 -17.46
C ARG J 66 2.16 -2.58 -17.05
N MET J 67 1.82 -3.74 -16.51
CA MET J 67 2.82 -4.67 -16.00
C MET J 67 2.83 -5.98 -16.76
N ASN J 68 2.17 -6.01 -17.91
CA ASN J 68 2.09 -7.22 -18.72
C ASN J 68 3.46 -7.69 -19.19
N ASP J 69 4.26 -6.76 -19.68
CA ASP J 69 5.60 -7.06 -20.16
C ASP J 69 6.64 -6.91 -19.05
N THR J 70 6.19 -6.41 -17.90
CA THR J 70 7.07 -6.19 -16.76
C THR J 70 7.41 -7.50 -16.05
N PRO J 71 8.71 -7.72 -15.80
CA PRO J 71 9.18 -8.92 -15.09
C PRO J 71 8.66 -8.94 -13.65
N PRO J 72 8.52 -10.14 -13.06
CA PRO J 72 7.94 -10.33 -11.73
C PRO J 72 8.67 -9.52 -10.65
N ALA J 73 9.98 -9.46 -10.75
CA ALA J 73 10.81 -8.78 -9.75
C ALA J 73 10.54 -7.28 -9.66
N GLU J 74 10.39 -6.66 -10.83
CA GLU J 74 10.26 -5.22 -10.91
C GLU J 74 8.81 -4.75 -10.79
N ARG J 75 7.93 -5.66 -10.38
CA ARG J 75 6.52 -5.34 -10.16
C ARG J 75 6.29 -4.84 -8.74
N GLY J 76 7.23 -5.13 -7.85
CA GLY J 76 7.14 -4.73 -6.46
C GLY J 76 6.05 -5.48 -5.74
N VAL J 77 6.12 -6.81 -5.80
CA VAL J 77 5.11 -7.66 -5.19
C VAL J 77 5.71 -9.00 -4.72
N GLY J 78 5.35 -9.40 -3.50
CA GLY J 78 5.84 -10.64 -2.93
C GLY J 78 4.81 -11.75 -3.02
N MET J 79 5.24 -12.98 -2.76
CA MET J 79 4.36 -14.13 -2.87
C MET J 79 4.81 -15.30 -1.99
N VAL J 80 3.83 -16.02 -1.43
CA VAL J 80 4.10 -17.25 -0.69
C VAL J 80 3.36 -18.43 -1.32
N PHE J 81 4.12 -19.45 -1.72
CA PHE J 81 3.57 -20.60 -2.45
C PHE J 81 2.97 -21.64 -1.51
N GLN J 82 2.29 -22.62 -2.09
CA GLN J 82 1.67 -23.69 -1.33
C GLN J 82 2.73 -24.58 -0.68
N SER J 83 3.79 -24.87 -1.44
CA SER J 83 4.88 -25.68 -0.93
C SER J 83 5.89 -24.81 -0.18
N TYR J 84 5.52 -23.54 0.00
CA TYR J 84 6.33 -22.56 0.72
C TYR J 84 7.60 -22.14 -0.04
N ALA J 85 8.05 -23.02 -0.94
CA ALA J 85 9.21 -22.77 -1.79
C ALA J 85 10.45 -22.44 -0.97
N LEU J 86 10.67 -23.21 0.10
CA LEU J 86 11.85 -23.03 0.93
C LEU J 86 13.04 -23.77 0.32
N TYR J 87 14.20 -23.15 0.36
CA TYR J 87 15.42 -23.75 -0.17
C TYR J 87 16.07 -24.63 0.91
N PRO J 88 16.14 -25.93 0.65
CA PRO J 88 16.66 -26.93 1.60
C PRO J 88 18.13 -26.69 1.95
N HIS J 89 18.89 -26.13 1.01
CA HIS J 89 20.33 -25.96 1.19
C HIS J 89 20.71 -24.62 1.81
N LEU J 90 19.74 -23.91 2.37
CA LEU J 90 20.00 -22.67 3.09
C LEU J 90 19.32 -22.68 4.45
N SER J 91 19.83 -21.85 5.36
CA SER J 91 19.27 -21.75 6.70
C SER J 91 17.99 -20.94 6.69
N VAL J 92 17.33 -20.87 7.85
CA VAL J 92 16.08 -20.11 7.99
C VAL J 92 16.31 -18.62 7.78
N ALA J 93 17.40 -18.12 8.37
CA ALA J 93 17.75 -16.71 8.24
C ALA J 93 18.07 -16.36 6.79
N GLU J 94 18.71 -17.27 6.09
CA GLU J 94 19.07 -17.06 4.69
C GLU J 94 17.86 -17.13 3.76
N ASN J 95 16.92 -18.01 4.06
CA ASN J 95 15.72 -18.17 3.24
C ASN J 95 14.86 -16.91 3.21
N MET J 96 14.78 -16.21 4.35
CA MET J 96 14.02 -14.98 4.43
C MET J 96 14.79 -13.84 3.77
N SER J 97 16.11 -13.93 3.80
CA SER J 97 16.97 -12.86 3.30
C SER J 97 17.60 -13.18 1.95
N PHE J 98 17.15 -14.25 1.31
CA PHE J 98 17.71 -14.66 0.02
C PHE J 98 17.45 -13.60 -1.05
N GLY J 99 16.37 -12.85 -0.88
CA GLY J 99 16.02 -11.79 -1.80
C GLY J 99 17.02 -10.64 -1.77
N LEU J 100 17.38 -10.23 -0.56
CA LEU J 100 18.31 -9.13 -0.38
C LEU J 100 19.76 -9.54 -0.56
N LYS J 101 20.04 -10.82 -0.32
CA LYS J 101 21.41 -11.33 -0.41
C LYS J 101 21.93 -11.20 -1.83
N LEU J 102 21.05 -11.40 -2.81
CA LEU J 102 21.41 -11.24 -4.21
C LEU J 102 20.92 -9.88 -4.69
N ALA J 103 21.50 -9.41 -5.80
CA ALA J 103 21.16 -8.11 -6.38
C ALA J 103 21.21 -6.98 -5.35
N GLY J 104 22.41 -6.49 -5.06
CA GLY J 104 22.59 -5.46 -4.06
C GLY J 104 22.48 -6.02 -2.66
N ALA J 105 23.63 -6.37 -2.08
CA ALA J 105 23.64 -6.99 -0.75
C ALA J 105 24.14 -6.02 0.32
N LYS J 106 23.51 -6.10 1.49
CA LYS J 106 23.93 -5.32 2.65
C LYS J 106 23.90 -6.22 3.88
N LYS J 107 25.06 -6.74 4.25
CA LYS J 107 25.17 -7.70 5.35
C LYS J 107 24.62 -7.19 6.68
N GLU J 108 24.89 -5.93 6.99
CA GLU J 108 24.44 -5.34 8.24
C GLU J 108 22.93 -5.10 8.24
N VAL J 109 22.40 -4.71 7.09
CA VAL J 109 20.97 -4.43 6.95
C VAL J 109 20.17 -5.72 6.92
N ILE J 110 20.70 -6.73 6.23
CA ILE J 110 20.06 -8.03 6.13
C ILE J 110 19.82 -8.64 7.51
N ASN J 111 20.87 -8.73 8.32
CA ASN J 111 20.76 -9.27 9.67
C ASN J 111 19.83 -8.46 10.55
N GLN J 112 19.71 -7.17 10.24
CA GLN J 112 18.83 -6.28 10.99
C GLN J 112 17.38 -6.51 10.58
N ARG J 113 17.14 -6.57 9.27
CA ARG J 113 15.79 -6.78 8.75
C ARG J 113 15.24 -8.14 9.13
N VAL J 114 16.09 -9.17 9.08
CA VAL J 114 15.69 -10.52 9.42
C VAL J 114 15.24 -10.60 10.87
N ASN J 115 16.00 -10.00 11.78
CA ASN J 115 15.67 -10.00 13.19
C ASN J 115 14.36 -9.28 13.47
N GLN J 116 14.15 -8.15 12.82
CA GLN J 116 12.93 -7.37 12.97
C GLN J 116 11.68 -8.19 12.62
N VAL J 117 11.80 -9.02 11.60
CA VAL J 117 10.69 -9.87 11.16
C VAL J 117 10.60 -11.11 12.03
N ALA J 118 11.74 -11.68 12.37
CA ALA J 118 11.80 -12.87 13.22
C ALA J 118 11.32 -12.54 14.64
N GLU J 119 11.40 -11.27 15.00
CA GLU J 119 10.95 -10.80 16.31
C GLU J 119 9.45 -10.97 16.50
N VAL J 120 8.68 -10.44 15.55
CA VAL J 120 7.23 -10.48 15.63
C VAL J 120 6.66 -11.87 15.30
N LEU J 121 7.41 -12.63 14.51
CA LEU J 121 6.96 -13.97 14.12
C LEU J 121 7.54 -15.06 15.03
N GLN J 122 8.32 -14.65 16.01
CA GLN J 122 8.94 -15.58 16.96
C GLN J 122 9.79 -16.63 16.25
N LEU J 123 10.73 -16.18 15.43
CA LEU J 123 11.58 -17.08 14.66
C LEU J 123 13.06 -16.82 14.91
N ALA J 124 13.35 -15.98 15.90
CA ALA J 124 14.71 -15.60 16.21
C ALA J 124 15.53 -16.74 16.82
N HIS J 125 14.85 -17.66 17.49
CA HIS J 125 15.52 -18.77 18.16
C HIS J 125 15.96 -19.89 17.21
N LEU J 126 15.38 -19.92 16.02
CA LEU J 126 15.72 -20.94 15.03
C LEU J 126 16.19 -20.33 13.71
N LEU J 127 17.00 -19.28 13.80
CA LEU J 127 17.52 -18.63 12.61
C LEU J 127 18.56 -19.50 11.91
N ASP J 128 19.41 -20.15 12.69
CA ASP J 128 20.44 -21.03 12.15
C ASP J 128 19.95 -22.47 12.12
N ARG J 129 18.85 -22.71 11.39
CA ARG J 129 18.28 -24.05 11.28
C ARG J 129 18.01 -24.41 9.82
N LYS J 130 17.94 -25.70 9.54
CA LYS J 130 17.60 -26.19 8.21
C LYS J 130 16.11 -26.48 8.16
N PRO J 131 15.44 -26.07 7.06
CA PRO J 131 13.99 -26.22 6.86
C PRO J 131 13.47 -27.63 7.12
N LYS J 132 14.32 -28.64 6.96
CA LYS J 132 13.91 -30.03 7.16
C LYS J 132 13.79 -30.38 8.64
N ALA J 133 14.34 -29.52 9.50
CA ALA J 133 14.30 -29.75 10.94
C ALA J 133 13.10 -29.06 11.60
N LEU J 134 12.33 -28.33 10.80
CA LEU J 134 11.17 -27.61 11.32
C LEU J 134 9.86 -28.39 11.14
N SER J 135 8.86 -28.03 11.94
CA SER J 135 7.56 -28.65 11.86
C SER J 135 6.73 -27.99 10.76
N GLY J 136 5.55 -28.56 10.50
CA GLY J 136 4.67 -28.04 9.47
C GLY J 136 4.24 -26.61 9.73
N GLY J 137 3.96 -26.30 10.99
CA GLY J 137 3.56 -24.96 11.37
C GLY J 137 4.69 -23.96 11.32
N GLN J 138 5.89 -24.39 11.71
CA GLN J 138 7.06 -23.53 11.71
C GLN J 138 7.51 -23.17 10.29
N ARG J 139 7.43 -24.14 9.39
CA ARG J 139 7.85 -23.94 8.01
C ARG J 139 7.05 -22.87 7.28
N GLN J 140 5.78 -22.72 7.66
CA GLN J 140 4.92 -21.70 7.07
C GLN J 140 5.35 -20.29 7.45
N ARG J 141 5.72 -20.12 8.72
CA ARG J 141 6.09 -18.80 9.24
C ARG J 141 7.34 -18.26 8.54
N VAL J 142 8.20 -19.17 8.09
CA VAL J 142 9.41 -18.78 7.38
C VAL J 142 9.05 -18.24 6.00
N ALA J 143 8.10 -18.89 5.35
CA ALA J 143 7.66 -18.47 4.02
C ALA J 143 7.02 -17.08 4.07
N ILE J 144 6.08 -16.88 4.98
CA ILE J 144 5.41 -15.60 5.15
C ILE J 144 6.43 -14.52 5.54
N GLY J 145 7.38 -14.90 6.39
CA GLY J 145 8.41 -13.98 6.83
C GLY J 145 9.26 -13.45 5.69
N ARG J 146 9.48 -14.31 4.68
CA ARG J 146 10.29 -13.94 3.52
C ARG J 146 9.77 -12.68 2.84
N THR J 147 8.48 -12.68 2.55
CA THR J 147 7.85 -11.55 1.89
C THR J 147 7.84 -10.35 2.83
N LEU J 148 7.67 -10.62 4.12
CA LEU J 148 7.63 -9.57 5.14
C LEU J 148 8.97 -8.85 5.24
N VAL J 149 10.05 -9.54 4.92
CA VAL J 149 11.38 -8.94 4.93
C VAL J 149 11.53 -7.95 3.77
N ALA J 150 11.14 -8.39 2.58
CA ALA J 150 11.25 -7.57 1.38
C ALA J 150 10.35 -6.34 1.45
N GLU J 151 9.25 -6.48 2.18
CA GLU J 151 8.27 -5.40 2.35
C GLU J 151 7.77 -4.89 1.00
N PRO J 152 6.99 -5.71 0.28
CA PRO J 152 6.53 -5.35 -1.05
C PRO J 152 5.25 -4.52 -1.02
N SER J 153 4.82 -4.06 -2.19
CA SER J 153 3.63 -3.23 -2.30
C SER J 153 2.38 -4.08 -2.13
N VAL J 154 2.39 -5.28 -2.70
CA VAL J 154 1.25 -6.18 -2.64
C VAL J 154 1.68 -7.56 -2.11
N PHE J 155 0.83 -8.18 -1.30
CA PHE J 155 1.08 -9.54 -0.83
C PHE J 155 0.20 -10.53 -1.56
N LEU J 156 0.80 -11.62 -2.05
CA LEU J 156 0.05 -12.66 -2.75
C LEU J 156 0.17 -14.00 -2.03
N LEU J 157 -0.89 -14.41 -1.34
CA LEU J 157 -0.89 -15.66 -0.61
C LEU J 157 -1.62 -16.76 -1.39
N ASP J 158 -0.87 -17.74 -1.88
CA ASP J 158 -1.42 -18.83 -2.66
C ASP J 158 -1.63 -20.06 -1.79
N GLU J 159 -2.75 -20.07 -1.06
CA GLU J 159 -3.13 -21.17 -0.19
C GLU J 159 -2.06 -21.53 0.84
N PRO J 160 -1.82 -20.62 1.81
CA PRO J 160 -0.80 -20.90 2.81
C PRO J 160 -1.30 -21.89 3.87
N LEU J 161 -2.59 -21.82 4.19
CA LEU J 161 -3.18 -22.69 5.20
C LEU J 161 -3.67 -23.98 4.55
N SER J 162 -2.82 -24.62 3.75
CA SER J 162 -3.21 -25.85 3.07
C SER J 162 -2.29 -27.01 3.45
N ASN J 163 -1.21 -26.70 4.15
CA ASN J 163 -0.25 -27.72 4.56
C ASN J 163 -0.38 -28.03 6.05
N LEU J 164 -1.16 -27.21 6.75
CA LEU J 164 -1.32 -27.35 8.19
C LEU J 164 -2.42 -28.36 8.53
N ASP J 165 -2.50 -28.68 9.82
CA ASP J 165 -3.52 -29.61 10.31
C ASP J 165 -4.89 -28.93 10.35
N ALA J 166 -5.92 -29.68 10.70
CA ALA J 166 -7.28 -29.17 10.72
C ALA J 166 -7.46 -28.03 11.72
N ALA J 167 -7.21 -28.31 13.00
CA ALA J 167 -7.39 -27.33 14.06
C ALA J 167 -6.38 -26.19 13.94
N LEU J 168 -5.20 -26.49 13.43
CA LEU J 168 -4.15 -25.49 13.28
C LEU J 168 -4.53 -24.48 12.19
N ARG J 169 -5.18 -24.98 11.15
CA ARG J 169 -5.62 -24.15 10.04
C ARG J 169 -6.65 -23.12 10.51
N VAL J 170 -7.57 -23.58 11.34
CA VAL J 170 -8.64 -22.74 11.85
C VAL J 170 -8.09 -21.64 12.77
N GLN J 171 -7.15 -22.00 13.62
CA GLN J 171 -6.63 -21.07 14.61
C GLN J 171 -5.68 -20.04 13.99
N MET J 172 -4.92 -20.46 12.98
CA MET J 172 -3.98 -19.58 12.30
C MET J 172 -4.68 -18.64 11.33
N ARG J 173 -5.97 -18.87 11.13
CA ARG J 173 -6.76 -18.05 10.21
C ARG J 173 -6.95 -16.65 10.76
N ILE J 174 -6.92 -16.54 12.09
CA ILE J 174 -7.07 -15.25 12.75
C ILE J 174 -5.77 -14.46 12.64
N GLU J 175 -4.66 -15.19 12.65
CA GLU J 175 -3.33 -14.59 12.57
C GLU J 175 -3.16 -13.80 11.27
N ILE J 176 -3.73 -14.30 10.18
CA ILE J 176 -3.67 -13.63 8.89
C ILE J 176 -4.45 -12.32 8.96
N SER J 177 -5.59 -12.35 9.65
CA SER J 177 -6.40 -11.16 9.85
C SER J 177 -5.61 -10.11 10.62
N ARG J 178 -4.91 -10.55 11.65
CA ARG J 178 -4.10 -9.66 12.47
C ARG J 178 -2.92 -9.12 11.68
N LEU J 179 -2.43 -9.92 10.73
CA LEU J 179 -1.31 -9.51 9.89
C LEU J 179 -1.70 -8.40 8.92
N HIS J 180 -2.94 -8.43 8.45
CA HIS J 180 -3.40 -7.47 7.44
C HIS J 180 -3.58 -6.07 7.99
N LYS J 181 -4.51 -5.92 8.93
CA LYS J 181 -4.88 -4.60 9.45
C LYS J 181 -3.72 -3.90 10.17
N ARG J 182 -2.82 -4.69 10.76
CA ARG J 182 -1.66 -4.14 11.44
C ARG J 182 -0.63 -3.59 10.45
N LEU J 183 -0.37 -4.38 9.41
CA LEU J 183 0.57 -3.98 8.36
C LEU J 183 -0.07 -2.95 7.44
N GLY J 184 -1.26 -3.25 6.95
CA GLY J 184 -2.00 -2.32 6.12
C GLY J 184 -1.53 -2.16 4.69
N ARG J 185 -1.80 -3.17 3.86
CA ARG J 185 -1.46 -3.13 2.45
C ARG J 185 -2.29 -4.15 1.69
N THR J 186 -2.36 -4.01 0.37
CA THR J 186 -3.17 -4.89 -0.46
C THR J 186 -2.68 -6.32 -0.35
N MET J 187 -3.63 -7.24 -0.13
CA MET J 187 -3.30 -8.66 -0.02
C MET J 187 -4.29 -9.50 -0.82
N ILE J 188 -3.77 -10.37 -1.68
CA ILE J 188 -4.61 -11.24 -2.47
C ILE J 188 -4.47 -12.70 -2.02
N TYR J 189 -5.36 -13.10 -1.12
CA TYR J 189 -5.36 -14.45 -0.57
C TYR J 189 -6.09 -15.39 -1.52
N VAL J 190 -5.73 -16.67 -1.50
CA VAL J 190 -6.38 -17.66 -2.36
C VAL J 190 -6.67 -18.92 -1.57
N THR J 191 -7.88 -19.46 -1.71
CA THR J 191 -8.27 -20.67 -1.01
C THR J 191 -9.44 -21.38 -1.71
N HIS J 192 -9.60 -22.66 -1.41
CA HIS J 192 -10.68 -23.45 -1.99
C HIS J 192 -11.83 -23.66 -1.01
N ASP J 193 -11.55 -23.44 0.28
CA ASP J 193 -12.57 -23.59 1.30
C ASP J 193 -13.36 -22.29 1.43
N GLN J 194 -14.67 -22.38 1.29
CA GLN J 194 -15.54 -21.20 1.29
C GLN J 194 -15.58 -20.50 2.64
N VAL J 195 -15.37 -21.26 3.72
CA VAL J 195 -15.39 -20.68 5.06
C VAL J 195 -14.18 -19.77 5.23
N GLU J 196 -13.06 -20.18 4.65
CA GLU J 196 -11.80 -19.46 4.77
C GLU J 196 -11.89 -18.06 4.16
N ALA J 197 -12.67 -17.92 3.10
CA ALA J 197 -12.82 -16.64 2.41
C ALA J 197 -13.73 -15.69 3.17
N MET J 198 -14.86 -16.22 3.64
CA MET J 198 -15.87 -15.42 4.32
C MET J 198 -15.33 -14.77 5.58
N THR J 199 -14.47 -15.50 6.29
CA THR J 199 -13.93 -15.04 7.56
C THR J 199 -12.79 -14.04 7.38
N LEU J 200 -12.17 -14.04 6.21
CA LEU J 200 -10.99 -13.22 5.97
C LEU J 200 -11.25 -12.01 5.08
N ALA J 201 -11.84 -12.26 3.92
CA ALA J 201 -11.90 -11.26 2.84
C ALA J 201 -12.74 -10.03 3.14
N ASP J 202 -12.34 -8.92 2.53
CA ASP J 202 -13.16 -7.72 2.47
C ASP J 202 -13.92 -7.74 1.16
N LYS J 203 -13.32 -8.36 0.15
CA LYS J 203 -13.91 -8.49 -1.18
C LYS J 203 -13.63 -9.87 -1.75
N ILE J 204 -14.68 -10.69 -1.88
CA ILE J 204 -14.54 -12.05 -2.38
C ILE J 204 -14.76 -12.13 -3.88
N VAL J 205 -13.93 -12.92 -4.56
CA VAL J 205 -14.11 -13.17 -5.99
C VAL J 205 -14.30 -14.66 -6.24
N VAL J 206 -15.54 -15.08 -6.45
CA VAL J 206 -15.86 -16.48 -6.69
C VAL J 206 -15.62 -16.86 -8.15
N LEU J 207 -14.78 -17.86 -8.38
CA LEU J 207 -14.44 -18.29 -9.73
C LEU J 207 -15.05 -19.64 -10.09
N ASP J 208 -15.44 -19.79 -11.34
CA ASP J 208 -16.03 -21.04 -11.83
C ASP J 208 -15.50 -21.37 -13.23
N ALA J 209 -14.64 -22.38 -13.31
CA ALA J 209 -14.02 -22.78 -14.57
C ALA J 209 -13.31 -21.62 -15.26
N GLY J 210 -12.69 -20.75 -14.46
CA GLY J 210 -11.99 -19.60 -15.00
C GLY J 210 -12.83 -18.33 -15.00
N ARG J 211 -14.09 -18.46 -15.41
CA ARG J 211 -15.01 -17.32 -15.45
C ARG J 211 -15.27 -16.75 -14.05
N VAL J 212 -15.26 -15.43 -13.95
CA VAL J 212 -15.63 -14.77 -12.70
C VAL J 212 -17.13 -14.86 -12.50
N ALA J 213 -17.56 -15.55 -11.45
CA ALA J 213 -18.98 -15.70 -11.16
C ALA J 213 -19.58 -14.44 -10.55
N GLN J 214 -18.94 -13.93 -9.50
CA GLN J 214 -19.41 -12.73 -8.81
C GLN J 214 -18.30 -12.10 -7.97
N VAL J 215 -18.37 -10.79 -7.80
CA VAL J 215 -17.43 -10.06 -6.96
C VAL J 215 -18.19 -9.13 -6.03
N GLY J 216 -17.86 -9.15 -4.75
CA GLY J 216 -18.50 -8.28 -3.79
C GLY J 216 -18.19 -8.60 -2.33
N LYS J 217 -18.88 -7.92 -1.43
CA LYS J 217 -18.71 -8.11 0.01
C LYS J 217 -19.18 -9.52 0.41
N PRO J 218 -18.63 -10.06 1.51
CA PRO J 218 -18.97 -11.43 1.94
C PRO J 218 -20.46 -11.66 2.14
N LEU J 219 -21.18 -10.66 2.64
CA LEU J 219 -22.61 -10.79 2.86
C LEU J 219 -23.38 -10.81 1.55
N GLU J 220 -22.81 -10.16 0.54
CA GLU J 220 -23.45 -10.08 -0.78
C GLU J 220 -23.49 -11.46 -1.44
N LEU J 221 -22.43 -12.25 -1.25
CA LEU J 221 -22.39 -13.58 -1.83
C LEU J 221 -23.39 -14.49 -1.14
N TYR J 222 -23.59 -14.26 0.16
CA TYR J 222 -24.51 -15.05 0.96
C TYR J 222 -25.97 -14.69 0.71
N HIS J 223 -26.25 -13.38 0.65
CA HIS J 223 -27.63 -12.91 0.50
C HIS J 223 -28.06 -12.77 -0.96
N TYR J 224 -27.19 -12.23 -1.79
CA TYR J 224 -27.54 -11.97 -3.18
C TYR J 224 -26.56 -12.62 -4.15
N PRO J 225 -26.71 -13.94 -4.38
CA PRO J 225 -25.83 -14.65 -5.30
C PRO J 225 -26.09 -14.24 -6.76
N ALA J 226 -25.10 -14.46 -7.62
CA ALA J 226 -25.24 -14.13 -9.03
C ALA J 226 -25.84 -15.29 -9.82
N ASP J 227 -25.49 -16.51 -9.41
CA ASP J 227 -25.99 -17.69 -10.09
C ASP J 227 -26.08 -18.89 -9.16
N ARG J 228 -26.55 -20.01 -9.68
CA ARG J 228 -26.74 -21.24 -8.90
C ARG J 228 -25.42 -21.78 -8.35
N PHE J 229 -24.31 -21.39 -8.98
CA PHE J 229 -23.00 -21.84 -8.55
C PHE J 229 -22.60 -21.22 -7.23
N VAL J 230 -22.64 -19.89 -7.17
CA VAL J 230 -22.24 -19.16 -5.98
C VAL J 230 -23.15 -19.50 -4.80
N ALA J 231 -24.44 -19.59 -5.09
CA ALA J 231 -25.43 -19.91 -4.06
C ALA J 231 -25.19 -21.29 -3.45
N GLY J 232 -24.80 -22.24 -4.28
CA GLY J 232 -24.52 -23.59 -3.83
C GLY J 232 -23.15 -23.72 -3.18
N PHE J 233 -22.22 -22.86 -3.60
CA PHE J 233 -20.84 -22.92 -3.12
C PHE J 233 -20.69 -22.31 -1.73
N ILE J 234 -21.35 -21.17 -1.51
CA ILE J 234 -21.24 -20.44 -0.24
C ILE J 234 -22.28 -20.90 0.78
N GLY J 235 -21.87 -20.97 2.05
CA GLY J 235 -22.76 -21.41 3.12
C GLY J 235 -22.27 -22.70 3.75
N SER J 236 -22.53 -22.85 5.05
CA SER J 236 -22.07 -24.04 5.76
C SER J 236 -22.77 -25.31 5.24
N PRO J 237 -24.11 -25.31 5.18
CA PRO J 237 -24.71 -26.41 4.41
C PRO J 237 -25.05 -25.94 3.00
N LYS J 238 -25.29 -26.87 2.09
CA LYS J 238 -25.63 -26.49 0.72
C LYS J 238 -27.08 -26.03 0.65
N MET J 239 -27.34 -25.03 -0.17
CA MET J 239 -28.70 -24.49 -0.33
C MET J 239 -29.61 -25.50 -1.01
N ASN J 240 -30.87 -25.53 -0.58
CA ASN J 240 -31.87 -26.43 -1.14
C ASN J 240 -32.40 -25.97 -2.50
N PHE J 241 -32.31 -26.84 -3.50
CA PHE J 241 -32.79 -26.51 -4.84
C PHE J 241 -34.18 -27.10 -5.10
N LEU J 242 -35.08 -26.26 -5.59
CA LEU J 242 -36.44 -26.69 -5.93
C LEU J 242 -36.77 -26.35 -7.38
N PRO J 243 -36.99 -27.39 -8.22
CA PRO J 243 -37.31 -27.21 -9.64
C PRO J 243 -38.74 -26.72 -9.82
N VAL J 244 -38.96 -25.43 -9.65
CA VAL J 244 -40.29 -24.86 -9.80
C VAL J 244 -40.60 -24.59 -11.27
N LYS J 245 -41.83 -24.14 -11.54
CA LYS J 245 -42.23 -23.74 -12.87
C LYS J 245 -42.96 -22.41 -12.81
N VAL J 246 -42.60 -21.49 -13.70
CA VAL J 246 -43.16 -20.15 -13.68
C VAL J 246 -44.57 -20.14 -14.24
N THR J 247 -45.49 -19.52 -13.51
CA THR J 247 -46.88 -19.42 -13.95
C THR J 247 -47.18 -18.02 -14.44
N ALA J 248 -46.74 -17.02 -13.69
CA ALA J 248 -46.98 -15.63 -14.07
C ALA J 248 -45.92 -14.68 -13.50
N THR J 249 -45.70 -13.59 -14.22
CA THR J 249 -44.77 -12.56 -13.76
C THR J 249 -45.47 -11.22 -13.63
N ALA J 250 -44.75 -10.22 -13.11
CA ALA J 250 -45.30 -8.89 -12.93
C ALA J 250 -44.20 -7.84 -13.03
N ILE J 251 -44.51 -6.62 -12.60
CA ILE J 251 -43.55 -5.52 -12.63
C ILE J 251 -42.29 -5.83 -11.83
N ASP J 252 -42.46 -6.43 -10.65
CA ASP J 252 -41.33 -6.76 -9.78
C ASP J 252 -41.62 -7.92 -8.84
N GLN J 253 -42.20 -8.99 -9.38
CA GLN J 253 -42.47 -10.19 -8.61
C GLN J 253 -42.79 -11.38 -9.54
N VAL J 254 -42.29 -12.56 -9.17
CA VAL J 254 -42.47 -13.75 -9.99
C VAL J 254 -43.23 -14.85 -9.25
N GLN J 255 -44.30 -15.34 -9.88
CA GLN J 255 -45.05 -16.46 -9.33
C GLN J 255 -44.52 -17.79 -9.87
N VAL J 256 -44.31 -18.76 -8.97
CA VAL J 256 -43.79 -20.06 -9.38
C VAL J 256 -44.66 -21.19 -8.82
N GLU J 257 -44.66 -22.32 -9.53
CA GLU J 257 -45.42 -23.50 -9.11
C GLU J 257 -44.47 -24.60 -8.66
N LEU J 258 -44.70 -25.12 -7.46
CA LEU J 258 -43.89 -26.21 -6.94
C LEU J 258 -44.11 -27.48 -7.76
N PRO J 259 -43.07 -28.32 -7.89
CA PRO J 259 -43.17 -29.53 -8.71
C PRO J 259 -43.89 -30.67 -7.99
N MET J 260 -44.47 -30.36 -6.83
CA MET J 260 -45.18 -31.36 -6.04
C MET J 260 -46.52 -31.68 -6.66
N PRO J 261 -47.03 -32.89 -6.41
CA PRO J 261 -48.42 -33.22 -6.74
C PRO J 261 -49.33 -32.16 -6.12
N ASN J 262 -48.90 -31.63 -4.97
CA ASN J 262 -49.54 -30.49 -4.34
C ASN J 262 -49.04 -29.21 -5.00
N ARG J 263 -49.31 -29.10 -6.29
CA ARG J 263 -48.85 -28.00 -7.13
C ARG J 263 -49.28 -26.61 -6.64
N GLN J 264 -48.73 -26.19 -5.51
CA GLN J 264 -49.06 -24.89 -4.92
C GLN J 264 -48.27 -23.77 -5.60
N GLN J 265 -48.86 -22.58 -5.63
CA GLN J 265 -48.24 -21.42 -6.26
C GLN J 265 -47.87 -20.37 -5.20
N VAL J 266 -46.75 -19.68 -5.42
CA VAL J 266 -46.29 -18.67 -4.45
C VAL J 266 -45.59 -17.49 -5.15
N TRP J 267 -45.89 -16.29 -4.68
CA TRP J 267 -45.33 -15.07 -5.25
C TRP J 267 -43.99 -14.71 -4.61
N LEU J 268 -42.92 -14.79 -5.40
CA LEU J 268 -41.58 -14.46 -4.93
C LEU J 268 -41.25 -13.00 -5.24
N PRO J 269 -41.01 -12.20 -4.19
CA PRO J 269 -40.60 -10.81 -4.37
C PRO J 269 -39.19 -10.73 -4.92
N VAL J 270 -39.06 -10.81 -6.25
CA VAL J 270 -37.76 -10.81 -6.88
C VAL J 270 -37.84 -10.12 -8.25
N GLU J 271 -36.70 -9.62 -8.73
CA GLU J 271 -36.64 -8.92 -10.01
C GLU J 271 -37.19 -9.78 -11.14
N SER J 272 -38.23 -9.26 -11.80
CA SER J 272 -38.95 -10.02 -12.82
C SER J 272 -38.49 -9.66 -14.23
N ARG J 273 -37.27 -9.17 -14.36
CA ARG J 273 -36.73 -8.83 -15.66
C ARG J 273 -36.11 -10.08 -16.31
N ASP J 274 -36.37 -10.24 -17.60
CA ASP J 274 -35.86 -11.35 -18.39
C ASP J 274 -36.28 -12.71 -17.83
N VAL J 275 -37.58 -12.91 -17.66
CA VAL J 275 -38.11 -14.20 -17.24
C VAL J 275 -39.36 -14.60 -18.02
N GLN J 276 -39.31 -15.74 -18.69
CA GLN J 276 -40.44 -16.25 -19.47
C GLN J 276 -41.26 -17.23 -18.64
N VAL J 277 -42.59 -17.11 -18.71
CA VAL J 277 -43.46 -18.03 -17.97
C VAL J 277 -43.50 -19.39 -18.65
N GLY J 278 -43.55 -20.45 -17.85
CA GLY J 278 -43.57 -21.80 -18.37
C GLY J 278 -42.17 -22.40 -18.38
N ALA J 279 -41.17 -21.54 -18.24
CA ALA J 279 -39.78 -21.96 -18.20
C ALA J 279 -39.49 -22.60 -16.85
N ASN J 280 -38.82 -23.74 -16.85
CA ASN J 280 -38.49 -24.42 -15.61
C ASN J 280 -37.26 -23.82 -14.94
N MET J 281 -37.50 -22.99 -13.93
CA MET J 281 -36.43 -22.34 -13.19
C MET J 281 -36.26 -23.00 -11.83
N SER J 282 -35.19 -22.63 -11.13
CA SER J 282 -34.87 -23.24 -9.85
C SER J 282 -35.15 -22.31 -8.67
N LEU J 283 -35.77 -22.85 -7.63
CA LEU J 283 -36.04 -22.09 -6.42
C LEU J 283 -35.04 -22.48 -5.34
N GLY J 284 -34.38 -21.48 -4.76
CA GLY J 284 -33.39 -21.73 -3.74
C GLY J 284 -33.79 -21.26 -2.36
N ILE J 285 -33.50 -22.07 -1.35
CA ILE J 285 -33.79 -21.71 0.03
C ILE J 285 -32.76 -22.35 0.98
N ARG J 286 -32.13 -21.52 1.79
CA ARG J 286 -31.10 -21.98 2.72
C ARG J 286 -31.74 -22.70 3.91
N PRO J 287 -31.08 -23.76 4.40
CA PRO J 287 -31.58 -24.54 5.54
C PRO J 287 -31.78 -23.69 6.79
N GLU J 288 -30.92 -22.70 6.99
CA GLU J 288 -30.99 -21.84 8.16
C GLU J 288 -32.15 -20.84 8.07
N HIS J 289 -32.69 -20.67 6.87
CA HIS J 289 -33.74 -19.67 6.64
C HIS J 289 -35.14 -20.25 6.71
N LEU J 290 -35.25 -21.57 6.70
CA LEU J 290 -36.55 -22.22 6.83
C LEU J 290 -37.13 -21.97 8.22
N LEU J 291 -38.40 -21.56 8.27
CA LEU J 291 -39.07 -21.29 9.52
C LEU J 291 -39.93 -22.48 9.91
N PRO J 292 -40.18 -22.65 11.21
CA PRO J 292 -41.10 -23.70 11.68
C PRO J 292 -42.50 -23.49 11.11
N SER J 293 -43.24 -24.58 10.94
CA SER J 293 -44.55 -24.57 10.28
C SER J 293 -45.56 -23.62 10.92
N ASP J 294 -45.54 -23.55 12.25
CA ASP J 294 -46.53 -22.75 12.99
C ASP J 294 -46.56 -21.29 12.57
N ILE J 295 -45.39 -20.73 12.26
CA ILE J 295 -45.28 -19.32 11.93
C ILE J 295 -45.71 -19.00 10.50
N ALA J 296 -45.01 -19.57 9.53
CA ALA J 296 -45.22 -19.26 8.12
C ALA J 296 -46.55 -19.79 7.59
N ASP J 297 -46.89 -19.40 6.37
CA ASP J 297 -48.14 -19.81 5.74
C ASP J 297 -47.96 -20.93 4.72
N VAL J 298 -46.82 -20.93 4.03
CA VAL J 298 -46.52 -21.97 3.06
C VAL J 298 -46.01 -23.22 3.76
N ILE J 299 -46.92 -24.13 4.08
CA ILE J 299 -46.59 -25.30 4.89
C ILE J 299 -46.10 -26.47 4.02
N LEU J 300 -45.07 -27.15 4.52
CA LEU J 300 -44.56 -28.36 3.88
C LEU J 300 -44.42 -29.47 4.93
N GLU J 301 -45.19 -30.54 4.76
CA GLU J 301 -45.18 -31.64 5.73
C GLU J 301 -44.10 -32.64 5.31
N GLY J 302 -43.64 -33.46 6.25
CA GLY J 302 -42.62 -34.44 5.93
C GLY J 302 -42.19 -35.38 7.05
N GLU J 303 -41.39 -36.37 6.68
CA GLU J 303 -40.83 -37.34 7.62
C GLU J 303 -39.34 -37.12 7.77
N VAL J 304 -38.85 -37.21 9.01
CA VAL J 304 -37.43 -37.04 9.28
C VAL J 304 -36.63 -38.29 8.93
N GLN J 305 -35.72 -38.15 7.96
CA GLN J 305 -34.86 -39.26 7.56
C GLN J 305 -33.65 -39.39 8.47
N VAL J 306 -32.78 -38.38 8.44
CA VAL J 306 -31.54 -38.42 9.21
C VAL J 306 -31.37 -37.14 10.03
N VAL J 307 -30.96 -37.29 11.28
CA VAL J 307 -30.69 -36.15 12.15
C VAL J 307 -29.18 -36.01 12.38
N GLU J 308 -28.69 -34.78 12.31
CA GLU J 308 -27.27 -34.52 12.53
C GLU J 308 -27.05 -33.63 13.74
N GLN J 309 -26.43 -34.21 14.77
CA GLN J 309 -26.16 -33.48 16.01
C GLN J 309 -24.74 -32.94 16.01
N LEU J 310 -24.61 -31.63 15.79
CA LEU J 310 -23.29 -30.99 15.78
C LEU J 310 -23.00 -30.28 17.10
N GLY J 311 -24.04 -30.09 17.90
CA GLY J 311 -23.90 -29.43 19.20
C GLY J 311 -24.25 -27.95 19.12
N ASN J 312 -23.45 -27.19 18.37
CA ASN J 312 -23.68 -25.77 18.19
C ASN J 312 -24.91 -25.51 17.31
N GLU J 313 -25.18 -26.45 16.40
CA GLU J 313 -26.33 -26.35 15.50
C GLU J 313 -26.95 -27.73 15.33
N THR J 314 -28.12 -27.78 14.68
CA THR J 314 -28.78 -29.05 14.43
C THR J 314 -29.39 -29.09 13.03
N GLN J 315 -28.88 -29.99 12.20
CA GLN J 315 -29.37 -30.14 10.83
C GLN J 315 -30.28 -31.36 10.72
N ILE J 316 -31.39 -31.22 10.00
CA ILE J 316 -32.35 -32.30 9.84
C ILE J 316 -32.72 -32.50 8.37
N HIS J 317 -32.62 -33.73 7.90
CA HIS J 317 -33.02 -34.07 6.54
C HIS J 317 -34.47 -34.56 6.54
N ILE J 318 -35.31 -33.94 5.72
CA ILE J 318 -36.73 -34.25 5.72
C ILE J 318 -37.22 -34.81 4.39
N GLN J 319 -37.93 -35.93 4.43
CA GLN J 319 -38.51 -36.51 3.24
C GLN J 319 -39.98 -36.09 3.15
N ILE J 320 -40.29 -35.27 2.15
CA ILE J 320 -41.64 -34.76 1.97
C ILE J 320 -42.51 -35.67 1.11
N PRO J 321 -43.71 -36.01 1.61
CA PRO J 321 -44.71 -36.85 0.93
C PRO J 321 -45.26 -36.28 -0.38
N SER J 322 -44.63 -35.24 -0.91
CA SER J 322 -45.13 -34.61 -2.13
C SER J 322 -43.97 -34.32 -3.07
N ILE J 323 -43.11 -33.39 -2.68
CA ILE J 323 -41.93 -33.09 -3.46
C ILE J 323 -40.83 -34.11 -3.13
N ARG J 324 -40.23 -34.69 -4.16
CA ARG J 324 -39.17 -35.68 -3.93
C ARG J 324 -37.86 -35.01 -3.53
N GLN J 325 -37.90 -34.07 -2.62
CA GLN J 325 -36.64 -33.43 -2.28
C GLN J 325 -36.47 -33.40 -0.79
N ASN J 326 -35.26 -33.76 -0.37
CA ASN J 326 -34.95 -33.77 1.03
C ASN J 326 -34.62 -32.34 1.42
N LEU J 327 -35.50 -31.73 2.20
CA LEU J 327 -35.26 -30.37 2.61
C LEU J 327 -34.43 -30.45 3.85
N VAL J 328 -33.45 -29.55 3.95
CA VAL J 328 -32.57 -29.55 5.09
C VAL J 328 -32.93 -28.36 5.94
N TYR J 329 -33.11 -28.60 7.24
CA TYR J 329 -33.51 -27.56 8.15
C TYR J 329 -32.49 -27.44 9.25
N ARG J 330 -32.12 -26.22 9.59
CA ARG J 330 -31.10 -25.99 10.58
C ARG J 330 -31.62 -25.08 11.69
N GLN J 331 -31.63 -25.62 12.90
CA GLN J 331 -32.06 -24.86 14.07
C GLN J 331 -30.89 -24.77 15.05
N ASN J 332 -30.80 -23.67 15.77
CA ASN J 332 -29.71 -23.47 16.71
C ASN J 332 -29.92 -24.28 17.99
N ASP J 333 -28.89 -24.30 18.83
CA ASP J 333 -28.89 -25.10 20.05
C ASP J 333 -29.07 -26.59 19.74
N VAL J 334 -29.99 -27.24 20.45
CA VAL J 334 -30.24 -28.66 20.25
C VAL J 334 -31.73 -28.93 20.05
N VAL J 335 -32.05 -29.90 19.20
CA VAL J 335 -33.45 -30.23 18.91
C VAL J 335 -33.68 -31.74 18.94
N LEU J 336 -34.33 -32.21 20.00
CA LEU J 336 -34.63 -33.63 20.14
C LEU J 336 -35.80 -34.05 19.24
N VAL J 337 -35.48 -34.69 18.13
CA VAL J 337 -36.49 -35.24 17.23
C VAL J 337 -36.10 -36.66 16.80
N GLU J 338 -37.03 -37.60 16.93
CA GLU J 338 -36.76 -38.98 16.56
C GLU J 338 -36.75 -39.17 15.05
N GLU J 339 -35.94 -40.11 14.58
CA GLU J 339 -35.84 -40.40 13.16
C GLU J 339 -37.08 -41.14 12.68
N GLY J 340 -37.90 -40.46 11.89
CA GLY J 340 -39.12 -41.07 11.37
C GLY J 340 -40.36 -40.32 11.76
N ALA J 341 -40.21 -39.43 12.74
CA ALA J 341 -41.34 -38.64 13.22
C ALA J 341 -41.72 -37.58 12.20
N THR J 342 -43.00 -37.27 12.13
CA THR J 342 -43.49 -36.26 11.19
C THR J 342 -43.06 -34.87 11.66
N PHE J 343 -42.44 -34.13 10.75
CA PHE J 343 -41.94 -32.79 11.07
C PHE J 343 -42.17 -31.86 9.88
N ALA J 344 -42.95 -30.81 10.10
CA ALA J 344 -43.30 -29.88 9.04
C ALA J 344 -42.61 -28.54 9.22
N ILE J 345 -42.30 -27.88 8.09
CA ILE J 345 -41.66 -26.58 8.11
C ILE J 345 -42.27 -25.64 7.08
N GLY J 346 -42.08 -24.34 7.28
CA GLY J 346 -42.63 -23.34 6.39
C GLY J 346 -41.59 -22.80 5.42
N LEU J 347 -42.05 -22.37 4.25
CA LEU J 347 -41.16 -21.82 3.23
C LEU J 347 -41.49 -20.35 2.99
N PRO J 348 -40.72 -19.46 3.63
CA PRO J 348 -40.92 -18.01 3.49
C PRO J 348 -40.43 -17.50 2.14
N PRO J 349 -41.29 -16.77 1.41
CA PRO J 349 -40.96 -16.27 0.07
C PRO J 349 -39.94 -15.13 0.12
N GLU J 350 -39.85 -14.44 1.25
CA GLU J 350 -38.93 -13.32 1.40
C GLU J 350 -37.48 -13.80 1.33
N ARG J 351 -37.24 -15.02 1.81
CA ARG J 351 -35.89 -15.57 1.85
C ARG J 351 -35.66 -16.60 0.74
N CYS J 352 -36.22 -16.35 -0.44
CA CYS J 352 -36.11 -17.28 -1.55
C CYS J 352 -35.30 -16.72 -2.71
N HIS J 353 -34.53 -17.59 -3.35
CA HIS J 353 -33.75 -17.19 -4.52
C HIS J 353 -34.33 -17.86 -5.76
N LEU J 354 -34.06 -17.29 -6.93
CA LEU J 354 -34.64 -17.79 -8.17
C LEU J 354 -33.63 -17.78 -9.31
N PHE J 355 -33.37 -18.96 -9.87
CA PHE J 355 -32.36 -19.12 -10.91
C PHE J 355 -32.99 -19.65 -12.20
N ARG J 356 -32.65 -19.05 -13.33
CA ARG J 356 -33.15 -19.52 -14.62
C ARG J 356 -32.38 -20.76 -15.07
N GLU J 357 -32.67 -21.23 -16.27
CA GLU J 357 -32.04 -22.43 -16.81
C GLU J 357 -30.54 -22.25 -17.02
N ASP J 358 -30.15 -21.10 -17.58
CA ASP J 358 -28.75 -20.82 -17.85
C ASP J 358 -27.93 -20.74 -16.55
N GLY J 359 -28.58 -20.31 -15.48
CA GLY J 359 -27.92 -20.27 -14.18
C GLY J 359 -28.06 -18.93 -13.48
N THR J 360 -28.23 -17.87 -14.27
CA THR J 360 -28.33 -16.50 -13.76
C THR J 360 -29.42 -16.36 -12.71
N ALA J 361 -29.13 -15.61 -11.66
CA ALA J 361 -30.09 -15.42 -10.57
C ALA J 361 -30.80 -14.08 -10.69
N CYS J 362 -32.10 -14.07 -10.40
CA CYS J 362 -32.86 -12.82 -10.36
C CYS J 362 -32.56 -12.11 -9.05
N ARG J 363 -32.19 -10.84 -9.13
CA ARG J 363 -31.79 -10.10 -7.93
C ARG J 363 -32.96 -9.94 -6.97
N ARG J 364 -32.74 -10.32 -5.72
CA ARG J 364 -33.76 -10.20 -4.69
C ARG J 364 -34.05 -8.73 -4.36
N LEU J 365 -35.31 -8.40 -4.16
CA LEU J 365 -35.71 -7.03 -3.86
C LEU J 365 -35.84 -6.82 -2.35
N HIS J 366 -36.02 -7.90 -1.61
CA HIS J 366 -36.16 -7.84 -0.17
C HIS J 366 -34.88 -7.34 0.50
N LYS J 367 -34.98 -6.23 1.23
CA LYS J 367 -33.81 -5.63 1.85
C LYS J 367 -33.37 -6.41 3.08
N GLU J 368 -32.11 -6.85 3.07
CA GLU J 368 -31.52 -7.55 4.20
C GLU J 368 -30.48 -6.67 4.90
N PRO J 369 -30.35 -6.81 6.22
CA PRO J 369 -29.38 -6.01 6.96
C PRO J 369 -27.95 -6.50 6.71
N GLY J 370 -27.04 -5.56 6.45
CA GLY J 370 -25.65 -5.89 6.20
C GLY J 370 -25.22 -5.52 4.79
N VAL J 371 -26.19 -5.44 3.88
CA VAL J 371 -25.90 -5.08 2.50
C VAL J 371 -26.45 -3.70 2.14
N THR K 23 18.25 -37.83 32.58
CA THR K 23 17.12 -36.97 32.91
C THR K 23 17.59 -35.60 33.39
N ILE K 24 17.24 -34.57 32.64
CA ILE K 24 17.65 -33.20 32.97
C ILE K 24 16.44 -32.44 33.50
N GLU K 25 16.66 -31.62 34.53
CA GLU K 25 15.58 -30.87 35.16
C GLU K 25 15.72 -29.38 34.88
N ILE K 26 14.65 -28.78 34.35
CA ILE K 26 14.66 -27.36 34.01
C ILE K 26 14.08 -26.54 35.15
N ILE K 27 14.86 -25.56 35.62
CA ILE K 27 14.47 -24.73 36.75
C ILE K 27 13.79 -23.46 36.26
N ALA K 28 12.77 -23.00 36.98
CA ALA K 28 12.02 -21.80 36.60
C ALA K 28 12.92 -20.57 36.57
N PRO K 29 12.77 -19.74 35.52
CA PRO K 29 13.56 -18.51 35.35
C PRO K 29 13.13 -17.40 36.29
N LEU K 30 11.84 -17.36 36.64
CA LEU K 30 11.32 -16.36 37.55
C LEU K 30 10.25 -16.93 38.48
N SER K 31 9.97 -16.22 39.57
CA SER K 31 9.01 -16.68 40.56
C SER K 31 7.58 -16.42 40.13
N GLY K 32 6.65 -17.21 40.65
CA GLY K 32 5.25 -17.05 40.31
C GLY K 32 4.45 -18.35 40.38
N GLU K 33 3.45 -18.46 39.51
CA GLU K 33 2.59 -19.63 39.48
C GLU K 33 2.63 -20.30 38.10
N ILE K 34 2.71 -21.62 38.09
CA ILE K 34 2.76 -22.38 36.85
C ILE K 34 1.40 -22.44 36.16
N VAL K 35 1.32 -21.93 34.95
CA VAL K 35 0.08 -21.99 34.16
C VAL K 35 0.35 -22.76 32.87
N ASN K 36 -0.64 -23.51 32.42
CA ASN K 36 -0.51 -24.32 31.20
C ASN K 36 -0.26 -23.45 29.97
N ILE K 37 0.58 -23.95 29.07
CA ILE K 37 0.99 -23.21 27.89
C ILE K 37 -0.16 -22.94 26.92
N GLU K 38 -1.16 -23.82 26.92
CA GLU K 38 -2.29 -23.69 26.01
C GLU K 38 -3.22 -22.54 26.39
N ASP K 39 -3.03 -21.99 27.59
CA ASP K 39 -3.85 -20.88 28.05
C ASP K 39 -3.25 -19.53 27.66
N VAL K 40 -2.08 -19.56 27.05
CA VAL K 40 -1.40 -18.34 26.61
C VAL K 40 -2.18 -17.67 25.47
N PRO K 41 -2.42 -16.36 25.59
CA PRO K 41 -3.18 -15.59 24.61
C PRO K 41 -2.39 -15.31 23.33
N ASP K 42 -1.86 -16.35 22.70
CA ASP K 42 -1.13 -16.20 21.45
C ASP K 42 -1.06 -17.54 20.72
N VAL K 43 -1.45 -17.54 19.45
CA VAL K 43 -1.56 -18.77 18.68
C VAL K 43 -0.21 -19.44 18.46
N VAL K 44 0.85 -18.66 18.52
CA VAL K 44 2.20 -19.18 18.32
C VAL K 44 2.63 -20.06 19.49
N PHE K 45 2.31 -19.62 20.71
CA PHE K 45 2.70 -20.35 21.91
C PHE K 45 1.67 -21.40 22.32
N ALA K 46 0.39 -21.05 22.22
CA ALA K 46 -0.69 -21.91 22.71
C ALA K 46 -0.76 -23.25 21.96
N GLU K 47 -0.70 -23.18 20.64
CA GLU K 47 -0.80 -24.38 19.81
C GLU K 47 0.52 -25.14 19.74
N LYS K 48 1.49 -24.71 20.54
CA LYS K 48 2.79 -25.36 20.64
C LYS K 48 3.49 -25.42 19.29
N ILE K 49 3.55 -24.28 18.61
CA ILE K 49 4.24 -24.19 17.32
C ILE K 49 5.71 -23.88 17.54
N VAL K 50 5.98 -22.90 18.39
CA VAL K 50 7.35 -22.51 18.72
C VAL K 50 8.02 -23.62 19.54
N GLY K 51 7.25 -24.24 20.43
CA GLY K 51 7.76 -25.33 21.25
C GLY K 51 6.75 -25.76 22.29
N ASP K 52 7.15 -26.72 23.14
CA ASP K 52 6.27 -27.22 24.19
C ASP K 52 6.87 -26.92 25.56
N GLY K 53 6.01 -26.55 26.50
CA GLY K 53 6.45 -26.24 27.85
C GLY K 53 5.34 -25.70 28.74
N ILE K 54 5.67 -24.69 29.54
CA ILE K 54 4.72 -24.09 30.48
C ILE K 54 4.89 -22.58 30.58
N ALA K 55 3.91 -21.92 31.21
CA ALA K 55 3.96 -20.48 31.40
C ALA K 55 3.85 -20.13 32.87
N ILE K 56 4.56 -19.09 33.29
CA ILE K 56 4.58 -18.67 34.69
C ILE K 56 4.07 -17.25 34.85
N LYS K 57 3.23 -17.03 35.86
CA LYS K 57 2.72 -15.69 36.17
C LYS K 57 3.76 -14.91 36.95
N PRO K 58 4.36 -13.89 36.32
CA PRO K 58 5.49 -13.15 36.90
C PRO K 58 5.14 -12.40 38.18
N THR K 59 5.97 -12.58 39.21
CA THR K 59 5.84 -11.81 40.44
C THR K 59 7.20 -11.28 40.89
N GLY K 60 8.27 -11.88 40.35
CA GLY K 60 9.62 -11.46 40.68
C GLY K 60 10.07 -10.26 39.87
N ASN K 61 11.39 -10.11 39.71
CA ASN K 61 11.95 -8.99 38.98
C ASN K 61 13.28 -9.32 38.33
N LYS K 62 13.45 -10.57 37.92
CA LYS K 62 14.67 -11.01 37.27
C LYS K 62 14.49 -12.35 36.57
N MET K 63 14.94 -12.42 35.32
CA MET K 63 14.86 -13.66 34.55
C MET K 63 16.18 -14.42 34.64
N VAL K 64 16.13 -15.56 35.33
CA VAL K 64 17.32 -16.38 35.56
C VAL K 64 17.45 -17.47 34.50
N ALA K 65 18.68 -17.76 34.08
CA ALA K 65 18.93 -18.85 33.16
C ALA K 65 18.46 -20.17 33.76
N PRO K 66 17.57 -20.88 33.05
CA PRO K 66 16.93 -22.09 33.57
C PRO K 66 17.90 -23.25 33.77
N VAL K 67 18.85 -23.40 32.86
CA VAL K 67 19.80 -24.51 32.93
C VAL K 67 21.21 -24.05 32.60
N ASP K 68 22.19 -24.86 33.01
CA ASP K 68 23.60 -24.59 32.71
C ASP K 68 23.87 -24.80 31.23
N GLY K 69 24.33 -23.76 30.56
CA GLY K 69 24.62 -23.85 29.13
C GLY K 69 24.98 -22.51 28.50
N THR K 70 25.14 -22.52 27.17
CA THR K 70 25.50 -21.32 26.43
C THR K 70 24.25 -20.58 25.93
N ILE K 71 24.19 -19.29 26.20
CA ILE K 71 23.09 -18.45 25.73
C ILE K 71 23.20 -18.24 24.22
N GLY K 72 22.16 -18.61 23.49
CA GLY K 72 22.19 -18.51 22.04
C GLY K 72 22.10 -17.08 21.56
N LYS K 73 20.90 -16.50 21.66
CA LYS K 73 20.67 -15.13 21.20
C LYS K 73 19.67 -14.41 22.11
N ILE K 74 19.79 -13.10 22.16
CA ILE K 74 18.84 -12.27 22.92
C ILE K 74 18.24 -11.22 22.00
N PHE K 75 16.93 -11.02 22.13
CA PHE K 75 16.20 -10.11 21.26
C PHE K 75 16.65 -8.66 21.44
N GLU K 76 16.37 -7.83 20.44
CA GLU K 76 16.72 -6.41 20.49
C GLU K 76 15.85 -5.67 21.48
N THR K 77 14.64 -6.18 21.68
CA THR K 77 13.69 -5.60 22.63
C THR K 77 14.10 -5.95 24.05
N ASN K 78 15.00 -6.94 24.17
CA ASN K 78 15.51 -7.40 25.46
C ASN K 78 14.39 -7.91 26.36
N HIS K 79 13.40 -8.56 25.74
CA HIS K 79 12.27 -9.10 26.48
C HIS K 79 12.28 -10.64 26.49
N ALA K 80 13.26 -11.21 25.79
CA ALA K 80 13.33 -12.66 25.65
C ALA K 80 14.74 -13.07 25.22
N PHE K 81 15.03 -14.37 25.33
CA PHE K 81 16.34 -14.88 24.97
C PHE K 81 16.31 -16.38 24.68
N SER K 82 17.33 -16.86 23.98
CA SER K 82 17.47 -18.29 23.71
C SER K 82 18.66 -18.81 24.50
N ILE K 83 18.62 -20.10 24.83
CA ILE K 83 19.72 -20.72 25.58
C ILE K 83 19.81 -22.21 25.28
N GLU K 84 21.03 -22.69 25.08
CA GLU K 84 21.26 -24.10 24.80
C GLU K 84 22.03 -24.75 25.95
N SER K 85 21.46 -25.82 26.49
CA SER K 85 22.05 -26.49 27.64
C SER K 85 23.32 -27.26 27.26
N ASP K 86 24.11 -27.62 28.26
CA ASP K 86 25.32 -28.40 28.05
C ASP K 86 24.94 -29.82 27.62
N SER K 87 23.78 -30.28 28.08
CA SER K 87 23.27 -31.60 27.72
C SER K 87 22.93 -31.66 26.24
N GLY K 88 22.47 -30.54 25.70
CA GLY K 88 22.11 -30.44 24.30
C GLY K 88 20.61 -30.24 24.15
N VAL K 89 20.09 -29.26 24.87
CA VAL K 89 18.66 -28.94 24.83
C VAL K 89 18.46 -27.44 24.65
N GLU K 90 17.88 -27.06 23.52
CA GLU K 90 17.69 -25.64 23.20
C GLU K 90 16.41 -25.08 23.80
N LEU K 91 16.55 -24.28 24.85
CA LEU K 91 15.40 -23.67 25.51
C LEU K 91 15.06 -22.33 24.87
N PHE K 92 13.95 -21.75 25.31
CA PHE K 92 13.51 -20.44 24.83
C PHE K 92 12.54 -19.81 25.82
N VAL K 93 12.99 -18.73 26.46
CA VAL K 93 12.15 -18.02 27.43
C VAL K 93 11.70 -16.68 26.86
N HIS K 94 10.40 -16.46 26.82
CA HIS K 94 9.84 -15.24 26.25
C HIS K 94 8.85 -14.59 27.21
N PHE K 95 9.20 -13.42 27.74
CA PHE K 95 8.34 -12.70 28.65
C PHE K 95 7.16 -12.06 27.93
N GLY K 96 5.96 -12.32 28.41
CA GLY K 96 4.76 -11.67 27.91
C GLY K 96 4.39 -12.07 26.49
N ILE K 97 3.36 -11.42 25.96
CA ILE K 97 2.92 -11.64 24.59
C ILE K 97 2.82 -10.30 23.87
N ASP K 98 3.40 -10.21 22.67
CA ASP K 98 3.45 -8.97 21.90
C ASP K 98 4.11 -7.84 22.70
N THR K 99 5.18 -8.18 23.41
CA THR K 99 5.92 -7.21 24.20
C THR K 99 6.89 -6.41 23.34
N VAL K 100 7.07 -6.84 22.10
CA VAL K 100 7.94 -6.15 21.14
C VAL K 100 7.55 -4.68 20.93
N GLU K 101 6.25 -4.40 20.98
CA GLU K 101 5.76 -3.04 20.75
C GLU K 101 6.24 -2.05 21.82
N LEU K 102 6.63 -2.58 22.98
CA LEU K 102 7.11 -1.75 24.08
C LEU K 102 8.50 -1.19 23.78
N LYS K 103 9.22 -1.84 22.86
CA LYS K 103 10.55 -1.41 22.44
C LYS K 103 11.55 -1.36 23.59
N GLY K 104 11.44 -2.32 24.51
CA GLY K 104 12.37 -2.41 25.62
C GLY K 104 12.16 -1.33 26.66
N GLU K 105 10.90 -0.97 26.87
CA GLU K 105 10.57 0.03 27.87
C GLU K 105 10.08 -0.67 29.14
N GLY K 106 10.99 -0.82 30.09
CA GLY K 106 10.69 -1.53 31.33
C GLY K 106 11.68 -2.67 31.51
N PHE K 107 12.26 -3.10 30.40
CA PHE K 107 13.24 -4.18 30.40
C PHE K 107 14.66 -3.64 30.54
N LYS K 108 15.59 -4.52 30.91
CA LYS K 108 16.99 -4.15 31.05
C LYS K 108 17.90 -5.35 30.81
N ARG K 109 18.83 -5.21 29.87
CA ARG K 109 19.72 -6.30 29.50
C ARG K 109 20.89 -6.42 30.48
N ILE K 110 21.13 -7.64 30.96
CA ILE K 110 22.26 -7.90 31.85
C ILE K 110 23.27 -8.85 31.19
N ALA K 111 22.78 -10.00 30.73
CA ALA K 111 23.65 -11.00 30.10
C ALA K 111 24.01 -10.60 28.68
N GLU K 112 24.89 -11.39 28.05
CA GLU K 112 25.34 -11.13 26.69
C GLU K 112 25.20 -12.35 25.80
N GLU K 113 24.95 -12.12 24.51
CA GLU K 113 24.86 -13.19 23.52
C GLU K 113 26.16 -13.98 23.49
N GLY K 114 26.08 -15.27 23.78
CA GLY K 114 27.26 -16.12 23.74
C GLY K 114 27.76 -16.47 25.13
N GLN K 115 27.46 -15.62 26.10
CA GLN K 115 27.91 -15.79 27.48
C GLN K 115 27.55 -17.17 28.03
N ARG K 116 28.44 -17.71 28.85
CA ARG K 116 28.20 -19.01 29.47
C ARG K 116 27.68 -18.79 30.88
N VAL K 117 26.54 -19.41 31.20
CA VAL K 117 25.90 -19.21 32.48
C VAL K 117 25.58 -20.52 33.18
N LYS K 118 25.11 -20.41 34.42
CA LYS K 118 24.73 -21.54 35.23
C LYS K 118 23.39 -21.23 35.87
N VAL K 119 22.70 -22.27 36.37
CA VAL K 119 21.45 -22.06 37.08
C VAL K 119 21.64 -21.06 38.22
N GLY K 120 20.69 -20.13 38.37
CA GLY K 120 20.79 -19.10 39.39
C GLY K 120 21.43 -17.82 38.90
N ASP K 121 21.87 -17.81 37.65
CA ASP K 121 22.49 -16.62 37.07
C ASP K 121 21.48 -15.69 36.43
N THR K 122 21.55 -14.41 36.80
CA THR K 122 20.65 -13.39 36.27
C THR K 122 20.94 -13.09 34.81
N VAL K 123 19.93 -13.20 33.96
CA VAL K 123 20.07 -12.91 32.54
C VAL K 123 19.45 -11.57 32.17
N ILE K 124 18.17 -11.40 32.51
CA ILE K 124 17.46 -10.16 32.20
C ILE K 124 16.63 -9.68 33.40
N GLU K 125 16.71 -8.39 33.68
CA GLU K 125 15.93 -7.78 34.76
C GLU K 125 14.80 -6.94 34.18
N PHE K 126 13.63 -6.99 34.82
CA PHE K 126 12.46 -6.28 34.32
C PHE K 126 11.72 -5.56 35.45
N ASP K 127 10.96 -4.53 35.09
CA ASP K 127 10.16 -3.79 36.05
C ASP K 127 8.71 -4.24 36.00
N LEU K 128 8.30 -5.02 36.99
CA LEU K 128 6.97 -5.63 37.01
C LEU K 128 5.78 -4.65 37.04
N PRO K 129 5.79 -3.65 37.95
CA PRO K 129 4.61 -2.78 38.02
C PRO K 129 4.36 -1.99 36.73
N LEU K 130 5.43 -1.64 36.02
CA LEU K 130 5.31 -0.91 34.76
C LEU K 130 4.72 -1.80 33.67
N LEU K 131 5.21 -3.04 33.60
CA LEU K 131 4.78 -3.99 32.59
C LEU K 131 3.37 -4.56 32.87
N GLU K 132 2.95 -4.50 34.12
CA GLU K 132 1.65 -5.04 34.51
C GLU K 132 0.50 -4.25 33.88
N GLU K 133 0.72 -2.97 33.65
CA GLU K 133 -0.29 -2.10 33.05
C GLU K 133 0.20 -1.53 31.72
N LYS K 134 0.92 -2.35 30.95
CA LYS K 134 1.43 -1.92 29.65
C LYS K 134 1.39 -3.02 28.60
N ALA K 135 2.05 -4.14 28.89
CA ALA K 135 2.09 -5.27 27.97
C ALA K 135 0.70 -5.86 27.75
N LYS K 136 0.51 -6.50 26.60
CA LYS K 136 -0.78 -7.12 26.27
C LYS K 136 -1.05 -8.27 27.23
N SER K 137 0.01 -8.90 27.69
CA SER K 137 -0.10 -10.01 28.64
C SER K 137 1.18 -10.13 29.45
N THR K 138 1.07 -10.63 30.67
CA THR K 138 2.23 -10.81 31.54
C THR K 138 2.75 -12.24 31.49
N LEU K 139 1.85 -13.18 31.21
CA LEU K 139 2.17 -14.60 31.16
C LEU K 139 3.44 -14.89 30.37
N THR K 140 4.34 -15.66 30.97
CA THR K 140 5.66 -15.90 30.39
C THR K 140 5.86 -17.37 30.02
N PRO K 141 5.68 -17.69 28.74
CA PRO K 141 5.91 -19.04 28.21
C PRO K 141 7.36 -19.48 28.34
N VAL K 142 7.57 -20.77 28.62
CA VAL K 142 8.90 -21.36 28.65
C VAL K 142 8.85 -22.67 27.88
N VAL K 143 9.41 -22.69 26.67
CA VAL K 143 9.30 -23.85 25.80
C VAL K 143 10.65 -24.36 25.31
N ILE K 144 10.65 -25.58 24.77
CA ILE K 144 11.86 -26.18 24.22
C ILE K 144 11.79 -26.18 22.71
N SER K 145 12.88 -25.76 22.06
CA SER K 145 12.93 -25.67 20.60
C SER K 145 13.09 -27.04 19.95
N ASN K 146 14.16 -27.74 20.32
CA ASN K 146 14.44 -29.05 19.76
C ASN K 146 13.68 -30.18 20.45
N MET K 147 12.41 -30.35 20.08
CA MET K 147 11.56 -31.37 20.69
C MET K 147 11.90 -32.77 20.19
N ASP K 148 12.60 -32.84 19.07
CA ASP K 148 12.95 -34.13 18.47
C ASP K 148 13.95 -34.92 19.31
N GLU K 149 14.84 -34.21 20.01
CA GLU K 149 15.84 -34.86 20.86
C GLU K 149 15.21 -35.44 22.12
N ILE K 150 14.23 -34.73 22.67
CA ILE K 150 13.56 -35.16 23.89
C ILE K 150 12.61 -36.33 23.61
N LYS K 151 12.74 -37.40 24.39
CA LYS K 151 11.89 -38.57 24.21
C LYS K 151 10.62 -38.45 25.04
N GLU K 152 10.76 -37.98 26.28
CA GLU K 152 9.63 -37.79 27.17
C GLU K 152 9.76 -36.48 27.94
N LEU K 153 8.63 -35.80 28.14
CA LEU K 153 8.62 -34.51 28.83
C LEU K 153 7.48 -34.49 29.85
N ILE K 154 7.78 -33.99 31.05
CA ILE K 154 6.78 -33.90 32.11
C ILE K 154 6.77 -32.50 32.71
N LYS K 155 5.58 -31.95 32.91
CA LYS K 155 5.42 -30.61 33.44
C LYS K 155 4.98 -30.66 34.90
N LEU K 156 5.55 -29.80 35.72
CA LEU K 156 5.18 -29.75 37.14
C LEU K 156 4.14 -28.67 37.41
N SER K 157 3.63 -28.66 38.64
CA SER K 157 2.60 -27.72 39.04
C SER K 157 2.91 -27.10 40.40
N GLY K 158 2.10 -26.14 40.82
CA GLY K 158 2.29 -25.48 42.09
C GLY K 158 3.08 -24.19 41.94
N SER K 159 3.21 -23.45 43.03
CA SER K 159 3.93 -22.19 43.02
C SER K 159 5.44 -22.40 42.87
N VAL K 160 6.13 -21.42 42.32
CA VAL K 160 7.58 -21.53 42.10
C VAL K 160 8.31 -20.26 42.54
N THR K 161 9.61 -20.39 42.76
CA THR K 161 10.45 -19.25 43.15
C THR K 161 11.52 -19.00 42.09
N VAL K 162 12.30 -17.93 42.29
CA VAL K 162 13.32 -17.54 41.33
C VAL K 162 14.52 -18.48 41.35
N GLY K 163 14.73 -19.20 40.25
CA GLY K 163 15.90 -20.04 40.08
C GLY K 163 16.10 -21.11 41.14
N GLU K 164 15.00 -21.72 41.58
CA GLU K 164 15.07 -22.76 42.60
C GLU K 164 14.07 -23.88 42.30
N THR K 165 12.79 -23.55 42.32
CA THR K 165 11.73 -24.55 42.12
C THR K 165 11.73 -25.01 40.67
N PRO K 166 11.74 -26.34 40.46
CA PRO K 166 11.72 -26.91 39.11
C PRO K 166 10.34 -26.78 38.45
N VAL K 167 10.32 -26.85 37.13
CA VAL K 167 9.06 -26.73 36.38
C VAL K 167 8.93 -27.80 35.31
N ILE K 168 10.03 -28.09 34.61
CA ILE K 168 10.02 -29.09 33.55
C ILE K 168 11.15 -30.10 33.75
N ARG K 169 10.83 -31.38 33.58
CA ARG K 169 11.84 -32.43 33.67
C ARG K 169 11.82 -33.30 32.41
N ILE K 170 12.71 -32.97 31.47
CA ILE K 170 12.77 -33.66 30.19
C ILE K 170 13.62 -34.92 30.27
N LYS K 171 13.60 -35.71 29.20
CA LYS K 171 14.38 -36.94 29.12
C LYS K 171 14.92 -37.12 27.70
N LYS K 172 16.20 -36.85 27.53
CA LYS K 172 16.83 -36.96 26.21
C LYS K 172 17.10 -38.41 25.85
N THR L 23 -20.75 -31.28 -34.97
CA THR L 23 -21.85 -30.97 -34.06
C THR L 23 -22.90 -32.08 -34.08
N ILE L 24 -23.07 -32.73 -32.93
CA ILE L 24 -24.03 -33.82 -32.80
C ILE L 24 -25.25 -33.39 -32.01
N GLU L 25 -26.43 -33.80 -32.45
CA GLU L 25 -27.67 -33.42 -31.77
C GLU L 25 -28.29 -34.63 -31.10
N ILE L 26 -28.52 -34.53 -29.79
CA ILE L 26 -29.11 -35.63 -29.03
C ILE L 26 -30.61 -35.42 -28.87
N ILE L 27 -31.38 -36.43 -29.25
CA ILE L 27 -32.84 -36.34 -29.20
C ILE L 27 -33.34 -36.90 -27.87
N ALA L 28 -34.37 -36.27 -27.31
CA ALA L 28 -34.93 -36.69 -26.03
C ALA L 28 -35.46 -38.12 -26.07
N PRO L 29 -35.16 -38.91 -25.04
CA PRO L 29 -35.62 -40.30 -24.96
C PRO L 29 -37.10 -40.42 -24.64
N LEU L 30 -37.63 -39.46 -23.90
CA LEU L 30 -39.05 -39.46 -23.56
C LEU L 30 -39.63 -38.04 -23.54
N SER L 31 -40.96 -37.96 -23.61
CA SER L 31 -41.63 -36.66 -23.66
C SER L 31 -41.75 -36.05 -22.26
N GLY L 32 -41.84 -34.72 -22.20
CA GLY L 32 -41.96 -34.03 -20.93
C GLY L 32 -41.35 -32.64 -20.94
N GLU L 33 -40.83 -32.23 -19.78
CA GLU L 33 -40.23 -30.91 -19.62
C GLU L 33 -38.77 -31.01 -19.16
N ILE L 34 -37.91 -30.19 -19.77
CA ILE L 34 -36.48 -30.19 -19.43
C ILE L 34 -36.22 -29.51 -18.09
N VAL L 35 -35.64 -30.26 -17.16
CA VAL L 35 -35.29 -29.74 -15.84
C VAL L 35 -33.78 -29.83 -15.63
N ASN L 36 -33.22 -28.87 -14.91
CA ASN L 36 -31.78 -28.84 -14.66
C ASN L 36 -31.32 -30.09 -13.91
N ILE L 37 -30.16 -30.61 -14.29
CA ILE L 37 -29.66 -31.85 -13.70
C ILE L 37 -29.28 -31.66 -12.23
N GLU L 38 -28.87 -30.45 -11.86
CA GLU L 38 -28.46 -30.18 -10.49
C GLU L 38 -29.64 -30.12 -9.52
N ASP L 39 -30.84 -30.09 -10.06
CA ASP L 39 -32.06 -30.07 -9.26
C ASP L 39 -32.59 -31.48 -9.00
N VAL L 40 -31.92 -32.46 -9.59
CA VAL L 40 -32.29 -33.86 -9.42
C VAL L 40 -32.07 -34.28 -7.97
N PRO L 41 -33.08 -34.95 -7.39
CA PRO L 41 -33.05 -35.36 -5.98
C PRO L 41 -32.12 -36.54 -5.69
N ASP L 42 -30.87 -36.41 -6.10
CA ASP L 42 -29.87 -37.43 -5.80
C ASP L 42 -28.48 -36.81 -5.98
N VAL L 43 -27.66 -36.95 -4.94
CA VAL L 43 -26.35 -36.31 -4.93
C VAL L 43 -25.42 -36.91 -5.98
N VAL L 44 -25.73 -38.12 -6.40
CA VAL L 44 -24.93 -38.83 -7.40
C VAL L 44 -25.07 -38.16 -8.78
N PHE L 45 -26.28 -37.76 -9.10
CA PHE L 45 -26.56 -37.12 -10.39
C PHE L 45 -26.38 -35.60 -10.32
N ALA L 46 -26.80 -35.02 -9.20
CA ALA L 46 -26.82 -33.56 -9.06
C ALA L 46 -25.42 -32.94 -9.14
N GLU L 47 -24.47 -33.50 -8.42
CA GLU L 47 -23.11 -32.97 -8.41
C GLU L 47 -22.32 -33.41 -9.64
N LYS L 48 -23.01 -34.06 -10.57
CA LYS L 48 -22.43 -34.45 -11.85
C LYS L 48 -21.21 -35.35 -11.73
N ILE L 49 -21.33 -36.43 -10.97
CA ILE L 49 -20.25 -37.39 -10.83
C ILE L 49 -20.31 -38.38 -11.99
N VAL L 50 -21.51 -38.89 -12.25
CA VAL L 50 -21.73 -39.82 -13.35
C VAL L 50 -21.55 -39.13 -14.70
N GLY L 51 -22.05 -37.90 -14.79
CA GLY L 51 -21.93 -37.14 -16.02
C GLY L 51 -22.70 -35.83 -16.02
N ASP L 52 -22.66 -35.13 -17.15
CA ASP L 52 -23.37 -33.86 -17.30
C ASP L 52 -24.45 -34.00 -18.37
N GLY L 53 -25.60 -33.38 -18.13
CA GLY L 53 -26.71 -33.43 -19.06
C GLY L 53 -27.96 -32.76 -18.53
N ILE L 54 -29.11 -33.37 -18.78
CA ILE L 54 -30.39 -32.82 -18.33
C ILE L 54 -31.36 -33.90 -17.85
N ALA L 55 -32.41 -33.46 -17.18
CA ALA L 55 -33.44 -34.38 -16.68
C ALA L 55 -34.81 -33.96 -17.22
N ILE L 56 -35.64 -34.95 -17.52
CA ILE L 56 -36.96 -34.67 -18.09
C ILE L 56 -38.08 -35.19 -17.19
N LYS L 57 -39.11 -34.37 -17.02
CA LYS L 57 -40.30 -34.75 -16.25
C LYS L 57 -41.20 -35.61 -17.12
N PRO L 58 -41.29 -36.91 -16.80
CA PRO L 58 -41.99 -37.89 -17.65
C PRO L 58 -43.49 -37.63 -17.78
N THR L 59 -43.98 -37.68 -19.01
CA THR L 59 -45.40 -37.58 -19.28
C THR L 59 -45.83 -38.67 -20.26
N GLY L 60 -44.85 -39.24 -20.96
CA GLY L 60 -45.11 -40.31 -21.90
C GLY L 60 -45.19 -41.67 -21.22
N ASN L 61 -44.93 -42.73 -21.99
CA ASN L 61 -44.98 -44.09 -21.46
C ASN L 61 -44.05 -45.03 -22.21
N LYS L 62 -42.92 -44.51 -22.68
CA LYS L 62 -41.95 -45.30 -23.42
C LYS L 62 -40.59 -44.60 -23.49
N MET L 63 -39.53 -45.34 -23.18
CA MET L 63 -38.17 -44.81 -23.26
C MET L 63 -37.52 -45.17 -24.60
N VAL L 64 -37.34 -44.17 -25.45
CA VAL L 64 -36.77 -44.34 -26.77
C VAL L 64 -35.27 -44.07 -26.80
N ALA L 65 -34.53 -44.87 -27.57
CA ALA L 65 -33.11 -44.63 -27.77
C ALA L 65 -32.88 -43.24 -28.38
N PRO L 66 -32.07 -42.41 -27.72
CA PRO L 66 -31.86 -41.01 -28.09
C PRO L 66 -31.12 -40.80 -29.41
N VAL L 67 -30.12 -41.63 -29.70
CA VAL L 67 -29.34 -41.47 -30.93
C VAL L 67 -29.06 -42.82 -31.60
N ASP L 68 -28.69 -42.76 -32.87
CA ASP L 68 -28.35 -43.96 -33.63
C ASP L 68 -27.04 -44.57 -33.13
N GLY L 69 -27.11 -45.81 -32.66
CA GLY L 69 -25.92 -46.48 -32.15
C GLY L 69 -26.22 -47.82 -31.52
N THR L 70 -25.18 -48.43 -30.94
CA THR L 70 -25.30 -49.73 -30.30
C THR L 70 -25.60 -49.60 -28.81
N ILE L 71 -26.61 -50.33 -28.34
CA ILE L 71 -26.95 -50.32 -26.92
C ILE L 71 -25.87 -51.04 -26.11
N GLY L 72 -25.31 -50.34 -25.13
CA GLY L 72 -24.22 -50.86 -24.33
C GLY L 72 -24.65 -51.94 -23.36
N LYS L 73 -25.37 -51.54 -22.32
CA LYS L 73 -25.82 -52.48 -21.30
C LYS L 73 -27.21 -52.11 -20.80
N ILE L 74 -27.98 -53.10 -20.35
CA ILE L 74 -29.29 -52.86 -19.79
C ILE L 74 -29.39 -53.47 -18.39
N PHE L 75 -29.96 -52.73 -17.45
CA PHE L 75 -30.06 -53.18 -16.07
C PHE L 75 -30.98 -54.38 -15.93
N GLU L 76 -30.81 -55.12 -14.83
CA GLU L 76 -31.63 -56.29 -14.57
C GLU L 76 -33.05 -55.88 -14.19
N THR L 77 -33.16 -54.71 -13.57
CA THR L 77 -34.45 -54.15 -13.16
C THR L 77 -35.20 -53.55 -14.35
N ASN L 78 -34.48 -53.37 -15.46
CA ASN L 78 -35.05 -52.82 -16.69
C ASN L 78 -35.61 -51.41 -16.54
N HIS L 79 -34.93 -50.57 -15.75
CA HIS L 79 -35.37 -49.19 -15.56
C HIS L 79 -34.42 -48.21 -16.25
N ALA L 80 -33.35 -48.73 -16.82
CA ALA L 80 -32.32 -47.89 -17.44
C ALA L 80 -31.46 -48.69 -18.40
N PHE L 81 -30.69 -47.96 -19.22
CA PHE L 81 -29.81 -48.60 -20.20
C PHE L 81 -28.72 -47.63 -20.65
N SER L 82 -27.65 -48.17 -21.21
CA SER L 82 -26.57 -47.36 -21.76
C SER L 82 -26.56 -47.49 -23.28
N ILE L 83 -26.05 -46.46 -23.95
CA ILE L 83 -25.99 -46.47 -25.41
C ILE L 83 -24.85 -45.59 -25.94
N GLU L 84 -24.11 -46.12 -26.90
CA GLU L 84 -23.02 -45.38 -27.52
C GLU L 84 -23.34 -45.09 -28.98
N SER L 85 -23.26 -43.81 -29.36
CA SER L 85 -23.61 -43.41 -30.73
C SER L 85 -22.57 -43.88 -31.72
N ASP L 86 -22.92 -43.86 -33.00
CA ASP L 86 -22.01 -44.24 -34.06
C ASP L 86 -20.88 -43.21 -34.16
N SER L 87 -21.20 -41.97 -33.81
CA SER L 87 -20.22 -40.89 -33.81
C SER L 87 -19.16 -41.13 -32.74
N GLY L 88 -19.58 -41.76 -31.64
CA GLY L 88 -18.67 -42.06 -30.54
C GLY L 88 -19.01 -41.31 -29.27
N VAL L 89 -20.27 -41.42 -28.85
CA VAL L 89 -20.74 -40.76 -27.63
C VAL L 89 -21.52 -41.73 -26.76
N GLU L 90 -20.96 -42.05 -25.59
CA GLU L 90 -21.60 -43.00 -24.69
C GLU L 90 -22.60 -42.32 -23.76
N LEU L 91 -23.88 -42.51 -24.06
CA LEU L 91 -24.95 -41.91 -23.27
C LEU L 91 -25.40 -42.82 -22.12
N PHE L 92 -26.30 -42.30 -21.29
CA PHE L 92 -26.83 -43.05 -20.16
C PHE L 92 -28.19 -42.49 -19.75
N VAL L 93 -29.24 -43.29 -19.97
CA VAL L 93 -30.59 -42.88 -19.62
C VAL L 93 -31.09 -43.68 -18.42
N HIS L 94 -31.48 -42.97 -17.37
CA HIS L 94 -31.94 -43.60 -16.14
C HIS L 94 -33.26 -43.02 -15.69
N PHE L 95 -34.32 -43.82 -15.74
CA PHE L 95 -35.65 -43.37 -15.32
C PHE L 95 -35.74 -43.25 -13.81
N GLY L 96 -36.20 -42.11 -13.33
CA GLY L 96 -36.47 -41.92 -11.91
C GLY L 96 -35.23 -41.90 -11.04
N ILE L 97 -35.45 -41.83 -9.73
CA ILE L 97 -34.36 -41.87 -8.77
C ILE L 97 -34.65 -42.97 -7.75
N ASP L 98 -33.65 -43.82 -7.52
CA ASP L 98 -33.78 -44.99 -6.64
C ASP L 98 -34.93 -45.89 -7.09
N THR L 99 -35.07 -46.06 -8.40
CA THR L 99 -36.10 -46.92 -8.95
C THR L 99 -35.68 -48.38 -8.93
N VAL L 100 -34.41 -48.62 -8.66
CA VAL L 100 -33.87 -49.98 -8.53
C VAL L 100 -34.60 -50.74 -7.42
N GLU L 101 -34.99 -50.02 -6.38
CA GLU L 101 -35.66 -50.60 -5.22
C GLU L 101 -37.00 -51.24 -5.57
N LEU L 102 -37.57 -50.82 -6.70
CA LEU L 102 -38.86 -51.33 -7.17
C LEU L 102 -38.76 -52.77 -7.67
N LYS L 103 -37.54 -53.17 -8.00
CA LYS L 103 -37.25 -54.53 -8.49
C LYS L 103 -38.01 -54.86 -9.77
N GLY L 104 -38.10 -53.87 -10.66
CA GLY L 104 -38.72 -54.07 -11.96
C GLY L 104 -40.23 -54.21 -11.96
N GLU L 105 -40.90 -53.46 -11.08
CA GLU L 105 -42.35 -53.49 -11.01
C GLU L 105 -42.95 -52.28 -11.74
N GLY L 106 -43.38 -52.50 -12.98
CA GLY L 106 -43.94 -51.42 -13.78
C GLY L 106 -43.21 -51.25 -15.10
N PHE L 107 -41.97 -51.70 -15.16
CA PHE L 107 -41.17 -51.59 -16.37
C PHE L 107 -41.32 -52.83 -17.25
N LYS L 108 -40.97 -52.68 -18.53
CA LYS L 108 -41.03 -53.80 -19.47
C LYS L 108 -40.01 -53.61 -20.58
N ARG L 109 -39.13 -54.60 -20.74
CA ARG L 109 -38.06 -54.54 -21.74
C ARG L 109 -38.54 -54.93 -23.14
N ILE L 110 -38.17 -54.11 -24.12
CA ILE L 110 -38.49 -54.40 -25.52
C ILE L 110 -37.21 -54.66 -26.31
N ALA L 111 -36.26 -53.74 -26.22
CA ALA L 111 -34.99 -53.87 -26.92
C ALA L 111 -34.08 -54.88 -26.22
N GLU L 112 -32.94 -55.16 -26.83
CA GLU L 112 -31.99 -56.13 -26.28
C GLU L 112 -30.59 -55.54 -26.18
N GLU L 113 -29.82 -55.99 -25.21
CA GLU L 113 -28.40 -55.62 -25.12
C GLU L 113 -27.68 -55.95 -26.41
N GLY L 114 -26.86 -55.02 -26.89
CA GLY L 114 -26.10 -55.25 -28.10
C GLY L 114 -26.84 -54.82 -29.35
N GLN L 115 -28.17 -54.81 -29.28
CA GLN L 115 -29.02 -54.45 -30.42
C GLN L 115 -28.62 -53.10 -31.00
N ARG L 116 -28.74 -52.98 -32.32
CA ARG L 116 -28.43 -51.73 -33.00
C ARG L 116 -29.75 -51.01 -33.23
N VAL L 117 -29.82 -49.75 -32.82
CA VAL L 117 -31.06 -49.00 -32.90
C VAL L 117 -30.86 -47.64 -33.57
N LYS L 118 -31.99 -46.96 -33.78
CA LYS L 118 -32.02 -45.64 -34.39
C LYS L 118 -32.95 -44.77 -33.55
N VAL L 119 -32.86 -43.46 -33.73
CA VAL L 119 -33.78 -42.54 -33.05
C VAL L 119 -35.22 -42.96 -33.34
N GLY L 120 -36.08 -42.97 -32.33
CA GLY L 120 -37.46 -43.38 -32.51
C GLY L 120 -37.73 -44.85 -32.20
N ASP L 121 -36.68 -45.58 -31.84
CA ASP L 121 -36.83 -47.00 -31.52
C ASP L 121 -37.18 -47.23 -30.05
N THR L 122 -38.25 -48.00 -29.82
CA THR L 122 -38.71 -48.31 -28.47
C THR L 122 -37.77 -49.27 -27.75
N VAL L 123 -37.30 -48.87 -26.57
CA VAL L 123 -36.43 -49.72 -25.77
C VAL L 123 -37.15 -50.30 -24.56
N ILE L 124 -37.74 -49.42 -23.75
CA ILE L 124 -38.46 -49.84 -22.54
C ILE L 124 -39.78 -49.11 -22.41
N GLU L 125 -40.84 -49.85 -22.07
CA GLU L 125 -42.15 -49.26 -21.85
C GLU L 125 -42.47 -49.25 -20.35
N PHE L 126 -43.08 -48.16 -19.88
CA PHE L 126 -43.39 -48.03 -18.46
C PHE L 126 -44.77 -47.45 -18.21
N ASP L 127 -45.32 -47.75 -17.03
CA ASP L 127 -46.61 -47.20 -16.61
C ASP L 127 -46.36 -46.06 -15.63
N LEU L 128 -46.57 -44.83 -16.08
CA LEU L 128 -46.24 -43.65 -15.29
C LEU L 128 -46.97 -43.52 -13.94
N PRO L 129 -48.32 -43.65 -13.92
CA PRO L 129 -49.02 -43.43 -12.64
C PRO L 129 -48.62 -44.42 -11.55
N LEU L 130 -48.27 -45.64 -11.93
CA LEU L 130 -47.85 -46.65 -10.96
C LEU L 130 -46.50 -46.29 -10.38
N LEU L 131 -45.57 -45.88 -11.25
CA LEU L 131 -44.23 -45.52 -10.80
C LEU L 131 -44.21 -44.19 -10.07
N GLU L 132 -45.17 -43.32 -10.39
CA GLU L 132 -45.26 -42.02 -9.75
C GLU L 132 -45.68 -42.14 -8.29
N GLU L 133 -46.42 -43.20 -7.98
CA GLU L 133 -46.90 -43.40 -6.61
C GLU L 133 -46.29 -44.64 -5.96
N LYS L 134 -45.05 -44.93 -6.31
CA LYS L 134 -44.29 -46.02 -5.70
C LYS L 134 -42.82 -45.61 -5.64
N ALA L 135 -42.25 -45.30 -6.81
CA ALA L 135 -40.89 -44.83 -6.87
C ALA L 135 -40.82 -43.48 -6.20
N LYS L 136 -39.64 -43.12 -5.70
CA LYS L 136 -39.49 -41.85 -5.01
C LYS L 136 -39.64 -40.67 -5.97
N SER L 137 -39.24 -40.86 -7.23
CA SER L 137 -39.33 -39.80 -8.22
C SER L 137 -39.45 -40.33 -9.64
N THR L 138 -40.04 -39.51 -10.50
CA THR L 138 -40.21 -39.86 -11.90
C THR L 138 -39.09 -39.24 -12.74
N LEU L 139 -38.54 -38.12 -12.26
CA LEU L 139 -37.52 -37.35 -12.98
C LEU L 139 -36.43 -38.24 -13.59
N THR L 140 -36.19 -38.06 -14.88
CA THR L 140 -35.30 -38.94 -15.64
C THR L 140 -34.06 -38.22 -16.14
N PRO L 141 -32.95 -38.37 -15.43
CA PRO L 141 -31.66 -37.82 -15.85
C PRO L 141 -31.20 -38.42 -17.17
N VAL L 142 -30.57 -37.60 -18.01
CA VAL L 142 -29.96 -38.07 -19.25
C VAL L 142 -28.58 -37.44 -19.35
N VAL L 143 -27.55 -38.25 -19.12
CA VAL L 143 -26.19 -37.75 -19.04
C VAL L 143 -25.24 -38.49 -19.99
N ILE L 144 -24.07 -37.89 -20.21
CA ILE L 144 -23.05 -38.49 -21.05
C ILE L 144 -21.89 -39.00 -20.18
N SER L 145 -21.46 -40.23 -20.44
CA SER L 145 -20.40 -40.84 -19.63
C SER L 145 -19.01 -40.31 -19.97
N ASN L 146 -18.61 -40.43 -21.22
CA ASN L 146 -17.29 -40.00 -21.67
C ASN L 146 -17.20 -38.51 -21.97
N MET L 147 -17.07 -37.71 -20.93
CA MET L 147 -17.01 -36.25 -21.08
C MET L 147 -15.67 -35.77 -21.62
N ASP L 148 -14.65 -36.63 -21.53
CA ASP L 148 -13.31 -36.26 -21.97
C ASP L 148 -13.24 -36.08 -23.48
N GLU L 149 -14.02 -36.87 -24.21
CA GLU L 149 -14.07 -36.78 -25.67
C GLU L 149 -14.78 -35.52 -26.13
N ILE L 150 -15.84 -35.14 -25.44
CA ILE L 150 -16.63 -33.96 -25.80
C ILE L 150 -15.88 -32.68 -25.45
N LYS L 151 -15.74 -31.80 -26.44
CA LYS L 151 -15.05 -30.53 -26.26
C LYS L 151 -16.00 -29.41 -25.84
N GLU L 152 -17.19 -29.38 -26.44
CA GLU L 152 -18.17 -28.36 -26.11
C GLU L 152 -19.57 -28.96 -25.96
N LEU L 153 -20.30 -28.50 -24.95
CA LEU L 153 -21.66 -28.99 -24.69
C LEU L 153 -22.60 -27.83 -24.35
N ILE L 154 -23.79 -27.86 -24.95
CA ILE L 154 -24.80 -26.84 -24.68
C ILE L 154 -26.15 -27.50 -24.40
N LYS L 155 -26.86 -27.00 -23.39
CA LYS L 155 -28.13 -27.57 -22.97
C LYS L 155 -29.32 -26.74 -23.45
N LEU L 156 -30.36 -27.42 -23.93
CA LEU L 156 -31.57 -26.75 -24.38
C LEU L 156 -32.63 -26.70 -23.27
N SER L 157 -33.72 -25.98 -23.53
CA SER L 157 -34.78 -25.82 -22.56
C SER L 157 -36.15 -25.97 -23.21
N GLY L 158 -37.20 -25.97 -22.39
CA GLY L 158 -38.55 -26.09 -22.88
C GLY L 158 -39.06 -27.52 -22.87
N SER L 159 -40.34 -27.69 -23.19
CA SER L 159 -40.95 -29.02 -23.22
C SER L 159 -40.44 -29.83 -24.40
N VAL L 160 -40.46 -31.15 -24.27
CA VAL L 160 -39.98 -32.04 -25.32
C VAL L 160 -40.96 -33.18 -25.57
N THR L 161 -40.82 -33.83 -26.72
CA THR L 161 -41.68 -34.96 -27.07
C THR L 161 -40.86 -36.23 -27.27
N VAL L 162 -41.55 -37.35 -27.48
CA VAL L 162 -40.88 -38.64 -27.62
C VAL L 162 -40.16 -38.77 -28.96
N GLY L 163 -38.84 -38.86 -28.91
CA GLY L 163 -38.02 -39.11 -30.10
C GLY L 163 -38.20 -38.08 -31.20
N GLU L 164 -38.33 -36.82 -30.82
CA GLU L 164 -38.50 -35.74 -31.80
C GLU L 164 -37.72 -34.48 -31.39
N THR L 165 -38.11 -33.89 -30.27
CA THR L 165 -37.50 -32.65 -29.80
C THR L 165 -36.07 -32.88 -29.30
N PRO L 166 -35.12 -32.07 -29.79
CA PRO L 166 -33.73 -32.18 -29.38
C PRO L 166 -33.53 -31.62 -27.98
N VAL L 167 -32.45 -32.02 -27.30
CA VAL L 167 -32.18 -31.56 -25.94
C VAL L 167 -30.74 -31.11 -25.74
N ILE L 168 -29.80 -31.86 -26.31
CA ILE L 168 -28.38 -31.56 -26.16
C ILE L 168 -27.67 -31.51 -27.50
N ARG L 169 -26.81 -30.50 -27.69
CA ARG L 169 -26.02 -30.40 -28.91
C ARG L 169 -24.53 -30.33 -28.61
N ILE L 170 -23.89 -31.49 -28.62
CA ILE L 170 -22.47 -31.57 -28.31
C ILE L 170 -21.61 -31.40 -29.56
N LYS L 171 -20.30 -31.28 -29.36
CA LYS L 171 -19.37 -31.13 -30.47
C LYS L 171 -18.05 -31.85 -30.17
N LYS L 172 -17.84 -33.00 -30.80
CA LYS L 172 -16.62 -33.78 -30.58
C LYS L 172 -15.44 -33.16 -31.31
P PGV M . 1.02 16.86 4.54
C01 PGV M . 4.22 17.72 1.96
C02 PGV M . 4.15 16.28 2.30
C03 PGV M . 3.13 16.08 3.36
C04 PGV M . -0.07 18.84 5.69
C05 PGV M . 0.73 20.08 5.93
C06 PGV M . -0.19 21.21 6.26
O01 PGV M . 5.37 15.83 2.75
O02 PGV M . 5.77 13.62 2.90
O03 PGV M . 3.49 18.18 0.89
O04 PGV M . 4.85 18.51 -0.87
O05 PGV M . 1.43 20.40 4.79
O06 PGV M . 0.37 22.48 6.32
O11 PGV M . 2.03 16.90 3.36
O12 PGV M . 0.17 18.17 4.51
O13 PGV M . 1.79 16.79 5.84
O14 PGV M . 0.13 15.65 4.41
C1 PGV M . 5.89 14.65 2.26
C2 PGV M . 6.64 14.64 0.98
C3 PGV M . 7.54 13.47 0.72
C4 PGV M . 8.30 13.44 -0.56
C19 PGV M . 3.91 17.90 -0.39
C20 PGV M . 3.30 16.76 -1.14
C21 PGV M . 4.11 16.11 -2.22
C22 PGV M . 4.22 16.80 -3.54
C23 PGV M . 4.54 15.97 -4.73
P PGV N . 16.86 -20.76 -15.62
C01 PGV N . 19.48 -22.34 -18.60
C02 PGV N . 19.56 -20.85 -18.45
C03 PGV N . 18.43 -20.38 -17.60
C04 PGV N . 15.07 -22.37 -14.81
C05 PGV N . 14.69 -23.52 -15.68
C06 PGV N . 13.89 -24.51 -14.91
O01 PGV N . 19.49 -20.26 -19.68
O02 PGV N . 20.47 -18.25 -19.92
O03 PGV N . 20.18 -23.13 -17.71
O04 PGV N . 21.93 -24.41 -18.28
O05 PGV N . 15.84 -24.13 -16.15
O06 PGV N . 12.98 -25.28 -15.61
O11 PGV N . 17.98 -21.22 -16.60
O12 PGV N . 16.39 -21.99 -14.80
O13 PGV N . 15.70 -20.22 -16.42
O14 PGV N . 17.38 -19.69 -14.70
C1 PGV N . 20.53 -19.46 -20.10
C2 PGV N . 21.69 -20.06 -20.81
C3 PGV N . 22.58 -19.13 -21.58
C4 PGV N . 23.74 -19.72 -22.31
C19 PGV N . 21.53 -23.34 -17.87
C20 PGV N . 22.51 -22.37 -17.29
C21 PGV N . 23.83 -22.20 -17.98
C22 PGV N . 24.91 -23.18 -17.66
C23 PGV N . 26.31 -22.77 -17.98
#